data_4KFE
#
_entry.id   4KFE
#
_cell.length_a   103.577
_cell.length_b   222.836
_cell.length_c   103.619
_cell.angle_alpha   90.00
_cell.angle_beta   95.87
_cell.angle_gamma   90.00
#
_symmetry.space_group_name_H-M   'P 1 21 1'
#
loop_
_entity.id
_entity.type
_entity.pdbx_description
1 polymer 'Peroxisomal primary amine oxidase'
2 non-polymer 'COPPER (II) ION'
3 non-polymer 'HYDROGEN PEROXIDE'
4 non-polymer 'FORMYL GROUP'
5 non-polymer GLYCEROL
6 non-polymer 'PHOSPHATE ION'
7 water water
#
_entity_poly.entity_id   1
_entity_poly.type   'polypeptide(L)'
_entity_poly.pdbx_seq_one_letter_code
;MERLRQIASQATAASAAPARPAHPLDPLSTAEIKAATNTVKSYFAGKKISFNTVTLREPARKAYIQWKEQGGPLPPRLAY
YVILEAGKPGVKEGLVDLASLSVIETRALETVQPILTVEDLCSTEEVIRNDPAVIEQCVLSGIPANEMHKVYCDPWTIGY
DERWGTGKRLQQALVYYRSDEDDSQYSHPLDFCPIVDTEEKKVIFIDIPNRRRKVSKHKHANFYPKHMIEKVGAMRPEAP
PINVTQPEGVSFKMTGNVMEWSNFKFHIGFNYREGIVLSDVSYNDHGNVRPIFHRISLSEMIVPYGSPEFPHQRKHALDI
GEYGAGYMTNPLSLGCDCKGVIHYLDAHFSDRAGDPITVKNAVCIHEEDDGLLFKHSDFRDNFATSLVTRATKLVVSQIF
TAAN(TYY)EYCLYWVFMQDGAIRLDIRLTGILNTYILGDDEEAGPWGTRVYPNVNAHNHQHLFSLRIDPRIDGDGNSAA
ACDAKSSPYPLGSPENMYGNAFYSEKTTFKTVKDSLTNYESATGRSWDIFNPNKVNPYSGKPPSYKLVSTQCPPLLAKEG
SLVAKRAPWASHSVNVVPYKDNRLYPSGDHVPQWSGDGVRGMREWIGDGSENIDNTDILFFHTFGITHFPAPEDFPLMPA
EPITLMLRPRHFFTENPGLDIQPSYAMTTSEAKRAVHKETKDKTSRLAFEGSCCGK
;
_entity_poly.pdbx_strand_id   A,B,C,D,E,F
#
# COMPACT_ATOMS: atom_id res chain seq x y z
N SER A 15 -6.42 -24.97 -66.35
CA SER A 15 -7.81 -24.29 -66.26
C SER A 15 -9.15 -24.94 -66.83
N ALA A 16 -10.13 -24.28 -67.54
CA ALA A 16 -10.73 -22.84 -67.65
C ALA A 16 -11.87 -22.59 -68.83
N ALA A 17 -13.14 -22.20 -68.54
CA ALA A 17 -13.58 -21.94 -67.15
C ALA A 17 -13.33 -23.30 -66.61
N PRO A 18 -12.62 -23.38 -65.45
CA PRO A 18 -12.46 -24.73 -64.91
C PRO A 18 -13.82 -25.35 -64.50
N ALA A 19 -13.87 -26.67 -64.52
CA ALA A 19 -14.87 -27.42 -63.78
C ALA A 19 -14.91 -26.89 -62.34
N ARG A 20 -16.10 -26.54 -61.90
CA ARG A 20 -16.33 -26.18 -60.52
C ARG A 20 -16.02 -27.38 -59.64
N PRO A 21 -15.62 -27.15 -58.39
CA PRO A 21 -15.50 -28.20 -57.41
C PRO A 21 -16.83 -28.84 -56.95
N ALA A 22 -16.74 -30.11 -56.54
CA ALA A 22 -17.75 -30.73 -55.67
C ALA A 22 -18.36 -29.80 -54.58
N HIS A 23 -17.55 -28.92 -53.95
CA HIS A 23 -17.90 -28.21 -52.69
C HIS A 23 -17.20 -26.83 -52.67
N PRO A 24 -17.91 -25.77 -52.34
CA PRO A 24 -17.31 -24.42 -52.36
C PRO A 24 -16.03 -24.21 -51.54
N LEU A 25 -15.80 -25.05 -50.52
CA LEU A 25 -14.63 -24.94 -49.70
C LEU A 25 -13.50 -25.86 -50.14
N ASP A 26 -13.65 -26.55 -51.28
CA ASP A 26 -12.56 -27.40 -51.72
C ASP A 26 -11.39 -26.52 -52.14
N PRO A 27 -10.17 -26.97 -51.84
CA PRO A 27 -9.04 -26.16 -52.33
C PRO A 27 -9.01 -26.08 -53.86
N LEU A 28 -8.33 -25.09 -54.39
CA LEU A 28 -8.17 -24.98 -55.83
C LEU A 28 -7.50 -26.24 -56.35
N SER A 29 -8.06 -26.82 -57.41
CA SER A 29 -7.41 -27.90 -58.14
C SER A 29 -6.18 -27.36 -58.92
N THR A 30 -5.40 -28.28 -59.46
CA THR A 30 -4.29 -27.90 -60.36
C THR A 30 -4.81 -27.15 -61.58
N ALA A 31 -5.92 -27.58 -62.17
CA ALA A 31 -6.44 -26.82 -63.31
C ALA A 31 -6.87 -25.41 -62.90
N GLU A 32 -7.42 -25.22 -61.69
CA GLU A 32 -7.84 -23.89 -61.25
C GLU A 32 -6.65 -23.00 -60.99
N ILE A 33 -5.59 -23.57 -60.45
CA ILE A 33 -4.35 -22.83 -60.19
C ILE A 33 -3.76 -22.29 -61.48
N LYS A 34 -3.60 -23.16 -62.46
CA LYS A 34 -3.21 -22.76 -63.82
C LYS A 34 -4.13 -21.73 -64.48
N ALA A 35 -5.42 -21.95 -64.45
CA ALA A 35 -6.38 -20.89 -64.92
C ALA A 35 -6.17 -19.53 -64.25
N ALA A 36 -6.02 -19.57 -62.92
CA ALA A 36 -5.67 -18.33 -62.15
C ALA A 36 -4.36 -17.71 -62.64
N THR A 37 -3.28 -18.49 -62.77
CA THR A 37 -2.05 -17.84 -63.14
C THR A 37 -2.04 -17.34 -64.59
N ASN A 38 -2.73 -18.04 -65.49
CA ASN A 38 -2.86 -17.56 -66.88
C ASN A 38 -3.65 -16.33 -66.88
N THR A 39 -4.68 -16.25 -66.02
CA THR A 39 -5.52 -15.02 -66.00
C THR A 39 -4.65 -13.85 -65.57
N VAL A 40 -3.88 -14.03 -64.52
CA VAL A 40 -3.00 -12.96 -63.99
C VAL A 40 -1.83 -12.62 -64.98
N LYS A 41 -1.16 -13.63 -65.51
CA LYS A 41 -0.13 -13.35 -66.54
C LYS A 41 -0.65 -12.49 -67.67
N SER A 42 -1.87 -12.76 -68.07
CA SER A 42 -2.50 -11.97 -69.16
C SER A 42 -2.84 -10.55 -68.76
N TYR A 43 -3.40 -10.40 -67.56
CA TYR A 43 -3.71 -9.06 -67.03
C TYR A 43 -2.44 -8.18 -66.95
N PHE A 44 -1.31 -8.78 -66.58
CA PHE A 44 -0.01 -8.10 -66.49
C PHE A 44 0.92 -8.40 -67.71
N ALA A 45 0.34 -8.49 -68.91
CA ALA A 45 1.11 -8.87 -70.13
C ALA A 45 2.15 -7.82 -70.41
N GLY A 46 3.34 -8.27 -70.71
CA GLY A 46 4.45 -7.33 -70.95
C GLY A 46 5.22 -6.98 -69.70
N LYS A 47 4.77 -7.48 -68.54
CA LYS A 47 5.55 -7.34 -67.30
C LYS A 47 6.19 -8.65 -66.88
N LYS A 48 7.34 -8.57 -66.24
CA LYS A 48 8.04 -9.73 -65.73
C LYS A 48 7.62 -10.00 -64.27
N ILE A 49 6.75 -10.97 -64.09
CA ILE A 49 6.17 -11.26 -62.75
C ILE A 49 6.43 -12.70 -62.36
N SER A 50 6.40 -12.96 -61.07
CA SER A 50 6.46 -14.28 -60.53
C SER A 50 5.40 -14.44 -59.40
N PHE A 51 5.06 -15.69 -59.11
CA PHE A 51 3.95 -16.03 -58.31
C PHE A 51 4.49 -16.45 -56.95
N ASN A 52 3.96 -15.79 -55.94
CA ASN A 52 4.25 -16.10 -54.55
C ASN A 52 3.13 -16.93 -53.94
N THR A 53 1.86 -16.63 -54.23
CA THR A 53 0.70 -17.33 -53.60
C THR A 53 -0.42 -17.40 -54.61
N VAL A 54 -1.00 -18.59 -54.76
CA VAL A 54 -2.24 -18.74 -55.53
C VAL A 54 -3.12 -19.70 -54.77
N THR A 55 -4.21 -19.18 -54.21
CA THR A 55 -4.95 -19.97 -53.27
C THR A 55 -6.43 -19.62 -53.31
N LEU A 56 -7.25 -20.52 -52.80
CA LEU A 56 -8.68 -20.28 -52.67
C LEU A 56 -8.94 -19.05 -51.85
N ARG A 57 -9.74 -18.13 -52.37
CA ARG A 57 -10.39 -17.12 -51.49
C ARG A 57 -11.68 -17.70 -51.07
N GLU A 58 -11.72 -18.12 -49.81
CA GLU A 58 -12.91 -18.75 -49.30
C GLU A 58 -14.13 -17.77 -49.34
N PRO A 59 -15.30 -18.30 -49.63
CA PRO A 59 -16.55 -17.51 -49.56
C PRO A 59 -16.73 -16.87 -48.21
N ALA A 60 -17.36 -15.72 -48.20
CA ALA A 60 -17.81 -15.13 -46.97
C ALA A 60 -18.65 -16.10 -46.16
N ARG A 61 -18.53 -16.01 -44.85
CA ARG A 61 -19.26 -16.87 -43.92
C ARG A 61 -20.73 -16.81 -44.21
N LYS A 62 -21.26 -15.60 -44.32
CA LYS A 62 -22.70 -15.48 -44.61
C LYS A 62 -23.08 -16.17 -45.93
N ALA A 63 -22.34 -15.88 -46.99
CA ALA A 63 -22.65 -16.50 -48.26
C ALA A 63 -22.56 -18.05 -48.19
N TYR A 64 -21.60 -18.57 -47.47
CA TYR A 64 -21.42 -19.99 -47.35
C TYR A 64 -22.62 -20.62 -46.58
N ILE A 65 -22.93 -20.07 -45.42
CA ILE A 65 -24.04 -20.61 -44.60
C ILE A 65 -25.37 -20.53 -45.31
N GLN A 66 -25.58 -19.40 -45.94
CA GLN A 66 -26.79 -19.26 -46.73
C GLN A 66 -26.90 -20.33 -47.85
N TRP A 67 -25.79 -20.59 -48.52
CA TRP A 67 -25.73 -21.60 -49.59
C TRP A 67 -25.96 -23.00 -49.02
N LYS A 68 -25.33 -23.27 -47.87
CA LYS A 68 -25.39 -24.58 -47.29
C LYS A 68 -26.73 -24.85 -46.65
N GLU A 69 -27.35 -23.87 -46.00
CA GLU A 69 -28.46 -24.18 -45.10
C GLU A 69 -29.75 -23.44 -45.48
N GLN A 70 -29.69 -22.54 -46.45
CA GLN A 70 -30.86 -21.68 -46.73
C GLN A 70 -31.14 -21.62 -48.20
N GLY A 71 -30.61 -22.56 -48.97
CA GLY A 71 -30.88 -22.59 -50.40
C GLY A 71 -30.44 -21.33 -51.12
N GLY A 72 -29.41 -20.69 -50.56
CA GLY A 72 -28.89 -19.42 -51.10
C GLY A 72 -28.03 -19.47 -52.32
N PRO A 73 -27.61 -18.30 -52.84
CA PRO A 73 -26.71 -18.20 -53.97
C PRO A 73 -25.45 -19.06 -53.84
N LEU A 74 -25.04 -19.67 -54.95
CA LEU A 74 -23.74 -20.32 -55.05
C LEU A 74 -22.64 -19.25 -55.02
N PRO A 75 -21.75 -19.30 -54.03
CA PRO A 75 -20.66 -18.32 -53.99
C PRO A 75 -19.72 -18.48 -55.16
N PRO A 76 -19.24 -17.37 -55.66
CA PRO A 76 -18.34 -17.49 -56.79
C PRO A 76 -17.05 -18.14 -56.36
N ARG A 77 -16.51 -18.90 -57.28
CA ARG A 77 -15.23 -19.51 -57.13
C ARG A 77 -14.08 -18.49 -57.46
N LEU A 78 -13.33 -18.11 -56.42
CA LEU A 78 -12.26 -17.11 -56.47
C LEU A 78 -10.91 -17.62 -55.99
N ALA A 79 -9.89 -17.13 -56.66
CA ALA A 79 -8.53 -17.32 -56.30
C ALA A 79 -7.90 -16.00 -55.90
N TYR A 80 -7.26 -16.04 -54.75
CA TYR A 80 -6.42 -14.98 -54.26
C TYR A 80 -4.99 -15.27 -54.72
N TYR A 81 -4.37 -14.23 -55.29
CA TYR A 81 -3.00 -14.31 -55.77
C TYR A 81 -2.17 -13.20 -55.12
N VAL A 82 -0.86 -13.48 -55.02
CA VAL A 82 0.19 -12.53 -54.65
C VAL A 82 1.35 -12.74 -55.67
N ILE A 83 1.76 -11.66 -56.32
CA ILE A 83 2.85 -11.68 -57.26
C ILE A 83 3.94 -10.63 -56.91
N LEU A 84 5.16 -10.87 -57.40
CA LEU A 84 6.25 -9.89 -57.39
C LEU A 84 6.49 -9.55 -58.83
N GLU A 85 6.99 -8.35 -59.04
CA GLU A 85 7.39 -7.90 -60.35
C GLU A 85 8.83 -7.39 -60.32
N ALA A 86 9.64 -7.84 -61.23
CA ALA A 86 11.05 -7.47 -61.29
C ALA A 86 11.17 -5.95 -61.30
N GLY A 87 12.00 -5.40 -60.41
CA GLY A 87 12.21 -3.94 -60.42
C GLY A 87 11.11 -3.14 -59.72
N LYS A 88 10.13 -3.80 -59.10
CA LYS A 88 9.10 -3.11 -58.33
C LYS A 88 9.15 -3.56 -56.88
N PRO A 89 9.00 -2.63 -55.94
CA PRO A 89 9.12 -3.02 -54.51
C PRO A 89 7.83 -3.68 -54.03
N GLY A 90 7.96 -4.47 -52.99
CA GLY A 90 6.88 -5.20 -52.41
C GLY A 90 6.20 -6.18 -53.34
N VAL A 91 4.88 -6.16 -53.31
CA VAL A 91 4.07 -7.16 -54.03
C VAL A 91 2.84 -6.58 -54.63
N LYS A 92 2.14 -7.38 -55.42
CA LYS A 92 0.79 -7.09 -55.84
C LYS A 92 -0.04 -8.26 -55.46
N GLU A 93 -1.27 -7.99 -55.10
CA GLU A 93 -2.20 -9.05 -54.74
C GLU A 93 -3.54 -8.70 -55.34
N GLY A 94 -4.43 -9.67 -55.41
CA GLY A 94 -5.77 -9.50 -55.95
C GLY A 94 -6.56 -10.82 -56.00
N LEU A 95 -7.68 -10.77 -56.72
CA LEU A 95 -8.64 -11.88 -56.79
C LEU A 95 -8.93 -12.14 -58.26
N VAL A 96 -9.00 -13.41 -58.62
CA VAL A 96 -9.44 -13.84 -59.94
C VAL A 96 -10.75 -14.59 -59.78
N ASP A 97 -11.70 -14.23 -60.60
CA ASP A 97 -12.98 -14.95 -60.68
C ASP A 97 -12.75 -16.00 -61.73
N LEU A 98 -12.82 -17.27 -61.31
CA LEU A 98 -12.42 -18.39 -62.16
C LEU A 98 -13.46 -18.69 -63.28
N ALA A 99 -14.74 -18.45 -63.00
CA ALA A 99 -15.82 -18.69 -63.98
C ALA A 99 -15.67 -17.76 -65.19
N SER A 100 -15.21 -16.50 -65.02
CA SER A 100 -15.01 -15.56 -66.12
C SER A 100 -13.54 -15.38 -66.51
N LEU A 101 -12.62 -16.12 -65.89
CA LEU A 101 -11.18 -15.93 -66.13
C LEU A 101 -10.78 -14.44 -66.13
N SER A 102 -11.13 -13.74 -65.06
CA SER A 102 -10.76 -12.35 -64.93
C SER A 102 -10.36 -11.89 -63.59
N VAL A 103 -9.50 -10.88 -63.65
CA VAL A 103 -9.10 -10.17 -62.47
C VAL A 103 -10.25 -9.23 -62.04
N ILE A 104 -10.73 -9.37 -60.83
CA ILE A 104 -11.81 -8.56 -60.37
C ILE A 104 -11.40 -7.61 -59.26
N GLU A 105 -10.22 -7.80 -58.67
CA GLU A 105 -9.72 -6.89 -57.65
C GLU A 105 -8.18 -6.98 -57.75
N THR A 106 -7.49 -5.86 -57.57
CA THR A 106 -6.06 -5.82 -57.70
C THR A 106 -5.50 -4.66 -56.88
N ARG A 107 -4.37 -4.85 -56.20
CA ARG A 107 -3.68 -3.71 -55.63
C ARG A 107 -2.21 -3.94 -55.40
N ALA A 108 -1.50 -2.82 -55.44
CA ALA A 108 -0.09 -2.79 -55.24
C ALA A 108 0.22 -2.44 -53.76
N LEU A 109 1.04 -3.28 -53.13
CA LEU A 109 1.47 -3.06 -51.74
C LEU A 109 2.97 -2.94 -51.73
N GLU A 110 3.47 -1.73 -51.94
CA GLU A 110 4.92 -1.46 -52.07
C GLU A 110 5.76 -1.57 -50.82
N THR A 111 5.14 -1.70 -49.65
CA THR A 111 5.84 -1.63 -48.41
C THR A 111 5.59 -2.86 -47.50
N VAL A 112 5.26 -4.01 -48.07
CA VAL A 112 5.15 -5.30 -47.37
C VAL A 112 6.06 -6.32 -48.12
N GLN A 113 6.38 -7.42 -47.43
CA GLN A 113 7.00 -8.59 -48.02
C GLN A 113 6.22 -9.86 -47.71
N PRO A 114 6.24 -10.85 -48.60
CA PRO A 114 5.38 -12.03 -48.47
C PRO A 114 6.06 -13.26 -47.98
N ILE A 115 5.24 -14.23 -47.65
CA ILE A 115 5.73 -15.54 -47.24
C ILE A 115 6.83 -16.12 -48.17
N LEU A 116 7.77 -16.82 -47.56
CA LEU A 116 8.84 -17.46 -48.27
C LEU A 116 8.46 -18.88 -48.63
N THR A 117 8.54 -19.23 -49.90
CA THR A 117 8.19 -20.57 -50.39
C THR A 117 9.43 -21.50 -50.41
N VAL A 118 9.22 -22.79 -50.62
CA VAL A 118 10.34 -23.74 -50.70
C VAL A 118 11.39 -23.34 -51.74
N GLU A 119 10.96 -22.81 -52.86
CA GLU A 119 11.88 -22.29 -53.88
C GLU A 119 12.78 -21.19 -53.31
N ASP A 120 12.15 -20.24 -52.62
CA ASP A 120 12.86 -19.19 -51.86
C ASP A 120 13.87 -19.76 -50.83
N LEU A 121 13.50 -20.76 -50.06
N LEU A 121 13.51 -20.78 -50.10
CA LEU A 121 14.50 -21.32 -49.18
CA LEU A 121 14.45 -21.35 -49.14
C LEU A 121 15.70 -21.81 -50.06
C LEU A 121 15.63 -22.12 -49.82
N CYS A 122 15.39 -22.65 -51.04
CA CYS A 122 16.40 -23.44 -51.76
C CYS A 122 17.45 -22.58 -52.55
N SER A 123 17.11 -21.38 -52.91
CA SER A 123 17.92 -20.55 -53.79
C SER A 123 19.13 -19.85 -53.13
N THR A 124 19.06 -19.69 -51.80
CA THR A 124 20.03 -18.91 -51.07
C THR A 124 21.42 -19.52 -51.00
N GLU A 125 21.52 -20.83 -50.95
CA GLU A 125 22.81 -21.43 -50.78
C GLU A 125 23.77 -21.14 -51.93
N GLU A 126 23.25 -21.13 -53.15
CA GLU A 126 24.07 -20.83 -54.32
C GLU A 126 24.55 -19.37 -54.30
N VAL A 127 23.71 -18.49 -53.79
CA VAL A 127 24.05 -17.11 -53.64
C VAL A 127 25.22 -16.94 -52.65
N ILE A 128 25.14 -17.50 -51.45
CA ILE A 128 26.20 -17.23 -50.47
C ILE A 128 27.51 -17.99 -50.80
N ARG A 129 27.41 -19.17 -51.39
CA ARG A 129 28.58 -19.95 -51.73
C ARG A 129 29.43 -19.23 -52.77
N ASN A 130 28.81 -18.37 -53.61
CA ASN A 130 29.53 -17.67 -54.68
C ASN A 130 29.82 -16.20 -54.39
N ASP A 131 29.54 -15.77 -53.18
CA ASP A 131 29.73 -14.38 -52.82
C ASP A 131 31.09 -14.19 -52.17
N PRO A 132 31.91 -13.31 -52.77
CA PRO A 132 33.30 -13.16 -52.36
C PRO A 132 33.40 -12.73 -50.91
N ALA A 133 32.46 -11.92 -50.39
CA ALA A 133 32.55 -11.54 -49.00
C ALA A 133 32.19 -12.68 -48.06
N VAL A 134 31.22 -13.49 -48.43
CA VAL A 134 30.93 -14.67 -47.67
C VAL A 134 32.10 -15.63 -47.68
N ILE A 135 32.71 -15.84 -48.83
CA ILE A 135 33.87 -16.78 -48.94
C ILE A 135 34.97 -16.34 -47.99
N GLU A 136 35.23 -15.05 -48.02
CA GLU A 136 36.24 -14.50 -47.13
C GLU A 136 35.96 -14.82 -45.67
N GLN A 137 34.70 -14.72 -45.25
CA GLN A 137 34.34 -15.04 -43.83
C GLN A 137 34.44 -16.53 -43.49
N CYS A 138 34.21 -17.34 -44.48
CA CYS A 138 34.34 -18.74 -44.31
C CYS A 138 35.82 -19.07 -44.10
N VAL A 139 36.66 -18.42 -44.89
CA VAL A 139 38.08 -18.63 -44.76
C VAL A 139 38.57 -18.18 -43.39
N LEU A 140 38.20 -16.97 -42.95
CA LEU A 140 38.58 -16.49 -41.61
C LEU A 140 38.04 -17.44 -40.56
N SER A 141 36.99 -18.18 -40.89
CA SER A 141 36.38 -19.10 -39.95
C SER A 141 37.04 -20.50 -39.98
N GLY A 142 38.00 -20.76 -40.86
CA GLY A 142 38.70 -22.06 -40.91
C GLY A 142 38.28 -23.04 -42.02
N ILE A 143 37.45 -22.56 -42.94
CA ILE A 143 37.03 -23.36 -44.06
C ILE A 143 37.75 -22.82 -45.30
N PRO A 144 38.57 -23.66 -45.95
CA PRO A 144 39.23 -23.15 -47.19
C PRO A 144 38.29 -22.74 -48.29
N ALA A 145 38.76 -21.77 -49.11
CA ALA A 145 37.95 -21.19 -50.17
C ALA A 145 37.46 -22.24 -51.13
N ASN A 146 38.21 -23.28 -51.33
CA ASN A 146 37.76 -24.36 -52.20
C ASN A 146 36.87 -25.42 -51.51
N GLU A 147 36.45 -25.23 -50.25
CA GLU A 147 35.42 -26.13 -49.65
C GLU A 147 34.01 -25.51 -49.52
N MET A 148 33.69 -24.55 -50.36
CA MET A 148 32.41 -23.88 -50.22
C MET A 148 31.22 -24.79 -50.46
N HIS A 149 31.41 -25.87 -51.18
CA HIS A 149 30.34 -26.87 -51.36
C HIS A 149 29.98 -27.51 -50.01
N LYS A 150 30.81 -27.32 -49.01
CA LYS A 150 30.48 -27.84 -47.65
C LYS A 150 29.79 -26.87 -46.70
N VAL A 151 29.50 -25.68 -47.18
CA VAL A 151 28.86 -24.68 -46.37
C VAL A 151 27.40 -24.66 -46.74
N TYR A 152 26.55 -24.63 -45.73
CA TYR A 152 25.15 -24.66 -45.93
C TYR A 152 24.52 -23.53 -45.16
N CYS A 153 23.27 -23.25 -45.49
CA CYS A 153 22.55 -22.28 -44.68
C CYS A 153 21.07 -22.59 -44.62
N ASP A 154 20.51 -22.29 -43.46
CA ASP A 154 19.06 -22.18 -43.27
C ASP A 154 18.67 -20.71 -43.49
N PRO A 155 18.10 -20.41 -44.65
CA PRO A 155 17.86 -19.03 -44.98
C PRO A 155 16.47 -18.51 -44.50
N TRP A 156 16.38 -18.17 -43.23
CA TRP A 156 15.19 -17.64 -42.64
C TRP A 156 14.88 -16.32 -43.23
N THR A 157 13.61 -15.92 -43.10
CA THR A 157 13.37 -14.50 -43.26
C THR A 157 14.24 -13.74 -42.23
N ILE A 158 14.63 -12.54 -42.60
CA ILE A 158 15.33 -11.66 -41.71
C ILE A 158 14.50 -11.38 -40.50
N GLY A 159 13.20 -11.60 -40.66
CA GLY A 159 12.20 -11.38 -39.61
C GLY A 159 11.89 -9.91 -39.50
N TYR A 160 12.76 -9.16 -38.85
CA TYR A 160 12.70 -7.68 -38.94
C TYR A 160 14.06 -7.16 -38.56
N ASP A 161 14.63 -6.29 -39.40
CA ASP A 161 15.87 -5.60 -39.11
C ASP A 161 15.62 -4.12 -39.44
N GLU A 162 15.76 -3.29 -38.45
CA GLU A 162 15.48 -1.87 -38.58
C GLU A 162 16.37 -1.12 -39.52
N ARG A 163 17.45 -1.77 -40.01
CA ARG A 163 18.29 -1.12 -40.99
C ARG A 163 17.66 -1.08 -42.41
N TRP A 164 16.75 -2.00 -42.70
CA TRP A 164 16.17 -2.09 -44.04
C TRP A 164 14.64 -2.05 -44.08
N GLY A 165 13.95 -2.31 -42.97
CA GLY A 165 12.49 -2.30 -42.98
C GLY A 165 11.99 -3.35 -43.99
N THR A 166 11.01 -2.95 -44.79
CA THR A 166 10.45 -3.74 -45.92
C THR A 166 10.97 -3.27 -47.29
N GLY A 167 11.95 -2.36 -47.32
CA GLY A 167 12.44 -1.78 -48.61
C GLY A 167 13.13 -2.75 -49.57
N LYS A 168 13.65 -3.85 -49.05
CA LYS A 168 14.14 -4.96 -49.87
C LYS A 168 13.56 -6.21 -49.27
N ARG A 169 13.44 -7.26 -50.08
CA ARG A 169 13.05 -8.58 -49.60
C ARG A 169 14.27 -9.36 -49.14
N LEU A 170 14.33 -9.68 -47.85
CA LEU A 170 15.53 -10.12 -47.25
C LEU A 170 15.41 -11.39 -46.47
N GLN A 171 16.47 -12.19 -46.61
CA GLN A 171 16.70 -13.40 -45.84
C GLN A 171 18.03 -13.29 -45.04
N GLN A 172 18.09 -13.94 -43.90
CA GLN A 172 19.28 -14.05 -43.08
C GLN A 172 19.73 -15.52 -43.20
N ALA A 173 20.94 -15.73 -43.68
CA ALA A 173 21.44 -17.08 -43.85
C ALA A 173 22.14 -17.56 -42.61
N LEU A 174 21.47 -18.41 -41.88
CA LEU A 174 22.10 -19.04 -40.72
C LEU A 174 22.98 -20.17 -41.22
N VAL A 175 24.30 -19.96 -41.11
CA VAL A 175 25.31 -20.78 -41.77
C VAL A 175 25.84 -21.88 -40.91
N TYR A 176 26.01 -23.02 -41.55
CA TYR A 176 26.53 -24.22 -40.96
C TYR A 176 27.52 -24.88 -41.92
N TYR A 177 28.28 -25.85 -41.39
CA TYR A 177 29.30 -26.57 -42.12
C TYR A 177 28.99 -28.05 -42.02
N ARG A 178 29.11 -28.76 -43.15
CA ARG A 178 29.06 -30.22 -43.19
C ARG A 178 30.40 -30.79 -43.71
N SER A 179 30.99 -31.71 -42.95
N SER A 179 31.04 -31.70 -42.97
CA SER A 179 32.19 -32.45 -43.35
CA SER A 179 32.22 -32.43 -43.47
C SER A 179 31.94 -33.49 -44.45
C SER A 179 31.85 -33.33 -44.64
N ASP A 180 30.72 -34.02 -44.50
CA ASP A 180 30.27 -34.92 -45.50
C ASP A 180 28.80 -34.58 -45.75
N GLU A 181 28.32 -34.73 -46.98
CA GLU A 181 26.94 -34.31 -47.30
C GLU A 181 25.86 -34.99 -46.38
N ASP A 182 26.18 -36.15 -45.81
CA ASP A 182 25.22 -36.91 -45.01
C ASP A 182 25.20 -36.50 -43.52
N ASP A 183 26.11 -35.59 -43.15
CA ASP A 183 26.13 -35.04 -41.79
C ASP A 183 24.86 -34.27 -41.48
N SER A 184 24.51 -34.26 -40.18
CA SER A 184 23.68 -33.23 -39.60
C SER A 184 24.54 -32.01 -39.27
N GLN A 185 24.19 -30.92 -39.96
CA GLN A 185 25.04 -29.79 -39.97
C GLN A 185 24.99 -29.03 -38.65
N TYR A 186 24.03 -29.32 -37.78
CA TYR A 186 23.69 -28.41 -36.66
C TYR A 186 24.68 -28.45 -35.52
N SER A 187 25.60 -29.37 -35.59
CA SER A 187 26.73 -29.31 -34.65
C SER A 187 27.81 -28.31 -35.03
N HIS A 188 27.76 -27.82 -36.28
CA HIS A 188 28.78 -26.91 -36.80
C HIS A 188 28.28 -25.63 -37.40
N PRO A 189 27.58 -24.84 -36.59
CA PRO A 189 27.30 -23.48 -37.02
C PRO A 189 28.55 -22.61 -37.12
N LEU A 190 28.48 -21.61 -37.99
CA LEU A 190 29.49 -20.61 -38.10
C LEU A 190 29.06 -19.33 -37.37
N ASP A 191 29.98 -18.40 -37.19
CA ASP A 191 29.74 -17.26 -36.27
C ASP A 191 29.09 -16.03 -36.90
N PHE A 192 28.94 -16.03 -38.21
CA PHE A 192 28.55 -14.81 -38.91
C PHE A 192 27.22 -15.04 -39.61
N CYS A 193 26.57 -13.96 -39.98
CA CYS A 193 25.25 -14.06 -40.60
C CYS A 193 25.11 -13.18 -41.88
N PRO A 194 25.20 -13.79 -43.05
CA PRO A 194 24.97 -13.03 -44.27
C PRO A 194 23.52 -12.57 -44.44
N ILE A 195 23.32 -11.37 -45.01
CA ILE A 195 22.00 -10.82 -45.30
C ILE A 195 21.83 -10.81 -46.80
N VAL A 196 20.80 -11.52 -47.28
CA VAL A 196 20.56 -11.70 -48.72
C VAL A 196 19.26 -11.10 -49.26
N ASP A 197 19.36 -10.40 -50.38
CA ASP A 197 18.23 -9.86 -51.11
C ASP A 197 17.72 -10.98 -51.98
N THR A 198 16.58 -11.49 -51.55
CA THR A 198 15.93 -12.63 -52.14
C THR A 198 15.72 -12.42 -53.64
N GLU A 199 15.31 -11.23 -54.05
CA GLU A 199 14.99 -11.04 -55.44
C GLU A 199 16.16 -10.65 -56.27
N GLU A 200 17.13 -9.92 -55.74
CA GLU A 200 18.28 -9.58 -56.55
C GLU A 200 19.32 -10.70 -56.54
N LYS A 201 19.13 -11.68 -55.67
CA LYS A 201 20.06 -12.74 -55.49
C LYS A 201 21.46 -12.26 -55.16
N LYS A 202 21.59 -11.42 -54.14
CA LYS A 202 22.92 -11.02 -53.70
C LYS A 202 23.00 -10.70 -52.20
N VAL A 203 24.17 -10.90 -51.66
CA VAL A 203 24.51 -10.61 -50.28
C VAL A 203 24.64 -9.11 -50.20
N ILE A 204 23.90 -8.43 -49.32
CA ILE A 204 24.04 -6.99 -49.19
C ILE A 204 24.76 -6.57 -47.93
N PHE A 205 24.99 -7.50 -47.01
CA PHE A 205 25.60 -7.19 -45.72
C PHE A 205 25.97 -8.52 -45.05
N ILE A 206 26.93 -8.49 -44.13
CA ILE A 206 27.15 -9.67 -43.26
C ILE A 206 27.32 -9.22 -41.83
N ASP A 207 26.49 -9.73 -40.93
CA ASP A 207 26.67 -9.43 -39.50
C ASP A 207 27.82 -10.31 -39.05
N ILE A 208 28.82 -9.65 -38.48
CA ILE A 208 30.00 -10.23 -38.01
C ILE A 208 30.17 -9.94 -36.51
N PRO A 209 30.35 -10.96 -35.70
CA PRO A 209 30.41 -10.70 -34.26
C PRO A 209 31.78 -10.09 -33.84
N ASN A 210 31.79 -9.32 -32.77
CA ASN A 210 33.02 -8.72 -32.20
C ASN A 210 34.02 -9.75 -31.74
N ARG A 211 33.50 -10.82 -31.13
N ARG A 211 33.60 -10.81 -31.08
CA ARG A 211 34.25 -12.03 -30.75
CA ARG A 211 34.56 -11.88 -30.80
C ARG A 211 34.15 -13.07 -31.86
C ARG A 211 34.23 -13.03 -31.78
N ARG A 212 35.26 -13.39 -32.54
CA ARG A 212 35.18 -14.36 -33.62
C ARG A 212 35.22 -15.75 -33.06
N ARG A 213 34.50 -16.71 -33.66
CA ARG A 213 34.58 -18.11 -33.21
C ARG A 213 34.69 -18.95 -34.47
N LYS A 214 35.84 -19.56 -34.65
CA LYS A 214 36.09 -20.42 -35.76
C LYS A 214 35.33 -21.74 -35.71
N VAL A 215 35.18 -22.34 -36.89
CA VAL A 215 34.49 -23.60 -37.03
C VAL A 215 34.95 -24.68 -36.04
N SER A 216 34.00 -25.35 -35.41
CA SER A 216 34.30 -26.48 -34.54
C SER A 216 35.14 -27.56 -35.25
N LYS A 217 36.09 -28.08 -34.53
CA LYS A 217 36.90 -29.18 -34.99
C LYS A 217 36.40 -30.55 -34.53
N HIS A 218 35.33 -30.59 -33.76
CA HIS A 218 34.82 -31.88 -33.32
C HIS A 218 34.13 -32.63 -34.44
N LYS A 219 33.93 -33.91 -34.24
CA LYS A 219 33.11 -34.72 -35.11
C LYS A 219 31.69 -34.15 -35.13
N HIS A 220 31.02 -34.30 -36.26
CA HIS A 220 29.61 -34.01 -36.35
C HIS A 220 28.84 -34.96 -35.49
N ALA A 221 27.71 -34.45 -35.02
CA ALA A 221 26.79 -35.16 -34.11
C ALA A 221 25.66 -35.72 -34.98
N ASN A 222 25.79 -36.98 -35.32
CA ASN A 222 25.02 -37.61 -36.38
C ASN A 222 24.05 -38.68 -35.81
N PHE A 223 23.03 -39.00 -36.57
CA PHE A 223 21.93 -39.81 -36.05
C PHE A 223 21.38 -40.90 -36.99
N TYR A 224 21.92 -41.06 -38.19
CA TYR A 224 21.53 -42.18 -39.06
C TYR A 224 22.14 -43.48 -38.55
N PRO A 225 21.59 -44.63 -38.95
CA PRO A 225 22.15 -45.87 -38.42
C PRO A 225 23.63 -46.08 -38.66
N LYS A 226 24.17 -45.66 -39.80
CA LYS A 226 25.60 -45.96 -40.02
C LYS A 226 26.41 -45.11 -39.05
N HIS A 227 25.86 -43.95 -38.68
CA HIS A 227 26.60 -43.11 -37.72
C HIS A 227 26.53 -43.69 -36.31
N MET A 228 25.37 -44.21 -35.93
CA MET A 228 25.18 -44.68 -34.57
C MET A 228 26.04 -45.98 -34.30
N ILE A 229 26.13 -46.79 -35.35
CA ILE A 229 26.96 -48.01 -35.24
C ILE A 229 28.38 -47.62 -34.90
N GLU A 230 28.89 -46.59 -35.53
CA GLU A 230 30.25 -46.12 -35.21
C GLU A 230 30.26 -45.59 -33.81
N LYS A 231 29.17 -44.93 -33.40
CA LYS A 231 29.21 -44.18 -32.14
C LYS A 231 28.94 -45.10 -30.95
N VAL A 232 27.94 -45.98 -31.04
CA VAL A 232 27.66 -46.81 -29.88
C VAL A 232 27.94 -48.30 -30.09
N GLY A 233 28.42 -48.68 -31.28
CA GLY A 233 28.87 -50.05 -31.56
C GLY A 233 27.85 -50.81 -32.38
N ALA A 234 26.57 -50.53 -32.21
CA ALA A 234 25.53 -51.32 -32.88
C ALA A 234 24.18 -50.69 -32.67
N MET A 235 23.29 -50.86 -33.65
CA MET A 235 21.88 -50.62 -33.50
C MET A 235 21.23 -51.71 -32.59
N ARG A 236 20.14 -51.37 -31.90
CA ARG A 236 19.33 -52.39 -31.20
C ARG A 236 18.72 -53.30 -32.27
N PRO A 237 18.52 -54.59 -31.95
CA PRO A 237 17.85 -55.44 -32.98
C PRO A 237 16.44 -54.90 -33.24
N GLU A 238 15.88 -55.15 -34.42
CA GLU A 238 14.50 -54.80 -34.77
C GLU A 238 13.55 -55.42 -33.73
N ALA A 239 12.62 -54.66 -33.22
CA ALA A 239 11.68 -55.17 -32.22
C ALA A 239 10.66 -56.05 -32.90
N PRO A 240 10.13 -57.04 -32.18
CA PRO A 240 9.00 -57.73 -32.77
C PRO A 240 7.85 -56.79 -33.10
N PRO A 241 7.14 -57.05 -34.19
CA PRO A 241 6.22 -56.06 -34.65
C PRO A 241 4.86 -56.07 -33.90
N ILE A 242 4.23 -54.92 -34.00
CA ILE A 242 2.89 -54.71 -33.59
C ILE A 242 2.17 -54.39 -34.85
N ASN A 243 1.22 -55.24 -35.22
CA ASN A 243 0.52 -55.07 -36.48
C ASN A 243 -0.92 -54.61 -36.22
N VAL A 244 -1.36 -53.63 -36.99
CA VAL A 244 -2.68 -53.09 -36.85
C VAL A 244 -3.38 -53.32 -38.17
N THR A 245 -4.51 -54.00 -38.15
CA THR A 245 -5.27 -54.18 -39.38
C THR A 245 -6.73 -53.91 -39.15
N GLN A 246 -7.38 -53.52 -40.26
CA GLN A 246 -8.84 -53.34 -40.31
C GLN A 246 -9.39 -54.17 -41.43
N PRO A 247 -9.55 -55.50 -41.19
CA PRO A 247 -9.89 -56.42 -42.25
C PRO A 247 -11.27 -56.18 -42.84
N GLU A 248 -12.16 -55.49 -42.17
CA GLU A 248 -13.46 -55.19 -42.75
C GLU A 248 -13.60 -53.69 -43.12
N GLY A 249 -12.48 -53.00 -43.29
CA GLY A 249 -12.51 -51.58 -43.65
C GLY A 249 -12.68 -50.68 -42.43
N VAL A 250 -12.89 -49.42 -42.73
CA VAL A 250 -12.99 -48.38 -41.71
C VAL A 250 -14.40 -47.93 -41.54
N SER A 251 -14.65 -47.25 -40.43
CA SER A 251 -16.00 -46.82 -40.12
C SER A 251 -16.33 -45.43 -40.67
N PHE A 252 -15.33 -44.64 -41.02
CA PHE A 252 -15.61 -43.32 -41.53
C PHE A 252 -15.89 -43.40 -43.02
N LYS A 253 -16.49 -42.35 -43.56
CA LYS A 253 -16.87 -42.25 -44.94
C LYS A 253 -16.53 -40.88 -45.49
N MET A 254 -15.74 -40.83 -46.54
CA MET A 254 -15.50 -39.58 -47.25
C MET A 254 -16.23 -39.43 -48.57
N THR A 255 -16.83 -38.26 -48.77
CA THR A 255 -17.41 -37.86 -50.06
C THR A 255 -16.66 -36.57 -50.54
N GLY A 256 -15.71 -36.76 -51.44
CA GLY A 256 -14.69 -35.79 -51.73
C GLY A 256 -13.89 -35.46 -50.46
N ASN A 257 -13.94 -34.21 -50.04
CA ASN A 257 -13.28 -33.74 -48.80
C ASN A 257 -14.21 -33.76 -47.59
N VAL A 258 -15.41 -34.21 -47.78
CA VAL A 258 -16.37 -34.22 -46.65
C VAL A 258 -16.27 -35.53 -45.90
N MET A 259 -16.08 -35.39 -44.58
CA MET A 259 -15.93 -36.53 -43.68
C MET A 259 -17.17 -36.73 -42.86
N GLU A 260 -17.59 -37.97 -42.73
CA GLU A 260 -18.57 -38.40 -41.73
C GLU A 260 -18.08 -39.54 -40.89
N TRP A 261 -18.16 -39.41 -39.59
CA TRP A 261 -17.58 -40.40 -38.70
C TRP A 261 -18.19 -40.18 -37.32
N SER A 262 -18.79 -41.23 -36.77
CA SER A 262 -19.35 -41.22 -35.43
C SER A 262 -20.20 -40.02 -35.17
N ASN A 263 -21.07 -39.68 -36.13
CA ASN A 263 -22.02 -38.57 -36.04
C ASN A 263 -21.49 -37.18 -36.38
N PHE A 264 -20.18 -37.04 -36.44
CA PHE A 264 -19.58 -35.83 -36.86
C PHE A 264 -19.67 -35.75 -38.38
N LYS A 265 -19.80 -34.54 -38.88
CA LYS A 265 -19.60 -34.24 -40.28
C LYS A 265 -18.86 -32.94 -40.42
N PHE A 266 -17.90 -32.91 -41.35
CA PHE A 266 -17.15 -31.72 -41.62
C PHE A 266 -16.38 -31.79 -42.93
N HIS A 267 -15.97 -30.60 -43.39
CA HIS A 267 -15.13 -30.44 -44.55
C HIS A 267 -13.66 -30.33 -44.15
N ILE A 268 -12.84 -31.22 -44.72
CA ILE A 268 -11.37 -31.15 -44.63
C ILE A 268 -10.74 -30.35 -45.78
N GLY A 269 -10.25 -29.15 -45.46
CA GLY A 269 -9.65 -28.27 -46.41
C GLY A 269 -8.17 -28.23 -46.12
N PHE A 270 -7.46 -27.52 -46.99
CA PHE A 270 -5.99 -27.37 -46.88
C PHE A 270 -5.42 -26.14 -47.62
N ASN A 271 -4.51 -25.38 -47.01
CA ASN A 271 -3.91 -24.33 -47.82
C ASN A 271 -2.44 -24.16 -47.47
N TYR A 272 -1.79 -23.34 -48.29
CA TYR A 272 -0.35 -23.07 -48.27
C TYR A 272 0.09 -22.60 -46.91
N ARG A 273 -0.82 -22.03 -46.13
CA ARG A 273 -0.38 -21.23 -44.97
C ARG A 273 -0.78 -21.91 -43.69
N GLU A 274 -2.08 -22.13 -43.51
CA GLU A 274 -2.59 -22.80 -42.32
C GLU A 274 -2.41 -24.34 -42.27
N GLY A 275 -2.23 -24.94 -43.45
CA GLY A 275 -2.21 -26.38 -43.59
C GLY A 275 -3.65 -26.81 -43.54
N ILE A 276 -3.98 -27.70 -42.62
CA ILE A 276 -5.32 -28.27 -42.54
C ILE A 276 -6.26 -27.22 -42.01
N VAL A 277 -7.43 -27.10 -42.67
CA VAL A 277 -8.54 -26.25 -42.25
C VAL A 277 -9.80 -27.09 -42.13
N LEU A 278 -10.41 -27.16 -40.94
CA LEU A 278 -11.61 -27.95 -40.76
C LEU A 278 -12.79 -26.98 -40.76
N SER A 279 -13.76 -27.24 -41.61
CA SER A 279 -14.93 -26.37 -41.73
C SER A 279 -16.26 -27.08 -41.58
N ASP A 280 -17.31 -26.29 -41.32
CA ASP A 280 -18.71 -26.72 -41.39
C ASP A 280 -18.84 -27.98 -40.54
N VAL A 281 -18.41 -27.87 -39.30
CA VAL A 281 -18.36 -29.02 -38.38
C VAL A 281 -19.68 -29.12 -37.58
N SER A 282 -20.33 -30.27 -37.68
CA SER A 282 -21.67 -30.53 -37.08
C SER A 282 -21.64 -31.92 -36.44
N TYR A 283 -22.56 -32.13 -35.51
CA TYR A 283 -22.75 -33.43 -34.87
C TYR A 283 -24.23 -33.86 -35.07
N ASN A 284 -24.43 -35.12 -35.43
CA ASN A 284 -25.76 -35.64 -35.65
C ASN A 284 -26.32 -36.25 -34.36
N ASP A 285 -27.19 -35.49 -33.67
CA ASP A 285 -27.69 -35.84 -32.35
C ASP A 285 -29.01 -36.54 -32.57
N HIS A 286 -28.93 -37.83 -32.88
CA HIS A 286 -30.08 -38.71 -33.24
C HIS A 286 -31.07 -38.04 -34.18
N GLY A 287 -30.56 -37.54 -35.30
CA GLY A 287 -31.38 -36.96 -36.37
C GLY A 287 -31.37 -35.44 -36.35
N ASN A 288 -31.10 -34.85 -35.19
CA ASN A 288 -30.95 -33.40 -35.14
C ASN A 288 -29.47 -33.04 -35.41
N VAL A 289 -29.16 -32.55 -36.62
CA VAL A 289 -27.84 -32.22 -37.05
C VAL A 289 -27.53 -30.82 -36.49
N ARG A 290 -26.65 -30.77 -35.51
CA ARG A 290 -26.38 -29.52 -34.72
C ARG A 290 -25.00 -28.97 -35.13
N PRO A 291 -24.95 -27.72 -35.61
CA PRO A 291 -23.66 -27.12 -35.86
C PRO A 291 -22.86 -26.97 -34.59
N ILE A 292 -21.54 -26.99 -34.71
CA ILE A 292 -20.61 -26.71 -33.68
C ILE A 292 -19.62 -25.57 -34.08
N PHE A 293 -18.80 -25.81 -35.12
CA PHE A 293 -17.86 -24.76 -35.62
C PHE A 293 -18.02 -24.49 -37.11
N HIS A 294 -17.90 -23.25 -37.50
CA HIS A 294 -17.83 -22.90 -38.91
C HIS A 294 -16.43 -23.15 -39.47
N ARG A 295 -15.40 -22.89 -38.67
CA ARG A 295 -14.05 -23.11 -39.12
C ARG A 295 -13.09 -23.18 -37.94
N ILE A 296 -12.09 -24.03 -38.07
CA ILE A 296 -11.08 -24.13 -37.06
C ILE A 296 -9.74 -24.53 -37.71
N SER A 297 -8.67 -23.86 -37.26
CA SER A 297 -7.33 -24.03 -37.85
C SER A 297 -6.31 -23.40 -36.96
N LEU A 298 -5.05 -23.65 -37.26
CA LEU A 298 -3.97 -22.84 -36.70
C LEU A 298 -3.74 -21.68 -37.68
N SER A 299 -3.77 -20.39 -37.19
CA SER A 299 -3.75 -19.18 -38.06
C SER A 299 -2.42 -18.42 -38.08
N GLU A 300 -1.60 -18.68 -37.10
CA GLU A 300 -0.26 -18.11 -36.98
C GLU A 300 0.54 -18.82 -35.83
N MET A 301 1.83 -18.57 -35.81
CA MET A 301 2.74 -19.01 -34.75
C MET A 301 3.78 -17.93 -34.47
N ILE A 302 4.42 -18.07 -33.34
CA ILE A 302 5.69 -17.35 -33.14
C ILE A 302 6.60 -18.17 -32.26
N VAL A 303 7.86 -18.20 -32.61
CA VAL A 303 8.88 -18.96 -31.89
C VAL A 303 10.01 -18.00 -31.48
N PRO A 304 9.76 -17.20 -30.44
CA PRO A 304 10.72 -16.16 -30.04
C PRO A 304 11.91 -16.76 -29.25
N TYR A 305 13.12 -16.45 -29.67
CA TYR A 305 14.31 -16.84 -29.00
C TYR A 305 14.72 -15.82 -27.91
N GLY A 306 15.43 -16.32 -26.90
CA GLY A 306 15.67 -15.66 -25.63
C GLY A 306 17.10 -15.21 -25.41
N SER A 307 17.95 -15.19 -26.44
CA SER A 307 19.29 -14.54 -26.31
C SER A 307 19.20 -13.08 -26.77
N PRO A 308 19.62 -12.13 -25.91
CA PRO A 308 19.57 -10.72 -26.26
C PRO A 308 20.71 -10.22 -27.16
N GLU A 309 21.73 -11.04 -27.40
CA GLU A 309 22.88 -10.63 -28.16
C GLU A 309 22.59 -10.60 -29.66
N PHE A 310 23.10 -9.55 -30.27
CA PHE A 310 22.93 -9.25 -31.66
C PHE A 310 23.60 -10.34 -32.46
N PRO A 311 22.97 -10.83 -33.54
CA PRO A 311 21.72 -10.59 -34.16
C PRO A 311 20.59 -11.53 -33.78
N HIS A 312 20.65 -12.11 -32.61
CA HIS A 312 19.74 -13.15 -32.29
C HIS A 312 18.34 -12.70 -31.98
N GLN A 313 18.15 -11.40 -31.82
CA GLN A 313 16.80 -10.84 -31.72
C GLN A 313 15.95 -11.10 -32.96
N ARG A 314 16.61 -11.39 -34.08
CA ARG A 314 15.97 -11.64 -35.38
C ARG A 314 15.48 -13.08 -35.49
N LYS A 315 15.67 -13.87 -34.43
CA LYS A 315 15.09 -15.19 -34.37
C LYS A 315 13.81 -15.15 -33.54
N HIS A 316 12.71 -15.05 -34.25
CA HIS A 316 11.35 -15.17 -33.68
C HIS A 316 10.33 -15.51 -34.79
N ALA A 317 10.55 -16.68 -35.35
CA ALA A 317 9.89 -17.12 -36.61
C ALA A 317 8.41 -17.20 -36.40
N LEU A 318 7.67 -16.55 -37.26
CA LEU A 318 6.25 -16.78 -37.34
C LEU A 318 6.04 -17.81 -38.46
N ASP A 319 6.14 -19.06 -38.08
CA ASP A 319 6.32 -20.19 -39.06
C ASP A 319 5.18 -20.25 -40.04
N ILE A 320 3.97 -19.98 -39.59
CA ILE A 320 2.81 -20.11 -40.43
C ILE A 320 2.79 -18.95 -41.42
N GLY A 321 2.97 -17.71 -40.93
CA GLY A 321 2.90 -16.56 -41.79
C GLY A 321 4.11 -16.30 -42.70
N GLU A 322 5.26 -16.87 -42.32
CA GLU A 322 6.52 -16.60 -42.97
C GLU A 322 7.04 -17.70 -43.88
N TYR A 323 6.60 -18.94 -43.64
CA TYR A 323 6.98 -20.12 -44.49
C TYR A 323 5.76 -20.94 -44.95
N GLY A 324 4.86 -21.17 -44.02
CA GLY A 324 3.60 -21.83 -44.34
C GLY A 324 3.52 -23.29 -43.93
N ALA A 325 2.47 -23.64 -43.20
CA ALA A 325 2.30 -25.01 -42.80
C ALA A 325 1.85 -25.91 -43.97
N GLY A 326 1.30 -25.34 -45.04
CA GLY A 326 1.04 -26.14 -46.26
C GLY A 326 2.31 -26.21 -47.14
N TYR A 327 2.87 -25.05 -47.46
CA TYR A 327 4.12 -25.00 -48.21
C TYR A 327 5.20 -25.95 -47.68
N MET A 328 5.31 -26.01 -46.35
N MET A 328 5.28 -26.08 -46.36
CA MET A 328 6.40 -26.75 -45.68
CA MET A 328 6.41 -26.80 -45.74
C MET A 328 6.06 -28.21 -45.38
C MET A 328 6.06 -28.21 -45.36
N THR A 329 4.89 -28.66 -45.80
CA THR A 329 4.32 -29.93 -45.35
C THR A 329 5.00 -31.08 -46.05
N ASN A 330 5.18 -32.19 -45.30
CA ASN A 330 5.95 -33.32 -45.75
C ASN A 330 5.03 -34.24 -46.59
N PRO A 331 5.54 -34.80 -47.66
CA PRO A 331 4.86 -35.99 -48.26
C PRO A 331 4.91 -37.14 -47.27
N LEU A 332 3.80 -37.68 -46.83
CA LEU A 332 3.90 -38.67 -45.72
C LEU A 332 4.10 -40.08 -46.26
N SER A 333 4.18 -41.01 -45.32
CA SER A 333 5.00 -42.25 -45.42
C SER A 333 5.26 -42.93 -46.71
N LEU A 334 4.40 -43.81 -47.23
CA LEU A 334 3.23 -44.45 -46.56
C LEU A 334 3.60 -45.70 -45.67
N GLY A 335 2.77 -46.00 -44.69
CA GLY A 335 3.14 -47.01 -43.70
C GLY A 335 4.10 -46.68 -42.55
N CYS A 336 4.75 -45.52 -42.52
CA CYS A 336 5.74 -45.13 -41.47
C CYS A 336 5.30 -43.94 -40.62
N ASP A 337 5.01 -42.80 -41.22
CA ASP A 337 4.49 -41.68 -40.49
C ASP A 337 3.13 -41.98 -39.90
N CYS A 338 2.28 -42.60 -40.69
CA CYS A 338 0.94 -42.93 -40.26
C CYS A 338 0.77 -44.44 -40.38
N LYS A 339 0.50 -45.04 -39.25
CA LYS A 339 0.39 -46.47 -39.15
C LYS A 339 -1.06 -46.95 -39.29
N GLY A 340 -1.29 -48.01 -40.05
CA GLY A 340 -2.62 -48.61 -40.13
C GLY A 340 -3.25 -48.39 -41.48
N VAL A 341 -4.58 -48.30 -41.54
CA VAL A 341 -5.32 -48.05 -42.75
C VAL A 341 -5.68 -46.56 -42.96
N ILE A 342 -4.99 -45.96 -43.93
CA ILE A 342 -4.98 -44.51 -44.11
C ILE A 342 -5.65 -44.08 -45.42
N HIS A 343 -6.47 -43.02 -45.37
CA HIS A 343 -6.95 -42.25 -46.51
C HIS A 343 -6.05 -40.96 -46.58
N TYR A 344 -5.38 -40.71 -47.71
CA TYR A 344 -4.47 -39.61 -47.89
C TYR A 344 -5.14 -38.56 -48.77
N LEU A 345 -4.88 -37.26 -48.52
CA LEU A 345 -5.14 -36.19 -49.46
C LEU A 345 -3.82 -35.59 -49.92
N ASP A 346 -3.78 -35.17 -51.17
CA ASP A 346 -2.68 -34.41 -51.75
C ASP A 346 -2.94 -32.93 -51.58
N ALA A 347 -1.87 -32.13 -51.63
CA ALA A 347 -1.93 -30.66 -51.59
C ALA A 347 -1.39 -30.11 -52.92
N HIS A 348 -2.00 -29.01 -53.37
CA HIS A 348 -1.60 -28.30 -54.59
C HIS A 348 -1.37 -26.85 -54.41
N PHE A 349 -0.27 -26.36 -54.98
CA PHE A 349 0.10 -24.94 -54.87
C PHE A 349 0.62 -24.45 -56.23
N SER A 350 0.99 -23.18 -56.31
CA SER A 350 1.64 -22.65 -57.48
C SER A 350 3.10 -22.48 -57.18
N ASP A 351 3.96 -22.77 -58.15
CA ASP A 351 5.34 -22.35 -58.07
C ASP A 351 5.54 -20.94 -58.67
N ARG A 352 6.79 -20.45 -58.70
CA ARG A 352 7.07 -19.05 -59.08
C ARG A 352 6.74 -18.75 -60.54
N ALA A 353 6.75 -19.78 -61.39
CA ALA A 353 6.43 -19.64 -62.81
C ALA A 353 4.89 -19.73 -63.05
N GLY A 354 4.11 -20.11 -62.05
CA GLY A 354 2.67 -20.13 -62.21
C GLY A 354 2.14 -21.48 -62.51
N ASP A 355 3.00 -22.49 -62.36
CA ASP A 355 2.64 -23.84 -62.62
C ASP A 355 2.29 -24.53 -61.34
N PRO A 356 1.29 -25.41 -61.39
CA PRO A 356 0.86 -26.10 -60.17
C PRO A 356 1.91 -27.10 -59.67
N ILE A 357 2.09 -27.16 -58.36
CA ILE A 357 2.88 -28.16 -57.79
C ILE A 357 2.04 -28.93 -56.80
N THR A 358 2.44 -30.18 -56.61
CA THR A 358 1.72 -31.15 -55.78
C THR A 358 2.61 -31.71 -54.71
N VAL A 359 2.09 -31.71 -53.51
CA VAL A 359 2.72 -32.48 -52.46
C VAL A 359 1.77 -33.67 -52.22
N LYS A 360 2.25 -34.85 -52.56
CA LYS A 360 1.45 -36.08 -52.42
C LYS A 360 1.37 -36.52 -50.97
N ASN A 361 0.24 -37.08 -50.58
CA ASN A 361 0.03 -37.62 -49.24
C ASN A 361 0.36 -36.60 -48.18
N ALA A 362 -0.16 -35.38 -48.35
CA ALA A 362 0.10 -34.30 -47.47
C ALA A 362 -0.71 -34.44 -46.16
N VAL A 363 -1.90 -35.03 -46.25
CA VAL A 363 -2.76 -35.19 -45.13
C VAL A 363 -3.15 -36.61 -45.00
N CYS A 364 -3.08 -37.12 -43.77
CA CYS A 364 -3.48 -38.49 -43.55
C CYS A 364 -4.63 -38.54 -42.58
N ILE A 365 -5.59 -39.42 -42.90
CA ILE A 365 -6.83 -39.57 -42.19
C ILE A 365 -7.02 -41.00 -41.85
N HIS A 366 -7.23 -41.29 -40.56
CA HIS A 366 -7.49 -42.65 -40.19
C HIS A 366 -8.10 -42.67 -38.80
N GLU A 367 -8.57 -43.85 -38.40
CA GLU A 367 -9.12 -44.02 -37.07
C GLU A 367 -8.24 -45.00 -36.29
N GLU A 368 -7.99 -44.73 -35.01
CA GLU A 368 -7.15 -45.53 -34.10
C GLU A 368 -7.88 -45.86 -32.76
N ASP A 369 -7.53 -46.97 -32.08
N ASP A 369 -7.45 -46.94 -32.11
CA ASP A 369 -8.08 -47.25 -30.75
CA ASP A 369 -7.83 -47.27 -30.74
C ASP A 369 -7.58 -46.15 -29.83
C ASP A 369 -7.55 -46.07 -29.86
N ASP A 370 -8.44 -45.76 -28.90
CA ASP A 370 -8.12 -44.70 -27.97
C ASP A 370 -8.46 -45.09 -26.53
N GLY A 371 -8.26 -46.36 -26.25
CA GLY A 371 -8.48 -46.94 -24.93
C GLY A 371 -9.94 -46.98 -24.61
N LEU A 372 -10.25 -46.62 -23.35
CA LEU A 372 -11.58 -46.80 -22.87
C LEU A 372 -12.37 -45.55 -23.03
N LEU A 373 -13.63 -45.69 -23.50
CA LEU A 373 -14.52 -44.56 -23.55
C LEU A 373 -15.21 -44.35 -22.20
N PHE A 374 -15.76 -45.44 -21.64
CA PHE A 374 -16.31 -45.44 -20.29
C PHE A 374 -16.45 -46.89 -19.74
N LYS A 375 -16.69 -46.95 -18.43
CA LYS A 375 -16.82 -48.17 -17.70
C LYS A 375 -17.44 -47.94 -16.33
N HIS A 376 -18.24 -48.89 -15.90
CA HIS A 376 -18.68 -48.97 -14.54
C HIS A 376 -19.11 -50.38 -14.12
N SER A 377 -18.72 -50.75 -12.93
CA SER A 377 -19.02 -52.06 -12.37
C SER A 377 -19.59 -51.87 -10.96
N ASP A 378 -20.42 -52.81 -10.50
CA ASP A 378 -21.00 -52.80 -9.16
C ASP A 378 -20.17 -53.63 -8.15
N PHE A 379 -19.69 -53.01 -7.09
CA PHE A 379 -18.95 -53.76 -6.03
C PHE A 379 -19.80 -54.86 -5.35
N ARG A 380 -21.10 -54.75 -5.47
CA ARG A 380 -22.02 -55.61 -4.75
C ARG A 380 -21.92 -57.07 -5.11
N ASP A 381 -21.67 -57.38 -6.38
CA ASP A 381 -21.38 -58.75 -6.80
C ASP A 381 -19.91 -58.93 -7.21
N ASN A 382 -18.96 -58.32 -6.48
CA ASN A 382 -17.53 -58.27 -6.86
C ASN A 382 -17.27 -57.93 -8.33
N PHE A 383 -18.00 -56.93 -8.81
CA PHE A 383 -17.78 -56.35 -10.15
C PHE A 383 -18.20 -57.26 -11.28
N ALA A 384 -19.02 -58.28 -10.97
CA ALA A 384 -19.61 -59.11 -12.03
C ALA A 384 -20.59 -58.32 -12.86
N THR A 385 -21.38 -57.46 -12.22
CA THR A 385 -22.24 -56.53 -12.93
C THR A 385 -21.29 -55.44 -13.50
N SER A 386 -21.15 -55.37 -14.81
CA SER A 386 -20.11 -54.50 -15.44
C SER A 386 -20.42 -54.18 -16.89
N LEU A 387 -20.09 -52.95 -17.28
CA LEU A 387 -20.19 -52.47 -18.66
C LEU A 387 -18.90 -51.73 -19.01
N VAL A 388 -18.30 -52.08 -20.15
CA VAL A 388 -17.11 -51.43 -20.65
C VAL A 388 -17.26 -51.17 -22.12
N THR A 389 -16.99 -49.93 -22.55
CA THR A 389 -17.01 -49.56 -23.97
C THR A 389 -15.68 -48.88 -24.36
N ARG A 390 -15.03 -49.41 -25.39
CA ARG A 390 -13.77 -48.93 -25.90
C ARG A 390 -14.03 -47.71 -26.80
N ALA A 391 -13.08 -46.81 -26.82
CA ALA A 391 -13.12 -45.60 -27.66
C ALA A 391 -12.30 -45.74 -28.94
N THR A 392 -12.80 -45.11 -29.99
CA THR A 392 -12.11 -44.99 -31.24
C THR A 392 -11.93 -43.51 -31.45
N LYS A 393 -10.75 -43.10 -31.93
CA LYS A 393 -10.62 -41.70 -32.34
C LYS A 393 -10.38 -41.55 -33.79
N LEU A 394 -10.80 -40.44 -34.36
CA LEU A 394 -10.52 -40.15 -35.76
C LEU A 394 -9.44 -39.12 -35.85
N VAL A 395 -8.42 -39.34 -36.64
CA VAL A 395 -7.23 -38.46 -36.67
C VAL A 395 -7.00 -37.89 -38.08
N VAL A 396 -6.84 -36.58 -38.18
CA VAL A 396 -6.55 -35.88 -39.41
C VAL A 396 -5.25 -35.12 -39.19
N SER A 397 -4.17 -35.49 -39.90
CA SER A 397 -2.86 -35.00 -39.58
C SER A 397 -1.97 -34.65 -40.76
N GLN A 398 -0.94 -33.87 -40.44
CA GLN A 398 0.10 -33.48 -41.37
C GLN A 398 1.31 -33.34 -40.52
N ILE A 399 2.45 -33.26 -41.19
CA ILE A 399 3.72 -32.95 -40.55
C ILE A 399 4.41 -31.91 -41.43
N PHE A 400 4.78 -30.78 -40.86
CA PHE A 400 5.56 -29.82 -41.63
C PHE A 400 6.94 -29.53 -41.05
N THR A 401 7.86 -29.21 -41.95
CA THR A 401 9.23 -28.94 -41.62
C THR A 401 9.58 -27.52 -42.01
N ALA A 402 9.94 -26.74 -41.00
CA ALA A 402 10.41 -25.38 -41.18
C ALA A 402 11.88 -25.34 -40.84
N ALA A 403 12.68 -25.46 -41.89
CA ALA A 403 14.13 -25.69 -41.81
C ALA A 403 14.50 -26.75 -40.77
N ASN A 404 14.87 -26.34 -39.55
CA ASN A 404 15.32 -27.32 -38.53
C ASN A 404 14.18 -28.05 -37.77
N GLU A 406 10.42 -29.84 -36.91
CA GLU A 406 9.26 -30.62 -37.43
C GLU A 406 8.11 -30.44 -36.47
N TYR A 407 6.99 -30.09 -37.04
CA TYR A 407 5.75 -29.96 -36.27
C TYR A 407 4.75 -31.01 -36.83
N CYS A 408 4.38 -31.94 -35.96
CA CYS A 408 3.39 -32.96 -36.27
C CYS A 408 2.05 -32.52 -35.67
N LEU A 409 1.05 -32.26 -36.54
CA LEU A 409 -0.25 -31.77 -36.16
C LEU A 409 -1.30 -32.83 -36.33
N TYR A 410 -2.00 -33.08 -35.26
CA TYR A 410 -3.08 -34.09 -35.21
C TYR A 410 -4.37 -33.49 -34.73
N TRP A 411 -5.35 -33.38 -35.64
CA TRP A 411 -6.68 -33.03 -35.26
C TRP A 411 -7.49 -34.30 -34.94
N VAL A 412 -8.05 -34.39 -33.74
CA VAL A 412 -8.60 -35.64 -33.24
C VAL A 412 -10.06 -35.43 -32.85
N PHE A 413 -10.95 -36.27 -33.36
CA PHE A 413 -12.37 -36.26 -33.03
C PHE A 413 -12.68 -37.45 -32.17
N MET A 414 -13.49 -37.26 -31.16
CA MET A 414 -13.67 -38.35 -30.18
C MET A 414 -15.15 -38.67 -29.99
N GLN A 415 -15.44 -39.88 -29.53
CA GLN A 415 -16.80 -40.38 -29.48
C GLN A 415 -17.66 -39.86 -28.29
N ASP A 416 -17.07 -39.04 -27.42
CA ASP A 416 -17.85 -38.33 -26.44
C ASP A 416 -18.16 -36.93 -26.98
N GLY A 417 -17.77 -36.68 -28.24
CA GLY A 417 -18.13 -35.40 -28.91
C GLY A 417 -17.07 -34.33 -28.73
N ALA A 418 -16.01 -34.66 -28.01
CA ALA A 418 -14.87 -33.74 -27.92
C ALA A 418 -14.00 -33.77 -29.19
N ILE A 419 -13.35 -32.63 -29.38
CA ILE A 419 -12.34 -32.37 -30.36
C ILE A 419 -11.02 -31.88 -29.71
N ARG A 420 -9.93 -32.51 -30.09
CA ARG A 420 -8.64 -32.27 -29.50
C ARG A 420 -7.73 -31.82 -30.61
N LEU A 421 -6.83 -30.90 -30.32
CA LEU A 421 -5.61 -30.74 -31.15
C LEU A 421 -4.41 -31.25 -30.38
N ASP A 422 -3.66 -32.17 -30.96
CA ASP A 422 -2.43 -32.70 -30.41
C ASP A 422 -1.32 -32.31 -31.34
N ILE A 423 -0.22 -31.80 -30.79
CA ILE A 423 0.96 -31.46 -31.55
C ILE A 423 2.15 -32.16 -30.92
N ARG A 424 3.04 -32.65 -31.75
CA ARG A 424 4.33 -33.17 -31.31
C ARG A 424 5.42 -32.41 -32.04
N LEU A 425 6.33 -31.84 -31.26
CA LEU A 425 7.45 -31.13 -31.77
C LEU A 425 8.64 -32.07 -31.81
N THR A 426 9.35 -32.08 -32.93
CA THR A 426 10.56 -32.86 -33.08
C THR A 426 11.43 -32.11 -34.09
N GLY A 427 12.31 -32.81 -34.78
CA GLY A 427 13.34 -32.15 -35.54
C GLY A 427 14.60 -31.86 -34.75
N ILE A 428 15.21 -30.76 -35.11
CA ILE A 428 16.53 -30.38 -34.65
C ILE A 428 16.49 -29.00 -34.06
N LEU A 429 17.11 -28.87 -32.89
CA LEU A 429 17.41 -27.56 -32.32
C LEU A 429 18.10 -26.61 -33.29
N ASN A 430 17.63 -25.36 -33.31
CA ASN A 430 18.42 -24.28 -33.89
C ASN A 430 19.58 -24.04 -32.99
N THR A 431 20.79 -24.00 -33.57
CA THR A 431 22.04 -23.92 -32.81
C THR A 431 22.86 -22.79 -33.37
N TYR A 432 23.68 -22.21 -32.50
CA TYR A 432 24.65 -21.12 -32.81
C TYR A 432 25.95 -21.60 -32.17
N ILE A 433 27.06 -21.02 -32.60
CA ILE A 433 28.38 -21.47 -32.21
C ILE A 433 28.72 -20.99 -30.80
N LEU A 434 29.50 -21.79 -30.09
CA LEU A 434 29.88 -21.50 -28.71
C LEU A 434 31.41 -21.67 -28.60
N GLY A 435 32.13 -20.65 -28.12
CA GLY A 435 33.57 -20.77 -27.93
C GLY A 435 33.93 -21.82 -26.90
N ASP A 436 35.15 -22.34 -26.96
CA ASP A 436 35.65 -23.35 -26.02
C ASP A 436 35.48 -22.95 -24.56
N ASP A 437 35.68 -21.69 -24.27
CA ASP A 437 35.60 -21.15 -22.93
C ASP A 437 34.40 -20.23 -22.74
N GLU A 438 33.44 -20.26 -23.65
CA GLU A 438 32.23 -19.45 -23.53
C GLU A 438 31.15 -20.23 -22.75
N GLU A 439 30.50 -19.53 -21.89
CA GLU A 439 29.35 -20.06 -21.14
C GLU A 439 28.09 -19.73 -21.94
N ALA A 440 27.25 -20.74 -22.18
CA ALA A 440 25.99 -20.56 -22.87
C ALA A 440 24.88 -19.91 -22.00
N GLY A 441 24.84 -20.22 -20.72
CA GLY A 441 23.68 -19.80 -19.87
C GLY A 441 23.95 -18.33 -19.65
N PRO A 442 22.92 -17.55 -19.29
CA PRO A 442 21.61 -18.09 -19.01
C PRO A 442 20.67 -18.18 -20.19
N TRP A 443 21.11 -17.81 -21.39
CA TRP A 443 20.21 -17.70 -22.55
C TRP A 443 20.18 -18.97 -23.42
N GLY A 444 21.05 -19.94 -23.15
CA GLY A 444 20.99 -21.19 -23.87
C GLY A 444 21.73 -22.28 -23.15
N THR A 445 21.88 -23.41 -23.82
CA THR A 445 22.50 -24.58 -23.26
C THR A 445 23.55 -25.15 -24.22
N ARG A 446 24.69 -25.52 -23.65
CA ARG A 446 25.69 -26.28 -24.37
C ARG A 446 25.24 -27.76 -24.51
N VAL A 447 24.72 -28.12 -25.66
CA VAL A 447 24.15 -29.48 -25.89
C VAL A 447 25.18 -30.49 -26.53
N TYR A 448 26.34 -29.96 -26.93
CA TYR A 448 27.41 -30.67 -27.60
C TYR A 448 28.62 -29.70 -27.60
N PRO A 449 29.85 -30.23 -27.70
CA PRO A 449 30.92 -29.28 -27.63
C PRO A 449 30.80 -28.22 -28.74
N ASN A 450 30.94 -26.93 -28.34
CA ASN A 450 30.96 -25.72 -29.22
C ASN A 450 29.57 -25.40 -29.82
N VAL A 451 28.51 -25.95 -29.24
CA VAL A 451 27.16 -25.78 -29.72
C VAL A 451 26.27 -25.16 -28.66
N ASN A 452 25.77 -23.95 -28.96
CA ASN A 452 24.84 -23.26 -28.11
C ASN A 452 23.42 -23.29 -28.71
N ALA A 453 22.49 -23.92 -27.98
CA ALA A 453 21.07 -23.97 -28.37
C ALA A 453 20.36 -23.00 -27.50
N HIS A 454 19.92 -21.92 -28.10
CA HIS A 454 19.29 -20.81 -27.36
C HIS A 454 17.87 -21.17 -26.87
N ASN A 455 17.54 -20.63 -25.69
CA ASN A 455 16.14 -20.66 -25.18
C ASN A 455 15.17 -20.06 -26.21
N HIS A 456 13.96 -20.63 -26.27
CA HIS A 456 12.90 -20.08 -27.09
C HIS A 456 11.55 -20.60 -26.61
N GLN A 457 10.49 -19.95 -27.10
CA GLN A 457 9.15 -20.44 -26.90
C GLN A 457 8.61 -20.86 -28.26
N HIS A 458 7.66 -21.79 -28.25
CA HIS A 458 6.86 -22.07 -29.43
C HIS A 458 5.44 -21.75 -29.10
N LEU A 459 4.93 -20.73 -29.73
CA LEU A 459 3.55 -20.28 -29.50
C LEU A 459 2.71 -20.38 -30.77
N PHE A 460 1.44 -20.66 -30.61
CA PHE A 460 0.56 -21.02 -31.69
C PHE A 460 -0.74 -20.22 -31.46
N SER A 461 -1.37 -19.77 -32.55
CA SER A 461 -2.69 -19.10 -32.47
C SER A 461 -3.78 -19.98 -33.08
N LEU A 462 -4.57 -20.68 -32.26
CA LEU A 462 -5.70 -21.43 -32.78
C LEU A 462 -6.85 -20.49 -33.05
N ARG A 463 -7.46 -20.59 -34.23
CA ARG A 463 -8.50 -19.72 -34.67
C ARG A 463 -9.78 -20.47 -34.76
N ILE A 464 -10.69 -20.13 -33.89
CA ILE A 464 -11.98 -20.74 -33.89
C ILE A 464 -13.07 -19.78 -34.29
N ASP A 465 -13.83 -20.22 -35.29
CA ASP A 465 -15.02 -19.50 -35.71
C ASP A 465 -16.19 -20.38 -35.36
N PRO A 466 -16.85 -20.06 -34.24
CA PRO A 466 -17.83 -20.98 -33.76
C PRO A 466 -19.25 -20.71 -34.22
N ARG A 467 -20.09 -21.76 -34.10
CA ARG A 467 -21.56 -21.72 -34.24
C ARG A 467 -22.17 -22.77 -33.35
N ILE A 468 -21.94 -22.67 -32.06
CA ILE A 468 -22.40 -23.63 -31.08
C ILE A 468 -23.90 -23.72 -31.13
N ASP A 469 -24.38 -24.85 -31.66
CA ASP A 469 -25.79 -25.10 -31.85
C ASP A 469 -26.42 -24.00 -32.61
N GLY A 470 -25.73 -23.40 -33.57
CA GLY A 470 -26.31 -22.27 -34.30
C GLY A 470 -25.64 -20.94 -34.11
N ASP A 471 -26.11 -19.94 -34.84
CA ASP A 471 -25.54 -18.59 -34.89
C ASP A 471 -25.95 -17.76 -33.69
N GLY A 472 -25.12 -16.79 -33.30
CA GLY A 472 -25.35 -16.02 -32.11
C GLY A 472 -24.63 -16.71 -30.96
N ASN A 473 -23.32 -16.41 -30.80
CA ASN A 473 -22.56 -17.03 -29.74
C ASN A 473 -21.92 -16.00 -28.82
N SER A 474 -21.46 -16.49 -27.65
CA SER A 474 -20.69 -15.67 -26.74
C SER A 474 -19.52 -16.48 -26.24
N ALA A 475 -18.61 -15.80 -25.50
CA ALA A 475 -17.54 -16.52 -24.83
C ALA A 475 -17.39 -16.03 -23.41
N ALA A 476 -16.81 -16.89 -22.58
CA ALA A 476 -16.62 -16.57 -21.13
C ALA A 476 -15.37 -17.26 -20.53
N ALA A 477 -14.82 -16.66 -19.46
CA ALA A 477 -13.81 -17.32 -18.60
C ALA A 477 -14.56 -17.93 -17.48
N CYS A 478 -14.15 -19.13 -17.10
CA CYS A 478 -14.71 -19.86 -15.99
C CYS A 478 -13.64 -20.13 -14.97
N ASP A 479 -13.83 -19.58 -13.75
CA ASP A 479 -12.80 -19.67 -12.75
C ASP A 479 -13.35 -20.40 -11.54
N ALA A 480 -12.65 -21.40 -11.08
CA ALA A 480 -13.07 -22.08 -9.85
C ALA A 480 -12.72 -21.22 -8.66
N LYS A 481 -13.66 -21.03 -7.73
CA LYS A 481 -13.48 -20.16 -6.60
C LYS A 481 -14.10 -20.74 -5.31
N SER A 482 -13.45 -20.58 -4.17
CA SER A 482 -14.04 -20.83 -2.89
C SER A 482 -15.18 -19.89 -2.73
N SER A 483 -16.16 -20.30 -1.96
CA SER A 483 -17.22 -19.38 -1.54
C SER A 483 -16.56 -18.14 -0.87
N PRO A 484 -17.15 -16.94 -1.10
CA PRO A 484 -16.66 -15.81 -0.35
C PRO A 484 -16.96 -15.84 1.19
N TYR A 485 -17.92 -16.66 1.63
CA TYR A 485 -18.26 -16.78 3.04
C TYR A 485 -17.20 -17.59 3.76
N PRO A 486 -16.80 -17.14 4.95
CA PRO A 486 -15.68 -17.73 5.68
C PRO A 486 -16.03 -19.04 6.38
N LEU A 487 -15.01 -19.84 6.66
CA LEU A 487 -15.13 -21.02 7.51
C LEU A 487 -15.88 -20.62 8.79
N GLY A 488 -16.87 -21.37 9.18
CA GLY A 488 -17.56 -21.08 10.40
C GLY A 488 -18.80 -20.28 10.24
N SER A 489 -19.05 -19.78 9.03
CA SER A 489 -20.26 -19.04 8.81
C SER A 489 -21.43 -20.03 8.61
N PRO A 490 -22.69 -19.59 8.79
CA PRO A 490 -23.87 -20.40 8.45
C PRO A 490 -23.85 -20.85 6.95
N GLU A 491 -23.40 -20.00 6.05
CA GLU A 491 -23.30 -20.25 4.61
C GLU A 491 -22.16 -21.22 4.22
N ASN A 492 -21.13 -21.37 5.07
CA ASN A 492 -19.93 -22.18 4.75
C ASN A 492 -19.30 -22.80 5.97
N MET A 493 -20.09 -23.62 6.71
CA MET A 493 -19.78 -23.91 8.08
C MET A 493 -18.44 -24.62 8.15
N TYR A 494 -18.22 -25.56 7.23
CA TYR A 494 -17.00 -26.35 7.21
C TYR A 494 -16.00 -25.91 6.18
N GLY A 495 -16.30 -24.79 5.55
CA GLY A 495 -15.31 -24.14 4.69
C GLY A 495 -15.01 -24.84 3.39
N ASN A 496 -15.90 -25.75 2.94
CA ASN A 496 -15.70 -26.51 1.71
C ASN A 496 -16.41 -26.02 0.46
N ALA A 497 -17.25 -25.01 0.57
CA ALA A 497 -18.07 -24.64 -0.56
C ALA A 497 -17.23 -24.02 -1.66
N PHE A 498 -17.51 -24.41 -2.88
CA PHE A 498 -16.92 -23.79 -4.04
C PHE A 498 -17.77 -23.89 -5.25
N TYR A 499 -17.48 -23.02 -6.21
CA TYR A 499 -18.32 -22.82 -7.39
C TYR A 499 -17.45 -22.37 -8.58
N SER A 500 -18.03 -22.39 -9.76
CA SER A 500 -17.45 -21.85 -10.98
C SER A 500 -17.97 -20.46 -11.27
N GLU A 501 -17.11 -19.46 -11.21
CA GLU A 501 -17.48 -18.15 -11.57
C GLU A 501 -17.33 -17.95 -13.05
N LYS A 502 -18.43 -17.62 -13.69
CA LYS A 502 -18.47 -17.42 -15.13
C LYS A 502 -18.48 -15.92 -15.43
N THR A 503 -17.48 -15.43 -16.14
CA THR A 503 -17.41 -14.06 -16.55
C THR A 503 -17.67 -14.02 -18.06
N THR A 504 -18.86 -13.57 -18.45
CA THR A 504 -19.19 -13.42 -19.86
C THR A 504 -18.56 -12.17 -20.45
N PHE A 505 -17.91 -12.33 -21.60
CA PHE A 505 -17.24 -11.20 -22.19
C PHE A 505 -18.32 -10.41 -22.92
N LYS A 506 -18.47 -9.15 -22.59
CA LYS A 506 -19.41 -8.28 -23.25
C LYS A 506 -18.78 -7.55 -24.35
N THR A 507 -17.60 -6.97 -24.12
CA THR A 507 -16.81 -6.29 -25.17
C THR A 507 -15.46 -6.95 -25.35
N VAL A 508 -14.79 -6.63 -26.44
CA VAL A 508 -13.51 -7.26 -26.83
C VAL A 508 -12.51 -7.20 -25.69
N LYS A 509 -12.44 -6.05 -25.07
CA LYS A 509 -11.52 -5.83 -23.97
C LYS A 509 -11.70 -6.83 -22.84
N ASP A 510 -12.94 -7.14 -22.53
CA ASP A 510 -13.22 -8.15 -21.51
C ASP A 510 -12.57 -9.51 -21.86
N SER A 511 -12.47 -9.84 -23.14
CA SER A 511 -12.01 -11.20 -23.47
C SER A 511 -10.53 -11.41 -23.30
N LEU A 512 -9.81 -10.31 -23.15
CA LEU A 512 -8.32 -10.39 -23.22
C LEU A 512 -7.75 -10.95 -21.89
N THR A 513 -7.60 -12.27 -21.87
CA THR A 513 -7.45 -13.06 -20.65
C THR A 513 -6.36 -14.14 -20.84
N ASN A 514 -5.72 -14.49 -19.74
CA ASN A 514 -4.73 -15.49 -19.75
C ASN A 514 -5.19 -16.66 -18.94
N TYR A 515 -4.53 -17.79 -19.16
CA TYR A 515 -4.78 -18.98 -18.34
C TYR A 515 -4.31 -18.67 -16.93
N GLU A 516 -5.05 -19.08 -15.92
CA GLU A 516 -4.67 -18.81 -14.58
C GLU A 516 -4.74 -20.13 -13.78
N SER A 517 -3.56 -20.58 -13.29
CA SER A 517 -3.51 -21.76 -12.52
C SER A 517 -4.26 -21.63 -11.20
N ALA A 518 -4.27 -20.42 -10.64
CA ALA A 518 -4.92 -20.17 -9.34
C ALA A 518 -6.42 -20.49 -9.33
N THR A 519 -7.06 -20.51 -10.52
CA THR A 519 -8.52 -20.71 -10.69
C THR A 519 -8.78 -21.89 -11.62
N GLY A 520 -7.75 -22.60 -12.06
CA GLY A 520 -7.95 -23.62 -13.11
C GLY A 520 -8.79 -23.10 -14.28
N ARG A 521 -8.46 -21.94 -14.82
CA ARG A 521 -9.29 -21.25 -15.76
C ARG A 521 -9.62 -22.13 -16.99
N SER A 522 -10.88 -22.19 -17.33
CA SER A 522 -11.24 -22.69 -18.70
C SER A 522 -12.07 -21.59 -19.35
N TRP A 523 -12.41 -21.76 -20.60
CA TRP A 523 -13.22 -20.78 -21.33
C TRP A 523 -14.40 -21.50 -22.00
N ASP A 524 -15.60 -20.91 -21.99
CA ASP A 524 -16.75 -21.45 -22.70
C ASP A 524 -17.01 -20.68 -23.96
N ILE A 525 -17.32 -21.38 -25.04
CA ILE A 525 -17.94 -20.77 -26.21
C ILE A 525 -19.32 -21.32 -26.23
N PHE A 526 -20.32 -20.44 -26.15
CA PHE A 526 -21.69 -20.87 -25.91
C PHE A 526 -22.74 -20.12 -26.71
N ASN A 527 -23.96 -20.69 -26.78
CA ASN A 527 -25.08 -20.05 -27.41
C ASN A 527 -26.05 -19.58 -26.36
N PRO A 528 -26.11 -18.25 -26.13
CA PRO A 528 -26.89 -17.72 -25.04
C PRO A 528 -28.41 -17.68 -25.36
N ASN A 529 -28.77 -18.06 -26.58
CA ASN A 529 -30.15 -18.14 -27.06
C ASN A 529 -30.78 -19.47 -26.78
N LYS A 530 -30.01 -20.44 -26.24
CA LYS A 530 -30.57 -21.77 -25.95
C LYS A 530 -30.28 -22.16 -24.54
N VAL A 531 -30.91 -23.26 -24.11
CA VAL A 531 -30.84 -23.71 -22.74
C VAL A 531 -30.89 -25.22 -22.68
N ASN A 532 -30.04 -25.85 -21.88
CA ASN A 532 -30.12 -27.31 -21.71
C ASN A 532 -31.30 -27.63 -20.84
N PRO A 533 -32.19 -28.58 -21.25
CA PRO A 533 -33.44 -28.74 -20.49
C PRO A 533 -33.27 -29.33 -19.12
N TYR A 534 -32.13 -30.01 -18.87
CA TYR A 534 -31.81 -30.54 -17.55
C TYR A 534 -31.10 -29.50 -16.67
N SER A 535 -29.95 -29.00 -17.11
CA SER A 535 -29.11 -28.18 -16.28
C SER A 535 -29.49 -26.74 -16.26
N GLY A 536 -30.21 -26.27 -17.24
CA GLY A 536 -30.57 -24.85 -17.25
C GLY A 536 -29.48 -23.93 -17.81
N LYS A 537 -28.32 -24.50 -18.20
CA LYS A 537 -27.22 -23.73 -18.73
C LYS A 537 -27.22 -23.72 -20.28
N PRO A 538 -26.55 -22.74 -20.89
CA PRO A 538 -26.44 -22.76 -22.37
C PRO A 538 -25.59 -23.87 -22.87
N PRO A 539 -25.91 -24.40 -24.10
CA PRO A 539 -25.01 -25.35 -24.71
C PRO A 539 -23.68 -24.68 -25.01
N SER A 540 -22.59 -25.41 -24.76
CA SER A 540 -21.26 -24.88 -24.90
C SER A 540 -20.31 -25.98 -25.36
N TYR A 541 -19.23 -25.51 -25.97
CA TYR A 541 -18.00 -26.26 -26.01
C TYR A 541 -17.03 -25.47 -25.09
N LYS A 542 -16.41 -26.20 -24.17
CA LYS A 542 -15.43 -25.66 -23.24
C LYS A 542 -14.00 -25.93 -23.70
N LEU A 543 -13.18 -24.87 -23.75
CA LEU A 543 -11.76 -25.02 -24.01
C LEU A 543 -11.02 -25.37 -22.72
N VAL A 544 -10.39 -26.55 -22.73
CA VAL A 544 -9.59 -27.06 -21.64
C VAL A 544 -8.17 -27.10 -22.18
N SER A 545 -7.40 -26.14 -21.70
CA SER A 545 -6.09 -25.90 -22.23
C SER A 545 -5.17 -25.29 -21.17
N THR A 546 -4.12 -26.01 -20.79
CA THR A 546 -3.20 -25.56 -19.76
C THR A 546 -1.75 -25.27 -20.21
N GLN A 547 -1.41 -25.62 -21.44
CA GLN A 547 -0.13 -25.27 -22.04
C GLN A 547 -0.20 -23.92 -22.66
N CYS A 548 -0.22 -22.92 -21.77
CA CYS A 548 -0.47 -21.54 -22.11
C CYS A 548 0.58 -20.63 -21.49
N PRO A 549 1.78 -20.63 -22.06
CA PRO A 549 2.88 -19.79 -21.62
C PRO A 549 2.55 -18.28 -21.71
N PRO A 550 2.99 -17.47 -20.75
CA PRO A 550 3.04 -16.05 -21.01
C PRO A 550 4.07 -15.78 -22.07
N LEU A 551 3.86 -14.70 -22.80
CA LEU A 551 4.84 -14.29 -23.75
C LEU A 551 5.96 -13.70 -22.94
N LEU A 552 7.17 -14.21 -23.01
CA LEU A 552 8.22 -13.71 -22.12
C LEU A 552 8.88 -12.41 -22.55
N ALA A 553 8.89 -12.15 -23.84
CA ALA A 553 9.35 -10.89 -24.38
C ALA A 553 8.55 -9.72 -23.86
N LYS A 554 9.25 -8.63 -23.57
CA LYS A 554 8.64 -7.52 -22.92
C LYS A 554 7.70 -6.73 -23.78
N GLU A 555 6.85 -5.97 -23.10
CA GLU A 555 5.93 -5.07 -23.77
C GLU A 555 6.71 -4.10 -24.58
N GLY A 556 6.32 -3.88 -25.83
CA GLY A 556 6.97 -2.95 -26.68
C GLY A 556 8.13 -3.60 -27.39
N SER A 557 8.41 -4.86 -27.12
CA SER A 557 9.48 -5.53 -27.84
C SER A 557 9.03 -5.84 -29.23
N LEU A 558 10.00 -6.11 -30.05
CA LEU A 558 9.77 -6.44 -31.41
C LEU A 558 8.87 -7.69 -31.53
N VAL A 559 9.12 -8.66 -30.67
CA VAL A 559 8.28 -9.86 -30.60
C VAL A 559 6.85 -9.55 -30.22
N ALA A 560 6.65 -8.87 -29.10
CA ALA A 560 5.31 -8.47 -28.69
C ALA A 560 4.58 -7.62 -29.73
N LYS A 561 5.30 -6.79 -30.48
CA LYS A 561 4.67 -5.95 -31.50
C LYS A 561 4.22 -6.70 -32.76
N ARG A 562 5.01 -7.65 -33.20
CA ARG A 562 4.75 -8.36 -34.39
C ARG A 562 3.73 -9.50 -34.18
N ALA A 563 3.57 -9.89 -32.92
CA ALA A 563 2.59 -10.87 -32.53
C ALA A 563 1.64 -10.40 -31.37
N PRO A 564 0.75 -9.47 -31.66
CA PRO A 564 -0.18 -8.87 -30.70
C PRO A 564 -1.13 -9.89 -30.03
N TRP A 565 -1.43 -10.96 -30.76
CA TRP A 565 -2.23 -12.04 -30.30
C TRP A 565 -1.57 -12.81 -29.21
N ALA A 566 -0.25 -12.89 -29.26
CA ALA A 566 0.50 -13.81 -28.32
C ALA A 566 0.52 -13.37 -26.87
N SER A 567 0.15 -12.11 -26.59
CA SER A 567 0.30 -11.62 -25.23
C SER A 567 -0.94 -11.92 -24.35
N HIS A 568 -1.96 -12.56 -24.92
CA HIS A 568 -3.05 -13.13 -24.14
C HIS A 568 -3.36 -14.52 -24.58
N SER A 569 -3.77 -15.35 -23.65
CA SER A 569 -4.19 -16.68 -23.98
C SER A 569 -5.41 -16.70 -24.84
N VAL A 570 -6.30 -15.74 -24.62
CA VAL A 570 -7.55 -15.67 -25.30
C VAL A 570 -7.79 -14.22 -25.81
N ASN A 571 -8.25 -14.15 -27.05
CA ASN A 571 -8.61 -12.89 -27.72
C ASN A 571 -9.90 -13.19 -28.46
N VAL A 572 -10.95 -12.46 -28.18
CA VAL A 572 -12.22 -12.63 -28.91
C VAL A 572 -12.63 -11.32 -29.56
N VAL A 573 -12.85 -11.37 -30.86
CA VAL A 573 -13.17 -10.19 -31.69
C VAL A 573 -14.44 -10.45 -32.53
N PRO A 574 -15.14 -9.39 -33.00
CA PRO A 574 -16.24 -9.64 -33.93
C PRO A 574 -15.74 -10.29 -35.20
N TYR A 575 -16.59 -11.14 -35.77
CA TYR A 575 -16.35 -11.70 -37.06
C TYR A 575 -16.39 -10.59 -38.10
N LYS A 576 -15.46 -10.61 -39.05
CA LYS A 576 -15.65 -9.98 -40.31
C LYS A 576 -14.96 -10.87 -41.30
N ASP A 577 -15.37 -10.77 -42.58
CA ASP A 577 -14.68 -11.50 -43.64
C ASP A 577 -13.18 -11.23 -43.69
N ASN A 578 -12.44 -12.21 -44.08
CA ASN A 578 -10.99 -12.07 -44.24
C ASN A 578 -10.25 -11.68 -42.97
N ARG A 579 -10.75 -12.13 -41.81
CA ARG A 579 -10.03 -11.96 -40.54
C ARG A 579 -9.39 -13.29 -40.18
N LEU A 580 -8.39 -13.67 -40.98
CA LEU A 580 -7.73 -14.99 -40.80
C LEU A 580 -6.45 -14.92 -40.02
N TYR A 581 -5.59 -13.97 -40.36
CA TYR A 581 -4.20 -13.99 -39.92
C TYR A 581 -3.82 -12.87 -38.95
N PRO A 582 -3.67 -13.19 -37.67
CA PRO A 582 -3.59 -12.20 -36.61
C PRO A 582 -2.30 -11.34 -36.51
N SER A 583 -1.27 -11.66 -37.29
CA SER A 583 -0.06 -10.81 -37.39
C SER A 583 -0.08 -10.15 -38.78
N GLY A 584 -1.24 -10.19 -39.41
CA GLY A 584 -1.43 -9.51 -40.70
C GLY A 584 -1.28 -10.43 -41.88
N ASP A 585 -1.63 -9.91 -43.07
CA ASP A 585 -1.60 -10.67 -44.29
C ASP A 585 -0.20 -11.02 -44.85
N HIS A 586 0.69 -10.06 -44.76
CA HIS A 586 2.07 -10.20 -45.20
C HIS A 586 3.03 -9.96 -44.04
N VAL A 587 3.48 -11.04 -43.47
CA VAL A 587 4.16 -10.99 -42.21
C VAL A 587 5.66 -10.65 -42.28
N PRO A 588 6.43 -11.31 -43.17
CA PRO A 588 7.85 -10.93 -43.09
C PRO A 588 8.20 -9.44 -43.19
N GLN A 589 9.11 -8.99 -42.33
CA GLN A 589 9.68 -7.64 -42.28
C GLN A 589 8.74 -6.54 -41.83
N TRP A 590 7.54 -6.86 -41.40
CA TRP A 590 6.74 -5.93 -40.65
C TRP A 590 7.35 -5.64 -39.30
N SER A 591 7.46 -4.35 -38.97
CA SER A 591 8.04 -3.90 -37.73
C SER A 591 7.16 -4.18 -36.52
N GLY A 592 5.88 -4.45 -36.76
CA GLY A 592 4.93 -4.54 -35.71
C GLY A 592 4.27 -3.23 -35.33
N ASP A 593 4.59 -2.18 -36.07
CA ASP A 593 3.95 -0.87 -35.90
C ASP A 593 2.83 -0.82 -36.91
N GLY A 594 1.63 -0.50 -36.42
CA GLY A 594 0.46 -0.26 -37.23
C GLY A 594 -0.77 -0.99 -36.81
N VAL A 595 -1.89 -0.57 -37.34
CA VAL A 595 -3.16 -1.14 -36.97
C VAL A 595 -3.48 -2.19 -38.05
N ARG A 596 -3.07 -3.41 -37.81
CA ARG A 596 -3.41 -4.51 -38.72
C ARG A 596 -3.52 -5.79 -37.90
N GLY A 597 -4.10 -6.83 -38.50
CA GLY A 597 -4.21 -8.09 -37.80
C GLY A 597 -4.97 -7.95 -36.47
N MET A 598 -4.55 -8.73 -35.45
CA MET A 598 -5.24 -8.70 -34.17
C MET A 598 -5.33 -7.29 -33.59
N ARG A 599 -4.32 -6.44 -33.85
CA ARG A 599 -4.35 -5.10 -33.26
C ARG A 599 -5.52 -4.32 -33.86
N GLU A 600 -5.73 -4.47 -35.17
CA GLU A 600 -6.90 -3.88 -35.83
C GLU A 600 -8.22 -4.42 -35.34
N TRP A 601 -8.32 -5.74 -35.15
CA TRP A 601 -9.57 -6.38 -34.81
C TRP A 601 -9.97 -6.00 -33.39
N ILE A 602 -8.97 -5.83 -32.53
CA ILE A 602 -9.23 -5.43 -31.13
C ILE A 602 -9.72 -3.98 -31.11
N GLY A 603 -9.09 -3.12 -31.90
CA GLY A 603 -9.50 -1.71 -32.02
C GLY A 603 -9.34 -1.08 -30.65
N ASP A 604 -10.37 -0.35 -30.23
CA ASP A 604 -10.31 0.32 -28.99
C ASP A 604 -10.89 -0.55 -27.94
N GLY A 605 -11.21 -1.82 -28.24
CA GLY A 605 -11.63 -2.76 -27.16
C GLY A 605 -13.13 -2.73 -26.89
N SER A 606 -13.89 -1.83 -27.55
CA SER A 606 -15.23 -1.51 -27.04
C SER A 606 -16.32 -2.24 -27.82
N GLU A 607 -16.03 -2.88 -28.94
CA GLU A 607 -17.09 -3.51 -29.75
C GLU A 607 -17.63 -4.76 -29.07
N ASN A 608 -18.92 -4.96 -29.27
CA ASN A 608 -19.69 -6.05 -28.68
C ASN A 608 -19.28 -7.42 -29.18
N ILE A 609 -19.19 -8.36 -28.26
CA ILE A 609 -18.93 -9.73 -28.63
C ILE A 609 -19.86 -10.70 -27.89
N ASP A 610 -20.96 -10.16 -27.38
CA ASP A 610 -21.94 -10.95 -26.69
C ASP A 610 -23.12 -11.24 -27.64
N ASN A 611 -23.38 -12.53 -27.89
CA ASN A 611 -24.47 -13.00 -28.69
C ASN A 611 -24.37 -12.44 -30.11
N THR A 612 -23.27 -12.73 -30.78
CA THR A 612 -23.12 -12.21 -32.10
C THR A 612 -22.23 -13.19 -32.82
N ASP A 613 -21.73 -12.79 -33.99
CA ASP A 613 -20.80 -13.61 -34.70
C ASP A 613 -19.38 -13.23 -34.23
N ILE A 614 -18.69 -14.18 -33.62
CA ILE A 614 -17.35 -13.89 -32.98
C ILE A 614 -16.24 -14.77 -33.58
N LEU A 615 -14.98 -14.42 -33.32
CA LEU A 615 -13.76 -15.21 -33.67
C LEU A 615 -12.97 -15.25 -32.37
N PHE A 616 -12.59 -16.46 -31.98
CA PHE A 616 -11.97 -16.74 -30.70
C PHE A 616 -10.55 -17.29 -31.06
N PHE A 617 -9.53 -16.50 -30.77
CA PHE A 617 -8.15 -16.82 -31.02
C PHE A 617 -7.45 -17.23 -29.72
N HIS A 618 -6.90 -18.45 -29.68
CA HIS A 618 -6.29 -18.97 -28.47
C HIS A 618 -4.81 -19.12 -28.63
N THR A 619 -4.05 -18.60 -27.68
CA THR A 619 -2.58 -18.66 -27.72
C THR A 619 -2.17 -19.76 -26.77
N PHE A 620 -1.42 -20.74 -27.28
CA PHE A 620 -0.98 -21.89 -26.47
C PHE A 620 0.41 -22.30 -27.00
N GLY A 621 1.12 -23.21 -26.29
CA GLY A 621 2.44 -23.64 -26.70
C GLY A 621 3.31 -24.00 -25.51
N ILE A 622 4.64 -23.92 -25.69
CA ILE A 622 5.57 -24.34 -24.66
C ILE A 622 6.70 -23.39 -24.64
N THR A 623 7.39 -23.41 -23.51
CA THR A 623 8.69 -22.74 -23.39
C THR A 623 9.81 -23.83 -23.33
N HIS A 624 10.76 -23.75 -24.25
CA HIS A 624 11.79 -24.78 -24.46
C HIS A 624 13.15 -24.27 -23.96
N PHE A 625 13.62 -24.88 -22.90
CA PHE A 625 15.02 -24.72 -22.41
C PHE A 625 15.77 -25.99 -22.87
N PRO A 626 16.64 -25.89 -23.90
CA PRO A 626 17.23 -27.13 -24.44
C PRO A 626 18.09 -27.86 -23.46
N ALA A 627 18.13 -29.18 -23.64
CA ALA A 627 19.04 -30.03 -22.91
C ALA A 627 19.64 -30.98 -23.88
N PRO A 628 20.73 -31.65 -23.47
CA PRO A 628 21.41 -32.61 -24.38
C PRO A 628 20.52 -33.77 -24.89
N GLU A 629 19.53 -34.20 -24.13
CA GLU A 629 18.46 -35.14 -24.65
C GLU A 629 17.86 -34.71 -25.98
N ASP A 630 17.85 -33.39 -26.24
CA ASP A 630 17.25 -32.86 -27.47
C ASP A 630 18.16 -32.92 -28.72
N PHE A 631 19.37 -33.37 -28.53
CA PHE A 631 20.46 -33.26 -29.53
C PHE A 631 21.01 -34.65 -29.79
N PRO A 632 21.42 -34.92 -31.04
CA PRO A 632 21.39 -34.14 -32.26
C PRO A 632 20.02 -34.05 -32.94
N LEU A 633 19.08 -34.86 -32.49
CA LEU A 633 17.75 -34.92 -33.05
C LEU A 633 16.86 -35.04 -31.84
N MET A 634 15.73 -34.37 -31.86
CA MET A 634 14.94 -34.32 -30.68
C MET A 634 13.72 -35.22 -30.56
N PRO A 635 13.57 -35.81 -29.40
CA PRO A 635 12.45 -36.65 -29.09
C PRO A 635 11.19 -35.84 -29.05
N ALA A 636 10.10 -36.39 -29.56
CA ALA A 636 8.85 -35.68 -29.71
C ALA A 636 8.38 -35.01 -28.40
N GLU A 637 8.06 -33.77 -28.41
CA GLU A 637 7.48 -33.16 -27.20
C GLU A 637 6.02 -32.83 -27.46
N PRO A 638 5.12 -33.30 -26.61
CA PRO A 638 3.68 -33.14 -26.79
C PRO A 638 3.09 -31.83 -26.30
N ILE A 639 2.10 -31.35 -27.05
CA ILE A 639 1.30 -30.21 -26.72
C ILE A 639 -0.15 -30.63 -27.05
N THR A 640 -1.11 -30.26 -26.19
CA THR A 640 -2.51 -30.57 -26.47
C THR A 640 -3.47 -29.52 -25.90
N LEU A 641 -4.65 -29.48 -26.49
CA LEU A 641 -5.77 -28.70 -26.00
C LEU A 641 -7.01 -29.44 -26.41
N MET A 642 -8.10 -29.21 -25.71
CA MET A 642 -9.34 -29.90 -26.03
C MET A 642 -10.52 -28.96 -25.93
N LEU A 643 -11.51 -29.22 -26.78
CA LEU A 643 -12.83 -28.56 -26.77
C LEU A 643 -13.88 -29.64 -26.52
N ARG A 644 -14.54 -29.54 -25.37
CA ARG A 644 -15.43 -30.56 -24.86
C ARG A 644 -16.82 -30.03 -24.78
N PRO A 645 -17.80 -30.85 -25.16
CA PRO A 645 -19.18 -30.46 -25.00
C PRO A 645 -19.58 -30.43 -23.54
N ARG A 646 -20.12 -29.31 -23.06
CA ARG A 646 -20.63 -29.19 -21.74
C ARG A 646 -21.98 -28.47 -21.79
N HIS A 647 -23.02 -29.16 -21.34
CA HIS A 647 -24.43 -28.66 -21.45
C HIS A 647 -24.90 -28.62 -22.92
N PHE A 648 -24.12 -29.22 -23.80
CA PHE A 648 -24.53 -29.34 -25.18
C PHE A 648 -25.55 -30.48 -25.35
N PHE A 649 -25.18 -31.64 -24.83
CA PHE A 649 -26.04 -32.81 -24.84
C PHE A 649 -26.75 -32.89 -23.49
N THR A 650 -27.82 -33.65 -23.46
CA THR A 650 -28.54 -33.89 -22.26
C THR A 650 -28.15 -35.19 -21.60
N GLU A 651 -27.34 -35.99 -22.29
CA GLU A 651 -26.64 -37.09 -21.64
C GLU A 651 -25.43 -37.52 -22.45
N ASN A 652 -24.62 -38.40 -21.88
CA ASN A 652 -23.45 -38.94 -22.52
C ASN A 652 -23.78 -39.44 -23.94
N PRO A 653 -23.18 -38.83 -24.97
CA PRO A 653 -23.58 -39.15 -26.36
C PRO A 653 -23.11 -40.49 -26.90
N GLY A 654 -22.20 -41.16 -26.21
CA GLY A 654 -21.67 -42.39 -26.69
C GLY A 654 -22.35 -43.68 -26.22
N LEU A 655 -23.43 -43.58 -25.47
CA LEU A 655 -24.08 -44.77 -24.84
C LEU A 655 -24.75 -45.73 -25.81
N ASP A 656 -25.02 -45.29 -27.06
CA ASP A 656 -25.56 -46.16 -28.10
C ASP A 656 -24.51 -46.94 -28.88
N ILE A 657 -23.23 -46.86 -28.47
CA ILE A 657 -22.09 -47.54 -29.12
C ILE A 657 -22.04 -48.92 -28.42
N GLN A 658 -21.78 -49.97 -29.17
CA GLN A 658 -21.91 -51.33 -28.56
C GLN A 658 -20.82 -51.50 -27.56
N PRO A 659 -21.15 -51.96 -26.34
CA PRO A 659 -20.04 -52.19 -25.38
C PRO A 659 -19.15 -53.29 -25.87
N SER A 660 -17.88 -53.30 -25.46
CA SER A 660 -17.06 -54.48 -25.59
C SER A 660 -17.47 -55.58 -24.61
N TYR A 661 -17.97 -55.22 -23.45
CA TYR A 661 -18.43 -56.20 -22.51
C TYR A 661 -19.53 -55.54 -21.70
N ALA A 662 -20.61 -56.30 -21.45
CA ALA A 662 -21.73 -55.85 -20.65
C ALA A 662 -22.39 -57.06 -20.01
N MET A 663 -22.53 -56.99 -18.68
CA MET A 663 -23.28 -57.98 -17.92
C MET A 663 -24.10 -57.23 -16.90
N THR A 664 -25.41 -57.44 -16.92
CA THR A 664 -26.28 -56.81 -15.95
C THR A 664 -26.31 -57.63 -14.66
N THR A 665 -26.92 -57.07 -13.63
CA THR A 665 -26.99 -57.72 -12.36
C THR A 665 -27.79 -59.02 -12.40
N SER A 666 -28.89 -59.02 -13.15
CA SER A 666 -29.68 -60.23 -13.35
C SER A 666 -28.93 -61.26 -14.15
N GLU A 667 -28.25 -60.83 -15.19
CA GLU A 667 -27.43 -61.79 -15.93
C GLU A 667 -26.32 -62.40 -15.02
N ALA A 668 -25.70 -61.61 -14.17
CA ALA A 668 -24.68 -62.15 -13.30
C ALA A 668 -25.26 -63.23 -12.38
N LYS A 669 -26.44 -62.98 -11.84
CA LYS A 669 -27.04 -63.95 -10.93
C LYS A 669 -27.41 -65.24 -11.66
N ARG A 670 -27.90 -65.16 -12.90
CA ARG A 670 -28.24 -66.36 -13.68
C ARG A 670 -27.03 -67.16 -14.09
N ALA A 671 -25.86 -66.54 -14.26
CA ALA A 671 -24.66 -67.33 -14.56
C ALA A 671 -24.19 -68.04 -13.31
N VAL A 672 -25.13 -68.37 -12.41
CA VAL A 672 -24.86 -68.91 -11.07
C VAL A 672 -24.14 -67.81 -10.30
N SER B 15 2.42 -71.16 5.23
CA SER B 15 3.59 -72.07 5.14
C SER B 15 4.42 -71.95 6.47
N ALA B 16 5.21 -73.00 6.81
CA ALA B 16 5.70 -73.29 8.15
C ALA B 16 7.17 -73.65 8.28
N ALA B 17 8.11 -72.80 7.83
CA ALA B 17 7.92 -71.38 7.41
C ALA B 17 7.61 -71.29 5.91
N PRO B 18 7.03 -70.13 5.47
CA PRO B 18 6.81 -70.03 4.00
C PRO B 18 8.10 -69.99 3.18
N ALA B 19 8.07 -70.64 2.01
CA ALA B 19 9.04 -70.40 0.96
C ALA B 19 9.16 -68.89 0.80
N ARG B 20 10.38 -68.40 0.78
CA ARG B 20 10.51 -66.99 0.69
C ARG B 20 10.47 -66.63 -0.78
N PRO B 21 10.00 -65.42 -1.14
CA PRO B 21 9.82 -65.01 -2.49
C PRO B 21 11.13 -64.90 -3.28
N ALA B 22 10.98 -64.96 -4.60
CA ALA B 22 12.03 -64.60 -5.53
C ALA B 22 12.71 -63.26 -5.17
N HIS B 23 11.98 -62.25 -4.71
CA HIS B 23 12.54 -60.89 -4.60
C HIS B 23 11.99 -60.26 -3.35
N PRO B 24 12.84 -59.62 -2.55
CA PRO B 24 12.35 -58.99 -1.30
C PRO B 24 11.13 -58.02 -1.36
N LEU B 25 10.85 -57.50 -2.54
CA LEU B 25 9.75 -56.58 -2.70
C LEU B 25 8.54 -57.23 -3.29
N ASP B 26 8.58 -58.53 -3.49
CA ASP B 26 7.37 -59.23 -3.98
C ASP B 26 6.25 -59.13 -2.96
N PRO B 27 5.05 -58.96 -3.44
CA PRO B 27 3.94 -58.96 -2.47
C PRO B 27 3.80 -60.29 -1.68
N LEU B 28 3.15 -60.27 -0.52
CA LEU B 28 2.90 -61.55 0.18
C LEU B 28 2.15 -62.52 -0.70
N SER B 29 2.66 -63.74 -0.87
CA SER B 29 1.91 -64.82 -1.49
C SER B 29 0.67 -65.22 -0.61
N THR B 30 -0.25 -66.00 -1.17
CA THR B 30 -1.38 -66.50 -0.40
C THR B 30 -0.88 -67.35 0.78
N ALA B 31 0.16 -68.15 0.60
CA ALA B 31 0.71 -68.90 1.70
C ALA B 31 1.25 -68.01 2.78
N GLU B 32 1.93 -66.92 2.40
CA GLU B 32 2.46 -66.00 3.40
C GLU B 32 1.36 -65.30 4.17
N ILE B 33 0.28 -64.98 3.49
CA ILE B 33 -0.85 -64.29 4.13
C ILE B 33 -1.49 -65.15 5.24
N LYS B 34 -1.74 -66.40 4.88
CA LYS B 34 -2.22 -67.44 5.79
C LYS B 34 -1.28 -67.74 6.95
N ALA B 35 0.00 -67.88 6.67
CA ALA B 35 0.99 -67.97 7.77
C ALA B 35 0.97 -66.80 8.77
N ALA B 36 0.87 -65.59 8.21
CA ALA B 36 0.74 -64.35 9.01
C ALA B 36 -0.55 -64.36 9.86
N THR B 37 -1.68 -64.73 9.27
CA THR B 37 -2.90 -64.69 10.06
C THR B 37 -2.95 -65.82 11.11
N ASN B 38 -2.38 -66.98 10.80
CA ASN B 38 -2.29 -68.06 11.80
C ASN B 38 -1.41 -67.62 12.89
N THR B 39 -0.38 -66.86 12.55
CA THR B 39 0.60 -66.44 13.58
C THR B 39 -0.10 -65.50 14.51
N VAL B 40 -0.79 -64.53 13.94
CA VAL B 40 -1.55 -63.53 14.77
C VAL B 40 -2.71 -64.18 15.57
N LYS B 41 -3.46 -65.04 14.92
CA LYS B 41 -4.51 -65.76 15.67
C LYS B 41 -3.98 -66.46 16.92
N SER B 42 -2.83 -67.09 16.81
CA SER B 42 -2.24 -67.84 17.90
C SER B 42 -1.78 -66.89 19.00
N TYR B 43 -1.15 -65.79 18.60
CA TYR B 43 -0.68 -64.79 19.58
C TYR B 43 -1.88 -64.22 20.35
N PHE B 44 -2.99 -64.00 19.68
CA PHE B 44 -4.24 -63.54 20.33
C PHE B 44 -5.24 -64.72 20.63
N ALA B 45 -4.73 -65.92 20.93
CA ALA B 45 -5.66 -67.08 21.19
C ALA B 45 -6.57 -66.78 22.34
N GLY B 46 -7.83 -67.12 22.18
CA GLY B 46 -8.81 -66.88 23.24
C GLY B 46 -9.51 -65.56 23.04
N LYS B 47 -9.10 -64.77 22.03
CA LYS B 47 -9.76 -63.52 21.67
C LYS B 47 -10.44 -63.63 20.34
N LYS B 48 -11.53 -62.90 20.18
CA LYS B 48 -12.30 -62.87 18.94
C LYS B 48 -11.85 -61.68 18.09
N ILE B 49 -11.09 -61.98 17.04
CA ILE B 49 -10.47 -60.95 16.22
C ILE B 49 -10.84 -61.10 14.78
N SER B 50 -10.72 -60.05 14.02
CA SER B 50 -10.87 -60.12 12.57
C SER B 50 -9.82 -59.24 11.88
N PHE B 51 -9.54 -59.59 10.65
CA PHE B 51 -8.41 -59.10 9.96
C PHE B 51 -8.94 -57.96 9.10
N ASN B 52 -8.29 -56.81 9.20
CA ASN B 52 -8.54 -55.68 8.36
C ASN B 52 -7.47 -55.58 7.26
N THR B 53 -6.21 -55.85 7.59
CA THR B 53 -5.10 -55.69 6.64
C THR B 53 -4.02 -56.68 6.95
N VAL B 54 -3.54 -57.37 5.93
CA VAL B 54 -2.34 -58.23 6.05
C VAL B 54 -1.53 -58.00 4.79
N THR B 55 -0.41 -57.32 4.94
CA THR B 55 0.36 -56.85 3.78
C THR B 55 1.85 -56.87 4.06
N LEU B 56 2.63 -56.84 2.99
CA LEU B 56 4.06 -56.82 3.07
C LEU B 56 4.45 -55.56 3.84
N ARG B 57 5.35 -55.72 4.82
CA ARG B 57 6.12 -54.55 5.35
C ARG B 57 7.39 -54.54 4.58
N GLU B 58 7.45 -53.63 3.62
CA GLU B 58 8.61 -53.50 2.79
C GLU B 58 9.88 -53.23 3.60
N PRO B 59 11.00 -53.78 3.17
CA PRO B 59 12.28 -53.52 3.81
C PRO B 59 12.60 -52.06 3.86
N ALA B 60 13.38 -51.67 4.84
CA ALA B 60 13.88 -50.32 4.86
C ALA B 60 14.70 -50.00 3.60
N ARG B 61 14.63 -48.75 3.16
CA ARG B 61 15.29 -48.34 1.93
C ARG B 61 16.77 -48.72 1.96
N LYS B 62 17.45 -48.39 3.06
CA LYS B 62 18.88 -48.71 3.25
C LYS B 62 19.14 -50.22 3.13
N ALA B 63 18.39 -51.00 3.89
CA ALA B 63 18.50 -52.43 3.83
C ALA B 63 18.29 -52.99 2.42
N TYR B 64 17.31 -52.50 1.71
CA TYR B 64 17.05 -52.94 0.36
C TYR B 64 18.23 -52.65 -0.58
N ILE B 65 18.69 -51.41 -0.56
CA ILE B 65 19.76 -50.95 -1.47
C ILE B 65 21.07 -51.67 -1.21
N GLN B 66 21.34 -51.82 0.07
CA GLN B 66 22.46 -52.60 0.52
C GLN B 66 22.43 -54.07 0.06
N TRP B 67 21.26 -54.69 0.14
CA TRP B 67 21.06 -56.03 -0.32
C TRP B 67 21.21 -56.06 -1.86
N LYS B 68 20.59 -55.11 -2.55
CA LYS B 68 20.61 -55.11 -4.00
C LYS B 68 21.95 -54.77 -4.61
N GLU B 69 22.70 -53.84 -4.02
CA GLU B 69 23.86 -53.23 -4.72
C GLU B 69 25.14 -53.40 -3.97
N GLN B 70 25.11 -53.92 -2.77
CA GLN B 70 26.34 -53.92 -1.96
C GLN B 70 26.56 -55.26 -1.29
N GLY B 71 25.90 -56.29 -1.79
CA GLY B 71 26.05 -57.61 -1.22
C GLY B 71 25.71 -57.70 0.24
N GLY B 72 24.76 -56.85 0.64
CA GLY B 72 24.31 -56.74 2.05
C GLY B 72 23.38 -57.79 2.58
N PRO B 73 23.07 -57.72 3.88
CA PRO B 73 22.09 -58.63 4.51
C PRO B 73 20.78 -58.80 3.75
N LEU B 74 20.24 -60.00 3.77
CA LEU B 74 18.89 -60.25 3.23
C LEU B 74 17.89 -59.67 4.20
N PRO B 75 17.05 -58.72 3.77
CA PRO B 75 16.14 -58.17 4.74
C PRO B 75 15.10 -59.20 5.17
N PRO B 76 14.72 -59.15 6.43
CA PRO B 76 13.72 -60.08 6.79
C PRO B 76 12.38 -59.84 6.07
N ARG B 77 11.72 -60.96 5.86
CA ARG B 77 10.40 -61.02 5.29
C ARG B 77 9.32 -60.85 6.38
N LEU B 78 8.67 -59.67 6.32
CA LEU B 78 7.76 -59.19 7.34
C LEU B 78 6.38 -58.87 6.77
N ALA B 79 5.40 -59.15 7.60
CA ALA B 79 4.03 -58.85 7.32
C ALA B 79 3.51 -57.91 8.35
N TYR B 80 2.89 -56.87 7.85
CA TYR B 80 2.15 -55.87 8.62
C TYR B 80 0.68 -56.24 8.64
N TYR B 81 0.14 -56.33 9.86
CA TYR B 81 -1.25 -56.58 10.06
C TYR B 81 -1.94 -55.50 10.83
N VAL B 82 -3.26 -55.40 10.57
CA VAL B 82 -4.21 -54.61 11.38
C VAL B 82 -5.42 -55.51 11.69
N ILE B 83 -5.76 -55.61 12.96
CA ILE B 83 -6.89 -56.38 13.40
C ILE B 83 -7.84 -55.52 14.27
N LEU B 84 -9.09 -55.98 14.36
CA LEU B 84 -10.10 -55.47 15.29
C LEU B 84 -10.39 -56.61 16.24
N GLU B 85 -10.82 -56.23 17.42
CA GLU B 85 -11.26 -57.19 18.39
C GLU B 85 -12.64 -56.79 18.92
N ALA B 86 -13.57 -57.73 18.89
CA ALA B 86 -14.92 -57.54 19.42
C ALA B 86 -14.87 -57.01 20.80
N GLY B 87 -15.63 -55.94 21.01
CA GLY B 87 -15.70 -55.29 22.31
C GLY B 87 -14.52 -54.40 22.64
N LYS B 88 -13.58 -54.20 21.72
CA LYS B 88 -12.45 -53.30 22.01
C LYS B 88 -12.49 -52.17 21.01
N PRO B 89 -12.18 -50.93 21.44
CA PRO B 89 -12.26 -49.76 20.50
C PRO B 89 -11.01 -49.73 19.60
N GLY B 90 -11.13 -49.16 18.39
CA GLY B 90 -10.03 -48.99 17.51
C GLY B 90 -9.51 -50.28 16.94
N VAL B 91 -8.20 -50.37 16.89
CA VAL B 91 -7.51 -51.50 16.25
C VAL B 91 -6.27 -51.91 17.00
N LYS B 92 -5.69 -53.02 16.55
CA LYS B 92 -4.36 -53.40 16.95
C LYS B 92 -3.61 -53.61 15.69
N GLU B 93 -2.33 -53.26 15.71
CA GLU B 93 -1.48 -53.50 14.57
C GLU B 93 -0.16 -54.04 15.01
N GLY B 94 0.58 -54.61 14.08
CA GLY B 94 1.93 -55.05 14.33
C GLY B 94 2.59 -55.72 13.10
N LEU B 95 3.66 -56.43 13.41
CA LEU B 95 4.51 -57.09 12.43
C LEU B 95 4.72 -58.58 12.78
N VAL B 96 4.59 -59.43 11.78
CA VAL B 96 4.95 -60.83 11.90
C VAL B 96 6.25 -61.08 11.13
N ASP B 97 7.16 -61.76 11.77
CA ASP B 97 8.36 -62.22 11.08
C ASP B 97 8.01 -63.56 10.49
N LEU B 98 7.95 -63.65 9.18
CA LEU B 98 7.50 -64.93 8.55
C LEU B 98 8.45 -66.15 8.72
N ALA B 99 9.77 -65.95 8.72
CA ALA B 99 10.70 -67.08 8.84
C ALA B 99 10.58 -67.75 10.23
N SER B 100 10.24 -67.04 11.30
CA SER B 100 10.10 -67.66 12.62
C SER B 100 8.66 -67.79 13.05
N LEU B 101 7.73 -67.39 12.19
CA LEU B 101 6.27 -67.40 12.51
C LEU B 101 5.97 -66.79 13.85
N SER B 102 6.49 -65.59 14.06
CA SER B 102 6.21 -64.89 15.29
C SER B 102 5.90 -63.41 15.13
N VAL B 103 5.15 -62.98 16.13
CA VAL B 103 4.78 -61.58 16.22
C VAL B 103 5.95 -60.89 16.88
N ILE B 104 6.51 -59.88 16.23
CA ILE B 104 7.70 -59.21 16.74
C ILE B 104 7.42 -57.74 17.14
N GLU B 105 6.29 -57.20 16.75
CA GLU B 105 5.94 -55.86 17.20
C GLU B 105 4.43 -55.86 17.26
N THR B 106 3.85 -55.11 18.18
CA THR B 106 2.40 -55.10 18.33
C THR B 106 1.97 -53.87 19.13
N ARG B 107 0.89 -53.18 18.76
CA ARG B 107 0.33 -52.20 19.64
C ARG B 107 -1.14 -51.95 19.41
N ALA B 108 -1.75 -51.38 20.44
CA ALA B 108 -3.14 -51.13 20.44
C ALA B 108 -3.35 -49.64 20.17
N LEU B 109 -4.22 -49.35 19.19
CA LEU B 109 -4.51 -47.99 18.83
C LEU B 109 -6.01 -47.79 19.01
N GLU B 110 -6.41 -47.36 20.19
CA GLU B 110 -7.86 -47.32 20.56
C GLU B 110 -8.66 -46.14 20.03
N THR B 111 -7.97 -45.20 19.41
CA THR B 111 -8.59 -43.97 18.97
C THR B 111 -8.39 -43.72 17.49
N VAL B 112 -8.17 -44.75 16.71
CA VAL B 112 -8.16 -44.64 15.23
C VAL B 112 -9.20 -45.61 14.61
N GLN B 113 -9.50 -45.43 13.33
CA GLN B 113 -10.30 -46.39 12.59
C GLN B 113 -9.64 -46.74 11.26
N PRO B 114 -9.77 -47.98 10.79
CA PRO B 114 -9.02 -48.35 9.57
C PRO B 114 -9.79 -48.35 8.28
N ILE B 115 -9.05 -48.56 7.22
CA ILE B 115 -9.58 -48.70 5.89
C ILE B 115 -10.77 -49.69 5.79
N LEU B 116 -11.71 -49.36 4.91
CA LEU B 116 -12.89 -50.16 4.69
C LEU B 116 -12.65 -51.12 3.51
N THR B 117 -12.77 -52.41 3.79
CA THR B 117 -12.55 -53.48 2.80
C THR B 117 -13.87 -53.71 2.05
N VAL B 118 -13.82 -54.48 0.97
CA VAL B 118 -15.01 -54.76 0.18
C VAL B 118 -16.11 -55.44 0.99
N GLU B 119 -15.70 -56.37 1.83
CA GLU B 119 -16.60 -57.02 2.75
C GLU B 119 -17.35 -55.96 3.55
N ASP B 120 -16.62 -54.96 4.05
CA ASP B 120 -17.20 -53.86 4.87
C ASP B 120 -18.18 -53.04 4.03
N LEU B 121 -17.85 -52.77 2.78
CA LEU B 121 -18.84 -52.09 1.92
C LEU B 121 -20.11 -52.96 1.70
N CYS B 122 -19.94 -54.28 1.57
CA CYS B 122 -21.04 -55.16 1.25
C CYS B 122 -22.01 -55.43 2.42
N SER B 123 -21.59 -55.22 3.64
CA SER B 123 -22.44 -55.59 4.80
C SER B 123 -23.57 -54.58 5.18
N THR B 124 -23.44 -53.33 4.75
CA THR B 124 -24.30 -52.25 5.21
C THR B 124 -25.71 -52.34 4.70
N GLU B 125 -25.91 -52.89 3.50
CA GLU B 125 -27.26 -52.92 2.95
C GLU B 125 -28.23 -53.73 3.76
N GLU B 126 -27.80 -54.89 4.19
CA GLU B 126 -28.67 -55.71 5.04
C GLU B 126 -29.00 -55.03 6.39
N VAL B 127 -28.05 -54.29 6.93
CA VAL B 127 -28.27 -53.59 8.13
C VAL B 127 -29.37 -52.55 7.98
N ILE B 128 -29.30 -51.70 6.95
CA ILE B 128 -30.26 -50.61 6.85
C ILE B 128 -31.62 -51.08 6.37
N ARG B 129 -31.65 -52.11 5.52
CA ARG B 129 -32.91 -52.64 5.03
C ARG B 129 -33.78 -53.18 6.18
N ASN B 130 -33.15 -53.65 7.26
CA ASN B 130 -33.86 -54.30 8.38
C ASN B 130 -34.03 -53.39 9.58
N ASP B 131 -33.57 -52.16 9.50
CA ASP B 131 -33.65 -51.25 10.64
C ASP B 131 -34.94 -50.49 10.63
N PRO B 132 -35.71 -50.53 11.73
CA PRO B 132 -37.02 -49.94 11.74
C PRO B 132 -36.99 -48.44 11.46
N ALA B 133 -36.02 -47.69 11.99
CA ALA B 133 -36.04 -46.26 11.73
C ALA B 133 -35.70 -45.94 10.26
N VAL B 134 -34.85 -46.74 9.62
CA VAL B 134 -34.61 -46.54 8.23
C VAL B 134 -35.85 -46.85 7.46
N ILE B 135 -36.54 -47.96 7.79
CA ILE B 135 -37.76 -48.35 7.06
C ILE B 135 -38.76 -47.19 7.10
N GLU B 136 -38.87 -46.62 8.28
CA GLU B 136 -39.78 -45.50 8.44
C GLU B 136 -39.42 -44.35 7.52
N GLN B 137 -38.12 -44.06 7.34
CA GLN B 137 -37.77 -42.91 6.46
C GLN B 137 -38.00 -43.23 5.00
N CYS B 138 -37.87 -44.49 4.66
CA CYS B 138 -38.19 -44.94 3.33
C CYS B 138 -39.68 -44.73 3.00
N VAL B 139 -40.53 -45.04 3.96
CA VAL B 139 -41.93 -44.90 3.77
C VAL B 139 -42.30 -43.42 3.69
N LEU B 140 -41.71 -42.56 4.55
CA LEU B 140 -41.97 -41.12 4.45
C LEU B 140 -41.52 -40.60 3.10
N SER B 141 -40.51 -41.23 2.51
CA SER B 141 -39.95 -40.83 1.23
C SER B 141 -40.71 -41.42 0.07
N GLY B 142 -41.68 -42.29 0.35
CA GLY B 142 -42.55 -42.83 -0.71
C GLY B 142 -42.22 -44.24 -1.22
N ILE B 143 -41.45 -44.98 -0.45
CA ILE B 143 -41.18 -46.38 -0.76
C ILE B 143 -41.89 -47.21 0.33
N PRO B 144 -42.80 -48.11 -0.10
CA PRO B 144 -43.52 -48.93 0.86
C PRO B 144 -42.61 -49.85 1.64
N ALA B 145 -43.01 -50.09 2.89
CA ALA B 145 -42.25 -50.94 3.79
C ALA B 145 -41.91 -52.27 3.19
N ASN B 146 -42.76 -52.82 2.35
CA ASN B 146 -42.44 -54.09 1.72
C ASN B 146 -41.61 -53.99 0.42
N GLU B 147 -41.02 -52.84 0.09
CA GLU B 147 -40.09 -52.74 -1.06
C GLU B 147 -38.65 -52.47 -0.64
N MET B 148 -38.31 -52.83 0.58
CA MET B 148 -37.00 -52.55 1.08
C MET B 148 -35.89 -53.21 0.26
N HIS B 149 -36.18 -54.30 -0.41
CA HIS B 149 -35.18 -54.95 -1.28
C HIS B 149 -34.86 -54.05 -2.47
N LYS B 150 -35.65 -52.99 -2.66
CA LYS B 150 -35.34 -51.99 -3.72
C LYS B 150 -34.49 -50.80 -3.29
N VAL B 151 -34.14 -50.80 -2.01
CA VAL B 151 -33.34 -49.75 -1.44
C VAL B 151 -31.91 -50.22 -1.37
N TYR B 152 -31.01 -49.34 -1.84
CA TYR B 152 -29.59 -49.62 -1.84
C TYR B 152 -28.80 -48.52 -1.20
N CYS B 153 -27.53 -48.81 -0.88
CA CYS B 153 -26.69 -47.71 -0.39
C CYS B 153 -25.26 -47.89 -0.82
N ASP B 154 -24.60 -46.75 -1.03
CA ASP B 154 -23.13 -46.72 -1.13
C ASP B 154 -22.67 -46.36 0.28
N PRO B 155 -22.05 -47.33 0.96
CA PRO B 155 -21.80 -47.03 2.33
C PRO B 155 -20.39 -46.48 2.57
N TRP B 156 -20.22 -45.18 2.41
CA TRP B 156 -18.96 -44.53 2.60
C TRP B 156 -18.54 -44.59 4.02
N THR B 157 -17.23 -44.44 4.27
CA THR B 157 -16.86 -43.99 5.56
C THR B 157 -17.57 -42.65 5.89
N ILE B 158 -17.89 -42.48 7.16
CA ILE B 158 -18.49 -41.27 7.65
C ILE B 158 -17.58 -40.11 7.41
N GLY B 159 -16.29 -40.45 7.14
CA GLY B 159 -15.24 -39.49 6.82
C GLY B 159 -14.79 -38.81 8.09
N TYR B 160 -15.57 -37.84 8.53
CA TYR B 160 -15.38 -37.30 9.89
C TYR B 160 -16.67 -36.62 10.29
N ASP B 161 -17.18 -36.95 11.48
CA ASP B 161 -18.34 -36.32 12.07
C ASP B 161 -17.97 -36.07 13.52
N GLU B 162 -17.97 -34.81 13.87
CA GLU B 162 -17.61 -34.36 15.19
C GLU B 162 -18.53 -34.77 16.28
N ARG B 163 -19.65 -35.39 15.94
CA ARG B 163 -20.51 -35.98 17.01
C ARG B 163 -19.95 -37.28 17.60
N TRP B 164 -19.09 -37.97 16.86
CA TRP B 164 -18.58 -39.27 17.32
C TRP B 164 -17.07 -39.44 17.24
N GLY B 165 -16.36 -38.59 16.49
CA GLY B 165 -14.95 -38.77 16.43
C GLY B 165 -14.60 -40.17 15.88
N THR B 166 -13.62 -40.81 16.51
CA THR B 166 -13.19 -42.21 16.26
C THR B 166 -13.73 -43.21 17.31
N GLY B 167 -14.64 -42.77 18.16
CA GLY B 167 -15.16 -43.64 19.26
C GLY B 167 -16.01 -44.81 18.90
N LYS B 168 -16.66 -44.78 17.73
CA LYS B 168 -17.22 -45.98 17.10
C LYS B 168 -16.72 -46.05 15.65
N ARG B 169 -16.72 -47.24 15.02
CA ARG B 169 -16.37 -47.33 13.61
C ARG B 169 -17.63 -47.07 12.78
N LEU B 170 -17.63 -46.03 11.95
CA LEU B 170 -18.83 -45.62 11.35
C LEU B 170 -18.83 -45.46 9.85
N GLN B 171 -19.96 -45.84 9.24
CA GLN B 171 -20.26 -45.57 7.82
C GLN B 171 -21.50 -44.67 7.68
N GLN B 172 -21.57 -43.94 6.56
CA GLN B 172 -22.73 -43.15 6.23
C GLN B 172 -23.28 -43.80 4.98
N ALA B 173 -24.55 -44.20 5.04
CA ALA B 173 -25.14 -44.90 3.91
C ALA B 173 -25.80 -43.92 2.98
N LEU B 174 -25.17 -43.61 1.86
CA LEU B 174 -25.81 -42.74 0.92
C LEU B 174 -26.81 -43.63 0.18
N VAL B 175 -28.10 -43.34 0.40
CA VAL B 175 -29.21 -44.21 0.02
CA VAL B 175 -29.17 -44.24 -0.02
C VAL B 175 -29.77 -43.86 -1.34
N TYR B 176 -30.10 -44.90 -2.11
CA TYR B 176 -30.65 -44.81 -3.44
C TYR B 176 -31.74 -45.85 -3.64
N TYR B 177 -32.47 -45.74 -4.75
CA TYR B 177 -33.58 -46.62 -5.01
C TYR B 177 -33.47 -47.15 -6.39
N ARG B 178 -33.72 -48.46 -6.55
CA ARG B 178 -33.87 -49.10 -7.85
C ARG B 178 -35.30 -49.67 -8.07
N SER B 179 -35.91 -49.28 -9.20
N SER B 179 -35.96 -49.28 -9.18
CA SER B 179 -37.20 -49.84 -9.64
CA SER B 179 -37.21 -49.93 -9.61
C SER B 179 -37.05 -51.28 -10.11
C SER B 179 -36.97 -51.39 -9.92
N ASP B 180 -35.88 -51.63 -10.63
CA ASP B 180 -35.54 -52.97 -11.03
C ASP B 180 -34.06 -53.19 -10.70
N GLU B 181 -33.65 -54.39 -10.38
CA GLU B 181 -32.23 -54.61 -9.96
C GLU B 181 -31.15 -54.22 -11.01
N ASP B 182 -31.51 -54.16 -12.29
CA ASP B 182 -30.56 -53.82 -13.35
C ASP B 182 -30.49 -52.30 -13.64
N ASP B 183 -31.29 -51.52 -12.90
CA ASP B 183 -31.23 -50.05 -12.97
C ASP B 183 -29.88 -49.59 -12.47
N SER B 184 -29.41 -48.47 -13.02
CA SER B 184 -28.49 -47.62 -12.36
C SER B 184 -29.25 -46.72 -11.37
N GLN B 185 -28.94 -46.94 -10.10
CA GLN B 185 -29.62 -46.33 -9.01
C GLN B 185 -29.38 -44.83 -8.85
N TYR B 186 -28.37 -44.27 -9.53
CA TYR B 186 -27.95 -42.90 -9.23
C TYR B 186 -28.88 -41.75 -9.68
N SER B 187 -29.92 -42.08 -10.41
CA SER B 187 -30.98 -41.10 -10.70
C SER B 187 -31.99 -41.00 -9.55
N HIS B 188 -31.93 -41.93 -8.62
CA HIS B 188 -32.89 -41.92 -7.52
C HIS B 188 -32.33 -41.96 -6.12
N PRO B 189 -31.50 -40.98 -5.79
CA PRO B 189 -31.14 -40.82 -4.37
C PRO B 189 -32.32 -40.47 -3.48
N LEU B 190 -32.25 -40.89 -2.21
CA LEU B 190 -33.17 -40.47 -1.21
C LEU B 190 -32.57 -39.30 -0.42
N ASP B 191 -33.43 -38.68 0.42
CA ASP B 191 -33.07 -37.40 1.07
C ASP B 191 -32.28 -37.49 2.37
N PHE B 192 -32.16 -38.70 2.92
CA PHE B 192 -31.71 -38.85 4.29
C PHE B 192 -30.47 -39.73 4.33
N CYS B 193 -29.77 -39.71 5.43
CA CYS B 193 -28.49 -40.39 5.55
C CYS B 193 -28.37 -41.19 6.85
N PRO B 194 -28.61 -42.47 6.79
CA PRO B 194 -28.35 -43.26 7.97
C PRO B 194 -26.86 -43.42 8.33
N ILE B 195 -26.61 -43.45 9.65
CA ILE B 195 -25.28 -43.58 10.21
C ILE B 195 -25.16 -44.94 10.83
N VAL B 196 -24.20 -45.75 10.34
CA VAL B 196 -24.07 -47.14 10.77
C VAL B 196 -22.77 -47.50 11.48
N ASP B 197 -22.91 -48.21 12.59
CA ASP B 197 -21.81 -48.73 13.35
C ASP B 197 -21.42 -50.02 12.68
N THR B 198 -20.23 -49.96 12.08
CA THR B 198 -19.78 -50.97 11.16
C THR B 198 -19.60 -52.30 11.94
N GLU B 199 -19.10 -52.21 13.17
CA GLU B 199 -18.77 -53.41 13.88
C GLU B 199 -19.93 -53.97 14.69
N GLU B 200 -20.84 -53.13 15.12
CA GLU B 200 -22.01 -53.59 15.87
C GLU B 200 -23.12 -53.96 14.91
N LYS B 201 -23.00 -53.55 13.66
CA LYS B 201 -24.03 -53.76 12.66
C LYS B 201 -25.37 -53.15 13.06
N LYS B 202 -25.37 -51.89 13.46
CA LYS B 202 -26.63 -51.19 13.65
C LYS B 202 -26.60 -49.73 13.30
N VAL B 203 -27.78 -49.20 12.98
CA VAL B 203 -27.93 -47.82 12.68
C VAL B 203 -27.92 -47.11 14.00
N ILE B 204 -27.11 -46.08 14.17
CA ILE B 204 -27.13 -45.30 15.41
C ILE B 204 -27.77 -43.93 15.27
N PHE B 205 -27.98 -43.48 14.05
CA PHE B 205 -28.51 -42.15 13.83
C PHE B 205 -28.98 -42.04 12.39
N ILE B 206 -29.91 -41.14 12.11
CA ILE B 206 -30.24 -40.82 10.71
C ILE B 206 -30.27 -39.31 10.54
N ASP B 207 -29.43 -38.79 9.65
CA ASP B 207 -29.47 -37.35 9.35
C ASP B 207 -30.65 -37.17 8.42
N ILE B 208 -31.55 -36.31 8.87
CA ILE B 208 -32.75 -36.01 8.17
C ILE B 208 -32.81 -34.55 7.78
N PRO B 209 -33.01 -34.20 6.50
CA PRO B 209 -32.96 -32.78 6.16
C PRO B 209 -34.21 -32.05 6.67
N ASN B 210 -34.12 -30.73 6.88
CA ASN B 210 -35.31 -29.90 7.25
C ASN B 210 -36.37 -29.83 6.21
N ARG B 211 -35.97 -29.74 4.95
CA ARG B 211 -36.93 -29.85 3.85
C ARG B 211 -36.86 -31.27 3.28
N ARG B 212 -37.97 -31.99 3.37
CA ARG B 212 -38.06 -33.39 2.91
C ARG B 212 -38.22 -33.44 1.43
N ARG B 213 -37.52 -34.34 0.73
CA ARG B 213 -37.81 -34.56 -0.69
C ARG B 213 -38.01 -36.07 -0.93
N LYS B 214 -39.17 -36.38 -1.44
CA LYS B 214 -39.58 -37.73 -1.72
C LYS B 214 -38.98 -38.28 -2.99
N VAL B 215 -38.95 -39.59 -3.03
CA VAL B 215 -38.32 -40.25 -4.14
C VAL B 215 -38.83 -39.76 -5.52
N SER B 216 -37.89 -39.52 -6.44
CA SER B 216 -38.21 -39.24 -7.82
C SER B 216 -39.21 -40.26 -8.45
N LYS B 217 -40.20 -39.71 -9.13
CA LYS B 217 -41.07 -40.55 -9.91
C LYS B 217 -40.67 -40.69 -11.37
N HIS B 218 -39.55 -40.10 -11.79
CA HIS B 218 -39.12 -40.29 -13.17
C HIS B 218 -38.58 -41.68 -13.40
N LYS B 219 -38.49 -42.02 -14.67
CA LYS B 219 -37.74 -43.20 -15.07
C LYS B 219 -36.28 -43.15 -14.62
N HIS B 220 -35.71 -44.31 -14.35
CA HIS B 220 -34.26 -44.42 -14.11
C HIS B 220 -33.52 -44.04 -15.35
N ALA B 221 -32.33 -43.49 -15.15
CA ALA B 221 -31.50 -43.06 -16.27
C ALA B 221 -30.49 -44.20 -16.44
N ASN B 222 -30.76 -45.05 -17.42
CA ASN B 222 -30.06 -46.28 -17.62
C ASN B 222 -29.17 -46.31 -18.88
N PHE B 223 -28.23 -47.23 -18.91
CA PHE B 223 -27.20 -47.20 -19.94
C PHE B 223 -26.80 -48.54 -20.57
N TYR B 224 -27.43 -49.64 -20.18
CA TYR B 224 -27.14 -50.92 -20.86
C TYR B 224 -27.83 -50.91 -22.27
N PRO B 225 -27.37 -51.76 -23.20
CA PRO B 225 -28.01 -51.80 -24.48
C PRO B 225 -29.52 -52.00 -24.45
N LYS B 226 -30.05 -52.85 -23.58
CA LYS B 226 -31.50 -53.03 -23.61
C LYS B 226 -32.18 -51.73 -23.21
N HIS B 227 -31.53 -50.94 -22.36
CA HIS B 227 -32.16 -49.64 -21.95
C HIS B 227 -32.09 -48.61 -23.04
N MET B 228 -30.98 -48.62 -23.77
CA MET B 228 -30.75 -47.61 -24.77
C MET B 228 -31.62 -47.83 -26.00
N ILE B 229 -31.84 -49.11 -26.35
CA ILE B 229 -32.77 -49.44 -27.43
C ILE B 229 -34.15 -48.83 -27.14
N GLU B 230 -34.59 -48.88 -25.89
CA GLU B 230 -35.88 -48.27 -25.51
C GLU B 230 -35.78 -46.79 -25.55
N LYS B 231 -34.60 -46.27 -25.22
CA LYS B 231 -34.49 -44.80 -25.06
C LYS B 231 -34.26 -44.12 -26.38
N VAL B 232 -33.41 -44.67 -27.25
CA VAL B 232 -33.11 -43.97 -28.50
C VAL B 232 -33.49 -44.73 -29.75
N GLY B 233 -34.06 -45.92 -29.60
CA GLY B 233 -34.61 -46.66 -30.71
C GLY B 233 -33.73 -47.80 -31.05
N ALA B 234 -32.41 -47.63 -31.07
CA ALA B 234 -31.52 -48.73 -31.45
C ALA B 234 -30.12 -48.41 -31.08
N MET B 235 -29.33 -49.44 -30.85
CA MET B 235 -27.89 -49.31 -30.81
C MET B 235 -27.29 -49.00 -32.19
N ARG B 236 -26.11 -48.40 -32.18
CA ARG B 236 -25.37 -48.24 -33.43
C ARG B 236 -24.91 -49.63 -33.87
N PRO B 237 -24.85 -49.90 -35.17
CA PRO B 237 -24.24 -51.18 -35.56
C PRO B 237 -22.79 -51.34 -35.03
N GLU B 238 -22.35 -52.57 -34.80
CA GLU B 238 -20.96 -52.87 -34.48
C GLU B 238 -20.01 -52.20 -35.50
N ALA B 239 -19.00 -51.48 -35.04
CA ALA B 239 -18.04 -50.92 -35.95
C ALA B 239 -17.12 -52.01 -36.48
N PRO B 240 -16.63 -51.88 -37.70
CA PRO B 240 -15.61 -52.80 -38.18
C PRO B 240 -14.40 -52.82 -37.28
N PRO B 241 -13.86 -54.00 -36.99
CA PRO B 241 -12.83 -54.06 -36.02
C PRO B 241 -11.48 -53.45 -36.49
N ILE B 242 -10.71 -53.07 -35.50
CA ILE B 242 -9.35 -52.68 -35.57
C ILE B 242 -8.63 -53.73 -34.81
N ASN B 243 -7.84 -54.55 -35.51
CA ASN B 243 -7.16 -55.66 -34.81
C ASN B 243 -5.69 -55.37 -34.56
N VAL B 244 -5.20 -55.84 -33.41
CA VAL B 244 -3.87 -55.54 -32.99
C VAL B 244 -3.19 -56.85 -32.64
N THR B 245 -2.10 -57.14 -33.33
CA THR B 245 -1.43 -58.44 -33.21
C THR B 245 0.09 -58.27 -33.01
N GLN B 246 0.66 -59.17 -32.20
CA GLN B 246 2.11 -59.28 -32.07
C GLN B 246 2.49 -60.70 -32.38
N PRO B 247 2.53 -61.06 -33.69
CA PRO B 247 2.79 -62.41 -34.14
C PRO B 247 4.15 -62.96 -33.78
N GLU B 248 5.12 -62.14 -33.44
CA GLU B 248 6.41 -62.66 -32.98
C GLU B 248 6.65 -62.36 -31.49
N GLY B 249 5.58 -62.26 -30.73
CA GLY B 249 5.70 -61.92 -29.30
C GLY B 249 6.03 -60.45 -29.01
N VAL B 250 6.27 -60.20 -27.74
CA VAL B 250 6.51 -58.86 -27.23
C VAL B 250 8.00 -58.62 -27.02
N SER B 251 8.38 -57.36 -26.88
CA SER B 251 9.78 -57.05 -26.67
C SER B 251 10.20 -57.01 -25.19
N PHE B 252 9.28 -56.91 -24.25
CA PHE B 252 9.65 -56.84 -22.86
C PHE B 252 9.83 -58.24 -22.31
N LYS B 253 10.56 -58.34 -21.20
CA LYS B 253 10.84 -59.60 -20.53
C LYS B 253 10.56 -59.47 -19.05
N MET B 254 9.69 -60.33 -18.53
CA MET B 254 9.53 -60.39 -17.08
C MET B 254 10.18 -61.59 -16.42
N THR B 255 10.86 -61.31 -15.32
CA THR B 255 11.40 -62.35 -14.43
C THR B 255 10.76 -62.20 -13.04
N GLY B 256 9.71 -62.98 -12.81
CA GLY B 256 8.81 -62.81 -11.73
C GLY B 256 8.08 -61.47 -11.93
N ASN B 257 8.28 -60.57 -10.99
CA ASN B 257 7.72 -59.23 -11.03
C ASN B 257 8.70 -58.20 -11.57
N VAL B 258 9.87 -58.64 -12.01
CA VAL B 258 10.87 -57.73 -12.47
C VAL B 258 10.70 -57.61 -13.98
N MET B 259 10.55 -56.37 -14.42
CA MET B 259 10.40 -56.02 -15.83
C MET B 259 11.71 -55.48 -16.41
N GLU B 260 12.03 -55.88 -17.61
CA GLU B 260 13.05 -55.24 -18.48
C GLU B 260 12.49 -54.90 -19.84
N TRP B 261 12.54 -53.63 -20.22
CA TRP B 261 12.00 -53.19 -21.50
C TRP B 261 12.71 -51.92 -21.92
N SER B 262 13.27 -51.90 -23.13
CA SER B 262 13.87 -50.69 -23.74
C SER B 262 14.83 -50.04 -22.79
N ASN B 263 15.65 -50.90 -22.13
CA ASN B 263 16.74 -50.48 -21.25
C ASN B 263 16.30 -50.16 -19.81
N PHE B 264 14.99 -50.02 -19.60
CA PHE B 264 14.46 -49.85 -18.26
C PHE B 264 14.42 -51.20 -17.55
N LYS B 265 14.68 -51.18 -16.27
CA LYS B 265 14.45 -52.32 -15.40
C LYS B 265 13.77 -51.85 -14.12
N PHE B 266 12.81 -52.61 -13.64
CA PHE B 266 12.14 -52.24 -12.43
C PHE B 266 11.29 -53.33 -11.86
N HIS B 267 10.89 -53.17 -10.59
CA HIS B 267 10.07 -54.15 -9.92
C HIS B 267 8.64 -53.65 -9.87
N ILE B 268 7.72 -54.49 -10.35
CA ILE B 268 6.31 -54.24 -10.21
C ILE B 268 5.68 -54.91 -9.00
N GLY B 269 5.30 -54.11 -8.02
CA GLY B 269 4.68 -54.54 -6.77
C GLY B 269 3.22 -54.10 -6.75
N PHE B 270 2.55 -54.45 -5.66
CA PHE B 270 1.12 -54.20 -5.55
C PHE B 270 0.68 -54.37 -4.14
N ASN B 271 -0.10 -53.43 -3.62
CA ASN B 271 -0.69 -53.67 -2.34
C ASN B 271 -2.14 -53.14 -2.25
N TYR B 272 -2.76 -53.46 -1.14
CA TYR B 272 -4.18 -53.25 -0.86
C TYR B 272 -4.55 -51.79 -0.98
N ARG B 273 -3.58 -50.91 -0.87
CA ARG B 273 -3.89 -49.50 -0.55
C ARG B 273 -3.47 -48.67 -1.76
N GLU B 274 -2.20 -48.75 -2.14
CA GLU B 274 -1.64 -47.95 -3.22
C GLU B 274 -1.95 -48.54 -4.62
N GLY B 275 -2.32 -49.82 -4.66
CA GLY B 275 -2.37 -50.57 -5.90
C GLY B 275 -0.94 -50.81 -6.38
N ILE B 276 -0.66 -50.38 -7.60
CA ILE B 276 0.63 -50.59 -8.25
C ILE B 276 1.69 -49.76 -7.59
N VAL B 277 2.83 -50.41 -7.32
CA VAL B 277 4.01 -49.77 -6.70
C VAL B 277 5.18 -50.13 -7.55
N LEU B 278 5.82 -49.14 -8.14
CA LEU B 278 6.98 -49.41 -8.99
C LEU B 278 8.23 -49.13 -8.20
N SER B 279 9.11 -50.12 -8.14
CA SER B 279 10.35 -49.94 -7.35
C SER B 279 11.61 -50.24 -8.13
N ASP B 280 12.73 -49.73 -7.62
CA ASP B 280 14.08 -50.12 -8.09
C ASP B 280 14.20 -49.87 -9.58
N VAL B 281 13.84 -48.64 -9.97
CA VAL B 281 13.74 -48.28 -11.38
C VAL B 281 15.12 -47.78 -11.84
N SER B 282 15.65 -48.40 -12.88
CA SER B 282 16.92 -48.01 -13.47
C SER B 282 16.84 -48.00 -15.02
N TYR B 283 17.82 -47.33 -15.64
CA TYR B 283 17.95 -47.30 -17.05
C TYR B 283 19.38 -47.76 -17.46
N ASN B 284 19.44 -48.60 -18.47
CA ASN B 284 20.73 -49.13 -18.92
C ASN B 284 21.27 -48.29 -20.05
N ASP B 285 22.24 -47.41 -19.73
CA ASP B 285 22.76 -46.42 -20.61
C ASP B 285 24.05 -47.03 -21.17
N HIS B 286 23.88 -47.86 -22.19
CA HIS B 286 24.93 -48.60 -22.96
C HIS B 286 25.89 -49.26 -22.05
N GLY B 287 25.33 -50.04 -21.14
CA GLY B 287 26.10 -50.85 -20.20
C GLY B 287 26.19 -50.23 -18.82
N ASN B 288 25.98 -48.92 -18.73
CA ASN B 288 26.02 -48.26 -17.44
C ASN B 288 24.58 -48.19 -16.91
N VAL B 289 24.26 -49.03 -15.92
CA VAL B 289 22.94 -49.14 -15.37
C VAL B 289 22.75 -48.00 -14.35
N ARG B 290 21.90 -47.05 -14.65
CA ARG B 290 21.84 -45.82 -13.81
C ARG B 290 20.55 -45.86 -13.06
N PRO B 291 20.59 -45.77 -11.72
CA PRO B 291 19.34 -45.68 -10.99
C PRO B 291 18.57 -44.39 -11.32
N ILE B 292 17.26 -44.44 -11.28
CA ILE B 292 16.37 -43.27 -11.39
C ILE B 292 15.49 -43.09 -10.11
N PHE B 293 14.61 -44.06 -9.86
CA PHE B 293 13.73 -44.01 -8.66
C PHE B 293 13.81 -45.26 -7.78
N HIS B 294 13.87 -45.07 -6.50
CA HIS B 294 13.71 -46.21 -5.60
C HIS B 294 12.27 -46.67 -5.49
N ARG B 295 11.33 -45.72 -5.49
CA ARG B 295 9.93 -46.10 -5.41
C ARG B 295 9.00 -45.00 -5.96
N ILE B 296 7.98 -45.39 -6.71
CA ILE B 296 6.99 -44.43 -7.11
C ILE B 296 5.58 -45.08 -7.09
N SER B 297 4.57 -44.31 -6.65
CA SER B 297 3.23 -44.84 -6.47
C SER B 297 2.30 -43.69 -6.21
N LEU B 298 1.00 -43.96 -6.15
CA LEU B 298 0.06 -42.99 -5.62
C LEU B 298 -0.12 -43.38 -4.16
N SER B 299 0.04 -42.40 -3.24
CA SER B 299 0.06 -42.65 -1.78
C SER B 299 -1.21 -42.24 -1.03
N GLU B 300 -2.02 -41.40 -1.64
CA GLU B 300 -3.29 -40.97 -1.08
C GLU B 300 -4.07 -40.17 -2.11
N MET B 301 -5.34 -39.94 -1.81
CA MET B 301 -6.24 -39.11 -2.61
C MET B 301 -7.15 -38.30 -1.72
N ILE B 302 -7.72 -37.24 -2.30
CA ILE B 302 -8.90 -36.65 -1.65
C ILE B 302 -9.83 -36.12 -2.71
N VAL B 303 -11.12 -36.36 -2.54
CA VAL B 303 -12.19 -35.97 -3.46
C VAL B 303 -13.21 -35.07 -2.73
N PRO B 304 -12.84 -33.81 -2.49
CA PRO B 304 -13.66 -32.96 -1.62
C PRO B 304 -14.87 -32.34 -2.39
N TYR B 305 -16.04 -32.52 -1.86
CA TYR B 305 -17.20 -31.92 -2.42
C TYR B 305 -17.42 -30.48 -1.95
N GLY B 306 -18.22 -29.77 -2.73
CA GLY B 306 -18.31 -28.30 -2.71
C GLY B 306 -19.65 -27.74 -2.34
N SER B 307 -20.57 -28.59 -1.87
CA SER B 307 -21.76 -28.10 -1.24
C SER B 307 -21.59 -27.87 0.26
N PRO B 308 -21.95 -26.67 0.79
CA PRO B 308 -21.80 -26.42 2.25
C PRO B 308 -22.89 -27.00 3.15
N GLU B 309 -24.01 -27.44 2.58
CA GLU B 309 -25.18 -27.88 3.32
C GLU B 309 -24.93 -29.24 3.93
N PHE B 310 -25.46 -29.38 5.14
CA PHE B 310 -25.32 -30.51 5.98
C PHE B 310 -26.15 -31.62 5.37
N PRO B 311 -25.64 -32.85 5.33
CA PRO B 311 -24.40 -33.35 5.82
C PRO B 311 -23.30 -33.52 4.74
N HIS B 312 -23.35 -32.73 3.68
CA HIS B 312 -22.51 -32.96 2.55
C HIS B 312 -21.04 -32.59 2.75
N GLN B 313 -20.73 -31.89 3.83
CA GLN B 313 -19.32 -31.68 4.22
C GLN B 313 -18.61 -33.00 4.47
N ARG B 314 -19.36 -34.07 4.71
CA ARG B 314 -18.78 -35.40 5.00
C ARG B 314 -18.37 -36.15 3.73
N LYS B 315 -18.57 -35.54 2.57
CA LYS B 315 -18.17 -36.12 1.33
C LYS B 315 -16.83 -35.43 0.92
N HIS B 316 -15.75 -36.11 1.29
CA HIS B 316 -14.39 -35.74 0.88
C HIS B 316 -13.49 -36.96 0.94
N ALA B 317 -13.84 -37.92 0.10
CA ALA B 317 -13.27 -39.28 0.23
C ALA B 317 -11.79 -39.29 -0.01
N LEU B 318 -11.06 -39.88 0.91
CA LEU B 318 -9.66 -40.18 0.65
C LEU B 318 -9.59 -41.64 0.12
N ASP B 319 -9.83 -41.81 -1.16
CA ASP B 319 -10.15 -43.13 -1.73
C ASP B 319 -9.09 -44.18 -1.44
N ILE B 320 -7.82 -43.78 -1.45
CA ILE B 320 -6.71 -44.69 -1.28
C ILE B 320 -6.63 -45.09 0.18
N GLY B 321 -6.66 -44.11 1.09
CA GLY B 321 -6.61 -44.43 2.50
C GLY B 321 -7.83 -45.00 3.19
N GLU B 322 -9.03 -44.78 2.60
CA GLU B 322 -10.29 -45.14 3.18
C GLU B 322 -10.87 -46.40 2.58
N TYR B 323 -10.47 -46.71 1.33
CA TYR B 323 -10.96 -47.93 0.62
C TYR B 323 -9.87 -48.78 -0.03
N GLY B 324 -8.89 -48.14 -0.61
CA GLY B 324 -7.75 -48.83 -1.18
C GLY B 324 -7.83 -49.09 -2.66
N ALA B 325 -6.81 -48.62 -3.39
CA ALA B 325 -6.79 -48.85 -4.76
C ALA B 325 -6.49 -50.30 -5.09
N GLY B 326 -5.95 -51.06 -4.13
CA GLY B 326 -5.79 -52.53 -4.31
C GLY B 326 -7.08 -53.26 -4.00
N TYR B 327 -7.58 -53.08 -2.78
CA TYR B 327 -8.85 -53.69 -2.40
C TYR B 327 -10.02 -53.46 -3.42
N MET B 328 -10.02 -52.28 -4.06
CA MET B 328 -11.12 -51.88 -4.94
CA MET B 328 -11.12 -51.93 -4.94
C MET B 328 -10.85 -52.22 -6.40
N THR B 329 -9.75 -52.92 -6.67
CA THR B 329 -9.26 -53.05 -8.02
C THR B 329 -10.10 -54.09 -8.73
N ASN B 330 -10.33 -53.86 -10.03
CA ASN B 330 -11.23 -54.66 -10.83
C ASN B 330 -10.42 -55.88 -11.38
N PRO B 331 -11.03 -57.07 -11.42
CA PRO B 331 -10.46 -58.14 -12.26
C PRO B 331 -10.59 -57.74 -13.69
N LEU B 332 -9.52 -57.55 -14.44
CA LEU B 332 -9.67 -56.96 -15.79
C LEU B 332 -10.07 -58.07 -16.75
N SER B 333 -10.72 -57.71 -17.82
CA SER B 333 -11.56 -58.64 -18.60
C SER B 333 -10.75 -59.11 -19.77
N LEU B 334 -10.56 -60.43 -19.93
CA LEU B 334 -10.05 -61.05 -21.18
C LEU B 334 -10.32 -60.12 -22.36
N GLY B 335 -9.28 -59.48 -22.87
CA GLY B 335 -9.41 -58.67 -24.09
C GLY B 335 -10.27 -57.44 -24.21
N CYS B 336 -10.89 -56.92 -23.14
CA CYS B 336 -11.78 -55.75 -23.23
C CYS B 336 -11.17 -54.51 -22.60
N ASP B 337 -10.82 -54.62 -21.31
CA ASP B 337 -10.15 -53.52 -20.65
C ASP B 337 -8.80 -53.24 -21.28
N CYS B 338 -8.08 -54.29 -21.64
CA CYS B 338 -6.73 -54.14 -22.13
C CYS B 338 -6.64 -54.87 -23.46
N LYS B 339 -6.39 -54.08 -24.48
CA LYS B 339 -6.42 -54.56 -25.83
C LYS B 339 -5.04 -55.01 -26.30
N GLY B 340 -4.95 -56.19 -26.88
CA GLY B 340 -3.70 -56.62 -27.46
C GLY B 340 -3.14 -57.78 -26.71
N VAL B 341 -1.84 -57.99 -26.82
CA VAL B 341 -1.15 -59.07 -26.11
C VAL B 341 -0.66 -58.63 -24.71
N ILE B 342 -1.26 -59.23 -23.70
CA ILE B 342 -1.18 -58.78 -22.34
C ILE B 342 -0.57 -59.84 -21.43
N HIS B 343 0.35 -59.45 -20.56
CA HIS B 343 0.77 -60.18 -19.39
C HIS B 343 0.03 -59.67 -18.09
N TYR B 344 -0.67 -60.56 -17.37
CA TYR B 344 -1.47 -60.14 -16.23
C TYR B 344 -0.77 -60.54 -14.97
N LEU B 345 -1.00 -59.79 -13.90
CA LEU B 345 -0.71 -60.22 -12.52
C LEU B 345 -1.97 -60.24 -11.67
N ASP B 346 -2.04 -61.17 -10.72
CA ASP B 346 -3.09 -61.29 -9.73
C ASP B 346 -2.71 -60.55 -8.46
N ALA B 347 -3.70 -60.13 -7.67
CA ALA B 347 -3.48 -59.46 -6.40
C ALA B 347 -3.96 -60.38 -5.33
N HIS B 348 -3.28 -60.40 -4.17
CA HIS B 348 -3.69 -61.25 -3.03
C HIS B 348 -3.82 -60.44 -1.76
N PHE B 349 -4.94 -60.60 -1.04
CA PHE B 349 -5.17 -59.90 0.22
C PHE B 349 -5.68 -60.92 1.24
N SER B 350 -5.98 -60.45 2.43
CA SER B 350 -6.65 -61.25 3.44
C SER B 350 -8.08 -60.80 3.55
N ASP B 351 -9.00 -61.73 3.82
CA ASP B 351 -10.36 -61.34 4.19
C ASP B 351 -10.46 -61.31 5.74
N ARG B 352 -11.66 -61.04 6.27
CA ARG B 352 -11.81 -60.75 7.71
C ARG B 352 -11.52 -61.99 8.55
N ALA B 353 -11.71 -63.17 7.98
CA ALA B 353 -11.48 -64.43 8.69
C ALA B 353 -9.97 -64.83 8.66
N GLY B 354 -9.14 -64.13 7.90
CA GLY B 354 -7.71 -64.46 7.86
C GLY B 354 -7.33 -65.34 6.68
N ASP B 355 -8.24 -65.48 5.74
CA ASP B 355 -8.04 -66.33 4.61
C ASP B 355 -7.68 -65.47 3.44
N PRO B 356 -6.74 -65.93 2.61
CA PRO B 356 -6.30 -65.16 1.42
C PRO B 356 -7.39 -65.09 0.36
N ILE B 357 -7.53 -63.92 -0.22
CA ILE B 357 -8.41 -63.75 -1.31
C ILE B 357 -7.59 -63.19 -2.46
N THR B 358 -8.02 -63.54 -3.66
CA THR B 358 -7.34 -63.22 -4.90
C THR B 358 -8.22 -62.40 -5.77
N VAL B 359 -7.67 -61.35 -6.37
CA VAL B 359 -8.30 -60.68 -7.50
C VAL B 359 -7.42 -61.04 -8.68
N LYS B 360 -7.99 -61.83 -9.58
CA LYS B 360 -7.30 -62.28 -10.79
C LYS B 360 -7.20 -61.13 -11.81
N ASN B 361 -6.10 -61.10 -12.52
CA ASN B 361 -5.91 -60.09 -13.58
C ASN B 361 -6.10 -58.67 -13.05
N ALA B 362 -5.47 -58.38 -11.92
CA ALA B 362 -5.59 -57.08 -11.32
C ALA B 362 -4.68 -56.04 -12.05
N VAL B 363 -3.57 -56.48 -12.65
CA VAL B 363 -2.63 -55.62 -13.29
C VAL B 363 -2.45 -56.16 -14.65
N CYS B 364 -2.54 -55.24 -15.58
CA CYS B 364 -2.19 -55.61 -16.94
C CYS B 364 -0.96 -54.85 -17.43
N ILE B 365 -0.13 -55.58 -18.13
CA ILE B 365 1.14 -55.13 -18.63
C ILE B 365 1.27 -55.43 -20.09
N HIS B 366 1.53 -54.40 -20.88
CA HIS B 366 1.68 -54.61 -22.29
C HIS B 366 2.31 -53.43 -22.97
N GLU B 367 2.66 -53.63 -24.23
CA GLU B 367 3.29 -52.62 -25.02
C GLU B 367 2.40 -52.23 -26.20
N GLU B 368 2.39 -50.94 -26.52
CA GLU B 368 1.47 -50.32 -27.47
C GLU B 368 2.22 -49.30 -28.35
N ASP B 369 1.73 -49.11 -29.55
CA ASP B 369 2.24 -48.04 -30.38
C ASP B 369 1.99 -46.75 -29.72
N ASP B 370 2.89 -45.80 -29.93
CA ASP B 370 2.72 -44.50 -29.37
C ASP B 370 3.12 -43.41 -30.38
N GLY B 371 2.83 -43.65 -31.63
CA GLY B 371 3.14 -42.67 -32.69
C GLY B 371 4.62 -42.50 -32.98
N LEU B 372 5.01 -41.26 -33.29
CA LEU B 372 6.38 -40.98 -33.64
C LEU B 372 7.24 -40.71 -32.44
N LEU B 373 8.45 -41.27 -32.44
CA LEU B 373 9.45 -40.94 -31.44
C LEU B 373 10.23 -39.67 -31.86
N PHE B 374 10.67 -39.67 -33.10
CA PHE B 374 11.31 -38.48 -33.72
C PHE B 374 11.35 -38.58 -35.26
N LYS B 375 11.51 -37.43 -35.90
CA LYS B 375 11.62 -37.30 -37.32
C LYS B 375 12.37 -36.00 -37.72
N HIS B 376 13.14 -36.12 -38.79
CA HIS B 376 13.65 -34.96 -39.48
C HIS B 376 13.94 -35.23 -40.94
N SER B 377 13.61 -34.24 -41.74
CA SER B 377 13.82 -34.30 -43.18
C SER B 377 14.48 -32.99 -43.60
N ASP B 378 15.21 -33.03 -44.72
CA ASP B 378 15.91 -31.87 -45.31
C ASP B 378 15.13 -31.22 -46.48
N PHE B 379 14.71 -29.94 -46.34
CA PHE B 379 14.00 -29.20 -47.41
C PHE B 379 14.80 -29.12 -48.73
N ARG B 380 16.12 -29.27 -48.62
CA ARG B 380 17.01 -29.07 -49.76
C ARG B 380 16.74 -30.01 -50.90
N ASP B 381 16.39 -31.28 -50.63
CA ASP B 381 15.94 -32.23 -51.70
C ASP B 381 14.45 -32.56 -51.53
N ASN B 382 13.65 -31.58 -51.14
CA ASN B 382 12.25 -31.82 -51.00
C ASN B 382 11.86 -32.99 -50.06
N PHE B 383 12.61 -33.08 -48.99
CA PHE B 383 12.36 -34.00 -47.89
C PHE B 383 12.69 -35.42 -48.28
N ALA B 384 13.50 -35.59 -49.34
CA ALA B 384 13.92 -36.93 -49.73
C ALA B 384 14.83 -37.48 -48.70
N THR B 385 15.79 -36.64 -48.25
CA THR B 385 16.63 -36.95 -47.12
C THR B 385 15.72 -36.93 -45.86
N SER B 386 15.57 -38.06 -45.21
CA SER B 386 14.56 -38.20 -44.13
C SER B 386 14.84 -39.39 -43.25
N LEU B 387 14.58 -39.21 -41.96
CA LEU B 387 14.66 -40.25 -40.95
C LEU B 387 13.43 -40.17 -40.04
N VAL B 388 12.68 -41.26 -39.92
CA VAL B 388 11.51 -41.33 -39.06
C VAL B 388 11.62 -42.58 -38.20
N THR B 389 11.44 -42.44 -36.88
CA THR B 389 11.43 -43.60 -35.96
C THR B 389 10.14 -43.60 -35.15
N ARG B 390 9.43 -44.73 -35.14
CA ARG B 390 8.19 -44.88 -34.41
C ARG B 390 8.50 -45.22 -32.97
N ALA B 391 7.60 -44.79 -32.09
CA ALA B 391 7.70 -45.03 -30.66
C ALA B 391 6.82 -46.17 -30.20
N THR B 392 7.29 -46.90 -29.19
CA THR B 392 6.49 -47.88 -28.50
C THR B 392 6.48 -47.46 -27.05
N LYS B 393 5.33 -47.61 -26.41
CA LYS B 393 5.27 -47.40 -24.96
C LYS B 393 4.93 -48.68 -24.19
N LEU B 394 5.41 -48.77 -22.97
CA LEU B 394 5.06 -49.84 -22.06
C LEU B 394 4.11 -49.35 -21.01
N VAL B 395 3.07 -50.11 -20.79
CA VAL B 395 1.94 -49.71 -19.99
C VAL B 395 1.69 -50.73 -18.90
N VAL B 396 1.68 -50.24 -17.68
CA VAL B 396 1.42 -51.03 -16.47
C VAL B 396 0.23 -50.35 -15.82
N SER B 397 -0.86 -51.10 -15.67
N SER B 397 -0.90 -51.06 -15.80
CA SER B 397 -2.17 -50.53 -15.47
CA SER B 397 -2.22 -50.51 -15.50
C SER B 397 -3.14 -51.36 -14.62
C SER B 397 -3.14 -51.36 -14.63
N GLN B 398 -4.06 -50.66 -13.96
CA GLN B 398 -5.10 -51.26 -13.20
C GLN B 398 -6.32 -50.33 -13.30
N ILE B 399 -7.47 -50.81 -12.87
CA ILE B 399 -8.70 -49.99 -12.81
C ILE B 399 -9.33 -50.29 -11.47
N PHE B 400 -9.57 -49.26 -10.66
CA PHE B 400 -10.32 -49.51 -9.43
C PHE B 400 -11.65 -48.71 -9.32
N THR B 401 -12.59 -49.31 -8.58
CA THR B 401 -13.94 -48.83 -8.40
C THR B 401 -14.19 -48.51 -6.92
N ALA B 402 -14.32 -47.23 -6.62
CA ALA B 402 -14.69 -46.81 -5.30
C ALA B 402 -16.14 -46.37 -5.33
N ALA B 403 -17.02 -47.32 -4.98
CA ALA B 403 -18.48 -47.21 -5.13
C ALA B 403 -18.90 -46.68 -6.50
N ASN B 404 -19.15 -45.36 -6.61
CA ASN B 404 -19.62 -44.81 -7.86
C ASN B 404 -18.51 -44.58 -8.93
N GLU B 406 -14.84 -44.79 -11.17
CA GLU B 406 -13.85 -45.66 -11.75
C GLU B 406 -12.63 -44.87 -12.06
N TYR B 407 -11.52 -45.34 -11.52
CA TYR B 407 -10.25 -44.72 -11.77
C TYR B 407 -9.38 -45.72 -12.57
N CYS B 408 -8.99 -45.32 -13.77
CA CYS B 408 -8.15 -46.12 -14.64
C CYS B 408 -6.76 -45.54 -14.54
N LEU B 409 -5.80 -46.34 -14.04
CA LEU B 409 -4.43 -45.87 -13.82
C LEU B 409 -3.44 -46.54 -14.74
N TYR B 410 -2.67 -45.73 -15.45
CA TYR B 410 -1.71 -46.24 -16.42
C TYR B 410 -0.34 -45.65 -16.18
N TRP B 411 0.61 -46.50 -15.76
CA TRP B 411 2.01 -46.14 -15.67
C TRP B 411 2.71 -46.44 -16.99
N VAL B 412 3.32 -45.44 -17.58
CA VAL B 412 3.77 -45.47 -18.95
C VAL B 412 5.30 -45.14 -19.03
N PHE B 413 6.04 -46.04 -19.63
CA PHE B 413 7.49 -45.91 -19.83
C PHE B 413 7.70 -45.65 -21.30
N MET B 414 8.56 -44.70 -21.62
CA MET B 414 8.73 -44.26 -23.00
C MET B 414 10.18 -44.37 -23.45
N GLN B 415 10.38 -44.43 -24.74
CA GLN B 415 11.71 -44.77 -25.27
C GLN B 415 12.70 -43.59 -25.35
N ASP B 416 12.22 -42.39 -24.99
CA ASP B 416 13.11 -41.29 -24.74
C ASP B 416 13.54 -41.23 -23.29
N GLY B 417 13.19 -42.25 -22.50
CA GLY B 417 13.55 -42.27 -21.05
C GLY B 417 12.56 -41.58 -20.11
N ALA B 418 11.50 -40.99 -20.67
CA ALA B 418 10.46 -40.43 -19.83
C ALA B 418 9.50 -41.48 -19.25
N ILE B 419 8.91 -41.10 -18.13
CA ILE B 419 7.87 -41.85 -17.45
C ILE B 419 6.66 -40.95 -17.19
N ARG B 420 5.49 -41.46 -17.47
CA ARG B 420 4.29 -40.68 -17.51
C ARG B 420 3.32 -41.47 -16.59
N LEU B 421 2.51 -40.75 -15.82
CA LEU B 421 1.30 -41.38 -15.24
C LEU B 421 0.11 -40.81 -15.95
N ASP B 422 -0.74 -41.65 -16.56
CA ASP B 422 -1.99 -41.22 -17.11
C ASP B 422 -3.13 -41.83 -16.31
N ILE B 423 -4.17 -41.05 -16.10
CA ILE B 423 -5.36 -41.48 -15.39
C ILE B 423 -6.58 -41.09 -16.19
N ARG B 424 -7.57 -41.98 -16.22
CA ARG B 424 -8.83 -41.69 -16.78
C ARG B 424 -9.87 -41.92 -15.78
N LEU B 425 -10.65 -40.86 -15.53
CA LEU B 425 -11.80 -40.93 -14.64
C LEU B 425 -13.03 -41.28 -15.43
N THR B 426 -13.76 -42.28 -14.95
CA THR B 426 -15.08 -42.65 -15.49
C THR B 426 -15.95 -43.16 -14.35
N GLY B 427 -16.95 -43.97 -14.66
CA GLY B 427 -17.92 -44.28 -13.64
C GLY B 427 -19.13 -43.40 -13.63
N ILE B 428 -19.71 -43.26 -12.44
CA ILE B 428 -20.90 -42.51 -12.23
C ILE B 428 -20.71 -41.36 -11.26
N LEU B 429 -21.29 -40.20 -11.58
CA LEU B 429 -21.35 -39.11 -10.61
C LEU B 429 -22.00 -39.50 -9.28
N ASN B 430 -21.44 -39.01 -8.17
CA ASN B 430 -22.19 -39.02 -6.93
C ASN B 430 -23.31 -38.00 -7.05
N THR B 431 -24.51 -38.42 -6.69
CA THR B 431 -25.74 -37.65 -6.84
C THR B 431 -26.49 -37.64 -5.50
N TYR B 432 -27.21 -36.54 -5.28
CA TYR B 432 -28.10 -36.28 -4.15
C TYR B 432 -29.40 -35.78 -4.80
N ILE B 433 -30.50 -35.89 -4.04
CA ILE B 433 -31.82 -35.55 -4.52
C ILE B 433 -32.02 -34.04 -4.67
N LEU B 434 -32.83 -33.65 -5.66
CA LEU B 434 -33.10 -32.25 -5.94
C LEU B 434 -34.62 -32.15 -6.05
N GLY B 435 -35.24 -31.20 -5.34
CA GLY B 435 -36.68 -31.00 -5.44
C GLY B 435 -37.04 -30.42 -6.78
N ASP B 436 -38.28 -30.61 -7.19
CA ASP B 436 -38.79 -30.10 -8.45
C ASP B 436 -38.51 -28.64 -8.69
N ASP B 437 -38.66 -27.84 -7.65
CA ASP B 437 -38.40 -26.40 -7.73
C ASP B 437 -37.06 -25.96 -7.14
N GLU B 438 -36.18 -26.88 -6.81
CA GLU B 438 -34.95 -26.56 -6.15
C GLU B 438 -33.88 -26.23 -7.20
N GLU B 439 -33.18 -25.14 -6.99
CA GLU B 439 -32.02 -24.80 -7.81
C GLU B 439 -30.77 -25.56 -7.28
N ALA B 440 -30.04 -26.25 -8.14
CA ALA B 440 -28.78 -26.95 -7.72
C ALA B 440 -27.58 -26.01 -7.55
N GLY B 441 -27.57 -24.91 -8.31
CA GLY B 441 -26.41 -24.02 -8.39
C GLY B 441 -26.48 -23.24 -7.12
N PRO B 442 -25.35 -22.72 -6.65
CA PRO B 442 -24.05 -22.78 -7.31
C PRO B 442 -23.13 -23.96 -7.01
N TRP B 443 -23.56 -24.87 -6.17
CA TRP B 443 -22.76 -25.97 -5.67
C TRP B 443 -22.87 -27.31 -6.43
N GLY B 444 -23.82 -27.42 -7.36
CA GLY B 444 -23.99 -28.58 -8.19
C GLY B 444 -24.74 -28.25 -9.46
N THR B 445 -25.07 -29.30 -10.20
CA THR B 445 -25.72 -29.25 -11.49
C THR B 445 -26.84 -30.26 -11.51
N ARG B 446 -28.01 -29.82 -12.01
CA ARG B 446 -29.08 -30.70 -12.33
C ARG B 446 -28.76 -31.45 -13.63
N VAL B 447 -28.32 -32.70 -13.51
CA VAL B 447 -27.92 -33.52 -14.66
C VAL B 447 -29.05 -34.42 -15.24
N TYR B 448 -30.20 -34.41 -14.56
CA TYR B 448 -31.38 -35.23 -14.83
C TYR B 448 -32.47 -34.74 -13.85
N PRO B 449 -33.77 -34.93 -14.22
CA PRO B 449 -34.76 -34.40 -13.36
C PRO B 449 -34.65 -34.96 -11.95
N ASN B 450 -34.70 -34.07 -10.93
CA ASN B 450 -34.54 -34.37 -9.51
C ASN B 450 -33.17 -34.91 -9.09
N VAL B 451 -32.12 -34.68 -9.90
CA VAL B 451 -30.79 -35.17 -9.63
C VAL B 451 -29.83 -34.00 -9.54
N ASN B 452 -29.31 -33.79 -8.33
CA ASN B 452 -28.21 -32.84 -8.13
C ASN B 452 -26.84 -33.52 -7.97
N ALA B 453 -25.94 -33.23 -8.92
CA ALA B 453 -24.54 -33.72 -8.88
C ALA B 453 -23.68 -32.56 -8.41
N HIS B 454 -23.27 -32.67 -7.18
CA HIS B 454 -22.47 -31.62 -6.55
C HIS B 454 -21.04 -31.45 -7.11
N ASN B 455 -20.57 -30.21 -7.07
CA ASN B 455 -19.18 -29.89 -7.42
C ASN B 455 -18.21 -30.65 -6.52
N HIS B 456 -17.07 -31.02 -7.06
CA HIS B 456 -16.04 -31.68 -6.26
C HIS B 456 -14.74 -31.62 -6.99
N GLN B 457 -13.64 -31.86 -6.24
CA GLN B 457 -12.30 -32.00 -6.81
C GLN B 457 -11.86 -33.44 -6.69
N HIS B 458 -11.06 -33.89 -7.65
CA HIS B 458 -10.25 -35.11 -7.44
C HIS B 458 -8.77 -34.76 -7.37
N LEU B 459 -8.20 -34.99 -6.20
CA LEU B 459 -6.80 -34.72 -5.98
C LEU B 459 -6.07 -36.00 -5.60
N PHE B 460 -4.83 -36.10 -6.06
CA PHE B 460 -3.99 -37.27 -5.91
C PHE B 460 -2.62 -36.86 -5.35
N SER B 461 -2.04 -37.72 -4.51
CA SER B 461 -0.70 -37.49 -3.99
C SER B 461 0.29 -38.53 -4.55
N LEU B 462 1.04 -38.15 -5.59
CA LEU B 462 2.11 -38.98 -6.14
C LEU B 462 3.36 -38.90 -5.24
N ARG B 463 3.82 -40.06 -4.79
CA ARG B 463 4.96 -40.21 -3.88
C ARG B 463 6.13 -40.74 -4.64
N ILE B 464 7.12 -39.90 -4.79
CA ILE B 464 8.38 -40.28 -5.42
C ILE B 464 9.52 -40.30 -4.45
N ASP B 465 10.20 -41.46 -4.38
CA ASP B 465 11.42 -41.63 -3.65
C ASP B 465 12.52 -41.77 -4.67
N PRO B 466 13.26 -40.69 -4.94
CA PRO B 466 14.21 -40.74 -6.02
C PRO B 466 15.59 -41.19 -5.65
N ARG B 467 16.37 -41.55 -6.67
CA ARG B 467 17.81 -41.85 -6.62
C ARG B 467 18.38 -41.50 -7.98
N ILE B 468 18.23 -40.26 -8.39
CA ILE B 468 18.61 -39.83 -9.74
C ILE B 468 20.13 -40.06 -9.88
N ASP B 469 20.48 -41.08 -10.65
CA ASP B 469 21.86 -41.41 -10.91
C ASP B 469 22.55 -41.73 -9.63
N GLY B 470 21.84 -42.32 -8.65
CA GLY B 470 22.46 -42.58 -7.32
C GLY B 470 21.85 -41.79 -6.21
N ASP B 471 22.30 -42.08 -5.00
CA ASP B 471 21.88 -41.46 -3.75
C ASP B 471 22.46 -40.07 -3.53
N GLY B 472 21.73 -39.24 -2.81
CA GLY B 472 22.07 -37.85 -2.57
C GLY B 472 21.43 -37.01 -3.68
N ASN B 473 20.23 -36.54 -3.38
CA ASN B 473 19.45 -35.81 -4.38
C ASN B 473 18.89 -34.53 -3.77
N SER B 474 18.47 -33.61 -4.66
CA SER B 474 17.82 -32.38 -4.27
C SER B 474 16.61 -32.15 -5.17
N ALA B 475 15.80 -31.15 -4.80
CA ALA B 475 14.75 -30.71 -5.67
C ALA B 475 14.73 -29.23 -5.81
N ALA B 476 14.09 -28.80 -6.89
CA ALA B 476 14.02 -27.38 -7.27
C ALA B 476 12.72 -27.03 -8.05
N ALA B 477 12.25 -25.78 -7.86
CA ALA B 477 11.31 -25.10 -8.76
C ALA B 477 12.08 -24.42 -9.85
N CYS B 478 11.54 -24.55 -11.06
CA CYS B 478 12.09 -23.91 -12.28
C CYS B 478 11.03 -22.98 -12.86
N ASP B 479 11.31 -21.67 -12.84
CA ASP B 479 10.39 -20.67 -13.34
C ASP B 479 10.99 -19.95 -14.56
N ALA B 480 10.28 -19.92 -15.68
CA ALA B 480 10.72 -19.08 -16.79
C ALA B 480 10.50 -17.61 -16.47
N LYS B 481 11.51 -16.78 -16.69
CA LYS B 481 11.39 -15.38 -16.34
C LYS B 481 12.01 -14.55 -17.46
N SER B 482 11.42 -13.40 -17.76
CA SER B 482 12.06 -12.42 -18.60
C SER B 482 13.28 -11.96 -17.87
N SER B 483 14.27 -11.53 -18.58
CA SER B 483 15.41 -10.88 -17.98
C SER B 483 14.91 -9.68 -17.14
N PRO B 484 15.55 -9.41 -15.98
CA PRO B 484 15.16 -8.22 -15.26
C PRO B 484 15.56 -6.87 -15.90
N TYR B 485 16.42 -6.91 -16.91
CA TYR B 485 16.88 -5.71 -17.59
C TYR B 485 15.81 -5.28 -18.53
N PRO B 486 15.60 -3.96 -18.64
CA PRO B 486 14.49 -3.49 -19.42
C PRO B 486 14.78 -3.46 -20.92
N LEU B 487 13.72 -3.40 -21.73
CA LEU B 487 13.77 -3.09 -23.14
C LEU B 487 14.62 -1.84 -23.38
N GLY B 488 15.56 -1.91 -24.30
CA GLY B 488 16.30 -0.73 -24.61
C GLY B 488 17.60 -0.61 -23.85
N SER B 489 17.84 -1.49 -22.90
CA SER B 489 19.08 -1.48 -22.19
C SER B 489 20.14 -2.21 -23.05
N PRO B 490 21.43 -1.95 -22.84
CA PRO B 490 22.50 -2.73 -23.50
C PRO B 490 22.40 -4.28 -23.31
N GLU B 491 21.89 -4.69 -22.14
CA GLU B 491 21.73 -6.08 -21.71
C GLU B 491 20.51 -6.75 -22.35
N ASN B 492 19.54 -5.96 -22.79
CA ASN B 492 18.26 -6.54 -23.33
C ASN B 492 17.68 -5.60 -24.40
N MET B 493 18.51 -5.31 -25.44
CA MET B 493 18.16 -4.20 -26.37
C MET B 493 16.74 -4.32 -26.91
N TYR B 494 16.36 -5.52 -27.32
CA TYR B 494 15.11 -5.74 -28.02
C TYR B 494 14.08 -6.39 -27.14
N GLY B 495 14.41 -6.55 -25.86
CA GLY B 495 13.42 -6.94 -24.86
C GLY B 495 13.02 -8.40 -24.86
N ASN B 496 13.81 -9.24 -25.51
CA ASN B 496 13.47 -10.66 -25.78
C ASN B 496 14.17 -11.67 -24.83
N ALA B 497 15.07 -11.21 -24.00
CA ALA B 497 15.83 -12.13 -23.18
C ALA B 497 15.02 -12.80 -22.12
N PHE B 498 15.26 -14.12 -21.97
CA PHE B 498 14.59 -14.89 -20.93
C PHE B 498 15.39 -16.09 -20.53
N TYR B 499 15.12 -16.56 -19.31
CA TYR B 499 15.92 -17.63 -18.72
C TYR B 499 15.06 -18.44 -17.77
N SER B 500 15.66 -19.51 -17.26
CA SER B 500 15.01 -20.37 -16.29
C SER B 500 15.65 -20.16 -14.95
N GLU B 501 14.85 -19.59 -14.03
CA GLU B 501 15.24 -19.40 -12.71
C GLU B 501 15.06 -20.64 -11.89
N LYS B 502 16.14 -21.22 -11.41
CA LYS B 502 16.06 -22.44 -10.61
C LYS B 502 16.19 -22.10 -9.11
N THR B 503 15.20 -22.45 -8.31
CA THR B 503 15.26 -22.21 -6.87
C THR B 503 15.46 -23.57 -6.26
N THR B 504 16.69 -23.86 -5.76
CA THR B 504 16.94 -25.14 -5.09
C THR B 504 16.38 -25.12 -3.70
N PHE B 505 15.65 -26.17 -3.32
CA PHE B 505 14.99 -26.19 -2.03
C PHE B 505 16.09 -26.62 -1.01
N LYS B 506 16.33 -25.79 0.00
CA LYS B 506 17.32 -26.07 1.00
C LYS B 506 16.71 -26.74 2.20
N THR B 507 15.57 -26.22 2.67
CA THR B 507 14.83 -26.77 3.79
C THR B 507 13.44 -27.13 3.33
N VAL B 508 12.74 -27.91 4.15
CA VAL B 508 11.39 -28.41 3.80
C VAL B 508 10.47 -27.25 3.42
N LYS B 509 10.50 -26.22 4.21
CA LYS B 509 9.72 -25.02 3.98
C LYS B 509 9.86 -24.44 2.60
N ASP B 510 11.07 -24.46 2.07
CA ASP B 510 11.31 -23.93 0.74
C ASP B 510 10.54 -24.72 -0.30
N SER B 511 10.33 -26.04 -0.07
CA SER B 511 9.74 -26.89 -1.08
C SER B 511 8.24 -26.69 -1.30
N LEU B 512 7.59 -26.04 -0.35
CA LEU B 512 6.14 -26.00 -0.30
C LEU B 512 5.66 -24.98 -1.33
N THR B 513 5.36 -25.48 -2.52
CA THR B 513 5.23 -24.67 -3.72
C THR B 513 4.05 -25.18 -4.56
N ASN B 514 3.50 -24.28 -5.34
CA ASN B 514 2.37 -24.58 -6.19
C ASN B 514 2.76 -24.38 -7.63
N TYR B 515 2.01 -25.02 -8.53
CA TYR B 515 2.17 -24.80 -9.96
C TYR B 515 1.80 -23.36 -10.22
N GLU B 516 2.57 -22.67 -11.06
CA GLU B 516 2.25 -21.31 -11.39
C GLU B 516 2.27 -21.15 -12.89
N SER B 517 1.11 -20.86 -13.46
CA SER B 517 0.98 -20.59 -14.85
C SER B 517 1.79 -19.37 -15.32
N ALA B 518 1.98 -18.43 -14.42
CA ALA B 518 2.69 -17.17 -14.78
C ALA B 518 4.15 -17.39 -15.13
N THR B 519 4.74 -18.51 -14.67
CA THR B 519 6.16 -18.90 -14.92
C THR B 519 6.27 -20.23 -15.64
N GLY B 520 5.16 -20.83 -16.01
CA GLY B 520 5.22 -22.26 -16.48
C GLY B 520 6.09 -23.19 -15.57
N ARG B 521 5.83 -23.16 -14.29
CA ARG B 521 6.64 -23.84 -13.29
C ARG B 521 6.79 -25.33 -13.57
N SER B 522 8.04 -25.81 -13.58
CA SER B 522 8.28 -27.26 -13.50
C SER B 522 9.12 -27.47 -12.26
N TRP B 523 9.34 -28.73 -11.88
CA TRP B 523 10.22 -29.02 -10.76
C TRP B 523 11.31 -29.99 -11.17
N ASP B 524 12.56 -29.80 -10.74
CA ASP B 524 13.60 -30.81 -11.01
C ASP B 524 13.86 -31.69 -9.80
N ILE B 525 14.08 -32.98 -10.05
CA ILE B 525 14.68 -33.82 -9.02
C ILE B 525 16.04 -34.21 -9.57
N PHE B 526 17.10 -33.82 -8.86
CA PHE B 526 18.42 -33.90 -9.42
C PHE B 526 19.46 -34.41 -8.44
N ASN B 527 20.60 -34.80 -9.00
CA ASN B 527 21.74 -35.18 -8.24
C ASN B 527 22.80 -34.11 -8.26
N PRO B 528 22.91 -33.33 -7.17
CA PRO B 528 23.88 -32.24 -7.20
C PRO B 528 25.35 -32.74 -7.09
N ASN B 529 25.58 -34.05 -7.01
CA ASN B 529 26.93 -34.56 -6.92
C ASN B 529 27.51 -34.85 -8.28
N LYS B 530 26.68 -34.78 -9.33
CA LYS B 530 27.16 -35.10 -10.69
C LYS B 530 26.95 -33.94 -11.61
N VAL B 531 27.52 -34.05 -12.81
CA VAL B 531 27.48 -32.99 -13.76
C VAL B 531 27.44 -33.59 -15.15
N ASN B 532 26.56 -33.07 -16.01
CA ASN B 532 26.51 -33.52 -17.45
C ASN B 532 27.70 -32.92 -18.15
N PRO B 533 28.53 -33.73 -18.84
CA PRO B 533 29.78 -33.24 -19.41
C PRO B 533 29.66 -32.22 -20.54
N TYR B 534 28.51 -32.22 -21.18
CA TYR B 534 28.17 -31.23 -22.17
C TYR B 534 27.59 -29.95 -21.57
N SER B 535 26.41 -30.06 -20.95
CA SER B 535 25.74 -28.85 -20.50
C SER B 535 26.23 -28.23 -19.21
N GLY B 536 26.95 -28.98 -18.39
CA GLY B 536 27.43 -28.41 -17.12
C GLY B 536 26.40 -28.49 -15.99
N LYS B 537 25.21 -29.04 -16.26
CA LYS B 537 24.16 -29.11 -15.26
C LYS B 537 24.03 -30.48 -14.60
N PRO B 538 23.39 -30.55 -13.44
CA PRO B 538 23.18 -31.86 -12.81
C PRO B 538 22.24 -32.73 -13.59
N PRO B 539 22.46 -34.06 -13.61
CA PRO B 539 21.42 -34.91 -14.16
C PRO B 539 20.13 -34.82 -13.36
N SER B 540 19.00 -34.86 -14.07
CA SER B 540 17.71 -34.62 -13.48
C SER B 540 16.63 -35.38 -14.20
N TYR B 541 15.58 -35.65 -13.44
CA TYR B 541 14.28 -35.88 -14.01
C TYR B 541 13.42 -34.64 -13.68
N LYS B 542 12.77 -34.10 -14.69
CA LYS B 542 11.89 -32.94 -14.58
C LYS B 542 10.42 -33.34 -14.54
N LEU B 543 9.74 -32.88 -13.50
CA LEU B 543 8.33 -33.06 -13.40
C LEU B 543 7.61 -31.95 -14.20
N VAL B 544 6.90 -32.39 -15.22
CA VAL B 544 6.11 -31.53 -16.08
C VAL B 544 4.67 -31.88 -15.83
N SER B 545 3.97 -31.00 -15.13
CA SER B 545 2.67 -31.31 -14.60
C SER B 545 1.88 -30.02 -14.48
N THR B 546 0.77 -29.90 -15.19
CA THR B 546 0.02 -28.68 -15.17
C THR B 546 -1.42 -28.85 -14.65
N GLN B 547 -1.88 -30.08 -14.46
CA GLN B 547 -3.20 -30.31 -13.84
C GLN B 547 -3.03 -30.34 -12.34
N CYS B 548 -2.93 -29.16 -11.78
CA CYS B 548 -2.52 -28.94 -10.39
C CYS B 548 -3.43 -27.90 -9.80
N PRO B 549 -4.63 -28.33 -9.42
CA PRO B 549 -5.60 -27.45 -8.84
C PRO B 549 -5.21 -26.96 -7.43
N PRO B 550 -5.45 -25.67 -7.12
CA PRO B 550 -5.44 -25.30 -5.72
C PRO B 550 -6.50 -26.09 -4.96
N LEU B 551 -6.27 -26.30 -3.69
CA LEU B 551 -7.28 -26.89 -2.89
C LEU B 551 -8.26 -25.78 -2.59
N LEU B 552 -9.54 -26.00 -2.92
CA LEU B 552 -10.51 -24.92 -2.81
C LEU B 552 -11.06 -24.75 -1.42
N ALA B 553 -11.12 -25.81 -0.63
CA ALA B 553 -11.56 -25.73 0.73
C ALA B 553 -10.64 -24.81 1.56
N LYS B 554 -11.21 -24.07 2.50
CA LYS B 554 -10.47 -23.06 3.17
C LYS B 554 -9.46 -23.60 4.17
N GLU B 555 -8.46 -22.77 4.45
CA GLU B 555 -7.55 -23.05 5.59
C GLU B 555 -8.34 -23.25 6.83
N GLY B 556 -7.96 -24.29 7.57
CA GLY B 556 -8.59 -24.69 8.75
C GLY B 556 -9.81 -25.52 8.59
N SER B 557 -10.18 -25.81 7.34
CA SER B 557 -11.38 -26.61 7.05
C SER B 557 -11.05 -28.06 7.36
N LEU B 558 -12.07 -28.81 7.52
CA LEU B 558 -11.95 -30.24 7.72
C LEU B 558 -11.16 -30.89 6.61
N VAL B 559 -11.45 -30.50 5.37
CA VAL B 559 -10.73 -31.03 4.22
C VAL B 559 -9.24 -30.68 4.28
N ALA B 560 -8.92 -29.39 4.47
CA ALA B 560 -7.51 -28.94 4.55
C ALA B 560 -6.75 -29.65 5.67
N LYS B 561 -7.44 -29.93 6.78
CA LYS B 561 -6.82 -30.55 7.96
C LYS B 561 -6.52 -32.03 7.75
N ARG B 562 -7.43 -32.72 7.13
CA ARG B 562 -7.29 -34.18 6.91
C ARG B 562 -6.38 -34.54 5.71
N ALA B 563 -6.14 -33.56 4.85
CA ALA B 563 -5.25 -33.71 3.74
C ALA B 563 -4.23 -32.54 3.68
N PRO B 564 -3.33 -32.47 4.63
CA PRO B 564 -2.30 -31.42 4.71
C PRO B 564 -1.39 -31.37 3.46
N TRP B 565 -1.23 -32.49 2.79
CA TRP B 565 -0.44 -32.57 1.58
C TRP B 565 -1.09 -31.86 0.41
N ALA B 566 -2.39 -31.71 0.46
CA ALA B 566 -3.13 -31.27 -0.76
C ALA B 566 -3.08 -29.77 -0.95
N SER B 567 -2.63 -29.02 0.05
CA SER B 567 -2.69 -27.59 -0.10
C SER B 567 -1.41 -27.03 -0.78
N HIS B 568 -0.50 -27.92 -1.15
CA HIS B 568 0.61 -27.55 -2.02
C HIS B 568 0.77 -28.53 -3.14
N SER B 569 1.22 -28.05 -4.28
CA SER B 569 1.48 -28.94 -5.40
C SER B 569 2.64 -29.82 -5.14
N VAL B 570 3.63 -29.30 -4.44
CA VAL B 570 4.87 -30.00 -4.15
C VAL B 570 5.17 -29.87 -2.65
N ASN B 571 5.46 -31.01 -2.04
CA ASN B 571 5.93 -31.13 -0.68
C ASN B 571 7.16 -32.04 -0.71
N VAL B 572 8.30 -31.52 -0.28
CA VAL B 572 9.49 -32.34 -0.14
C VAL B 572 10.01 -32.42 1.30
N VAL B 573 10.20 -33.67 1.76
CA VAL B 573 10.58 -34.04 3.11
C VAL B 573 11.75 -35.00 3.17
N PRO B 574 12.50 -35.02 4.30
CA PRO B 574 13.53 -36.05 4.46
C PRO B 574 12.94 -37.43 4.39
N TYR B 575 13.70 -38.36 3.82
CA TYR B 575 13.29 -39.70 3.88
C TYR B 575 13.36 -40.21 5.29
N LYS B 576 12.40 -40.99 5.70
CA LYS B 576 12.55 -41.92 6.79
C LYS B 576 11.73 -43.15 6.45
N ASP B 577 12.03 -44.26 7.12
CA ASP B 577 11.24 -45.49 6.88
C ASP B 577 9.78 -45.32 7.27
N ASN B 578 8.90 -45.96 6.55
CA ASN B 578 7.49 -45.94 6.84
C ASN B 578 6.86 -44.57 6.68
N ARG B 579 7.37 -43.72 5.77
CA ARG B 579 6.70 -42.44 5.50
C ARG B 579 6.05 -42.64 4.16
N LEU B 580 5.00 -43.46 4.15
CA LEU B 580 4.28 -43.79 2.90
C LEU B 580 3.00 -42.93 2.74
N TYR B 581 2.22 -42.75 3.78
CA TYR B 581 0.83 -42.26 3.65
C TYR B 581 0.61 -40.88 4.29
N PRO B 582 0.45 -39.83 3.46
CA PRO B 582 0.50 -38.48 3.95
C PRO B 582 -0.70 -37.93 4.75
N SER B 583 -1.81 -38.66 4.81
CA SER B 583 -2.90 -38.34 5.73
C SER B 583 -2.90 -39.35 6.89
N GLY B 584 -1.76 -40.02 7.12
CA GLY B 584 -1.63 -40.91 8.24
C GLY B 584 -1.90 -42.36 7.88
N ASP B 585 -1.58 -43.23 8.85
CA ASP B 585 -1.69 -44.66 8.63
C ASP B 585 -3.14 -45.18 8.69
N HIS B 586 -3.96 -44.54 9.52
CA HIS B 586 -5.33 -44.91 9.67
C HIS B 586 -6.25 -43.72 9.42
N VAL B 587 -6.76 -43.63 8.22
CA VAL B 587 -7.35 -42.39 7.82
C VAL B 587 -8.79 -42.15 8.27
N PRO B 588 -9.73 -43.15 8.07
CA PRO B 588 -11.11 -42.82 8.45
C PRO B 588 -11.32 -42.29 9.86
N GLN B 589 -12.15 -41.25 9.90
CA GLN B 589 -12.57 -40.64 11.13
C GLN B 589 -11.50 -39.86 11.91
N TRP B 590 -10.31 -39.68 11.37
CA TRP B 590 -9.42 -38.68 11.90
C TRP B 590 -9.94 -37.27 11.62
N SER B 591 -9.93 -36.43 12.62
CA SER B 591 -10.40 -35.04 12.54
C SER B 591 -9.48 -34.12 11.76
N GLY B 592 -8.24 -34.55 11.54
CA GLY B 592 -7.24 -33.70 11.02
C GLY B 592 -6.44 -32.88 12.02
N ASP B 593 -6.71 -33.07 13.30
CA ASP B 593 -5.90 -32.46 14.36
C ASP B 593 -4.80 -33.46 14.75
N GLY B 594 -3.56 -32.99 14.76
CA GLY B 594 -2.44 -33.76 15.24
C GLY B 594 -1.26 -33.74 14.33
N VAL B 595 -0.14 -34.11 14.89
CA VAL B 595 1.10 -34.15 14.15
C VAL B 595 1.24 -35.60 13.63
N ARG B 596 0.71 -35.86 12.46
CA ARG B 596 0.91 -37.15 11.79
C ARG B 596 0.96 -36.92 10.28
N GLY B 597 1.36 -37.96 9.57
CA GLY B 597 1.53 -37.85 8.15
C GLY B 597 2.35 -36.67 7.70
N MET B 598 1.96 -36.06 6.58
CA MET B 598 2.72 -34.97 5.97
C MET B 598 2.93 -33.86 6.98
N ARG B 599 2.00 -33.66 7.91
CA ARG B 599 2.18 -32.59 8.91
C ARG B 599 3.32 -32.91 9.86
N GLU B 600 3.43 -34.18 10.24
CA GLU B 600 4.56 -34.65 10.96
C GLU B 600 5.86 -34.49 10.18
N TRP B 601 5.85 -34.86 8.91
CA TRP B 601 7.09 -34.96 8.14
C TRP B 601 7.61 -33.55 7.85
N ILE B 602 6.69 -32.60 7.66
CA ILE B 602 7.07 -31.18 7.46
C ILE B 602 7.64 -30.56 8.76
N GLY B 603 7.08 -30.92 9.90
CA GLY B 603 7.59 -30.46 11.21
C GLY B 603 7.52 -28.90 11.25
N ASP B 604 8.61 -28.30 11.68
CA ASP B 604 8.72 -26.90 11.75
C ASP B 604 9.29 -26.36 10.46
N GLY B 605 9.40 -27.18 9.40
CA GLY B 605 9.90 -26.67 8.09
C GLY B 605 11.42 -26.53 7.93
N SER B 606 12.17 -26.78 8.99
CA SER B 606 13.56 -26.37 9.03
C SER B 606 14.57 -27.46 8.60
N GLU B 607 14.16 -28.69 8.41
CA GLU B 607 15.14 -29.77 8.18
C GLU B 607 15.63 -29.71 6.75
N ASN B 608 16.86 -30.14 6.57
CA ASN B 608 17.57 -30.10 5.34
C ASN B 608 17.04 -31.07 4.32
N ILE B 609 16.92 -30.59 3.08
CA ILE B 609 16.51 -31.49 1.99
C ILE B 609 17.38 -31.32 0.75
N ASP B 610 18.52 -30.69 0.93
CA ASP B 610 19.45 -30.48 -0.17
C ASP B 610 20.54 -31.58 -0.08
N ASN B 611 20.63 -32.41 -1.12
CA ASN B 611 21.65 -33.44 -1.25
C ASN B 611 21.59 -34.49 -0.14
N THR B 612 20.47 -35.18 -0.08
CA THR B 612 20.26 -36.10 0.99
C THR B 612 19.24 -37.06 0.44
N ASP B 613 18.69 -37.90 1.30
CA ASP B 613 17.66 -38.82 0.90
C ASP B 613 16.32 -38.08 1.17
N ILE B 614 15.54 -37.88 0.11
CA ILE B 614 14.29 -37.05 0.18
C ILE B 614 13.08 -37.84 -0.33
N LEU B 615 11.89 -37.34 -0.05
CA LEU B 615 10.61 -37.87 -0.57
C LEU B 615 9.90 -36.67 -1.12
N PHE B 616 9.46 -36.81 -2.37
CA PHE B 616 8.84 -35.74 -3.12
C PHE B 616 7.38 -36.15 -3.31
N PHE B 617 6.47 -35.39 -2.74
CA PHE B 617 5.04 -35.69 -2.83
C PHE B 617 4.36 -34.61 -3.70
N HIS B 618 3.74 -35.01 -4.80
CA HIS B 618 3.11 -34.10 -5.76
C HIS B 618 1.62 -34.20 -5.73
N THR B 619 0.97 -33.05 -5.55
CA THR B 619 -0.54 -32.99 -5.57
C THR B 619 -0.96 -32.56 -6.93
N PHE B 620 -1.81 -33.35 -7.57
CA PHE B 620 -2.28 -33.05 -8.92
C PHE B 620 -3.75 -33.59 -9.02
N GLY B 621 -4.48 -33.24 -10.07
CA GLY B 621 -5.86 -33.73 -10.27
C GLY B 621 -6.72 -32.73 -11.02
N ILE B 622 -8.04 -32.75 -10.79
CA ILE B 622 -8.95 -31.89 -11.55
C ILE B 622 -10.01 -31.39 -10.60
N THR B 623 -10.61 -30.30 -11.04
CA THR B 623 -11.80 -29.79 -10.45
C THR B 623 -13.00 -30.09 -11.41
N HIS B 624 -14.01 -30.78 -10.89
CA HIS B 624 -15.12 -31.28 -11.68
C HIS B 624 -16.43 -30.51 -11.42
N PHE B 625 -16.90 -29.79 -12.42
CA PHE B 625 -18.22 -29.14 -12.39
C PHE B 625 -19.11 -30.03 -13.29
N PRO B 626 -19.98 -30.87 -12.68
CA PRO B 626 -20.72 -31.81 -13.49
C PRO B 626 -21.63 -31.16 -14.57
N ALA B 627 -21.76 -31.85 -15.68
CA ALA B 627 -22.68 -31.49 -16.73
C ALA B 627 -23.42 -32.71 -17.11
N PRO B 628 -24.52 -32.51 -17.86
CA PRO B 628 -25.31 -33.66 -18.34
C PRO B 628 -24.57 -34.69 -19.18
N GLU B 629 -23.53 -34.31 -19.93
CA GLU B 629 -22.67 -35.25 -20.63
C GLU B 629 -22.06 -36.31 -19.74
N ASP B 630 -21.93 -36.00 -18.45
CA ASP B 630 -21.36 -36.95 -17.48
C ASP B 630 -22.33 -38.00 -16.99
N PHE B 631 -23.62 -37.85 -17.30
CA PHE B 631 -24.70 -38.69 -16.80
C PHE B 631 -25.43 -39.43 -17.91
N PRO B 632 -25.99 -40.61 -17.62
CA PRO B 632 -25.88 -41.39 -16.40
C PRO B 632 -24.56 -42.10 -16.10
N LEU B 633 -23.67 -42.12 -17.07
CA LEU B 633 -22.37 -42.73 -16.95
C LEU B 633 -21.44 -41.78 -17.65
N MET B 634 -20.26 -41.58 -17.07
CA MET B 634 -19.41 -40.50 -17.59
C MET B 634 -18.30 -40.88 -18.53
N PRO B 635 -18.13 -40.11 -19.57
CA PRO B 635 -17.05 -40.36 -20.50
C PRO B 635 -15.74 -40.13 -19.85
N ALA B 636 -14.74 -40.91 -20.22
CA ALA B 636 -13.43 -40.83 -19.59
C ALA B 636 -12.85 -39.41 -19.63
N GLU B 637 -12.32 -38.98 -18.51
CA GLU B 637 -11.72 -37.65 -18.39
C GLU B 637 -10.25 -37.90 -18.04
N PRO B 638 -9.34 -37.36 -18.83
CA PRO B 638 -7.91 -37.64 -18.70
C PRO B 638 -7.13 -36.71 -17.76
N ILE B 639 -6.18 -37.27 -17.07
CA ILE B 639 -5.27 -36.54 -16.23
C ILE B 639 -3.88 -37.11 -16.57
N THR B 640 -2.87 -36.26 -16.64
CA THR B 640 -1.49 -36.75 -16.88
C THR B 640 -0.42 -35.88 -16.21
N LEU B 641 0.73 -36.49 -15.96
CA LEU B 641 1.95 -35.84 -15.57
C LEU B 641 3.08 -36.64 -16.19
N MET B 642 4.25 -36.03 -16.29
CA MET B 642 5.40 -36.71 -16.90
C MET B 642 6.63 -36.29 -16.11
N LEU B 643 7.55 -37.27 -15.96
CA LEU B 643 8.90 -37.10 -15.50
C LEU B 643 9.87 -37.40 -16.67
N ARG B 644 10.65 -36.39 -17.02
CA ARG B 644 11.45 -36.36 -18.23
C ARG B 644 12.90 -36.22 -17.86
N PRO B 645 13.74 -36.98 -18.55
CA PRO B 645 15.17 -36.81 -18.28
C PRO B 645 15.66 -35.52 -18.88
N ARG B 646 16.29 -34.65 -18.11
CA ARG B 646 16.90 -33.45 -18.64
C ARG B 646 18.26 -33.34 -18.02
N HIS B 647 19.26 -33.30 -18.88
CA HIS B 647 20.71 -33.32 -18.45
C HIS B 647 21.13 -34.67 -17.85
N PHE B 648 20.23 -35.64 -17.91
CA PHE B 648 20.53 -37.01 -17.54
C PHE B 648 21.44 -37.71 -18.56
N PHE B 649 21.06 -37.62 -19.82
CA PHE B 649 21.82 -38.23 -20.91
C PHE B 649 22.63 -37.12 -21.57
N THR B 650 23.65 -37.51 -22.34
CA THR B 650 24.33 -36.58 -23.15
C THR B 650 23.84 -36.48 -24.57
N GLU B 651 22.92 -37.32 -24.95
CA GLU B 651 22.19 -37.15 -26.20
C GLU B 651 20.89 -37.96 -26.19
N ASN B 652 20.05 -37.75 -27.17
CA ASN B 652 18.83 -38.49 -27.29
C ASN B 652 19.10 -40.00 -27.10
N PRO B 653 18.44 -40.65 -26.12
CA PRO B 653 18.77 -42.06 -25.82
C PRO B 653 18.17 -43.06 -26.79
N GLY B 654 17.23 -42.62 -27.62
CA GLY B 654 16.54 -43.50 -28.56
C GLY B 654 17.14 -43.66 -29.96
N LEU B 655 18.28 -43.05 -30.23
CA LEU B 655 18.83 -43.02 -31.63
C LEU B 655 19.35 -44.37 -32.13
N ASP B 656 19.55 -45.34 -31.22
CA ASP B 656 19.99 -46.70 -31.60
C ASP B 656 18.86 -47.67 -31.90
N ILE B 657 17.62 -47.14 -31.95
CA ILE B 657 16.39 -47.86 -32.25
C ILE B 657 16.22 -47.82 -33.78
N GLN B 658 16.00 -48.96 -34.42
CA GLN B 658 16.02 -48.99 -35.90
C GLN B 658 14.94 -48.05 -36.41
N PRO B 659 15.27 -47.15 -37.37
CA PRO B 659 14.20 -46.30 -37.89
C PRO B 659 13.11 -47.06 -38.66
N SER B 660 11.91 -46.50 -38.83
CA SER B 660 10.95 -47.06 -39.75
C SER B 660 11.29 -46.76 -41.18
N TYR B 661 11.90 -45.61 -41.42
CA TYR B 661 12.32 -45.18 -42.72
C TYR B 661 13.52 -44.28 -42.50
N ALA B 662 14.53 -44.43 -43.36
CA ALA B 662 15.74 -43.66 -43.30
C ALA B 662 16.31 -43.59 -44.69
N MET B 663 16.52 -42.39 -45.19
CA MET B 663 17.25 -42.18 -46.43
C MET B 663 18.14 -40.96 -46.27
N THR B 664 19.42 -41.13 -46.54
CA THR B 664 20.42 -40.08 -46.46
C THR B 664 20.45 -39.28 -47.75
N THR B 665 21.15 -38.16 -47.67
CA THR B 665 21.30 -37.29 -48.81
C THR B 665 22.00 -37.94 -50.02
N SER B 666 23.06 -38.70 -49.75
CA SER B 666 23.73 -39.49 -50.79
C SER B 666 22.87 -40.60 -51.35
N GLU B 667 22.17 -41.32 -50.47
CA GLU B 667 21.26 -42.31 -50.98
C GLU B 667 20.20 -41.66 -51.87
N ALA B 668 19.70 -40.48 -51.48
CA ALA B 668 18.63 -39.85 -52.27
C ALA B 668 19.13 -39.46 -53.66
N LYS B 669 20.34 -38.95 -53.73
CA LYS B 669 20.98 -38.65 -55.03
C LYS B 669 21.15 -39.92 -55.87
N ARG B 670 21.46 -41.05 -55.26
CA ARG B 670 21.62 -42.29 -56.01
C ARG B 670 20.29 -42.84 -56.58
N ALA B 671 19.15 -42.58 -55.95
CA ALA B 671 17.85 -42.92 -56.56
C ALA B 671 17.56 -42.00 -57.75
N VAL B 672 18.39 -40.99 -57.92
CA VAL B 672 18.30 -39.92 -58.96
C VAL B 672 17.01 -39.16 -58.73
N ALA C 17 -50.73 -31.12 43.36
CA ALA C 17 -50.77 -29.93 42.42
C ALA C 17 -50.22 -28.64 43.08
N PRO C 18 -48.96 -28.27 42.79
CA PRO C 18 -48.32 -27.37 43.75
C PRO C 18 -48.86 -25.93 43.68
N ALA C 19 -48.66 -25.19 44.76
CA ALA C 19 -49.08 -23.81 44.82
C ALA C 19 -48.31 -22.90 43.82
N ARG C 20 -49.06 -22.00 43.20
CA ARG C 20 -48.54 -20.90 42.39
C ARG C 20 -47.58 -20.04 43.25
N PRO C 21 -46.52 -19.47 42.63
CA PRO C 21 -45.68 -18.59 43.41
C PRO C 21 -46.34 -17.23 43.57
N ALA C 22 -45.76 -16.42 44.40
CA ALA C 22 -46.21 -15.03 44.53
C ALA C 22 -45.96 -14.24 43.24
N HIS C 23 -44.93 -14.62 42.46
CA HIS C 23 -44.57 -13.85 41.26
C HIS C 23 -44.21 -14.82 40.16
N PRO C 24 -44.60 -14.53 38.89
CA PRO C 24 -44.27 -15.46 37.82
C PRO C 24 -42.80 -15.69 37.55
N LEU C 25 -41.92 -14.81 38.06
CA LEU C 25 -40.48 -14.95 37.80
C LEU C 25 -39.76 -15.67 38.92
N ASP C 26 -40.49 -16.00 39.98
CA ASP C 26 -39.93 -16.71 41.11
C ASP C 26 -39.37 -18.07 40.72
N PRO C 27 -38.19 -18.42 41.24
CA PRO C 27 -37.66 -19.74 40.90
C PRO C 27 -38.66 -20.81 41.39
N LEU C 28 -38.55 -22.02 40.85
CA LEU C 28 -39.41 -23.11 41.28
C LEU C 28 -39.14 -23.39 42.74
N SER C 29 -40.21 -23.56 43.49
CA SER C 29 -40.09 -24.01 44.89
C SER C 29 -39.67 -25.48 44.93
N THR C 30 -39.39 -25.94 46.12
CA THR C 30 -39.08 -27.33 46.33
C THR C 30 -40.27 -28.20 45.98
N ALA C 31 -41.45 -27.69 46.23
CA ALA C 31 -42.66 -28.47 45.96
C ALA C 31 -42.78 -28.55 44.50
N GLU C 32 -42.53 -27.44 43.81
CA GLU C 32 -42.70 -27.43 42.35
C GLU C 32 -41.70 -28.39 41.68
N ILE C 33 -40.47 -28.45 42.19
CA ILE C 33 -39.45 -29.34 41.69
C ILE C 33 -39.87 -30.80 41.87
N LYS C 34 -40.33 -31.14 43.08
CA LYS C 34 -40.89 -32.45 43.33
C LYS C 34 -42.06 -32.77 42.42
N ALA C 35 -42.96 -31.85 42.26
CA ALA C 35 -44.07 -32.11 41.39
C ALA C 35 -43.61 -32.38 39.95
N ALA C 36 -42.66 -31.60 39.46
CA ALA C 36 -42.19 -31.74 38.09
C ALA C 36 -41.48 -33.07 37.89
N THR C 37 -40.67 -33.50 38.85
CA THR C 37 -40.01 -34.76 38.67
C THR C 37 -40.97 -35.95 38.79
N ASN C 38 -41.90 -35.90 39.75
CA ASN C 38 -42.96 -36.89 39.77
C ASN C 38 -43.60 -36.97 38.45
N THR C 39 -43.91 -35.83 37.83
CA THR C 39 -44.64 -35.85 36.57
C THR C 39 -43.83 -36.54 35.47
N VAL C 40 -42.53 -36.30 35.47
CA VAL C 40 -41.64 -36.80 34.43
C VAL C 40 -41.45 -38.30 34.69
N LYS C 41 -41.06 -38.69 35.89
CA LYS C 41 -41.02 -40.12 36.29
C LYS C 41 -42.22 -40.92 35.77
N SER C 42 -43.41 -40.35 35.87
CA SER C 42 -44.62 -41.04 35.39
C SER C 42 -44.73 -41.15 33.93
N TYR C 43 -44.41 -40.07 33.25
CA TYR C 43 -44.51 -40.05 31.81
C TYR C 43 -43.51 -41.03 31.22
N PHE C 44 -42.40 -41.29 31.91
CA PHE C 44 -41.41 -42.26 31.45
C PHE C 44 -41.55 -43.49 32.29
N ALA C 45 -42.82 -43.92 32.36
CA ALA C 45 -43.22 -44.96 33.29
C ALA C 45 -42.39 -46.20 32.95
N GLY C 46 -41.66 -46.69 33.95
CA GLY C 46 -40.98 -47.94 33.86
C GLY C 46 -39.58 -47.77 33.37
N LYS C 47 -39.26 -46.61 32.83
CA LYS C 47 -37.91 -46.35 32.39
C LYS C 47 -37.04 -45.94 33.55
N LYS C 48 -35.80 -46.36 33.51
CA LYS C 48 -34.81 -45.95 34.47
C LYS C 48 -34.18 -44.63 34.00
N ILE C 49 -34.61 -43.50 34.61
CA ILE C 49 -34.13 -42.12 34.27
C ILE C 49 -33.48 -41.43 35.43
N SER C 50 -32.52 -40.52 35.16
CA SER C 50 -31.96 -39.62 36.15
C SER C 50 -32.09 -38.12 35.74
N PHE C 51 -32.13 -37.26 36.76
CA PHE C 51 -32.46 -35.84 36.56
C PHE C 51 -31.17 -35.08 36.60
N ASN C 52 -30.97 -34.31 35.55
CA ASN C 52 -29.82 -33.41 35.42
C ASN C 52 -30.17 -31.93 35.71
N THR C 53 -31.33 -31.48 35.23
CA THR C 53 -31.80 -30.13 35.41
C THR C 53 -33.30 -30.11 35.59
N VAL C 54 -33.76 -29.32 36.57
CA VAL C 54 -35.15 -29.06 36.71
C VAL C 54 -35.26 -27.59 37.21
N THR C 55 -35.74 -26.71 36.32
CA THR C 55 -35.65 -25.25 36.54
C THR C 55 -36.86 -24.56 35.90
N LEU C 56 -37.11 -23.33 36.30
CA LEU C 56 -38.15 -22.51 35.72
C LEU C 56 -37.89 -22.31 34.27
N ARG C 57 -38.93 -22.54 33.45
CA ARG C 57 -39.01 -22.01 32.10
C ARG C 57 -39.79 -20.68 32.25
N GLU C 58 -39.07 -19.59 32.05
CA GLU C 58 -39.54 -18.28 32.31
C GLU C 58 -40.56 -17.94 31.24
N PRO C 59 -41.61 -17.24 31.61
CA PRO C 59 -42.61 -16.85 30.66
C PRO C 59 -42.09 -16.03 29.50
N ALA C 60 -42.84 -16.04 28.41
CA ALA C 60 -42.51 -15.25 27.28
C ALA C 60 -42.54 -13.79 27.67
N ARG C 61 -41.70 -13.02 27.01
CA ARG C 61 -41.46 -11.66 27.39
C ARG C 61 -42.75 -10.85 27.25
N LYS C 62 -43.41 -11.05 26.12
CA LYS C 62 -44.63 -10.31 25.81
C LYS C 62 -45.73 -10.71 26.74
N ALA C 63 -45.87 -12.01 26.98
CA ALA C 63 -46.86 -12.48 27.96
C ALA C 63 -46.58 -11.85 29.32
N TYR C 64 -45.33 -11.87 29.77
CA TYR C 64 -45.02 -11.26 31.07
C TYR C 64 -45.44 -9.79 31.15
N ILE C 65 -45.08 -9.03 30.15
CA ILE C 65 -45.37 -7.61 30.17
C ILE C 65 -46.87 -7.38 30.06
N GLN C 66 -47.58 -8.23 29.31
CA GLN C 66 -49.03 -8.08 29.21
C GLN C 66 -49.65 -8.27 30.54
N TRP C 67 -49.16 -9.27 31.27
CA TRP C 67 -49.64 -9.57 32.60
C TRP C 67 -49.33 -8.42 33.52
N LYS C 68 -48.12 -7.94 33.45
CA LYS C 68 -47.69 -6.94 34.39
C LYS C 68 -48.39 -5.65 34.14
N GLU C 69 -48.65 -5.30 32.90
CA GLU C 69 -49.04 -3.90 32.62
C GLU C 69 -50.30 -3.71 31.84
N GLN C 70 -50.87 -4.78 31.33
CA GLN C 70 -52.00 -4.63 30.44
C GLN C 70 -53.13 -5.57 30.83
N GLY C 71 -53.21 -6.00 32.09
CA GLY C 71 -54.31 -6.87 32.52
C GLY C 71 -54.34 -8.18 31.75
N GLY C 72 -53.20 -8.64 31.26
CA GLY C 72 -53.15 -9.95 30.62
C GLY C 72 -53.24 -11.11 31.61
N PRO C 73 -53.44 -12.32 31.11
CA PRO C 73 -53.52 -13.43 32.01
C PRO C 73 -52.15 -13.78 32.58
N LEU C 74 -52.19 -14.45 33.72
CA LEU C 74 -51.03 -14.98 34.41
C LEU C 74 -50.39 -16.07 33.55
N PRO C 75 -49.09 -15.93 33.18
CA PRO C 75 -48.47 -16.94 32.34
C PRO C 75 -48.49 -18.30 33.03
N PRO C 76 -48.61 -19.36 32.26
CA PRO C 76 -48.58 -20.65 32.94
C PRO C 76 -47.21 -20.88 33.63
N ARG C 77 -47.26 -21.64 34.71
CA ARG C 77 -46.12 -21.97 35.46
C ARG C 77 -45.50 -23.23 34.84
N LEU C 78 -44.31 -23.09 34.27
CA LEU C 78 -43.65 -24.22 33.57
C LEU C 78 -42.28 -24.65 34.17
N ALA C 79 -42.01 -25.95 34.16
CA ALA C 79 -40.71 -26.42 34.50
C ALA C 79 -39.98 -27.05 33.31
N TYR C 80 -38.71 -26.64 33.09
CA TYR C 80 -37.83 -27.22 32.04
C TYR C 80 -37.04 -28.32 32.68
N TYR C 81 -37.06 -29.52 32.08
CA TYR C 81 -36.24 -30.61 32.56
C TYR C 81 -35.24 -31.15 31.51
N VAL C 82 -34.17 -31.72 32.03
CA VAL C 82 -33.19 -32.47 31.29
C VAL C 82 -32.99 -33.72 32.10
N ILE C 83 -33.12 -34.87 31.43
CA ILE C 83 -32.90 -36.18 32.05
C ILE C 83 -31.99 -37.05 31.16
N LEU C 84 -31.30 -37.97 31.81
CA LEU C 84 -30.61 -39.09 31.15
C LEU C 84 -31.42 -40.42 31.37
N GLU C 85 -31.35 -41.34 30.41
CA GLU C 85 -31.90 -42.71 30.52
C GLU C 85 -30.72 -43.68 30.35
N ALA C 86 -30.57 -44.65 31.28
CA ALA C 86 -29.51 -45.71 31.22
C ALA C 86 -29.65 -46.38 29.90
N GLY C 87 -28.48 -46.56 29.26
CA GLY C 87 -28.35 -47.20 27.95
C GLY C 87 -28.83 -46.35 26.80
N LYS C 88 -29.35 -45.15 27.02
CA LYS C 88 -29.68 -44.25 25.90
C LYS C 88 -28.63 -43.13 25.77
N PRO C 89 -28.20 -42.78 24.53
CA PRO C 89 -27.24 -41.72 24.35
C PRO C 89 -27.83 -40.32 24.54
N GLY C 90 -27.00 -39.38 24.96
CA GLY C 90 -27.40 -37.96 25.08
C GLY C 90 -28.41 -37.75 26.21
N VAL C 91 -29.47 -37.01 25.92
CA VAL C 91 -30.40 -36.59 26.94
C VAL C 91 -31.75 -36.50 26.36
N LYS C 92 -32.72 -36.31 27.25
CA LYS C 92 -34.06 -35.92 26.83
C LYS C 92 -34.38 -34.68 27.60
N GLU C 93 -35.14 -33.78 26.99
CA GLU C 93 -35.53 -32.55 27.66
C GLU C 93 -37.02 -32.26 27.39
N GLY C 94 -37.64 -31.37 28.13
CA GLY C 94 -39.03 -31.05 27.87
C GLY C 94 -39.53 -30.05 28.87
N LEU C 95 -40.83 -29.80 28.84
CA LEU C 95 -41.49 -28.91 29.78
C LEU C 95 -42.62 -29.62 30.49
N VAL C 96 -42.76 -29.33 31.78
CA VAL C 96 -43.92 -29.76 32.54
C VAL C 96 -44.80 -28.56 32.77
N ASP C 97 -46.07 -28.68 32.42
CA ASP C 97 -47.08 -27.72 32.91
C ASP C 97 -47.46 -28.09 34.36
N LEU C 98 -47.16 -27.18 35.29
CA LEU C 98 -47.25 -27.54 36.70
C LEU C 98 -48.69 -27.48 37.27
N ALA C 99 -49.60 -26.75 36.61
CA ALA C 99 -51.01 -26.68 37.08
C ALA C 99 -51.73 -27.98 36.75
N SER C 100 -51.54 -28.45 35.50
CA SER C 100 -52.09 -29.73 35.03
C SER C 100 -51.23 -30.96 35.35
N LEU C 101 -50.14 -30.80 36.07
CA LEU C 101 -49.21 -31.89 36.30
C LEU C 101 -48.95 -32.79 35.05
N SER C 102 -48.55 -32.19 33.94
CA SER C 102 -48.22 -32.97 32.80
C SER C 102 -47.13 -32.43 31.88
N VAL C 103 -46.50 -33.40 31.23
CA VAL C 103 -45.52 -33.13 30.25
C VAL C 103 -46.16 -32.50 29.00
N ILE C 104 -45.74 -31.32 28.63
CA ILE C 104 -46.32 -30.71 27.47
C ILE C 104 -45.38 -30.64 26.28
N GLU C 105 -44.14 -31.05 26.43
CA GLU C 105 -43.19 -30.88 25.32
C GLU C 105 -42.09 -31.82 25.70
N THR C 106 -41.57 -32.54 24.72
CA THR C 106 -40.55 -33.51 25.01
C THR C 106 -39.73 -33.80 23.73
N ARG C 107 -38.42 -33.98 23.89
CA ARG C 107 -37.58 -34.51 22.81
C ARG C 107 -36.28 -35.12 23.28
N ALA C 108 -35.82 -36.03 22.46
CA ALA C 108 -34.60 -36.73 22.67
C ALA C 108 -33.53 -36.06 21.86
N LEU C 109 -32.39 -35.80 22.51
CA LEU C 109 -31.24 -35.17 21.87
C LEU C 109 -30.09 -36.11 22.13
N GLU C 110 -29.87 -36.98 21.17
CA GLU C 110 -28.91 -38.06 21.30
C GLU C 110 -27.46 -37.67 21.09
N THR C 111 -27.20 -36.43 20.64
CA THR C 111 -25.87 -36.06 20.23
C THR C 111 -25.41 -34.83 20.94
N VAL C 112 -25.89 -34.59 22.16
CA VAL C 112 -25.42 -33.52 22.99
C VAL C 112 -25.13 -34.08 24.39
N GLN C 113 -24.40 -33.33 25.20
CA GLN C 113 -24.12 -33.70 26.58
C GLN C 113 -24.43 -32.51 27.41
N PRO C 114 -24.98 -32.76 28.62
CA PRO C 114 -25.48 -31.69 29.47
C PRO C 114 -24.53 -31.20 30.54
N ILE C 115 -24.93 -30.12 31.19
CA ILE C 115 -24.17 -29.53 32.31
C ILE C 115 -23.82 -30.59 33.40
N LEU C 116 -22.63 -30.53 33.98
CA LEU C 116 -22.19 -31.39 35.08
C LEU C 116 -22.57 -30.85 36.49
N THR C 117 -23.37 -31.60 37.20
CA THR C 117 -23.85 -31.20 38.53
C THR C 117 -22.86 -31.64 39.55
N VAL C 118 -23.02 -31.20 40.80
CA VAL C 118 -22.13 -31.65 41.86
C VAL C 118 -22.24 -33.20 42.05
N GLU C 119 -23.36 -33.83 41.74
CA GLU C 119 -23.45 -35.28 41.85
C GLU C 119 -22.81 -36.00 40.67
N ASP C 120 -22.87 -35.46 39.44
CA ASP C 120 -22.18 -36.18 38.36
C ASP C 120 -20.65 -35.96 38.43
N LEU C 121 -20.22 -34.97 39.18
CA LEU C 121 -18.79 -34.75 39.38
CA LEU C 121 -18.79 -34.69 39.41
C LEU C 121 -18.19 -35.56 40.53
N CYS C 122 -18.63 -35.34 41.81
CA CYS C 122 -18.04 -35.92 43.07
C CYS C 122 -17.70 -37.41 42.95
N SER C 123 -18.20 -38.06 41.95
CA SER C 123 -17.97 -39.49 41.70
C SER C 123 -16.64 -39.90 41.05
N THR C 124 -15.97 -38.99 40.39
CA THR C 124 -14.87 -39.32 39.52
C THR C 124 -13.61 -39.77 40.23
N GLU C 125 -13.37 -39.16 41.36
CA GLU C 125 -12.17 -39.39 42.16
C GLU C 125 -12.07 -40.84 42.62
N GLU C 126 -13.18 -41.46 43.02
CA GLU C 126 -13.08 -42.88 43.37
C GLU C 126 -12.94 -43.78 42.11
N VAL C 127 -13.47 -43.35 40.98
CA VAL C 127 -13.27 -44.12 39.78
C VAL C 127 -11.78 -44.19 39.47
N ILE C 128 -11.09 -43.04 39.54
CA ILE C 128 -9.71 -43.04 39.14
C ILE C 128 -8.81 -43.67 40.23
N ARG C 129 -9.06 -43.43 41.52
CA ARG C 129 -8.31 -44.17 42.53
C ARG C 129 -8.35 -45.69 42.41
N ASN C 130 -9.37 -46.25 41.76
CA ASN C 130 -9.56 -47.70 41.74
C ASN C 130 -9.33 -48.26 40.36
N ASP C 131 -8.85 -47.45 39.43
CA ASP C 131 -8.59 -47.96 38.10
C ASP C 131 -7.19 -48.48 37.95
N PRO C 132 -7.01 -49.70 37.48
CA PRO C 132 -5.67 -50.27 37.39
C PRO C 132 -4.68 -49.46 36.51
N ALA C 133 -5.13 -48.92 35.38
CA ALA C 133 -4.20 -48.18 34.53
C ALA C 133 -3.76 -46.89 35.20
N VAL C 134 -4.67 -46.25 35.91
CA VAL C 134 -4.34 -45.01 36.60
C VAL C 134 -3.34 -45.31 37.71
N ILE C 135 -3.57 -46.42 38.42
CA ILE C 135 -2.74 -46.78 39.57
C ILE C 135 -1.31 -47.02 39.06
N GLU C 136 -1.21 -47.74 37.97
CA GLU C 136 0.07 -47.99 37.42
C GLU C 136 0.77 -46.67 37.02
N GLN C 137 0.01 -45.68 36.54
CA GLN C 137 0.65 -44.42 36.16
C GLN C 137 1.09 -43.64 37.38
N CYS C 138 0.37 -43.76 38.49
CA CYS C 138 0.81 -43.23 39.77
C CYS C 138 2.14 -43.88 40.21
N VAL C 139 2.17 -45.21 40.09
CA VAL C 139 3.38 -45.96 40.50
C VAL C 139 4.56 -45.52 39.67
N LEU C 140 4.41 -45.45 38.36
CA LEU C 140 5.46 -44.87 37.48
C LEU C 140 5.87 -43.44 37.86
N SER C 141 4.92 -42.70 38.43
CA SER C 141 5.15 -41.32 38.82
C SER C 141 5.72 -41.15 40.22
N GLY C 142 5.96 -42.25 40.92
CA GLY C 142 6.63 -42.18 42.23
C GLY C 142 5.68 -42.24 43.39
N ILE C 143 4.45 -42.66 43.13
CA ILE C 143 3.46 -42.79 44.18
C ILE C 143 3.00 -44.25 44.19
N PRO C 144 3.39 -44.99 45.22
CA PRO C 144 3.04 -46.40 45.39
C PRO C 144 1.54 -46.65 45.42
N ALA C 145 1.17 -47.86 44.97
CA ALA C 145 -0.20 -48.28 44.83
C ALA C 145 -0.93 -48.18 46.15
N ASN C 146 -0.21 -48.38 47.24
CA ASN C 146 -0.82 -48.28 48.52
C ASN C 146 -1.03 -46.85 49.00
N GLU C 147 -0.79 -45.86 48.16
CA GLU C 147 -0.99 -44.46 48.56
C GLU C 147 -2.00 -43.82 47.65
N MET C 148 -2.85 -44.64 47.05
CA MET C 148 -3.85 -44.14 46.14
C MET C 148 -4.85 -43.23 46.85
N HIS C 149 -5.02 -43.39 48.18
CA HIS C 149 -5.91 -42.49 48.93
C HIS C 149 -5.38 -41.05 49.02
N LYS C 150 -4.14 -40.85 48.61
CA LYS C 150 -3.52 -39.55 48.60
C LYS C 150 -3.55 -38.87 47.23
N VAL C 151 -4.17 -39.56 46.26
CA VAL C 151 -4.28 -39.12 44.91
C VAL C 151 -5.65 -38.46 44.83
N TYR C 152 -5.68 -37.24 44.29
CA TYR C 152 -6.93 -36.52 44.14
C TYR C 152 -7.08 -36.08 42.68
N CYS C 153 -8.29 -35.72 42.27
CA CYS C 153 -8.43 -35.09 40.95
C CYS C 153 -9.55 -34.08 40.94
N ASP C 154 -9.33 -33.07 40.11
CA ASP C 154 -10.38 -32.13 39.77
C ASP C 154 -11.00 -32.62 38.44
N PRO C 155 -12.25 -33.09 38.50
CA PRO C 155 -12.91 -33.67 37.34
C PRO C 155 -13.55 -32.53 36.53
N TRP C 156 -13.00 -32.27 35.37
CA TRP C 156 -13.53 -31.21 34.52
C TRP C 156 -14.29 -31.95 33.45
N THR C 157 -15.25 -31.29 32.81
CA THR C 157 -15.72 -31.84 31.54
C THR C 157 -14.50 -31.98 30.68
N ILE C 158 -14.54 -32.95 29.80
CA ILE C 158 -13.51 -33.04 28.77
C ILE C 158 -13.40 -31.80 27.93
N GLY C 159 -14.45 -31.00 27.91
CA GLY C 159 -14.49 -29.83 27.07
C GLY C 159 -14.88 -30.18 25.65
N TYR C 160 -13.88 -30.46 24.86
CA TYR C 160 -14.03 -31.09 23.56
C TYR C 160 -12.78 -31.90 23.23
N ASP C 161 -12.99 -33.15 22.89
CA ASP C 161 -11.92 -34.03 22.39
C ASP C 161 -12.44 -34.68 21.10
N GLU C 162 -11.78 -34.34 19.99
CA GLU C 162 -12.19 -34.84 18.70
C GLU C 162 -12.09 -36.41 18.52
N ARG C 163 -11.54 -37.11 19.52
CA ARG C 163 -11.53 -38.57 19.48
C ARG C 163 -12.90 -39.15 19.85
N TRP C 164 -13.74 -38.39 20.57
CA TRP C 164 -15.03 -38.90 21.01
C TRP C 164 -16.25 -38.06 20.72
N GLY C 165 -16.09 -36.81 20.38
CA GLY C 165 -17.27 -35.98 20.17
C GLY C 165 -18.19 -35.94 21.36
N THR C 166 -19.49 -36.11 21.08
CA THR C 166 -20.53 -36.20 22.07
C THR C 166 -20.94 -37.66 22.24
N GLY C 167 -20.15 -38.59 21.75
CA GLY C 167 -20.63 -39.99 21.65
C GLY C 167 -20.72 -40.74 22.98
N LYS C 168 -19.93 -40.27 23.94
CA LYS C 168 -19.95 -40.65 25.35
C LYS C 168 -19.90 -39.39 26.16
N ARG C 169 -20.35 -39.49 27.39
CA ARG C 169 -20.33 -38.36 28.32
C ARG C 169 -19.03 -38.43 29.10
N LEU C 170 -18.17 -37.45 28.95
CA LEU C 170 -16.78 -37.60 29.39
C LEU C 170 -16.27 -36.49 30.26
N GLN C 171 -15.49 -36.89 31.23
CA GLN C 171 -14.73 -35.99 32.04
C GLN C 171 -13.23 -36.24 31.89
N GLN C 172 -12.48 -35.20 32.15
CA GLN C 172 -11.02 -35.30 32.19
C GLN C 172 -10.64 -35.06 33.64
N ALA C 173 -9.77 -35.92 34.20
CA ALA C 173 -9.37 -35.87 35.59
C ALA C 173 -7.98 -35.24 35.70
N LEU C 174 -7.95 -34.00 36.19
CA LEU C 174 -6.68 -33.32 36.42
C LEU C 174 -6.21 -33.79 37.79
N VAL C 175 -5.12 -34.52 37.76
CA VAL C 175 -4.65 -35.32 38.91
CA VAL C 175 -4.74 -35.28 38.93
C VAL C 175 -3.62 -34.58 39.73
N TYR C 176 -3.74 -34.69 41.06
CA TYR C 176 -2.94 -34.05 42.08
C TYR C 176 -2.68 -35.04 43.25
N TYR C 177 -1.70 -34.71 44.05
CA TYR C 177 -1.28 -35.53 45.16
C TYR C 177 -1.26 -34.68 46.43
N ARG C 178 -1.77 -35.22 47.55
CA ARG C 178 -1.68 -34.58 48.86
C ARG C 178 -0.90 -35.48 49.81
N SER C 179 0.14 -34.95 50.47
N SER C 179 0.11 -34.90 50.46
CA SER C 179 0.81 -35.75 51.51
CA SER C 179 0.89 -35.61 51.48
C SER C 179 -0.14 -35.97 52.66
C SER C 179 0.11 -35.79 52.76
N ASP C 180 -0.90 -34.93 52.98
CA ASP C 180 -1.75 -34.92 54.15
C ASP C 180 -3.08 -34.41 53.64
N GLU C 181 -4.18 -34.87 54.21
CA GLU C 181 -5.49 -34.50 53.62
C GLU C 181 -5.79 -33.00 53.72
N ASP C 182 -5.14 -32.30 54.64
CA ASP C 182 -5.35 -30.85 54.82
C ASP C 182 -4.50 -29.97 53.89
N ASP C 183 -3.56 -30.60 53.18
CA ASP C 183 -2.75 -29.91 52.17
C ASP C 183 -3.58 -29.28 51.07
N SER C 184 -3.00 -28.24 50.42
CA SER C 184 -3.50 -27.76 49.14
C SER C 184 -2.75 -28.53 48.07
N GLN C 185 -3.50 -29.29 47.28
CA GLN C 185 -2.96 -30.24 46.39
C GLN C 185 -2.21 -29.62 45.20
N TYR C 186 -2.42 -28.33 44.96
CA TYR C 186 -2.11 -27.72 43.68
C TYR C 186 -0.63 -27.48 43.47
N SER C 187 0.16 -27.61 44.54
CA SER C 187 1.62 -27.69 44.40
C SER C 187 2.11 -29.02 43.85
N HIS C 188 1.25 -30.06 43.78
CA HIS C 188 1.67 -31.39 43.32
C HIS C 188 0.74 -32.06 42.25
N PRO C 189 0.64 -31.44 41.10
CA PRO C 189 0.02 -32.11 39.97
C PRO C 189 0.86 -33.27 39.47
N LEU C 190 0.19 -34.26 38.91
CA LEU C 190 0.84 -35.33 38.23
C LEU C 190 0.83 -35.03 36.75
N ASP C 191 1.57 -35.86 35.98
CA ASP C 191 1.85 -35.52 34.59
C ASP C 191 0.84 -36.04 33.55
N PHE C 192 -0.09 -36.89 33.98
CA PHE C 192 -0.99 -37.60 33.05
C PHE C 192 -2.45 -37.22 33.29
N CYS C 193 -3.35 -37.56 32.36
CA CYS C 193 -4.74 -37.13 32.38
C CYS C 193 -5.72 -38.25 31.99
N PRO C 194 -6.33 -38.92 32.96
CA PRO C 194 -7.34 -39.92 32.72
C PRO C 194 -8.64 -39.36 32.13
N ILE C 195 -9.25 -40.10 31.23
CA ILE C 195 -10.50 -39.72 30.63
C ILE C 195 -11.52 -40.71 31.20
N VAL C 196 -12.62 -40.17 31.68
CA VAL C 196 -13.62 -40.96 32.37
C VAL C 196 -15.00 -40.86 31.73
N ASP C 197 -15.59 -42.03 31.46
CA ASP C 197 -17.01 -42.07 31.06
C ASP C 197 -17.86 -41.89 32.31
N THR C 198 -18.55 -40.77 32.36
CA THR C 198 -19.32 -40.28 33.50
C THR C 198 -20.44 -41.29 33.89
N GLU C 199 -21.09 -41.85 32.92
CA GLU C 199 -22.25 -42.68 33.16
C GLU C 199 -21.86 -44.13 33.29
N GLU C 200 -20.85 -44.61 32.59
CA GLU C 200 -20.33 -45.97 32.88
C GLU C 200 -19.41 -46.01 34.08
N LYS C 201 -19.05 -44.87 34.65
CA LYS C 201 -18.07 -44.85 35.75
C LYS C 201 -16.80 -45.64 35.47
N LYS C 202 -16.12 -45.37 34.37
CA LYS C 202 -14.85 -46.02 34.15
C LYS C 202 -13.88 -45.21 33.35
N VAL C 203 -12.58 -45.48 33.53
CA VAL C 203 -11.54 -44.87 32.72
C VAL C 203 -11.46 -45.46 31.35
N ILE C 204 -11.53 -44.64 30.30
CA ILE C 204 -11.50 -45.21 28.99
C ILE C 204 -10.19 -44.95 28.26
N PHE C 205 -9.37 -44.02 28.76
CA PHE C 205 -8.14 -43.63 28.11
C PHE C 205 -7.32 -42.85 29.12
N ILE C 206 -6.03 -42.90 28.96
CA ILE C 206 -5.16 -41.96 29.72
C ILE C 206 -4.19 -41.25 28.80
N ASP C 207 -4.20 -39.91 28.79
CA ASP C 207 -3.27 -39.14 28.03
C ASP C 207 -1.97 -39.10 28.85
N ILE C 208 -0.89 -39.56 28.24
CA ILE C 208 0.35 -39.72 28.92
C ILE C 208 1.40 -38.97 28.13
N PRO C 209 2.14 -38.05 28.74
CA PRO C 209 3.06 -37.28 27.92
C PRO C 209 4.36 -37.98 27.46
N ASN C 210 4.96 -37.45 26.39
CA ASN C 210 6.21 -37.95 25.82
C ASN C 210 7.31 -37.84 26.83
N ARG C 211 7.34 -36.73 27.55
CA ARG C 211 8.30 -36.48 28.60
C ARG C 211 7.62 -36.76 29.95
N ARG C 212 8.01 -37.85 30.60
CA ARG C 212 7.56 -38.11 31.99
C ARG C 212 8.16 -37.20 33.04
N ARG C 213 7.31 -36.70 33.92
CA ARG C 213 7.73 -35.96 35.13
C ARG C 213 7.10 -36.61 36.35
N LYS C 214 7.92 -37.15 37.21
CA LYS C 214 7.48 -37.75 38.45
C LYS C 214 7.10 -36.68 39.43
N VAL C 215 6.38 -37.12 40.44
CA VAL C 215 5.80 -36.28 41.44
C VAL C 215 6.85 -35.47 42.19
N SER C 216 6.53 -34.20 42.42
CA SER C 216 7.38 -33.29 43.16
C SER C 216 7.75 -33.87 44.53
N LYS C 217 8.98 -33.68 44.98
CA LYS C 217 9.35 -34.12 46.34
C LYS C 217 9.44 -32.95 47.29
N HIS C 218 9.03 -31.77 46.84
CA HIS C 218 9.04 -30.63 47.73
C HIS C 218 7.84 -30.69 48.64
N LYS C 219 7.88 -29.91 49.68
CA LYS C 219 6.73 -29.73 50.57
C LYS C 219 5.56 -29.09 49.83
N HIS C 220 4.37 -29.43 50.32
CA HIS C 220 3.19 -28.76 49.83
C HIS C 220 3.21 -27.27 50.16
N ALA C 221 2.69 -26.46 49.25
CA ALA C 221 2.62 -25.02 49.44
C ALA C 221 1.25 -24.73 50.10
N ASN C 222 1.23 -24.62 51.44
CA ASN C 222 -0.02 -24.57 52.16
C ASN C 222 -0.39 -23.17 52.68
N PHE C 223 -1.60 -23.00 53.18
CA PHE C 223 -2.01 -21.67 53.53
C PHE C 223 -2.93 -21.52 54.76
N TYR C 224 -3.21 -22.59 55.49
CA TYR C 224 -4.05 -22.41 56.67
C TYR C 224 -3.12 -21.92 57.80
N PRO C 225 -3.69 -21.28 58.85
CA PRO C 225 -2.83 -20.75 59.94
C PRO C 225 -1.80 -21.76 60.47
N LYS C 226 -2.19 -23.04 60.67
CA LYS C 226 -1.23 -24.00 61.20
C LYS C 226 -0.03 -24.17 60.26
N HIS C 227 -0.27 -24.11 58.96
CA HIS C 227 0.82 -24.22 57.98
C HIS C 227 1.69 -22.97 58.01
N MET C 228 1.03 -21.83 58.10
CA MET C 228 1.74 -20.57 58.07
C MET C 228 2.67 -20.39 59.30
N ILE C 229 2.23 -20.84 60.47
CA ILE C 229 3.10 -20.83 61.68
C ILE C 229 4.39 -21.60 61.45
N GLU C 230 4.25 -22.75 60.81
CA GLU C 230 5.44 -23.52 60.43
C GLU C 230 6.31 -22.79 59.40
N LYS C 231 5.71 -22.12 58.44
CA LYS C 231 6.48 -21.57 57.33
C LYS C 231 7.09 -20.24 57.68
N VAL C 232 6.36 -19.35 58.34
CA VAL C 232 6.95 -18.05 58.60
C VAL C 232 7.06 -17.73 60.10
N GLY C 233 6.70 -18.65 60.99
CA GLY C 233 6.99 -18.51 62.46
C GLY C 233 5.79 -18.21 63.31
N ALA C 234 4.91 -17.37 62.77
CA ALA C 234 3.73 -16.95 63.50
C ALA C 234 2.74 -16.31 62.52
N MET C 235 1.50 -16.22 62.95
CA MET C 235 0.51 -15.36 62.29
C MET C 235 0.62 -13.95 62.85
N ARG C 236 0.15 -12.99 62.07
CA ARG C 236 0.00 -11.64 62.59
C ARG C 236 -1.05 -11.68 63.72
N PRO C 237 -0.96 -10.76 64.68
CA PRO C 237 -2.02 -10.64 65.68
C PRO C 237 -3.34 -10.29 65.01
N GLU C 238 -4.41 -10.68 65.67
CA GLU C 238 -5.75 -10.40 65.18
C GLU C 238 -5.85 -8.89 65.08
N ALA C 239 -6.51 -8.35 64.04
CA ALA C 239 -6.58 -6.92 63.88
C ALA C 239 -7.85 -6.44 64.55
N PRO C 240 -7.93 -5.14 64.85
CA PRO C 240 -9.14 -4.69 65.55
C PRO C 240 -10.38 -4.75 64.65
N PRO C 241 -11.56 -4.99 65.21
CA PRO C 241 -12.74 -5.13 64.35
C PRO C 241 -13.20 -3.84 63.64
N ILE C 242 -13.84 -4.05 62.48
CA ILE C 242 -14.67 -3.04 61.85
C ILE C 242 -16.08 -3.58 61.84
N ASN C 243 -16.95 -2.96 62.63
CA ASN C 243 -18.31 -3.39 62.84
C ASN C 243 -19.27 -2.53 62.02
N VAL C 244 -20.30 -3.18 61.46
CA VAL C 244 -21.39 -2.52 60.68
C VAL C 244 -22.69 -2.82 61.34
N THR C 245 -23.43 -1.80 61.76
CA THR C 245 -24.76 -2.01 62.36
C THR C 245 -25.76 -1.12 61.63
N GLN C 246 -27.01 -1.55 61.70
CA GLN C 246 -28.12 -0.75 61.24
C GLN C 246 -29.16 -0.85 62.33
N PRO C 247 -28.95 -0.06 63.42
CA PRO C 247 -29.89 -0.04 64.52
C PRO C 247 -31.32 0.23 64.17
N GLU C 248 -31.63 1.03 63.15
CA GLU C 248 -33.06 1.29 62.83
C GLU C 248 -33.53 0.48 61.62
N GLY C 249 -32.76 -0.56 61.29
CA GLY C 249 -33.07 -1.40 60.14
C GLY C 249 -32.50 -0.84 58.83
N VAL C 250 -32.99 -1.39 57.74
CA VAL C 250 -32.44 -1.13 56.41
C VAL C 250 -33.40 -0.26 55.61
N SER C 251 -32.95 0.37 54.57
CA SER C 251 -33.81 1.26 53.87
C SER C 251 -34.50 0.52 52.75
N PHE C 252 -34.16 -0.74 52.46
CA PHE C 252 -34.77 -1.40 51.32
C PHE C 252 -35.98 -2.22 51.78
N LYS C 253 -36.84 -2.56 50.83
CA LYS C 253 -38.00 -3.34 51.15
C LYS C 253 -38.12 -4.51 50.21
N MET C 254 -38.21 -5.69 50.76
N MET C 254 -38.21 -5.71 50.77
CA MET C 254 -38.45 -6.86 49.92
CA MET C 254 -38.38 -6.93 49.98
C MET C 254 -39.81 -7.46 50.16
C MET C 254 -39.77 -7.53 50.17
N THR C 255 -40.47 -7.77 49.06
CA THR C 255 -41.74 -8.46 49.08
C THR C 255 -41.56 -9.77 48.30
N GLY C 256 -41.34 -10.89 49.03
CA GLY C 256 -40.86 -12.07 48.38
C GLY C 256 -39.49 -11.73 47.73
N ASN C 257 -39.36 -11.92 46.43
CA ASN C 257 -38.11 -11.65 45.68
C ASN C 257 -38.05 -10.26 45.01
N VAL C 258 -39.08 -9.43 45.25
CA VAL C 258 -39.17 -8.09 44.65
C VAL C 258 -38.47 -7.15 45.61
N MET C 259 -37.52 -6.42 45.07
CA MET C 259 -36.78 -5.44 45.82
C MET C 259 -37.19 -4.01 45.41
N GLU C 260 -37.23 -3.14 46.41
CA GLU C 260 -37.42 -1.71 46.26
C GLU C 260 -36.39 -1.00 47.15
N TRP C 261 -35.57 -0.18 46.53
CA TRP C 261 -34.51 0.50 47.18
C TRP C 261 -34.16 1.74 46.33
N SER C 262 -34.22 2.93 46.96
CA SER C 262 -33.81 4.17 46.37
C SER C 262 -34.38 4.37 44.94
N ASN C 263 -35.70 4.17 44.84
CA ASN C 263 -36.52 4.31 43.63
C ASN C 263 -36.39 3.16 42.63
N PHE C 264 -35.36 2.34 42.80
CA PHE C 264 -35.32 1.12 42.03
C PHE C 264 -36.35 0.07 42.49
N LYS C 265 -36.87 -0.69 41.53
CA LYS C 265 -37.64 -1.84 41.79
C LYS C 265 -37.30 -2.92 40.80
N PHE C 266 -37.06 -4.10 41.31
CA PHE C 266 -36.70 -5.26 40.47
C PHE C 266 -36.95 -6.58 41.12
N HIS C 267 -36.94 -7.62 40.28
CA HIS C 267 -37.12 -8.97 40.77
C HIS C 267 -35.76 -9.70 40.84
N ILE C 268 -35.48 -10.29 42.00
CA ILE C 268 -34.29 -11.07 42.15
C ILE C 268 -34.62 -12.58 41.99
N GLY C 269 -34.25 -13.12 40.84
CA GLY C 269 -34.35 -14.52 40.52
C GLY C 269 -32.98 -15.22 40.67
N PHE C 270 -32.96 -16.53 40.51
CA PHE C 270 -31.75 -17.34 40.64
C PHE C 270 -32.01 -18.66 39.94
N ASN C 271 -31.02 -19.19 39.28
CA ASN C 271 -31.13 -20.49 38.66
C ASN C 271 -29.76 -21.24 38.65
N TYR C 272 -29.85 -22.53 38.32
CA TYR C 272 -28.71 -23.47 38.32
C TYR C 272 -27.52 -23.02 37.53
N ARG C 273 -27.77 -22.17 36.52
CA ARG C 273 -26.80 -21.91 35.46
C ARG C 273 -26.24 -20.50 35.55
N GLU C 274 -27.09 -19.49 35.45
CA GLU C 274 -26.64 -18.11 35.49
C GLU C 274 -26.41 -17.63 36.91
N GLY C 275 -26.95 -18.33 37.90
CA GLY C 275 -26.89 -17.80 39.26
C GLY C 275 -27.96 -16.71 39.37
N ILE C 276 -27.55 -15.56 39.85
CA ILE C 276 -28.44 -14.44 40.04
C ILE C 276 -28.96 -13.92 38.70
N VAL C 277 -30.26 -13.68 38.64
CA VAL C 277 -30.92 -13.12 37.48
C VAL C 277 -31.76 -11.96 37.95
N LEU C 278 -31.49 -10.78 37.40
CA LEU C 278 -32.27 -9.57 37.76
C LEU C 278 -33.27 -9.20 36.66
N SER C 279 -34.54 -9.09 37.03
CA SER C 279 -35.58 -8.87 36.08
C SER C 279 -36.50 -7.69 36.39
N ASP C 280 -37.15 -7.19 35.33
CA ASP C 280 -38.20 -6.22 35.44
C ASP C 280 -37.67 -5.02 36.22
N VAL C 281 -36.55 -4.47 35.77
CA VAL C 281 -35.89 -3.41 36.50
C VAL C 281 -36.42 -2.03 36.07
N SER C 282 -36.85 -1.24 37.06
CA SER C 282 -37.43 0.09 36.84
C SER C 282 -36.93 1.10 37.85
N TYR C 283 -37.15 2.36 37.48
CA TYR C 283 -36.77 3.46 38.38
C TYR C 283 -37.94 4.45 38.45
N ASN C 284 -38.28 4.79 39.67
CA ASN C 284 -39.40 5.62 39.96
C ASN C 284 -38.87 7.03 40.02
N ASP C 285 -38.95 7.70 38.87
CA ASP C 285 -38.48 9.06 38.71
C ASP C 285 -39.63 10.01 39.10
N HIS C 286 -39.78 10.27 40.40
CA HIS C 286 -40.81 11.22 40.99
C HIS C 286 -42.23 10.96 40.48
N GLY C 287 -42.58 9.68 40.51
CA GLY C 287 -43.90 9.22 40.14
C GLY C 287 -43.95 8.61 38.77
N ASN C 288 -43.00 8.92 37.87
CA ASN C 288 -42.99 8.27 36.54
CA ASN C 288 -42.93 8.36 36.52
C ASN C 288 -42.16 7.03 36.68
N VAL C 289 -42.83 5.88 36.67
CA VAL C 289 -42.12 4.61 36.86
C VAL C 289 -41.57 4.21 35.49
N ARG C 290 -40.27 4.34 35.30
CA ARG C 290 -39.63 4.12 34.01
C ARG C 290 -38.86 2.83 33.96
N PRO C 291 -39.23 1.96 33.01
CA PRO C 291 -38.44 0.73 32.87
C PRO C 291 -37.02 1.03 32.42
N ILE C 292 -36.14 0.11 32.74
CA ILE C 292 -34.75 0.19 32.37
C ILE C 292 -34.33 -1.11 31.66
N PHE C 293 -34.45 -2.25 32.36
CA PHE C 293 -34.08 -3.55 31.76
C PHE C 293 -35.14 -4.55 32.08
N HIS C 294 -35.46 -5.37 31.11
CA HIS C 294 -36.30 -6.52 31.38
C HIS C 294 -35.54 -7.64 32.13
N ARG C 295 -34.30 -7.86 31.76
CA ARG C 295 -33.51 -8.92 32.36
C ARG C 295 -32.03 -8.67 32.17
N ILE C 296 -31.27 -8.95 33.22
CA ILE C 296 -29.84 -8.83 33.21
C ILE C 296 -29.19 -9.96 34.03
N SER C 297 -28.18 -10.57 33.44
CA SER C 297 -27.46 -11.72 34.02
C SER C 297 -26.15 -11.98 33.33
N LEU C 298 -25.39 -12.87 33.92
CA LEU C 298 -24.26 -13.45 33.19
C LEU C 298 -24.79 -14.70 32.54
N SER C 299 -24.62 -14.81 31.22
CA SER C 299 -25.17 -15.90 30.43
C SER C 299 -24.23 -17.06 30.00
N GLU C 300 -22.92 -16.80 30.01
CA GLU C 300 -21.87 -17.79 29.71
C GLU C 300 -20.53 -17.19 30.10
N MET C 301 -19.50 -18.04 30.15
CA MET C 301 -18.13 -17.68 30.36
C MET C 301 -17.25 -18.55 29.51
N ILE C 302 -16.00 -18.14 29.35
CA ILE C 302 -14.97 -19.09 28.80
C ILE C 302 -13.67 -18.69 29.44
N VAL C 303 -12.94 -19.69 29.91
CA VAL C 303 -11.61 -19.48 30.53
C VAL C 303 -10.52 -20.21 29.72
N PRO C 304 -10.07 -19.59 28.63
CA PRO C 304 -9.21 -20.34 27.69
C PRO C 304 -7.74 -20.29 28.07
N TYR C 305 -7.13 -21.45 28.23
CA TYR C 305 -5.68 -21.56 28.49
C TYR C 305 -4.81 -21.40 27.26
N GLY C 306 -3.61 -20.88 27.48
CA GLY C 306 -2.69 -20.45 26.45
C GLY C 306 -1.46 -21.34 26.23
N SER C 307 -1.43 -22.55 26.84
CA SER C 307 -0.42 -23.52 26.45
C SER C 307 -0.86 -24.34 25.25
N PRO C 308 0.00 -24.41 24.22
CA PRO C 308 -0.41 -25.21 23.05
C PRO C 308 -0.16 -26.71 23.18
N GLU C 309 0.53 -27.15 24.20
CA GLU C 309 0.93 -28.57 24.33
C GLU C 309 -0.27 -29.44 24.74
N PHE C 310 -0.38 -30.60 24.08
CA PHE C 310 -1.44 -31.61 24.34
C PHE C 310 -1.32 -32.15 25.77
N PRO C 311 -2.45 -32.32 26.49
CA PRO C 311 -3.84 -32.11 26.16
C PRO C 311 -4.38 -30.75 26.68
N HIS C 312 -3.50 -29.78 26.88
CA HIS C 312 -3.86 -28.52 27.49
C HIS C 312 -4.82 -27.67 26.66
N GLN C 313 -5.00 -28.01 25.38
CA GLN C 313 -6.06 -27.34 24.57
C GLN C 313 -7.45 -27.59 25.11
N ARG C 314 -7.60 -28.63 25.90
CA ARG C 314 -8.88 -28.95 26.49
C ARG C 314 -9.17 -28.14 27.77
N LYS C 315 -8.27 -27.24 28.17
CA LYS C 315 -8.54 -26.30 29.25
C LYS C 315 -9.13 -25.01 28.66
N HIS C 316 -10.46 -24.98 28.55
CA HIS C 316 -11.18 -23.79 28.15
C HIS C 316 -12.61 -23.82 28.65
N ALA C 317 -12.69 -23.83 29.97
CA ALA C 317 -13.92 -24.11 30.68
C ALA C 317 -14.96 -23.04 30.38
N LEU C 318 -16.14 -23.45 30.01
CA LEU C 318 -17.27 -22.53 29.96
C LEU C 318 -18.04 -22.73 31.24
N ASP C 319 -17.68 -21.99 32.28
CA ASP C 319 -18.08 -22.38 33.66
C ASP C 319 -19.56 -22.37 33.86
N ILE C 320 -20.20 -21.34 33.29
CA ILE C 320 -21.63 -21.21 33.39
C ILE C 320 -22.35 -22.33 32.68
N GLY C 321 -22.05 -22.58 31.43
CA GLY C 321 -22.75 -23.65 30.73
C GLY C 321 -22.36 -25.09 31.02
N GLU C 322 -21.15 -25.29 31.50
CA GLU C 322 -20.65 -26.65 31.77
C GLU C 322 -20.75 -27.06 33.26
N TYR C 323 -20.83 -26.12 34.22
CA TYR C 323 -20.94 -26.51 35.65
C TYR C 323 -22.09 -25.81 36.37
N GLY C 324 -22.25 -24.52 36.11
CA GLY C 324 -23.43 -23.74 36.51
C GLY C 324 -23.10 -22.85 37.70
N ALA C 325 -23.24 -21.54 37.54
CA ALA C 325 -23.02 -20.60 38.69
C ALA C 325 -23.98 -20.79 39.83
N GLY C 326 -25.14 -21.36 39.58
CA GLY C 326 -26.06 -21.80 40.64
C GLY C 326 -25.58 -23.06 41.31
N TYR C 327 -25.40 -24.12 40.53
CA TYR C 327 -24.97 -25.42 41.08
C TYR C 327 -23.70 -25.34 41.93
N MET C 328 -22.80 -24.46 41.51
CA MET C 328 -21.47 -24.31 42.11
CA MET C 328 -21.49 -24.35 42.13
C MET C 328 -21.44 -23.27 43.24
N THR C 329 -22.58 -22.65 43.56
CA THR C 329 -22.58 -21.53 44.45
C THR C 329 -22.37 -21.98 45.90
N ASN C 330 -21.63 -21.17 46.65
CA ASN C 330 -21.35 -21.43 48.05
C ASN C 330 -22.44 -20.96 48.99
N PRO C 331 -22.72 -21.75 50.02
CA PRO C 331 -23.53 -21.20 51.08
C PRO C 331 -22.69 -20.14 51.74
N LEU C 332 -23.24 -18.96 51.89
CA LEU C 332 -22.49 -17.81 52.34
C LEU C 332 -22.42 -17.64 53.85
N SER C 333 -21.51 -16.73 54.15
CA SER C 333 -20.98 -16.26 55.46
C SER C 333 -21.41 -16.86 56.75
N LEU C 334 -22.26 -16.09 57.45
CA LEU C 334 -22.10 -15.65 58.88
C LEU C 334 -22.17 -14.07 58.79
N GLY C 335 -21.09 -13.30 58.63
CA GLY C 335 -19.73 -13.74 58.32
C GLY C 335 -18.98 -12.47 58.04
N CYS C 336 -17.82 -12.44 57.38
CA CYS C 336 -17.14 -13.44 56.57
C CYS C 336 -17.37 -13.04 55.15
N ASP C 337 -18.13 -13.83 54.40
CA ASP C 337 -18.43 -13.45 53.00
C ASP C 337 -19.10 -12.10 52.83
N CYS C 338 -20.11 -11.83 53.66
CA CYS C 338 -20.97 -10.67 53.51
C CYS C 338 -20.96 -9.95 54.87
N LYS C 339 -20.51 -8.72 54.88
CA LYS C 339 -20.39 -7.97 56.10
C LYS C 339 -21.52 -6.96 56.20
N GLY C 340 -22.21 -6.94 57.32
CA GLY C 340 -23.23 -5.92 57.54
C GLY C 340 -24.56 -6.57 57.85
N VAL C 341 -25.65 -5.82 57.64
CA VAL C 341 -26.97 -6.40 57.91
C VAL C 341 -27.51 -7.00 56.63
N ILE C 342 -27.68 -8.33 56.63
CA ILE C 342 -27.89 -9.13 55.42
C ILE C 342 -29.29 -9.73 55.30
N HIS C 343 -29.89 -9.66 54.12
CA HIS C 343 -31.04 -10.49 53.77
C HIS C 343 -30.52 -11.59 52.86
N TYR C 344 -30.76 -12.84 53.20
CA TYR C 344 -30.27 -13.96 52.46
C TYR C 344 -31.39 -14.59 51.68
N LEU C 345 -31.06 -15.15 50.51
CA LEU C 345 -31.94 -16.02 49.75
C LEU C 345 -31.26 -17.44 49.61
N ASP C 346 -32.10 -18.47 49.65
CA ASP C 346 -31.67 -19.85 49.43
C ASP C 346 -31.90 -20.24 47.99
N ALA C 347 -31.13 -21.21 47.47
CA ALA C 347 -31.36 -21.79 46.16
C ALA C 347 -31.90 -23.25 46.21
N HIS C 348 -32.77 -23.58 45.26
CA HIS C 348 -33.31 -24.92 45.10
C HIS C 348 -33.16 -25.48 43.74
N PHE C 349 -32.64 -26.71 43.72
CA PHE C 349 -32.38 -27.48 42.53
C PHE C 349 -32.95 -28.90 42.72
N SER C 350 -32.81 -29.76 41.70
CA SER C 350 -33.09 -31.17 41.78
C SER C 350 -31.83 -32.02 41.85
N ASP C 351 -31.87 -33.15 42.58
CA ASP C 351 -30.73 -34.09 42.48
C ASP C 351 -31.04 -35.11 41.44
N ARG C 352 -30.13 -36.08 41.23
CA ARG C 352 -30.31 -37.12 40.16
C ARG C 352 -31.59 -37.88 40.37
N ALA C 353 -31.98 -38.10 41.62
CA ALA C 353 -33.24 -38.86 41.88
C ALA C 353 -34.49 -38.10 41.67
N GLY C 354 -34.39 -36.78 41.53
CA GLY C 354 -35.59 -35.99 41.30
C GLY C 354 -36.14 -35.38 42.59
N ASP C 355 -35.32 -35.43 43.64
CA ASP C 355 -35.67 -34.80 44.95
C ASP C 355 -35.03 -33.43 45.08
N PRO C 356 -35.75 -32.44 45.68
CA PRO C 356 -35.14 -31.13 45.78
C PRO C 356 -33.95 -31.07 46.68
N ILE C 357 -32.94 -30.27 46.32
CA ILE C 357 -31.85 -29.94 47.20
C ILE C 357 -31.81 -28.42 47.40
N THR C 358 -31.26 -28.01 48.51
CA THR C 358 -31.25 -26.64 48.93
C THR C 358 -29.85 -26.19 49.18
N VAL C 359 -29.51 -24.99 48.71
CA VAL C 359 -28.26 -24.35 49.13
C VAL C 359 -28.71 -23.16 49.97
N LYS C 360 -28.40 -23.19 51.26
CA LYS C 360 -28.76 -22.11 52.17
C LYS C 360 -27.90 -20.89 51.97
N ASN C 361 -28.54 -19.74 52.01
CA ASN C 361 -27.82 -18.49 51.95
C ASN C 361 -26.90 -18.41 50.68
N ALA C 362 -27.50 -18.67 49.55
CA ALA C 362 -26.82 -18.67 48.27
C ALA C 362 -26.62 -17.28 47.76
N VAL C 363 -27.58 -16.39 48.07
CA VAL C 363 -27.52 -15.00 47.67
C VAL C 363 -27.57 -14.14 48.90
N CYS C 364 -26.69 -13.16 48.95
CA CYS C 364 -26.81 -12.11 49.90
C CYS C 364 -27.10 -10.73 49.39
N ILE C 365 -27.93 -10.04 50.15
CA ILE C 365 -28.47 -8.76 49.79
C ILE C 365 -28.24 -7.81 50.96
N HIS C 366 -27.60 -6.68 50.70
CA HIS C 366 -27.39 -5.68 51.73
C HIS C 366 -27.03 -4.32 51.17
N GLU C 367 -27.18 -3.29 52.01
CA GLU C 367 -26.81 -1.94 51.64
C GLU C 367 -25.58 -1.54 52.41
N GLU C 368 -24.81 -0.63 51.84
CA GLU C 368 -23.44 -0.36 52.27
C GLU C 368 -23.13 1.09 51.86
N ASP C 369 -22.30 1.75 52.66
CA ASP C 369 -21.65 2.98 52.29
C ASP C 369 -20.79 2.79 51.04
N ASP C 370 -20.81 3.80 50.16
CA ASP C 370 -20.06 3.72 48.91
C ASP C 370 -19.31 5.03 48.65
N GLY C 371 -18.90 5.70 49.70
CA GLY C 371 -18.10 6.92 49.57
C GLY C 371 -19.02 8.11 49.35
N LEU C 372 -18.48 9.10 48.64
CA LEU C 372 -19.20 10.29 48.36
C LEU C 372 -20.12 10.12 47.15
N LEU C 373 -21.27 10.75 47.23
CA LEU C 373 -22.18 10.78 46.09
C LEU C 373 -21.90 12.04 45.28
N PHE C 374 -21.73 13.16 45.99
CA PHE C 374 -21.37 14.43 45.36
C PHE C 374 -21.00 15.44 46.44
N LYS C 375 -20.21 16.43 46.04
CA LYS C 375 -19.81 17.52 46.93
C LYS C 375 -19.54 18.79 46.10
N HIS C 376 -19.92 19.95 46.62
CA HIS C 376 -19.37 21.20 46.19
C HIS C 376 -19.25 22.28 47.26
N SER C 377 -18.15 23.01 47.24
CA SER C 377 -17.88 24.14 48.13
C SER C 377 -17.45 25.37 47.34
N ASP C 378 -17.77 26.53 47.90
CA ASP C 378 -17.42 27.84 47.34
C ASP C 378 -16.12 28.39 47.94
N PHE C 379 -15.10 28.58 47.13
CA PHE C 379 -13.85 29.17 47.57
C PHE C 379 -14.00 30.58 48.15
N ARG C 380 -15.12 31.24 47.87
CA ARG C 380 -15.25 32.63 48.24
C ARG C 380 -15.34 32.88 49.71
N ASP C 381 -15.84 31.93 50.48
CA ASP C 381 -15.85 32.07 51.93
C ASP C 381 -15.02 30.90 52.47
N ASN C 382 -13.93 30.58 51.81
N ASN C 382 -13.95 30.60 51.77
CA ASN C 382 -13.08 29.55 52.35
CA ASN C 382 -13.03 29.55 52.20
C ASN C 382 -13.81 28.22 52.57
C ASN C 382 -13.69 28.19 52.47
N PHE C 383 -14.70 27.87 51.65
CA PHE C 383 -15.41 26.60 51.68
C PHE C 383 -16.37 26.46 52.85
N ALA C 384 -16.78 27.56 53.48
CA ALA C 384 -17.83 27.44 54.52
C ALA C 384 -19.19 27.14 53.84
N THR C 385 -19.36 27.68 52.62
CA THR C 385 -20.50 27.28 51.79
C THR C 385 -20.14 25.95 51.21
N SER C 386 -20.90 24.91 51.57
CA SER C 386 -20.58 23.56 51.14
C SER C 386 -21.79 22.63 51.24
N LEU C 387 -21.86 21.67 50.32
CA LEU C 387 -22.86 20.60 50.48
C LEU C 387 -22.14 19.30 50.11
N VAL C 388 -22.36 18.27 50.95
CA VAL C 388 -21.74 16.99 50.81
CA VAL C 388 -21.78 16.98 50.71
C VAL C 388 -22.80 15.92 51.09
N THR C 389 -22.91 14.95 50.22
CA THR C 389 -23.81 13.83 50.47
C THR C 389 -23.06 12.53 50.24
N ARG C 390 -23.11 11.66 51.22
CA ARG C 390 -22.57 10.30 51.11
C ARG C 390 -23.47 9.40 50.27
N ALA C 391 -22.86 8.48 49.58
CA ALA C 391 -23.59 7.44 48.81
C ALA C 391 -23.78 6.15 49.57
N THR C 392 -24.89 5.49 49.24
CA THR C 392 -25.19 4.18 49.70
C THR C 392 -25.39 3.33 48.43
N LYS C 393 -24.92 2.09 48.44
CA LYS C 393 -25.17 1.14 47.32
C LYS C 393 -25.89 -0.09 47.86
N LEU C 394 -26.62 -0.75 46.95
CA LEU C 394 -27.31 -1.96 47.23
C LEU C 394 -26.61 -3.09 46.48
N VAL C 395 -26.24 -4.12 47.21
CA VAL C 395 -25.41 -5.23 46.70
C VAL C 395 -26.26 -6.52 46.76
N VAL C 396 -26.34 -7.16 45.62
CA VAL C 396 -26.92 -8.50 45.50
C VAL C 396 -25.79 -9.40 45.01
N SER C 397 -25.41 -10.39 45.83
N SER C 397 -25.34 -10.34 45.86
CA SER C 397 -24.16 -11.09 45.59
CA SER C 397 -24.08 -11.06 45.59
C SER C 397 -24.23 -12.61 45.74
C SER C 397 -24.14 -12.57 45.84
N GLN C 398 -23.27 -13.29 45.15
CA GLN C 398 -23.08 -14.72 45.33
C GLN C 398 -21.58 -15.04 45.12
N ILE C 399 -21.17 -16.21 45.53
CA ILE C 399 -19.79 -16.69 45.29
C ILE C 399 -19.89 -18.13 44.89
N PHE C 400 -19.32 -18.45 43.73
CA PHE C 400 -19.29 -19.80 43.30
C PHE C 400 -17.88 -20.32 43.13
N THR C 401 -17.72 -21.62 43.33
CA THR C 401 -16.45 -22.29 43.25
C THR C 401 -16.50 -23.32 42.15
N ALA C 402 -15.64 -23.14 41.15
CA ALA C 402 -15.47 -24.05 40.04
C ALA C 402 -14.11 -24.79 40.18
N ALA C 403 -14.16 -25.93 40.87
CA ALA C 403 -13.01 -26.67 41.39
C ALA C 403 -12.01 -25.76 42.12
N ASN C 404 -10.99 -25.31 41.38
CA ASN C 404 -9.94 -24.43 41.91
C ASN C 404 -10.34 -22.94 42.01
N GLU C 406 -12.47 -19.36 42.54
CA GLU C 406 -13.59 -18.69 43.16
C GLU C 406 -13.98 -17.42 42.45
N TYR C 407 -15.25 -17.33 42.05
CA TYR C 407 -15.80 -16.14 41.43
C TYR C 407 -16.79 -15.46 42.33
N CYS C 408 -16.47 -14.23 42.77
CA CYS C 408 -17.32 -13.51 43.64
C CYS C 408 -18.01 -12.46 42.79
N LEU C 409 -19.35 -12.54 42.74
CA LEU C 409 -20.18 -11.72 41.86
C LEU C 409 -21.05 -10.73 42.69
N TYR C 410 -20.97 -9.45 42.34
CA TYR C 410 -21.62 -8.40 43.06
C TYR C 410 -22.39 -7.50 42.06
N TRP C 411 -23.71 -7.61 42.09
CA TRP C 411 -24.58 -6.71 41.39
C TRP C 411 -24.87 -5.52 42.27
N VAL C 412 -24.58 -4.35 41.76
CA VAL C 412 -24.55 -3.12 42.57
C VAL C 412 -25.46 -2.02 41.96
N PHE C 413 -26.40 -1.53 42.75
CA PHE C 413 -27.28 -0.47 42.34
C PHE C 413 -26.87 0.78 43.09
N MET C 414 -26.87 1.92 42.37
CA MET C 414 -26.32 3.12 42.96
C MET C 414 -27.33 4.27 42.93
N GLN C 415 -27.11 5.23 43.82
CA GLN C 415 -28.09 6.35 43.97
C GLN C 415 -28.05 7.47 42.91
N ASP C 416 -27.10 7.41 41.99
CA ASP C 416 -27.15 8.26 40.79
C ASP C 416 -27.87 7.54 39.67
N GLY C 417 -28.41 6.36 39.93
CA GLY C 417 -29.21 5.61 38.98
C GLY C 417 -28.38 4.62 38.14
N ALA C 418 -27.10 4.61 38.36
CA ALA C 418 -26.21 3.62 37.75
C ALA C 418 -26.33 2.22 38.34
N ILE C 419 -26.05 1.23 37.50
CA ILE C 419 -25.93 -0.15 37.90
C ILE C 419 -24.53 -0.67 37.43
N ARG C 420 -23.88 -1.40 38.31
CA ARG C 420 -22.53 -1.83 38.11
C ARG C 420 -22.43 -3.33 38.39
N LEU C 421 -21.52 -3.98 37.70
CA LEU C 421 -21.17 -5.38 38.03
C LEU C 421 -19.73 -5.37 38.43
N ASP C 422 -19.48 -5.81 39.68
CA ASP C 422 -18.14 -6.08 40.24
C ASP C 422 -17.95 -7.58 40.41
N ILE C 423 -16.82 -8.07 39.94
CA ILE C 423 -16.45 -9.42 40.14
C ILE C 423 -15.05 -9.42 40.79
N ARG C 424 -14.82 -10.33 41.71
CA ARG C 424 -13.50 -10.55 42.23
C ARG C 424 -13.15 -11.98 42.02
N LEU C 425 -12.01 -12.21 41.37
CA LEU C 425 -11.44 -13.56 41.18
C LEU C 425 -10.53 -13.95 42.31
N THR C 426 -10.77 -15.10 42.91
CA THR C 426 -9.85 -15.64 43.90
C THR C 426 -9.87 -17.17 43.77
N GLY C 427 -9.45 -17.84 44.83
CA GLY C 427 -9.21 -19.29 44.77
C GLY C 427 -7.74 -19.62 44.39
N ILE C 428 -7.53 -20.72 43.69
CA ILE C 428 -6.23 -21.26 43.41
C ILE C 428 -6.00 -21.38 41.91
N LEU C 429 -4.81 -21.02 41.47
CA LEU C 429 -4.39 -21.25 40.08
C LEU C 429 -4.54 -22.71 39.66
N ASN C 430 -4.93 -22.91 38.41
CA ASN C 430 -4.76 -24.21 37.77
C ASN C 430 -3.27 -24.39 37.55
N THR C 431 -2.78 -25.56 37.94
CA THR C 431 -1.36 -25.89 37.87
C THR C 431 -1.17 -27.26 37.20
N TYR C 432 -0.02 -27.35 36.54
CA TYR C 432 0.43 -28.53 35.91
C TYR C 432 1.90 -28.69 36.33
N ILE C 433 2.40 -29.89 36.20
CA ILE C 433 3.75 -30.20 36.63
C ILE C 433 4.82 -29.62 35.66
N LEU C 434 5.93 -29.26 36.28
CA LEU C 434 7.09 -28.72 35.63
C LEU C 434 8.32 -29.54 36.06
N GLY C 435 9.03 -30.05 35.07
CA GLY C 435 10.24 -30.80 35.36
C GLY C 435 11.30 -29.88 35.99
N ASP C 436 12.25 -30.48 36.67
CA ASP C 436 13.36 -29.76 37.34
C ASP C 436 14.07 -28.78 36.42
N ASP C 437 14.27 -29.21 35.20
CA ASP C 437 15.01 -28.37 34.28
C ASP C 437 14.11 -27.84 33.17
N GLU C 438 12.78 -27.94 33.35
CA GLU C 438 11.86 -27.54 32.28
C GLU C 438 11.57 -26.03 32.47
N GLU C 439 11.70 -25.26 31.42
CA GLU C 439 11.29 -23.87 31.44
C GLU C 439 9.73 -23.76 31.27
N ALA C 440 9.06 -22.94 32.07
CA ALA C 440 7.61 -22.77 31.92
C ALA C 440 7.20 -21.82 30.77
N GLY C 441 8.00 -20.78 30.55
CA GLY C 441 7.54 -19.68 29.67
C GLY C 441 7.70 -20.28 28.28
N PRO C 442 7.13 -19.67 27.24
CA PRO C 442 6.38 -18.44 27.34
C PRO C 442 4.89 -18.65 27.72
N TRP C 443 4.47 -19.90 27.90
CA TRP C 443 3.04 -20.23 28.08
C TRP C 443 2.59 -20.27 29.54
N GLY C 444 3.54 -20.19 30.46
CA GLY C 444 3.22 -20.28 31.86
C GLY C 444 4.32 -19.73 32.73
N THR C 445 4.15 -19.88 34.06
CA THR C 445 5.06 -19.30 35.03
C THR C 445 5.39 -20.32 36.13
N ARG C 446 6.66 -20.39 36.53
CA ARG C 446 7.03 -21.32 37.61
C ARG C 446 6.74 -20.59 38.92
N VAL C 447 5.56 -20.85 39.52
CA VAL C 447 5.10 -20.10 40.66
C VAL C 447 5.59 -20.70 41.98
N TYR C 448 6.12 -21.92 41.90
CA TYR C 448 6.66 -22.71 43.03
C TYR C 448 7.50 -23.83 42.38
N PRO C 449 8.45 -24.45 43.10
CA PRO C 449 9.22 -25.51 42.40
C PRO C 449 8.33 -26.66 41.84
N ASN C 450 8.64 -27.07 40.60
CA ASN C 450 7.94 -28.07 39.86
C ASN C 450 6.44 -27.74 39.60
N VAL C 451 6.07 -26.47 39.72
CA VAL C 451 4.71 -26.00 39.39
C VAL C 451 4.70 -25.02 38.20
N ASN C 452 3.99 -25.40 37.15
CA ASN C 452 3.77 -24.54 36.00
C ASN C 452 2.26 -24.06 36.08
N ALA C 453 2.04 -22.77 36.24
CA ALA C 453 0.70 -22.21 36.15
C ALA C 453 0.60 -21.55 34.77
N HIS C 454 -0.21 -22.13 33.91
CA HIS C 454 -0.33 -21.70 32.53
C HIS C 454 -1.10 -20.39 32.40
N ASN C 455 -0.72 -19.63 31.38
CA ASN C 455 -1.45 -18.46 30.96
C ASN C 455 -2.92 -18.77 30.61
N HIS C 456 -3.86 -17.86 30.89
CA HIS C 456 -5.25 -18.04 30.46
C HIS C 456 -5.99 -16.71 30.53
N GLN C 457 -7.15 -16.64 29.90
CA GLN C 457 -8.07 -15.52 30.04
C GLN C 457 -9.27 -15.94 30.80
N HIS C 458 -9.95 -14.98 31.46
CA HIS C 458 -11.27 -15.22 32.01
C HIS C 458 -12.20 -14.27 31.30
N LEU C 459 -13.12 -14.81 30.50
CA LEU C 459 -14.08 -14.04 29.76
C LEU C 459 -15.51 -14.42 30.15
N PHE C 460 -16.36 -13.41 30.13
CA PHE C 460 -17.71 -13.47 30.61
C PHE C 460 -18.62 -12.82 29.60
N SER C 461 -19.82 -13.39 29.44
CA SER C 461 -20.85 -12.84 28.57
C SER C 461 -22.08 -12.30 29.34
N LEU C 462 -22.10 -10.97 29.46
CA LEU C 462 -23.18 -10.25 30.12
C LEU C 462 -24.36 -10.16 29.15
N ARG C 463 -25.51 -10.65 29.57
CA ARG C 463 -26.74 -10.58 28.75
C ARG C 463 -27.73 -9.51 29.28
N ILE C 464 -27.99 -8.50 28.46
CA ILE C 464 -28.94 -7.46 28.72
C ILE C 464 -30.10 -7.56 27.76
N ASP C 465 -31.28 -7.66 28.33
CA ASP C 465 -32.53 -7.44 27.63
C ASP C 465 -33.05 -6.07 28.07
N PRO C 466 -32.79 -5.03 27.28
CA PRO C 466 -33.09 -3.70 27.72
C PRO C 466 -34.55 -3.26 27.53
N ARG C 467 -34.97 -2.25 28.27
CA ARG C 467 -36.31 -1.69 28.06
C ARG C 467 -36.20 -0.22 28.44
N ILE C 468 -35.29 0.45 27.75
CA ILE C 468 -34.82 1.76 28.17
C ILE C 468 -36.00 2.72 28.04
N ASP C 469 -36.48 3.17 29.20
CA ASP C 469 -37.68 4.06 29.23
C ASP C 469 -38.82 3.49 28.39
N GLY C 470 -39.00 2.16 28.39
CA GLY C 470 -39.96 1.49 27.53
C GLY C 470 -39.48 0.71 26.33
N ASP C 471 -40.40 0.45 25.42
CA ASP C 471 -40.20 -0.47 24.34
C ASP C 471 -39.74 0.23 23.08
N GLY C 472 -38.94 -0.48 22.32
CA GLY C 472 -38.35 0.02 21.10
C GLY C 472 -37.03 0.65 21.43
N ASN C 473 -35.96 -0.12 21.29
CA ASN C 473 -34.64 0.31 21.70
C ASN C 473 -33.68 0.10 20.54
N SER C 474 -32.51 0.72 20.66
CA SER C 474 -31.43 0.59 19.74
C SER C 474 -30.12 0.61 20.49
N ALA C 475 -29.02 0.37 19.78
CA ALA C 475 -27.73 0.50 20.39
C ALA C 475 -26.76 1.19 19.48
N ALA C 476 -25.67 1.70 20.06
CA ALA C 476 -24.64 2.46 19.28
C ALA C 476 -23.27 2.36 19.96
N ALA C 477 -22.23 2.59 19.19
CA ALA C 477 -20.92 2.82 19.71
C ALA C 477 -20.65 4.30 19.71
N CYS C 478 -19.99 4.75 20.78
CA CYS C 478 -19.61 6.13 20.94
C CYS C 478 -18.10 6.25 21.03
N ASP C 479 -17.53 7.03 20.11
CA ASP C 479 -16.10 7.14 19.97
C ASP C 479 -15.70 8.61 20.06
N ALA C 480 -14.84 8.91 20.97
CA ALA C 480 -14.24 10.26 21.02
C ALA C 480 -13.35 10.51 19.82
N LYS C 481 -13.46 11.65 19.18
CA LYS C 481 -12.63 12.00 18.03
C LYS C 481 -12.33 13.52 17.98
N SER C 482 -11.12 13.83 17.59
CA SER C 482 -10.75 15.25 17.28
C SER C 482 -11.62 15.68 16.12
N SER C 483 -11.94 16.96 16.01
CA SER C 483 -12.47 17.55 14.77
C SER C 483 -11.65 17.08 13.57
N PRO C 484 -12.30 16.75 12.46
CA PRO C 484 -11.55 16.55 11.23
C PRO C 484 -10.91 17.82 10.64
N TYR C 485 -11.32 19.01 11.06
CA TYR C 485 -10.66 20.23 10.61
C TYR C 485 -9.29 20.42 11.23
N PRO C 486 -8.33 20.88 10.45
CA PRO C 486 -6.98 20.99 10.97
C PRO C 486 -6.71 22.19 11.87
N LEU C 487 -5.58 22.09 12.56
CA LEU C 487 -5.02 23.16 13.36
C LEU C 487 -4.90 24.33 12.45
N GLY C 488 -5.42 25.49 12.86
CA GLY C 488 -5.21 26.71 12.08
C GLY C 488 -6.31 27.00 11.09
N SER C 489 -7.26 26.08 10.94
CA SER C 489 -8.45 26.33 10.12
C SER C 489 -9.41 27.25 10.88
N PRO C 490 -10.31 27.95 10.16
CA PRO C 490 -11.31 28.73 10.86
C PRO C 490 -12.14 27.86 11.77
N GLU C 491 -12.35 26.61 11.38
CA GLU C 491 -13.20 25.68 12.16
C GLU C 491 -12.54 25.17 13.45
N ASN C 492 -11.21 25.25 13.51
CA ASN C 492 -10.46 24.60 14.59
C ASN C 492 -9.16 25.29 14.78
N MET C 493 -9.23 26.60 15.02
CA MET C 493 -8.03 27.48 14.96
C MET C 493 -6.90 26.99 15.83
N TYR C 494 -7.23 26.61 17.07
CA TYR C 494 -6.26 26.20 18.03
C TYR C 494 -6.15 24.69 18.17
N GLY C 495 -6.87 23.96 17.34
CA GLY C 495 -6.67 22.54 17.24
C GLY C 495 -7.19 21.72 18.39
N ASN C 496 -8.07 22.33 19.20
CA ASN C 496 -8.57 21.72 20.43
C ASN C 496 -9.91 21.07 20.28
N ALA C 497 -10.55 21.24 19.15
CA ALA C 497 -11.93 20.76 18.99
C ALA C 497 -12.08 19.23 19.03
N PHE C 498 -13.08 18.77 19.77
CA PHE C 498 -13.38 17.33 19.79
C PHE C 498 -14.83 17.01 20.09
N TYR C 499 -15.31 15.88 19.54
CA TYR C 499 -16.66 15.46 19.71
C TYR C 499 -16.80 13.95 19.96
N SER C 500 -18.03 13.53 20.23
CA SER C 500 -18.36 12.14 20.34
C SER C 500 -19.07 11.67 19.08
N GLU C 501 -18.47 10.75 18.35
CA GLU C 501 -19.15 10.19 17.20
C GLU C 501 -20.00 8.99 17.58
N LYS C 502 -21.28 9.05 17.23
CA LYS C 502 -22.21 8.01 17.61
C LYS C 502 -22.46 7.19 16.37
N THR C 503 -22.22 5.90 16.43
CA THR C 503 -22.57 5.03 15.30
C THR C 503 -23.70 4.10 15.75
N THR C 504 -24.90 4.37 15.25
CA THR C 504 -26.06 3.57 15.61
C THR C 504 -26.03 2.32 14.80
N PHE C 505 -26.22 1.20 15.49
CA PHE C 505 -26.26 -0.10 14.84
C PHE C 505 -27.63 -0.30 14.15
N LYS C 506 -27.59 -0.50 12.84
CA LYS C 506 -28.85 -0.74 12.09
C LYS C 506 -29.15 -2.23 11.93
N THR C 507 -28.13 -3.01 11.58
CA THR C 507 -28.30 -4.45 11.45
C THR C 507 -27.33 -5.15 12.36
N VAL C 508 -27.61 -6.42 12.63
CA VAL C 508 -26.79 -7.19 13.55
C VAL C 508 -25.29 -7.00 13.25
N LYS C 509 -24.91 -7.12 11.98
CA LYS C 509 -23.48 -7.03 11.61
C LYS C 509 -22.82 -5.77 12.09
N ASP C 510 -23.54 -4.65 12.06
CA ASP C 510 -22.95 -3.37 12.49
C ASP C 510 -22.57 -3.38 13.96
N SER C 511 -23.30 -4.13 14.80
CA SER C 511 -23.01 -4.17 16.25
C SER C 511 -21.70 -4.85 16.66
N LEU C 512 -21.14 -5.67 15.79
CA LEU C 512 -20.05 -6.63 16.21
C LEU C 512 -18.84 -5.80 16.33
N THR C 513 -18.62 -5.33 17.55
CA THR C 513 -17.64 -4.30 17.78
C THR C 513 -16.79 -4.58 19.01
N ASN C 514 -15.56 -4.07 18.98
CA ASN C 514 -14.65 -4.18 20.11
C ASN C 514 -14.40 -2.91 20.87
N TYR C 515 -14.00 -3.03 22.15
CA TYR C 515 -13.50 -1.88 22.90
C TYR C 515 -12.28 -1.32 22.16
N GLU C 516 -12.18 0.02 22.08
CA GLU C 516 -11.08 0.67 21.42
C GLU C 516 -10.51 1.73 22.30
N SER C 517 -9.27 1.55 22.75
CA SER C 517 -8.63 2.52 23.61
C SER C 517 -8.36 3.81 22.77
N ALA C 518 -8.24 3.69 21.47
CA ALA C 518 -7.91 4.88 20.70
C ALA C 518 -9.01 5.94 20.68
N THR C 519 -10.27 5.56 20.95
CA THR C 519 -11.43 6.44 20.94
C THR C 519 -12.14 6.44 22.28
N GLY C 520 -11.56 5.76 23.26
CA GLY C 520 -12.24 5.51 24.55
C GLY C 520 -13.67 5.08 24.39
N ARG C 521 -13.87 4.05 23.57
CA ARG C 521 -15.22 3.66 23.16
C ARG C 521 -16.12 3.30 24.32
N SER C 522 -17.35 3.75 24.20
CA SER C 522 -18.44 3.27 25.10
C SER C 522 -19.61 2.88 24.21
N TRP C 523 -20.63 2.22 24.76
CA TRP C 523 -21.78 1.88 23.95
C TRP C 523 -23.08 2.40 24.61
N ASP C 524 -24.06 2.82 23.80
CA ASP C 524 -25.31 3.34 24.35
C ASP C 524 -26.39 2.31 24.05
N ILE C 525 -27.30 2.10 24.98
CA ILE C 525 -28.55 1.50 24.69
C ILE C 525 -29.60 2.60 24.97
N PHE C 526 -30.41 2.89 23.98
CA PHE C 526 -31.24 4.07 24.03
C PHE C 526 -32.60 3.83 23.40
N ASN C 527 -33.48 4.78 23.66
CA ASN C 527 -34.85 4.68 23.17
C ASN C 527 -35.01 5.77 22.16
N PRO C 528 -34.95 5.42 20.86
CA PRO C 528 -35.02 6.49 19.87
C PRO C 528 -36.41 7.09 19.73
N ASN C 529 -37.43 6.53 20.40
CA ASN C 529 -38.77 7.12 20.34
C ASN C 529 -38.94 8.28 21.26
N LYS C 530 -37.92 8.55 22.10
CA LYS C 530 -37.96 9.55 23.12
C LYS C 530 -36.83 10.55 23.05
N VAL C 531 -36.98 11.70 23.74
CA VAL C 531 -36.03 12.81 23.67
CA VAL C 531 -35.97 12.73 23.70
C VAL C 531 -35.94 13.49 25.01
N ASN C 532 -34.71 13.75 25.49
CA ASN C 532 -34.47 14.52 26.67
C ASN C 532 -34.79 16.00 26.30
N PRO C 533 -35.68 16.67 27.06
CA PRO C 533 -36.10 18.01 26.65
C PRO C 533 -35.04 19.03 26.87
N TYR C 534 -34.04 18.74 27.70
CA TYR C 534 -32.89 19.62 27.79
C TYR C 534 -31.90 19.40 26.67
N SER C 535 -31.32 18.20 26.65
CA SER C 535 -30.16 17.93 25.76
C SER C 535 -30.55 17.64 24.31
N GLY C 536 -31.80 17.30 24.05
CA GLY C 536 -32.18 16.82 22.69
C GLY C 536 -31.72 15.43 22.25
N LYS C 537 -31.12 14.66 23.12
CA LYS C 537 -30.71 13.32 22.82
C LYS C 537 -31.67 12.32 23.45
N PRO C 538 -31.65 11.09 22.94
CA PRO C 538 -32.52 10.08 23.48
C PRO C 538 -32.10 9.64 24.87
N PRO C 539 -33.06 9.24 25.70
CA PRO C 539 -32.70 8.67 26.98
C PRO C 539 -31.88 7.41 26.76
N SER C 540 -30.76 7.28 27.45
CA SER C 540 -29.91 6.11 27.36
C SER C 540 -29.37 5.63 28.69
N TYR C 541 -28.97 4.34 28.72
CA TYR C 541 -27.96 3.84 29.65
C TYR C 541 -26.71 3.57 28.84
N LYS C 542 -25.54 4.05 29.33
CA LYS C 542 -24.26 3.88 28.62
C LYS C 542 -23.39 2.82 29.30
N LEU C 543 -22.89 1.89 28.50
CA LEU C 543 -21.99 0.87 28.96
C LEU C 543 -20.55 1.44 28.97
N VAL C 544 -20.04 1.59 30.19
CA VAL C 544 -18.71 2.03 30.46
C VAL C 544 -17.96 0.81 30.95
N SER C 545 -17.03 0.34 30.11
CA SER C 545 -16.37 -0.98 30.26
C SER C 545 -15.05 -0.98 29.48
N THR C 546 -13.95 -1.07 30.23
CA THR C 546 -12.60 -1.07 29.63
C THR C 546 -11.86 -2.40 29.82
N GLN C 547 -12.35 -3.27 30.69
CA GLN C 547 -11.75 -4.59 30.86
C GLN C 547 -12.32 -5.56 29.84
N CYS C 548 -11.84 -5.37 28.61
CA CYS C 548 -12.38 -5.95 27.39
C CYS C 548 -11.22 -6.53 26.54
N PRO C 549 -10.71 -7.69 26.93
CA PRO C 549 -9.64 -8.35 26.21
C PRO C 549 -10.07 -8.79 24.86
N PRO C 550 -9.17 -8.70 23.88
CA PRO C 550 -9.40 -9.48 22.69
C PRO C 550 -9.29 -10.96 23.01
N LEU C 551 -10.02 -11.75 22.25
CA LEU C 551 -9.90 -13.22 22.36
C LEU C 551 -8.57 -13.56 21.71
N LEU C 552 -7.67 -14.13 22.48
CA LEU C 552 -6.33 -14.44 21.96
C LEU C 552 -6.29 -15.69 21.08
N ALA C 553 -7.12 -16.67 21.37
CA ALA C 553 -7.14 -17.86 20.50
C ALA C 553 -7.50 -17.48 19.07
N LYS C 554 -6.91 -18.12 18.06
CA LYS C 554 -7.17 -17.63 16.72
C LYS C 554 -8.54 -18.01 16.19
N GLU C 555 -8.89 -17.39 15.09
CA GLU C 555 -10.10 -17.72 14.33
C GLU C 555 -10.01 -19.12 13.90
N GLY C 556 -11.12 -19.79 14.05
CA GLY C 556 -11.16 -21.19 13.75
C GLY C 556 -10.61 -22.10 14.78
N SER C 557 -10.10 -21.59 15.89
CA SER C 557 -9.71 -22.45 17.01
C SER C 557 -10.93 -23.06 17.67
N LEU C 558 -10.69 -24.08 18.47
CA LEU C 558 -11.70 -24.68 19.29
C LEU C 558 -12.41 -23.70 20.20
N VAL C 559 -11.58 -22.86 20.82
CA VAL C 559 -12.07 -21.82 21.73
C VAL C 559 -13.02 -20.82 21.03
N ALA C 560 -12.61 -20.29 19.89
CA ALA C 560 -13.35 -19.31 19.10
C ALA C 560 -14.62 -19.93 18.50
N LYS C 561 -14.55 -21.20 18.13
CA LYS C 561 -15.73 -21.90 17.61
C LYS C 561 -16.72 -22.19 18.72
N ARG C 562 -16.23 -22.60 19.88
CA ARG C 562 -17.16 -22.92 20.95
C ARG C 562 -17.73 -21.68 21.67
N ALA C 563 -17.02 -20.54 21.62
CA ALA C 563 -17.50 -19.30 22.19
C ALA C 563 -17.59 -18.20 21.17
N PRO C 564 -18.54 -18.30 20.24
CA PRO C 564 -18.68 -17.34 19.11
C PRO C 564 -18.92 -15.91 19.62
N TRP C 565 -19.56 -15.78 20.77
CA TRP C 565 -19.81 -14.49 21.38
C TRP C 565 -18.53 -13.74 21.88
N ALA C 566 -17.47 -14.49 22.13
CA ALA C 566 -16.29 -13.97 22.77
C ALA C 566 -15.32 -13.24 21.85
N SER C 567 -15.52 -13.34 20.56
CA SER C 567 -14.75 -12.64 19.57
C SER C 567 -15.02 -11.16 19.43
N HIS C 568 -16.15 -10.69 19.90
CA HIS C 568 -16.41 -9.26 19.95
C HIS C 568 -16.84 -8.78 21.34
N SER C 569 -16.46 -7.53 21.69
CA SER C 569 -16.85 -6.94 22.94
C SER C 569 -18.30 -6.79 23.06
N VAL C 570 -18.96 -6.51 21.91
CA VAL C 570 -20.41 -6.34 21.87
C VAL C 570 -21.02 -7.13 20.71
N ASN C 571 -22.12 -7.79 21.01
CA ASN C 571 -22.99 -8.47 20.05
C ASN C 571 -24.43 -8.04 20.31
N VAL C 572 -25.13 -7.52 19.30
CA VAL C 572 -26.50 -7.13 19.45
C VAL C 572 -27.35 -7.90 18.44
N VAL C 573 -28.35 -8.64 18.95
CA VAL C 573 -29.25 -9.44 18.12
C VAL C 573 -30.71 -9.13 18.42
N PRO C 574 -31.63 -9.50 17.50
CA PRO C 574 -33.05 -9.32 17.79
C PRO C 574 -33.43 -10.21 18.96
N TYR C 575 -34.38 -9.75 19.77
CA TYR C 575 -34.95 -10.53 20.84
C TYR C 575 -35.81 -11.68 20.26
N LYS C 576 -35.68 -12.90 20.76
CA LYS C 576 -36.63 -13.96 20.62
C LYS C 576 -36.73 -14.61 21.95
N ASP C 577 -37.84 -15.23 22.25
CA ASP C 577 -37.89 -16.05 23.44
C ASP C 577 -36.84 -17.21 23.41
N ASN C 578 -36.39 -17.52 24.61
CA ASN C 578 -35.40 -18.54 24.92
C ASN C 578 -34.05 -18.31 24.28
N ARG C 579 -33.61 -17.06 24.04
CA ARG C 579 -32.26 -16.76 23.60
C ARG C 579 -31.42 -16.35 24.81
N LEU C 580 -31.09 -17.32 25.64
CA LEU C 580 -30.36 -17.08 26.87
C LEU C 580 -28.89 -17.38 26.72
N TYR C 581 -28.53 -18.56 26.16
CA TYR C 581 -27.17 -19.13 26.29
C TYR C 581 -26.40 -19.12 24.95
N PRO C 582 -25.41 -18.24 24.86
CA PRO C 582 -24.75 -17.94 23.60
C PRO C 582 -23.70 -18.97 23.05
N SER C 583 -23.39 -19.98 23.84
CA SER C 583 -22.68 -21.14 23.35
C SER C 583 -23.64 -22.36 23.21
N GLY C 584 -24.94 -22.06 23.14
CA GLY C 584 -25.95 -23.12 23.01
C GLY C 584 -26.49 -23.67 24.32
N ASP C 585 -27.52 -24.47 24.23
CA ASP C 585 -28.17 -24.96 25.45
C ASP C 585 -27.45 -26.07 26.15
N HIS C 586 -26.73 -26.90 25.39
CA HIS C 586 -26.00 -28.01 25.99
C HIS C 586 -24.55 -27.90 25.53
N VAL C 587 -23.71 -27.38 26.43
CA VAL C 587 -22.40 -26.93 26.06
C VAL C 587 -21.34 -28.04 26.03
N PRO C 588 -21.23 -28.88 27.09
CA PRO C 588 -20.09 -29.83 27.07
C PRO C 588 -20.01 -30.69 25.76
N GLN C 589 -18.78 -30.79 25.26
CA GLN C 589 -18.43 -31.66 24.18
C GLN C 589 -18.94 -31.21 22.82
N TRP C 590 -19.61 -30.05 22.76
CA TRP C 590 -19.92 -29.45 21.49
C TRP C 590 -18.60 -29.05 20.80
N SER C 591 -18.41 -29.46 19.57
CA SER C 591 -17.25 -29.04 18.81
C SER C 591 -17.14 -27.57 18.44
N GLY C 592 -18.26 -26.83 18.46
CA GLY C 592 -18.22 -25.50 17.97
C GLY C 592 -18.70 -25.42 16.53
N ASP C 593 -18.91 -26.55 15.88
CA ASP C 593 -19.44 -26.56 14.52
C ASP C 593 -20.92 -26.53 14.59
N GLY C 594 -21.56 -25.62 13.85
CA GLY C 594 -23.00 -25.56 13.85
C GLY C 594 -23.65 -24.23 14.10
N VAL C 595 -24.86 -24.08 13.56
CA VAL C 595 -25.65 -22.87 13.69
C VAL C 595 -26.44 -22.95 14.99
N ARG C 596 -25.86 -22.53 16.11
CA ARG C 596 -26.62 -22.57 17.37
C ARG C 596 -26.07 -21.40 18.20
N GLY C 597 -26.79 -21.10 19.26
CA GLY C 597 -26.41 -20.03 20.18
C GLY C 597 -26.15 -18.71 19.41
N MET C 598 -25.09 -17.98 19.79
CA MET C 598 -24.87 -16.67 19.21
C MET C 598 -24.69 -16.76 17.70
N ARG C 599 -24.19 -17.88 17.21
CA ARG C 599 -23.94 -17.96 15.76
C ARG C 599 -25.30 -18.05 15.03
N GLU C 600 -26.26 -18.72 15.65
CA GLU C 600 -27.56 -18.73 15.11
C GLU C 600 -28.24 -17.32 15.15
N TRP C 601 -28.07 -16.62 16.26
CA TRP C 601 -28.80 -15.34 16.46
C TRP C 601 -28.18 -14.27 15.56
N ILE C 602 -26.92 -14.36 15.29
CA ILE C 602 -26.32 -13.44 14.32
C ILE C 602 -26.78 -13.71 12.89
N GLY C 603 -26.89 -15.00 12.53
CA GLY C 603 -27.36 -15.39 11.17
C GLY C 603 -26.42 -14.83 10.15
N ASP C 604 -26.97 -14.23 9.11
CA ASP C 604 -26.19 -13.66 8.08
C ASP C 604 -25.93 -12.16 8.37
N GLY C 605 -26.29 -11.70 9.58
CA GLY C 605 -25.95 -10.38 10.03
C GLY C 605 -26.84 -9.26 9.54
N SER C 606 -27.88 -9.61 8.79
CA SER C 606 -28.68 -8.62 8.07
C SER C 606 -29.91 -8.17 8.83
N GLU C 607 -30.30 -8.82 9.91
CA GLU C 607 -31.60 -8.46 10.50
C GLU C 607 -31.59 -7.12 11.27
N ASN C 608 -32.75 -6.44 11.31
CA ASN C 608 -32.85 -5.14 11.93
C ASN C 608 -32.68 -5.18 13.45
N ILE C 609 -31.89 -4.29 14.01
CA ILE C 609 -31.80 -4.11 15.47
C ILE C 609 -31.94 -2.62 15.87
N ASP C 610 -32.44 -1.76 14.97
CA ASP C 610 -32.70 -0.35 15.28
C ASP C 610 -34.21 -0.20 15.65
N ASN C 611 -34.48 0.27 16.84
CA ASN C 611 -35.82 0.55 17.30
C ASN C 611 -36.72 -0.66 17.30
N THR C 612 -36.33 -1.64 18.10
CA THR C 612 -37.01 -2.88 18.16
C THR C 612 -36.69 -3.54 19.47
N ASP C 613 -37.14 -4.78 19.69
CA ASP C 613 -36.74 -5.54 20.85
C ASP C 613 -35.42 -6.21 20.57
N ILE C 614 -34.41 -5.86 21.37
CA ILE C 614 -33.04 -6.35 21.14
C ILE C 614 -32.47 -7.08 22.34
N LEU C 615 -31.36 -7.76 22.09
CA LEU C 615 -30.56 -8.41 23.13
C LEU C 615 -29.10 -8.00 22.94
N PHE C 616 -28.46 -7.61 24.04
CA PHE C 616 -27.15 -6.94 24.04
C PHE C 616 -26.21 -7.77 24.89
N PHE C 617 -25.34 -8.48 24.18
CA PHE C 617 -24.38 -9.39 24.88
C PHE C 617 -22.99 -8.79 24.90
N HIS C 618 -22.42 -8.60 26.10
CA HIS C 618 -21.16 -7.91 26.26
C HIS C 618 -20.09 -8.89 26.78
N THR C 619 -18.99 -8.99 26.03
CA THR C 619 -17.85 -9.79 26.41
C THR C 619 -16.84 -8.89 27.16
N PHE C 620 -16.51 -9.27 28.39
CA PHE C 620 -15.52 -8.55 29.23
C PHE C 620 -14.72 -9.59 30.09
N GLY C 621 -13.66 -9.14 30.74
CA GLY C 621 -12.80 -9.99 31.53
C GLY C 621 -11.35 -9.59 31.59
N ILE C 622 -10.46 -10.57 31.77
CA ILE C 622 -9.08 -10.30 31.99
C ILE C 622 -8.21 -11.38 31.39
N THR C 623 -6.96 -11.01 31.20
CA THR C 623 -5.94 -11.91 30.71
C THR C 623 -4.99 -12.10 31.90
N HIS C 624 -4.90 -13.31 32.38
CA HIS C 624 -4.08 -13.65 33.52
C HIS C 624 -2.71 -14.28 33.17
N PHE C 625 -1.64 -13.56 33.50
CA PHE C 625 -0.29 -14.09 33.41
C PHE C 625 0.24 -14.33 34.81
N PRO C 626 0.16 -15.58 35.26
CA PRO C 626 0.36 -15.82 36.65
C PRO C 626 1.73 -15.42 37.17
N ALA C 627 1.75 -15.04 38.46
CA ALA C 627 2.98 -14.77 39.16
C ALA C 627 2.96 -15.42 40.55
N PRO C 628 4.12 -15.45 41.22
CA PRO C 628 4.15 -16.15 42.51
C PRO C 628 3.28 -15.55 43.59
N GLU C 629 3.00 -14.25 43.53
CA GLU C 629 2.02 -13.64 44.39
C GLU C 629 0.68 -14.31 44.37
N ASP C 630 0.37 -14.92 43.23
CA ASP C 630 -0.90 -15.67 43.02
C ASP C 630 -0.97 -17.03 43.75
N PHE C 631 0.16 -17.49 44.30
CA PHE C 631 0.30 -18.87 44.83
C PHE C 631 0.69 -18.83 46.30
N PRO C 632 0.26 -19.82 47.09
CA PRO C 632 -0.60 -20.94 46.78
C PRO C 632 -2.09 -20.58 46.73
N LEU C 633 -2.44 -19.37 47.15
CA LEU C 633 -3.85 -18.95 47.18
C LEU C 633 -3.86 -17.53 46.67
N MET C 634 -4.76 -17.17 45.78
CA MET C 634 -4.59 -15.92 45.09
C MET C 634 -5.36 -14.74 45.64
N PRO C 635 -4.72 -13.58 45.77
CA PRO C 635 -5.44 -12.34 46.14
C PRO C 635 -6.51 -12.04 45.11
N ALA C 636 -7.59 -11.45 45.59
CA ALA C 636 -8.74 -11.12 44.79
C ALA C 636 -8.29 -10.16 43.72
N GLU C 637 -8.70 -10.45 42.50
CA GLU C 637 -8.45 -9.61 41.37
C GLU C 637 -9.77 -9.02 40.85
N PRO C 638 -9.82 -7.70 40.65
CA PRO C 638 -11.14 -7.07 40.40
C PRO C 638 -11.42 -6.89 38.93
N ILE C 639 -12.68 -7.02 38.58
CA ILE C 639 -13.23 -6.73 37.25
C ILE C 639 -14.49 -5.95 37.51
N THR C 640 -14.70 -4.92 36.71
CA THR C 640 -15.91 -4.14 36.82
C THR C 640 -16.37 -3.58 35.47
N LEU C 641 -17.69 -3.33 35.35
CA LEU C 641 -18.29 -2.57 34.27
C LEU C 641 -19.48 -1.83 34.86
N MET C 642 -19.92 -0.80 34.17
CA MET C 642 -21.00 0.04 34.66
C MET C 642 -21.96 0.42 33.54
N LEU C 643 -23.23 0.52 33.92
CA LEU C 643 -24.31 1.00 33.07
C LEU C 643 -24.85 2.30 33.70
N ARG C 644 -24.59 3.44 33.04
CA ARG C 644 -24.84 4.74 33.62
C ARG C 644 -26.00 5.42 32.83
N PRO C 645 -26.92 6.06 33.54
CA PRO C 645 -27.90 6.86 32.79
C PRO C 645 -27.25 8.05 32.15
N ARG C 646 -27.48 8.29 30.88
CA ARG C 646 -26.99 9.51 30.21
C ARG C 646 -28.12 10.00 29.33
N HIS C 647 -28.58 11.19 29.63
CA HIS C 647 -29.77 11.78 28.99
C HIS C 647 -31.08 11.10 29.41
N PHE C 648 -30.96 10.21 30.40
CA PHE C 648 -32.08 9.49 30.90
C PHE C 648 -32.85 10.44 31.80
N PHE C 649 -32.16 11.12 32.71
CA PHE C 649 -32.78 12.12 33.54
C PHE C 649 -32.47 13.50 33.00
N THR C 650 -33.20 14.50 33.50
CA THR C 650 -32.94 15.90 33.16
C THR C 650 -32.08 16.60 34.20
N GLU C 651 -31.79 15.93 35.29
CA GLU C 651 -30.84 16.45 36.23
C GLU C 651 -30.42 15.29 37.12
N ASN C 652 -29.37 15.53 37.92
CA ASN C 652 -28.85 14.52 38.86
C ASN C 652 -29.96 13.96 39.75
N PRO C 653 -30.20 12.65 39.69
CA PRO C 653 -31.38 12.14 40.39
C PRO C 653 -31.27 11.97 41.89
N GLY C 654 -30.07 12.18 42.40
CA GLY C 654 -29.77 12.01 43.81
C GLY C 654 -29.95 13.24 44.67
N LEU C 655 -30.34 14.37 44.08
CA LEU C 655 -30.31 15.69 44.79
C LEU C 655 -31.36 15.85 45.89
N ASP C 656 -32.33 14.96 45.88
CA ASP C 656 -33.38 14.90 46.94
C ASP C 656 -33.04 13.95 48.11
N ILE C 657 -31.84 13.40 48.08
CA ILE C 657 -31.30 12.70 49.26
C ILE C 657 -30.78 13.73 50.29
N GLN C 658 -31.17 13.62 51.56
CA GLN C 658 -30.69 14.53 52.58
C GLN C 658 -29.16 14.56 52.60
N PRO C 659 -28.58 15.76 52.59
CA PRO C 659 -27.12 15.85 52.59
C PRO C 659 -26.52 15.36 53.89
N SER C 660 -25.30 14.88 53.87
CA SER C 660 -24.59 14.60 55.09
C SER C 660 -24.21 15.88 55.80
N TYR C 661 -23.99 16.96 55.09
CA TYR C 661 -23.72 18.26 55.66
C TYR C 661 -24.10 19.32 54.64
N ALA C 662 -24.61 20.46 55.11
CA ALA C 662 -24.91 21.51 54.16
C ALA C 662 -24.93 22.83 54.86
N MET C 663 -24.25 23.77 54.25
CA MET C 663 -24.36 25.15 54.67
C MET C 663 -24.34 26.09 53.50
N THR C 664 -25.32 26.99 53.49
CA THR C 664 -25.46 27.92 52.40
C THR C 664 -24.62 29.16 52.72
N THR C 665 -24.44 29.99 51.72
CA THR C 665 -23.69 31.25 51.83
C THR C 665 -24.24 32.21 52.91
N SER C 666 -25.57 32.33 52.95
CA SER C 666 -26.26 33.17 53.95
C SER C 666 -26.14 32.54 55.30
N GLU C 667 -26.22 31.22 55.38
CA GLU C 667 -26.03 30.57 56.65
C GLU C 667 -24.61 30.82 57.17
N ALA C 668 -23.60 30.70 56.34
CA ALA C 668 -22.25 30.91 56.77
C ALA C 668 -21.99 32.37 57.20
N LYS C 669 -22.59 33.33 56.52
CA LYS C 669 -22.54 34.73 56.94
C LYS C 669 -23.20 34.91 58.31
N ARG C 670 -24.41 34.40 58.48
CA ARG C 670 -25.12 34.47 59.76
C ARG C 670 -24.30 33.84 60.88
N ALA C 671 -23.60 32.74 60.62
CA ALA C 671 -22.72 32.13 61.61
C ALA C 671 -21.53 33.04 61.87
N VAL C 672 -21.58 34.25 61.30
CA VAL C 672 -20.56 35.33 61.42
C VAL C 672 -19.27 34.76 60.90
N ALA D 17 16.99 30.80 64.68
CA ALA D 17 16.98 29.67 63.68
C ALA D 17 15.92 28.64 64.07
N PRO D 18 14.94 28.38 63.17
CA PRO D 18 13.77 27.55 63.54
C PRO D 18 14.18 26.12 63.87
N ALA D 19 13.46 25.44 64.75
CA ALA D 19 13.83 24.10 65.16
C ALA D 19 13.77 23.16 63.94
N ARG D 20 14.63 22.14 63.89
CA ARG D 20 14.61 21.12 62.84
C ARG D 20 13.38 20.24 63.05
N PRO D 21 12.80 19.74 61.95
CA PRO D 21 11.74 18.72 62.09
C PRO D 21 12.23 17.35 62.57
N ALA D 22 11.24 16.55 62.88
CA ALA D 22 11.44 15.14 63.17
C ALA D 22 12.14 14.37 62.02
N HIS D 23 11.95 14.76 60.76
CA HIS D 23 12.20 13.91 59.58
C HIS D 23 12.47 14.87 58.40
N PRO D 24 13.53 14.66 57.59
CA PRO D 24 13.95 15.58 56.54
C PRO D 24 12.92 15.79 55.49
N LEU D 25 11.91 14.93 55.41
CA LEU D 25 10.88 15.16 54.41
C LEU D 25 9.65 15.85 54.96
N ASP D 26 9.67 16.21 56.25
CA ASP D 26 8.55 16.91 56.78
C ASP D 26 8.40 18.26 56.06
N PRO D 27 7.15 18.65 55.78
CA PRO D 27 6.88 20.01 55.24
C PRO D 27 7.39 21.09 56.19
N LEU D 28 7.51 22.28 55.67
CA LEU D 28 7.92 23.41 56.50
C LEU D 28 6.89 23.72 57.57
N SER D 29 7.32 23.87 58.85
CA SER D 29 6.46 24.35 59.97
C SER D 29 6.09 25.81 59.77
N THR D 30 5.04 26.29 60.49
CA THR D 30 4.71 27.71 60.47
C THR D 30 5.94 28.57 60.85
N ALA D 31 6.73 28.12 61.80
CA ALA D 31 7.93 28.87 62.15
C ALA D 31 8.99 28.87 61.07
N GLU D 32 9.08 27.77 60.34
CA GLU D 32 10.03 27.72 59.28
C GLU D 32 9.57 28.64 58.14
N ILE D 33 8.29 28.67 57.84
CA ILE D 33 7.79 29.53 56.81
C ILE D 33 8.14 30.99 57.21
N LYS D 34 7.78 31.39 58.43
CA LYS D 34 8.00 32.76 58.91
C LYS D 34 9.50 33.12 58.87
N ALA D 35 10.33 32.16 59.23
CA ALA D 35 11.77 32.35 59.19
C ALA D 35 12.28 32.60 57.80
N ALA D 36 11.73 31.84 56.85
CA ALA D 36 12.15 31.97 55.45
C ALA D 36 11.77 33.33 54.97
N THR D 37 10.53 33.72 55.21
CA THR D 37 10.03 35.01 54.74
C THR D 37 10.79 36.19 55.38
N ASN D 38 11.15 36.08 56.66
CA ASN D 38 11.90 37.18 57.27
C ASN D 38 13.24 37.31 56.55
N THR D 39 13.86 36.17 56.36
CA THR D 39 15.14 36.10 55.74
C THR D 39 15.08 36.74 54.37
N VAL D 40 14.00 36.49 53.65
CA VAL D 40 13.86 37.03 52.28
C VAL D 40 13.59 38.53 52.28
N LYS D 41 12.66 38.97 53.11
CA LYS D 41 12.40 40.39 53.37
C LYS D 41 13.63 41.20 53.68
N SER D 42 14.52 40.65 54.51
CA SER D 42 15.81 41.31 54.79
C SER D 42 16.64 41.39 53.57
N TYR D 43 16.82 40.26 52.86
CA TYR D 43 17.68 40.24 51.67
C TYR D 43 17.34 41.30 50.66
N PHE D 44 16.04 41.51 50.44
CA PHE D 44 15.49 42.49 49.52
C PHE D 44 15.10 43.73 50.30
N ALA D 45 15.95 44.11 51.25
CA ALA D 45 15.66 45.22 52.21
C ALA D 45 15.50 46.44 51.40
N GLY D 46 14.37 47.09 51.58
CA GLY D 46 14.06 48.32 50.91
C GLY D 46 13.16 48.17 49.72
N LYS D 47 12.81 46.93 49.35
CA LYS D 47 11.95 46.68 48.17
C LYS D 47 10.59 46.20 48.63
N LYS D 48 9.57 46.59 47.92
CA LYS D 48 8.21 46.23 48.22
C LYS D 48 7.91 44.89 47.50
N ILE D 49 7.88 43.80 48.26
CA ILE D 49 7.69 42.45 47.74
C ILE D 49 6.51 41.73 48.32
N SER D 50 6.03 40.74 47.57
CA SER D 50 4.97 39.86 48.01
C SER D 50 5.35 38.40 47.77
N PHE D 51 4.86 37.52 48.64
CA PHE D 51 5.17 36.11 48.60
C PHE D 51 4.10 35.37 47.85
N ASN D 52 4.54 34.55 46.91
CA ASN D 52 3.70 33.71 46.11
C ASN D 52 3.77 32.23 46.60
N THR D 53 4.96 31.74 46.94
CA THR D 53 5.21 30.35 47.32
C THR D 53 6.35 30.34 48.33
N VAL D 54 6.16 29.67 49.43
CA VAL D 54 7.24 29.32 50.31
C VAL D 54 7.03 27.86 50.74
N THR D 55 7.94 26.98 50.35
CA THR D 55 7.76 25.55 50.47
C THR D 55 9.08 24.83 50.71
N LEU D 56 9.00 23.60 51.22
CA LEU D 56 10.18 22.79 51.37
C LEU D 56 10.86 22.54 50.02
N ARG D 57 12.15 22.76 49.99
CA ARG D 57 12.95 22.22 48.91
C ARG D 57 13.47 20.88 49.43
N GLU D 58 13.05 19.77 48.86
CA GLU D 58 13.33 18.46 49.41
C GLU D 58 14.80 18.15 49.24
N PRO D 59 15.37 17.39 50.18
CA PRO D 59 16.74 16.93 50.05
C PRO D 59 17.04 16.17 48.78
N ALA D 60 18.28 16.24 48.30
CA ALA D 60 18.71 15.41 47.16
C ALA D 60 18.41 13.96 47.46
N ARG D 61 18.02 13.24 46.43
CA ARG D 61 17.67 11.85 46.58
C ARG D 61 18.75 11.00 47.28
N LYS D 62 19.98 11.16 46.79
CA LYS D 62 21.13 10.43 47.35
C LYS D 62 21.39 10.80 48.81
N ALA D 63 21.27 12.08 49.12
CA ALA D 63 21.55 12.55 50.46
C ALA D 63 20.50 11.97 51.45
N TYR D 64 19.22 11.99 51.01
CA TYR D 64 18.15 11.34 51.79
C TYR D 64 18.43 9.84 52.06
N ILE D 65 18.73 9.10 51.01
CA ILE D 65 18.84 7.69 51.10
C ILE D 65 20.08 7.31 51.93
N GLN D 66 21.13 8.11 51.83
CA GLN D 66 22.32 7.86 52.63
C GLN D 66 22.04 8.12 54.10
N TRP D 67 21.25 9.14 54.38
CA TRP D 67 20.85 9.46 55.74
C TRP D 67 20.03 8.31 56.32
N LYS D 68 19.11 7.81 55.51
CA LYS D 68 18.20 6.78 55.96
C LYS D 68 18.87 5.43 56.19
N GLU D 69 19.81 5.10 55.34
CA GLU D 69 20.26 3.71 55.25
C GLU D 69 21.72 3.49 55.54
N GLN D 70 22.53 4.54 55.54
CA GLN D 70 23.95 4.35 55.66
C GLN D 70 24.58 5.27 56.74
N GLY D 71 23.81 5.70 57.71
CA GLY D 71 24.23 6.68 58.70
C GLY D 71 24.83 7.99 58.20
N GLY D 72 24.31 8.52 57.07
CA GLY D 72 24.82 9.75 56.46
C GLY D 72 24.33 10.94 57.24
N PRO D 73 24.90 12.10 56.96
CA PRO D 73 24.54 13.34 57.61
C PRO D 73 23.08 13.77 57.30
N LEU D 74 22.47 14.49 58.24
CA LEU D 74 21.09 14.99 58.07
C LEU D 74 21.17 16.03 56.99
N PRO D 75 20.39 15.89 55.92
CA PRO D 75 20.48 16.97 54.95
C PRO D 75 20.03 18.32 55.49
N PRO D 76 20.51 19.40 54.85
CA PRO D 76 20.11 20.70 55.30
C PRO D 76 18.66 21.01 54.95
N ARG D 77 18.06 21.75 55.85
CA ARG D 77 16.71 22.17 55.75
C ARG D 77 16.58 23.44 54.92
N LEU D 78 15.90 23.34 53.77
CA LEU D 78 15.86 24.43 52.81
C LEU D 78 14.46 24.80 52.42
N ALA D 79 14.27 26.07 52.13
CA ALA D 79 13.01 26.66 51.73
C ALA D 79 13.16 27.22 50.36
N TYR D 80 12.26 26.84 49.45
CA TYR D 80 12.18 27.46 48.09
C TYR D 80 11.08 28.52 48.13
N TYR D 81 11.41 29.71 47.59
CA TYR D 81 10.51 30.85 47.57
C TYR D 81 10.37 31.42 46.14
N VAL D 82 9.20 31.96 45.88
CA VAL D 82 8.91 32.70 44.71
C VAL D 82 8.23 33.97 45.25
N ILE D 83 8.69 35.13 44.80
CA ILE D 83 8.13 36.42 45.15
C ILE D 83 7.89 37.30 43.90
N LEU D 84 7.03 38.30 44.09
CA LEU D 84 6.76 39.36 43.13
C LEU D 84 7.27 40.68 43.73
N GLU D 85 7.68 41.61 42.89
CA GLU D 85 8.12 42.94 43.32
C GLU D 85 7.37 43.93 42.51
N ALA D 86 6.75 44.86 43.22
CA ALA D 86 6.04 46.00 42.64
C ALA D 86 6.86 46.62 41.54
N GLY D 87 6.25 46.86 40.41
CA GLY D 87 6.97 47.48 39.27
C GLY D 87 7.98 46.59 38.55
N LYS D 88 8.20 45.33 38.97
CA LYS D 88 9.08 44.43 38.22
C LYS D 88 8.25 43.35 37.50
N PRO D 89 8.66 42.99 36.26
CA PRO D 89 7.97 41.96 35.55
C PRO D 89 8.38 40.55 36.03
N GLY D 90 7.47 39.59 35.92
CA GLY D 90 7.75 38.19 36.32
C GLY D 90 7.88 38.01 37.82
N VAL D 91 8.89 37.26 38.22
CA VAL D 91 9.04 36.83 39.57
C VAL D 91 10.51 36.83 39.94
N LYS D 92 10.77 36.61 41.23
CA LYS D 92 12.11 36.19 41.61
C LYS D 92 11.94 34.92 42.38
N GLU D 93 12.95 34.04 42.30
CA GLU D 93 12.88 32.79 43.05
C GLU D 93 14.21 32.50 43.68
N GLY D 94 14.22 31.63 44.69
CA GLY D 94 15.47 31.19 45.28
C GLY D 94 15.32 30.23 46.44
N LEU D 95 16.45 29.97 47.12
CA LEU D 95 16.51 29.06 48.26
C LEU D 95 17.05 29.76 49.48
N VAL D 96 16.46 29.47 50.63
CA VAL D 96 16.93 29.96 51.92
C VAL D 96 17.40 28.78 52.72
N ASP D 97 18.61 28.89 53.25
CA ASP D 97 19.15 27.91 54.15
C ASP D 97 18.64 28.27 55.55
N LEU D 98 17.84 27.38 56.13
CA LEU D 98 17.13 27.73 57.38
C LEU D 98 17.99 27.76 58.66
N ALA D 99 18.99 26.92 58.74
CA ALA D 99 19.92 26.90 59.88
C ALA D 99 20.65 28.24 59.98
N SER D 100 21.28 28.67 58.88
CA SER D 100 21.97 29.94 58.84
C SER D 100 21.06 31.17 58.60
N LEU D 101 19.75 30.97 58.38
CA LEU D 101 18.85 32.07 57.99
C LEU D 101 19.44 32.96 56.86
N SER D 102 19.84 32.34 55.77
CA SER D 102 20.33 33.19 54.68
C SER D 102 19.92 32.66 53.31
N VAL D 103 19.86 33.58 52.37
CA VAL D 103 19.53 33.29 50.99
C VAL D 103 20.74 32.70 50.31
N ILE D 104 20.65 31.49 49.78
CA ILE D 104 21.83 30.86 49.27
C ILE D 104 21.77 30.80 47.76
N GLU D 105 20.65 31.20 47.18
CA GLU D 105 20.49 31.06 45.75
C GLU D 105 19.35 31.96 45.35
N THR D 106 19.47 32.64 44.21
CA THR D 106 18.49 33.65 43.88
C THR D 106 18.53 33.91 42.38
N ARG D 107 17.38 34.09 41.71
CA ARG D 107 17.36 34.56 40.32
C ARG D 107 16.06 35.20 39.90
N ALA D 108 16.15 36.10 38.95
CA ALA D 108 15.00 36.85 38.51
C ALA D 108 14.58 36.21 37.20
N LEU D 109 13.29 36.04 37.04
CA LEU D 109 12.71 35.41 35.84
C LEU D 109 11.68 36.39 35.34
N GLU D 110 12.09 37.27 34.44
CA GLU D 110 11.21 38.37 34.04
C GLU D 110 10.08 37.97 33.11
N THR D 111 10.15 36.77 32.52
CA THR D 111 9.23 36.37 31.45
C THR D 111 8.42 35.08 31.77
N VAL D 112 8.20 34.84 33.05
CA VAL D 112 7.26 33.83 33.46
C VAL D 112 6.21 34.42 34.41
N GLN D 113 5.15 33.68 34.64
CA GLN D 113 4.11 34.05 35.61
C GLN D 113 3.89 32.83 36.50
N PRO D 114 3.63 33.04 37.78
CA PRO D 114 3.52 31.95 38.70
C PRO D 114 2.13 31.51 39.07
N ILE D 115 2.10 30.46 39.90
CA ILE D 115 0.87 29.89 40.33
C ILE D 115 -0.03 30.95 41.00
N LEU D 116 -1.34 30.84 40.80
CA LEU D 116 -2.34 31.75 41.41
C LEU D 116 -2.84 31.19 42.75
N THR D 117 -2.72 31.98 43.79
CA THR D 117 -3.08 31.56 45.14
C THR D 117 -4.54 31.83 45.41
N VAL D 118 -4.98 31.43 46.57
CA VAL D 118 -6.29 31.77 46.97
C VAL D 118 -6.41 33.28 47.11
N GLU D 119 -5.39 33.99 47.57
CA GLU D 119 -5.47 35.44 47.67
C GLU D 119 -5.48 36.08 46.24
N ASP D 120 -5.51 35.25 45.19
CA ASP D 120 -5.54 35.71 43.81
C ASP D 120 -6.87 35.39 43.18
N LEU D 121 -7.37 34.17 43.34
CA LEU D 121 -8.74 33.98 42.97
C LEU D 121 -9.74 35.05 43.64
N CYS D 122 -9.70 35.25 44.96
CA CYS D 122 -10.74 36.07 45.66
C CYS D 122 -10.67 37.60 45.38
N SER D 123 -9.58 38.14 44.86
CA SER D 123 -9.52 39.59 44.55
C SER D 123 -10.23 40.08 43.26
N THR D 124 -10.49 39.21 42.30
CA THR D 124 -10.92 39.69 40.97
C THR D 124 -12.35 40.17 40.91
N GLU D 125 -13.20 39.56 41.72
CA GLU D 125 -14.56 39.92 41.72
C GLU D 125 -14.79 41.37 41.95
N GLU D 126 -14.14 41.89 42.96
CA GLU D 126 -14.34 43.25 43.35
C GLU D 126 -13.74 44.16 42.25
N VAL D 127 -12.64 43.70 41.59
CA VAL D 127 -12.11 44.44 40.47
C VAL D 127 -13.17 44.54 39.37
N ILE D 128 -13.78 43.43 38.99
CA ILE D 128 -14.68 43.57 37.86
C ILE D 128 -16.00 44.28 38.20
N ARG D 129 -16.46 44.12 39.43
CA ARG D 129 -17.68 44.75 39.85
C ARG D 129 -17.56 46.26 39.80
N ASN D 130 -16.35 46.78 39.93
CA ASN D 130 -16.17 48.23 39.94
C ASN D 130 -15.62 48.80 38.66
N ASP D 131 -15.46 48.02 37.65
CA ASP D 131 -14.89 48.53 36.47
C ASP D 131 -15.96 49.06 35.51
N PRO D 132 -15.84 50.31 35.07
CA PRO D 132 -16.96 50.88 34.28
C PRO D 132 -17.26 50.12 33.00
N ALA D 133 -16.26 49.57 32.34
CA ALA D 133 -16.52 48.83 31.10
C ALA D 133 -17.23 47.51 31.39
N VAL D 134 -16.87 46.82 32.47
CA VAL D 134 -17.58 45.60 32.83
C VAL D 134 -19.02 45.95 33.21
N ILE D 135 -19.21 47.03 33.98
CA ILE D 135 -20.59 47.47 34.31
C ILE D 135 -21.40 47.74 33.02
N GLU D 136 -20.81 48.39 32.03
CA GLU D 136 -21.58 48.61 30.79
C GLU D 136 -22.00 47.28 30.14
N GLN D 137 -21.10 46.31 30.15
CA GLN D 137 -21.46 45.00 29.55
C GLN D 137 -22.53 44.25 30.29
N CYS D 138 -22.54 44.37 31.61
CA CYS D 138 -23.62 43.81 32.39
C CYS D 138 -24.97 44.45 32.05
N VAL D 139 -24.93 45.76 31.90
CA VAL D 139 -26.12 46.52 31.56
C VAL D 139 -26.60 46.07 30.20
N LEU D 140 -25.71 45.94 29.21
CA LEU D 140 -26.16 45.49 27.86
C LEU D 140 -26.70 44.05 27.93
N SER D 141 -26.20 43.28 28.88
CA SER D 141 -26.57 41.88 29.03
C SER D 141 -27.83 41.72 29.86
N GLY D 142 -28.46 42.84 30.29
CA GLY D 142 -29.73 42.76 31.03
C GLY D 142 -29.61 42.79 32.56
N ILE D 143 -28.46 43.22 33.09
CA ILE D 143 -28.32 43.34 34.54
C ILE D 143 -28.05 44.80 34.85
N PRO D 144 -28.96 45.45 35.61
CA PRO D 144 -28.74 46.86 35.88
C PRO D 144 -27.48 47.15 36.70
N ALA D 145 -26.93 48.34 36.48
CA ALA D 145 -25.75 48.85 37.17
C ALA D 145 -25.86 48.77 38.68
N ASN D 146 -27.03 48.98 39.23
CA ASN D 146 -27.14 48.91 40.68
C ASN D 146 -27.29 47.48 41.21
N GLU D 147 -27.08 46.47 40.37
CA GLU D 147 -27.11 45.08 40.80
C GLU D 147 -25.79 44.31 40.58
N MET D 148 -24.67 45.04 40.52
CA MET D 148 -23.37 44.45 40.29
C MET D 148 -22.93 43.51 41.42
N HIS D 149 -23.51 43.66 42.61
CA HIS D 149 -23.29 42.73 43.68
C HIS D 149 -23.85 41.33 43.37
N LYS D 150 -24.64 41.22 42.32
CA LYS D 150 -25.16 39.91 41.90
C LYS D 150 -24.32 39.26 40.82
N VAL D 151 -23.30 39.98 40.36
CA VAL D 151 -22.44 39.46 39.32
C VAL D 151 -21.27 38.79 40.00
N TYR D 152 -20.91 37.59 39.57
CA TYR D 152 -19.76 36.88 40.13
C TYR D 152 -18.77 36.43 39.06
N CYS D 153 -17.54 36.11 39.42
CA CYS D 153 -16.74 35.43 38.42
C CYS D 153 -15.89 34.40 39.05
N ASP D 154 -15.60 33.35 38.31
CA ASP D 154 -14.51 32.41 38.62
C ASP D 154 -13.30 32.89 37.85
N PRO D 155 -12.25 33.31 38.59
CA PRO D 155 -11.20 33.95 37.82
C PRO D 155 -10.04 33.04 37.48
N TRP D 156 -10.01 32.47 36.31
CA TRP D 156 -9.01 31.50 35.95
C TRP D 156 -7.75 32.25 35.61
N THR D 157 -6.58 31.60 35.70
CA THR D 157 -5.51 32.14 34.83
C THR D 157 -6.03 32.29 33.37
N ILE D 158 -5.49 33.28 32.67
CA ILE D 158 -5.78 33.44 31.27
C ILE D 158 -5.34 32.24 30.50
N GLY D 159 -4.36 31.51 31.07
CA GLY D 159 -3.93 30.26 30.55
C GLY D 159 -2.88 30.54 29.55
N TYR D 160 -3.29 30.90 28.35
CA TYR D 160 -2.38 31.54 27.40
C TYR D 160 -3.20 32.34 26.40
N ASP D 161 -2.80 33.58 26.18
CA ASP D 161 -3.38 34.39 25.13
C ASP D 161 -2.22 35.11 24.41
N GLU D 162 -2.09 34.83 23.13
CA GLU D 162 -1.01 35.36 22.27
C GLU D 162 -1.00 36.88 22.11
N ARG D 163 -2.03 37.56 22.58
CA ARG D 163 -2.05 39.00 22.54
C ARG D 163 -1.16 39.64 23.62
N TRP D 164 -0.84 38.90 24.69
CA TRP D 164 -0.07 39.47 25.83
C TRP D 164 1.10 38.59 26.28
N GLY D 165 1.08 37.29 25.94
CA GLY D 165 2.14 36.42 26.38
C GLY D 165 2.27 36.40 27.91
N THR D 166 3.50 36.51 28.41
CA THR D 166 3.78 36.68 29.81
C THR D 166 4.04 38.13 30.21
N GLY D 167 3.73 39.06 29.33
CA GLY D 167 4.05 40.48 29.55
C GLY D 167 3.35 41.15 30.68
N LYS D 168 2.15 40.67 31.04
CA LYS D 168 1.44 41.10 32.26
C LYS D 168 0.92 39.84 32.92
N ARG D 169 0.67 39.91 34.23
CA ARG D 169 0.09 38.78 34.94
C ARG D 169 -1.43 38.85 34.86
N LEU D 170 -2.05 37.89 34.20
CA LEU D 170 -3.42 38.00 33.78
C LEU D 170 -4.34 36.86 34.16
N GLN D 171 -5.57 37.24 34.51
CA GLN D 171 -6.66 36.35 34.71
C GLN D 171 -7.79 36.66 33.75
N GLN D 172 -8.55 35.63 33.42
CA GLN D 172 -9.78 35.73 32.67
C GLN D 172 -10.91 35.39 33.63
N ALA D 173 -11.88 36.30 33.68
CA ALA D 173 -12.97 36.21 34.63
C ALA D 173 -14.13 35.57 33.90
N LEU D 174 -14.40 34.33 34.23
CA LEU D 174 -15.59 33.66 33.70
C LEU D 174 -16.78 34.12 34.56
N VAL D 175 -17.66 34.89 33.93
CA VAL D 175 -18.68 35.70 34.59
CA VAL D 175 -18.67 35.68 34.67
C VAL D 175 -20.01 34.97 34.71
N TYR D 176 -20.66 35.10 35.86
CA TYR D 176 -21.87 34.46 36.19
C TYR D 176 -22.77 35.41 36.99
N TYR D 177 -24.07 35.08 37.06
CA TYR D 177 -25.03 35.89 37.75
C TYR D 177 -25.74 35.05 38.80
N ARG D 178 -25.99 35.67 39.96
CA ARG D 178 -26.85 35.07 41.01
C ARG D 178 -28.02 35.97 41.34
N SER D 179 -29.24 35.43 41.28
N SER D 179 -29.25 35.44 41.25
CA SER D 179 -30.47 36.15 41.67
CA SER D 179 -30.44 36.18 41.68
C SER D 179 -30.58 36.25 43.19
C SER D 179 -30.44 36.33 43.20
N ASP D 180 -29.98 35.30 43.88
CA ASP D 180 -29.84 35.28 45.31
C ASP D 180 -28.45 34.71 45.62
N GLU D 181 -27.86 35.12 46.74
CA GLU D 181 -26.53 34.72 47.08
C GLU D 181 -26.35 33.23 47.34
N ASP D 182 -27.45 32.53 47.64
CA ASP D 182 -27.41 31.07 47.91
C ASP D 182 -27.58 30.25 46.63
N ASP D 183 -27.76 30.93 45.48
CA ASP D 183 -27.89 30.26 44.20
C ASP D 183 -26.58 29.55 43.83
N SER D 184 -26.70 28.50 43.03
CA SER D 184 -25.56 28.03 42.26
C SER D 184 -25.53 28.83 40.97
N GLN D 185 -24.42 29.53 40.75
CA GLN D 185 -24.38 30.52 39.69
C GLN D 185 -24.33 29.91 38.28
N TYR D 186 -23.97 28.62 38.19
CA TYR D 186 -23.56 28.05 36.92
C TYR D 186 -24.69 27.85 35.94
N SER D 187 -25.97 28.00 36.34
CA SER D 187 -27.07 28.05 35.35
C SER D 187 -27.10 29.36 34.55
N HIS D 188 -26.31 30.34 35.04
CA HIS D 188 -26.36 31.74 34.54
C HIS D 188 -25.05 32.42 34.16
N PRO D 189 -24.31 31.82 33.24
CA PRO D 189 -23.13 32.46 32.72
C PRO D 189 -23.53 33.66 31.88
N LEU D 190 -22.63 34.65 31.85
CA LEU D 190 -22.75 35.73 30.90
C LEU D 190 -21.92 35.53 29.68
N ASP D 191 -22.14 36.40 28.68
CA ASP D 191 -21.59 36.11 27.34
C ASP D 191 -20.20 36.59 27.08
N PHE D 192 -19.69 37.47 27.95
CA PHE D 192 -18.42 38.16 27.72
C PHE D 192 -17.33 37.78 28.74
N CYS D 193 -16.08 38.10 28.45
CA CYS D 193 -15.01 37.65 29.32
C CYS D 193 -13.98 38.77 29.64
N PRO D 194 -14.02 39.34 30.85
CA PRO D 194 -13.05 40.39 31.11
C PRO D 194 -11.66 39.81 31.36
N ILE D 195 -10.63 40.58 30.99
CA ILE D 195 -9.26 40.17 31.19
C ILE D 195 -8.67 41.12 32.23
N VAL D 196 -8.13 40.57 33.30
CA VAL D 196 -7.72 41.33 34.44
C VAL D 196 -6.22 41.19 34.70
N ASP D 197 -5.59 42.35 34.89
CA ASP D 197 -4.24 42.42 35.39
C ASP D 197 -4.19 42.17 36.89
N THR D 198 -3.63 41.01 37.23
CA THR D 198 -3.62 40.47 38.57
C THR D 198 -2.92 41.43 39.55
N GLU D 199 -1.81 42.00 39.13
CA GLU D 199 -1.00 42.83 40.02
C GLU D 199 -1.43 44.28 40.04
N GLU D 200 -1.91 44.83 38.96
CA GLU D 200 -2.43 46.22 38.93
C GLU D 200 -3.86 46.30 39.34
N LYS D 201 -4.58 45.18 39.40
CA LYS D 201 -5.99 45.14 39.80
C LYS D 201 -6.87 45.97 38.88
N LYS D 202 -6.79 45.67 37.61
CA LYS D 202 -7.43 46.48 36.63
C LYS D 202 -7.86 45.60 35.42
N VAL D 203 -9.03 45.87 34.86
CA VAL D 203 -9.48 45.19 33.62
C VAL D 203 -8.73 45.86 32.45
N ILE D 204 -8.10 45.12 31.56
CA ILE D 204 -7.42 45.73 30.46
C ILE D 204 -8.09 45.42 29.16
N PHE D 205 -9.08 44.53 29.13
CA PHE D 205 -9.69 44.18 27.90
C PHE D 205 -10.91 43.36 28.25
N ILE D 206 -11.90 43.38 27.38
CA ILE D 206 -13.04 42.46 27.49
C ILE D 206 -13.29 41.75 26.18
N ASP D 207 -13.23 40.42 26.18
CA ASP D 207 -13.63 39.67 24.98
C ASP D 207 -15.14 39.68 24.95
N ILE D 208 -15.69 40.10 23.81
CA ILE D 208 -17.13 40.24 23.65
C ILE D 208 -17.53 39.49 22.42
N PRO D 209 -18.48 38.55 22.50
CA PRO D 209 -18.71 37.77 21.28
C PRO D 209 -19.48 38.58 20.23
N ASN D 210 -19.38 38.14 18.98
CA ASN D 210 -20.16 38.69 17.83
C ASN D 210 -21.67 38.65 17.99
N ARG D 211 -22.17 37.53 18.48
CA ARG D 211 -23.60 37.31 18.67
C ARG D 211 -23.79 37.50 20.18
N ARG D 212 -24.44 38.58 20.59
CA ARG D 212 -24.67 38.86 22.03
C ARG D 212 -25.75 37.97 22.58
N ARG D 213 -25.57 37.50 23.80
CA ARG D 213 -26.60 36.71 24.48
C ARG D 213 -26.79 37.24 25.86
N LYS D 214 -27.98 37.74 26.13
CA LYS D 214 -28.26 38.37 27.38
C LYS D 214 -28.51 37.29 28.45
N VAL D 215 -28.48 37.73 29.72
CA VAL D 215 -28.52 36.83 30.85
C VAL D 215 -29.80 36.04 30.77
N SER D 216 -29.72 34.77 31.13
CA SER D 216 -30.90 33.91 31.12
C SER D 216 -31.95 34.40 32.08
N LYS D 217 -33.22 34.23 31.67
CA LYS D 217 -34.36 34.52 32.54
C LYS D 217 -34.92 33.32 33.28
N HIS D 218 -34.38 32.13 33.07
CA HIS D 218 -34.82 30.98 33.82
C HIS D 218 -34.44 31.11 35.27
N LYS D 219 -35.12 30.29 36.06
CA LYS D 219 -34.76 30.06 37.45
C LYS D 219 -33.38 29.45 37.51
N HIS D 220 -32.66 29.75 38.55
CA HIS D 220 -31.39 29.07 38.81
C HIS D 220 -31.69 27.58 39.09
N ALA D 221 -30.77 26.74 38.60
CA ALA D 221 -30.74 25.32 38.80
C ALA D 221 -29.98 25.08 40.12
N ASN D 222 -30.75 24.92 41.16
CA ASN D 222 -30.21 24.84 42.54
C ASN D 222 -30.27 23.47 43.19
N PHE D 223 -29.54 23.28 44.29
CA PHE D 223 -29.37 21.93 44.83
C PHE D 223 -29.39 21.80 46.35
N TYR D 224 -29.44 22.89 47.14
CA TYR D 224 -29.69 22.72 48.55
C TYR D 224 -31.12 22.24 48.82
N PRO D 225 -31.38 21.64 49.97
CA PRO D 225 -32.70 21.16 50.35
C PRO D 225 -33.88 22.13 50.18
N LYS D 226 -33.72 23.36 50.64
CA LYS D 226 -34.76 24.38 50.42
C LYS D 226 -35.08 24.57 48.94
N HIS D 227 -34.10 24.37 48.07
CA HIS D 227 -34.34 24.55 46.66
C HIS D 227 -35.02 23.32 46.13
N MET D 228 -34.63 22.17 46.63
CA MET D 228 -35.18 20.90 46.12
C MET D 228 -36.62 20.80 46.55
N ILE D 229 -36.95 21.31 47.73
CA ILE D 229 -38.33 21.28 48.25
C ILE D 229 -39.22 22.06 47.32
N GLU D 230 -38.73 23.21 46.90
CA GLU D 230 -39.41 23.99 45.86
C GLU D 230 -39.47 23.25 44.53
N LYS D 231 -38.39 22.60 44.11
CA LYS D 231 -38.36 21.98 42.77
C LYS D 231 -39.18 20.69 42.68
N VAL D 232 -39.04 19.81 43.66
CA VAL D 232 -39.74 18.54 43.60
C VAL D 232 -40.76 18.30 44.72
N GLY D 233 -40.97 19.23 45.63
CA GLY D 233 -42.09 19.12 46.60
C GLY D 233 -41.60 18.73 47.97
N ALA D 234 -40.63 17.83 48.05
CA ALA D 234 -40.06 17.40 49.32
C ALA D 234 -38.69 16.66 49.14
N MET D 235 -37.92 16.62 50.21
CA MET D 235 -36.70 15.79 50.25
C MET D 235 -37.19 14.39 50.56
N ARG D 236 -36.35 13.40 50.26
CA ARG D 236 -36.60 12.02 50.76
C ARG D 236 -36.42 12.02 52.26
N PRO D 237 -37.15 11.13 52.98
CA PRO D 237 -36.92 10.90 54.40
C PRO D 237 -35.48 10.55 54.67
N GLU D 238 -34.94 11.02 55.77
CA GLU D 238 -33.64 10.57 56.22
C GLU D 238 -33.61 9.02 56.22
N ALA D 239 -32.63 8.42 55.59
CA ALA D 239 -32.52 6.96 55.54
C ALA D 239 -32.08 6.45 56.93
N PRO D 240 -32.50 5.25 57.27
CA PRO D 240 -31.95 4.69 58.51
C PRO D 240 -30.43 4.56 58.39
N PRO D 241 -29.73 4.77 59.48
CA PRO D 241 -28.29 4.87 59.45
C PRO D 241 -27.58 3.52 59.23
N ILE D 242 -26.41 3.62 58.63
CA ILE D 242 -25.51 2.48 58.43
C ILE D 242 -24.27 2.87 59.19
N ASN D 243 -24.12 2.29 60.38
CA ASN D 243 -23.04 2.69 61.33
C ASN D 243 -21.86 1.75 61.26
N VAL D 244 -20.71 2.34 61.00
CA VAL D 244 -19.47 1.66 60.80
C VAL D 244 -18.55 2.09 61.93
N THR D 245 -18.18 1.16 62.84
CA THR D 245 -17.38 1.51 64.00
C THR D 245 -16.06 0.75 64.07
N GLN D 246 -15.10 1.37 64.72
CA GLN D 246 -13.87 0.71 65.01
C GLN D 246 -13.65 0.83 66.50
N PRO D 247 -14.46 0.08 67.30
CA PRO D 247 -14.49 0.29 68.73
C PRO D 247 -13.17 0.01 69.44
N GLU D 248 -12.31 -0.79 68.83
CA GLU D 248 -11.01 -1.08 69.41
C GLU D 248 -9.89 -0.43 68.61
N GLY D 249 -10.21 0.63 67.88
CA GLY D 249 -9.17 1.45 67.23
C GLY D 249 -8.79 0.82 65.89
N VAL D 250 -7.57 1.14 65.47
CA VAL D 250 -7.09 0.91 64.10
C VAL D 250 -5.82 0.15 64.22
N SER D 251 -5.33 -0.44 63.11
CA SER D 251 -4.08 -1.20 63.12
C SER D 251 -2.90 -0.39 62.65
N PHE D 252 -3.13 0.78 62.04
CA PHE D 252 -2.02 1.63 61.63
C PHE D 252 -1.42 2.46 62.78
N LYS D 253 -0.15 2.82 62.66
CA LYS D 253 0.60 3.59 63.63
C LYS D 253 1.27 4.76 62.87
N MET D 254 1.01 6.00 63.28
CA MET D 254 1.71 7.18 62.75
C MET D 254 2.75 7.64 63.77
N THR D 255 3.96 7.96 63.33
CA THR D 255 4.96 8.60 64.13
C THR D 255 5.37 9.92 63.37
N GLY D 256 4.85 11.06 63.83
CA GLY D 256 4.92 12.30 63.10
C GLY D 256 4.18 12.09 61.78
N ASN D 257 4.90 12.16 60.69
CA ASN D 257 4.29 11.93 59.37
C ASN D 257 4.58 10.56 58.78
N VAL D 258 5.26 9.71 59.55
CA VAL D 258 5.64 8.38 59.10
C VAL D 258 4.55 7.40 59.47
N MET D 259 4.06 6.69 58.46
CA MET D 259 3.01 5.65 58.58
C MET D 259 3.60 4.21 58.56
N GLU D 260 3.08 3.34 59.41
CA GLU D 260 3.33 1.89 59.40
C GLU D 260 1.99 1.21 59.45
N TRP D 261 1.74 0.35 58.45
CA TRP D 261 0.46 -0.39 58.32
C TRP D 261 0.70 -1.57 57.43
N SER D 262 0.30 -2.76 57.90
CA SER D 262 0.36 -4.00 57.18
C SER D 262 1.67 -4.17 56.44
N ASN D 263 2.77 -3.84 57.12
CA ASN D 263 4.19 -4.06 56.69
C ASN D 263 4.73 -2.93 55.80
N PHE D 264 3.81 -2.05 55.40
CA PHE D 264 4.17 -0.84 54.69
C PHE D 264 4.71 0.18 55.66
N LYS D 265 5.72 0.91 55.25
CA LYS D 265 6.22 2.04 55.97
C LYS D 265 6.51 3.13 54.94
N PHE D 266 6.02 4.32 55.23
CA PHE D 266 6.19 5.45 54.29
C PHE D 266 6.00 6.77 54.98
N HIS D 267 6.48 7.82 54.33
CA HIS D 267 6.33 9.18 54.82
C HIS D 267 5.24 9.87 54.00
N ILE D 268 4.27 10.46 54.72
CA ILE D 268 3.22 11.31 54.17
C ILE D 268 3.61 12.79 54.22
N GLY D 269 3.86 13.34 53.05
CA GLY D 269 4.21 14.73 52.97
C GLY D 269 3.11 15.44 52.24
N PHE D 270 3.27 16.74 52.10
CA PHE D 270 2.27 17.56 51.49
C PHE D 270 2.89 18.82 51.05
N ASN D 271 2.51 19.29 49.86
CA ASN D 271 2.86 20.68 49.50
C ASN D 271 1.76 21.45 48.70
N TYR D 272 2.00 22.74 48.52
CA TYR D 272 1.08 23.66 47.86
C TYR D 272 0.55 23.24 46.50
N ARG D 273 1.37 22.48 45.77
CA ARG D 273 1.17 22.21 44.35
C ARG D 273 0.63 20.84 44.09
N GLU D 274 1.40 19.83 44.51
CA GLU D 274 1.04 18.43 44.38
C GLU D 274 0.01 17.93 45.38
N GLY D 275 -0.15 18.61 46.51
CA GLY D 275 -0.98 18.00 47.58
C GLY D 275 -0.14 16.91 48.23
N ILE D 276 -0.71 15.72 48.37
CA ILE D 276 -0.07 14.62 49.04
C ILE D 276 1.14 14.10 48.20
N VAL D 277 2.25 13.91 48.91
CA VAL D 277 3.43 13.32 48.38
C VAL D 277 3.76 12.15 49.31
N LEU D 278 3.75 10.94 48.74
CA LEU D 278 4.17 9.77 49.49
C LEU D 278 5.64 9.44 49.16
N SER D 279 6.46 9.34 50.22
CA SER D 279 7.88 9.08 50.05
C SER D 279 8.38 7.88 50.81
N ASP D 280 9.51 7.34 50.35
CA ASP D 280 10.31 6.33 51.05
C ASP D 280 9.41 5.18 51.44
N VAL D 281 8.72 4.62 50.46
CA VAL D 281 7.83 3.48 50.63
C VAL D 281 8.61 2.16 50.56
N SER D 282 8.56 1.43 51.67
CA SER D 282 9.12 0.10 51.81
C SER D 282 8.07 -0.89 52.33
N TYR D 283 8.32 -2.18 52.09
CA TYR D 283 7.51 -3.26 52.62
C TYR D 283 8.41 -4.24 53.41
N ASN D 284 7.93 -4.62 54.57
CA ASN D 284 8.68 -5.49 55.44
C ASN D 284 8.31 -6.91 55.18
N ASP D 285 9.13 -7.56 54.36
CA ASP D 285 8.87 -8.91 53.90
C ASP D 285 9.49 -9.89 54.95
N HIS D 286 8.76 -10.15 56.03
CA HIS D 286 9.18 -11.06 57.15
C HIS D 286 10.54 -10.74 57.70
N GLY D 287 10.82 -9.46 57.91
CA GLY D 287 12.10 -9.01 58.41
C GLY D 287 13.04 -8.44 57.35
N ASN D 288 12.87 -8.76 56.06
CA ASN D 288 13.66 -8.11 55.06
C ASN D 288 12.88 -6.85 54.52
N VAL D 289 13.35 -5.67 54.87
CA VAL D 289 12.67 -4.43 54.56
C VAL D 289 13.10 -4.07 53.18
N ARG D 290 12.17 -4.09 52.24
CA ARG D 290 12.50 -3.92 50.83
C ARG D 290 11.92 -2.59 50.33
N PRO D 291 12.78 -1.71 49.84
CA PRO D 291 12.23 -0.52 49.19
C PRO D 291 11.34 -0.84 48.03
N ILE D 292 10.35 0.01 47.81
CA ILE D 292 9.53 -0.05 46.65
C ILE D 292 9.58 1.23 45.85
N PHE D 293 9.16 2.37 46.46
CA PHE D 293 9.14 3.67 45.76
C PHE D 293 9.89 4.73 46.58
N HIS D 294 10.65 5.58 45.92
CA HIS D 294 11.24 6.71 46.63
C HIS D 294 10.22 7.85 46.73
N ARG D 295 9.37 8.00 45.70
CA ARG D 295 8.41 9.11 45.72
C ARG D 295 7.31 8.88 44.71
N ILE D 296 6.08 9.22 45.11
CA ILE D 296 4.92 9.09 44.27
C ILE D 296 3.96 10.22 44.58
N SER D 297 3.46 10.82 43.52
CA SER D 297 2.52 11.95 43.65
C SER D 297 1.90 12.24 42.32
N LEU D 298 0.89 13.09 42.33
CA LEU D 298 0.48 13.79 41.11
C LEU D 298 1.32 15.05 40.90
N SER D 299 1.88 15.16 39.68
CA SER D 299 2.78 16.26 39.40
C SER D 299 2.27 17.36 38.50
N GLU D 300 1.22 17.10 37.73
CA GLU D 300 0.56 18.09 36.86
C GLU D 300 -0.77 17.50 36.39
N MET D 301 -1.63 18.37 35.88
CA MET D 301 -2.89 17.99 35.26
C MET D 301 -3.11 18.87 34.03
N ILE D 302 -3.98 18.44 33.12
CA ILE D 302 -4.55 19.38 32.15
C ILE D 302 -6.00 19.05 31.87
N VAL D 303 -6.85 20.07 31.86
CA VAL D 303 -8.26 19.86 31.56
C VAL D 303 -8.69 20.57 30.24
N PRO D 304 -8.35 20.00 29.11
CA PRO D 304 -8.56 20.75 27.87
C PRO D 304 -9.99 20.68 27.37
N TYR D 305 -10.58 21.85 27.10
CA TYR D 305 -11.93 21.93 26.59
C TYR D 305 -11.92 21.78 25.04
N GLY D 306 -13.00 21.24 24.53
CA GLY D 306 -13.16 20.97 23.10
C GLY D 306 -14.04 21.84 22.22
N SER D 307 -14.36 23.07 22.67
CA SER D 307 -15.03 23.97 21.80
C SER D 307 -13.99 24.80 21.09
N PRO D 308 -14.04 24.84 19.75
CA PRO D 308 -13.05 25.63 19.01
C PRO D 308 -13.35 27.14 19.03
N GLU D 309 -14.49 27.58 19.54
CA GLU D 309 -14.91 28.98 19.35
C GLU D 309 -14.21 29.88 20.31
N PHE D 310 -13.82 31.03 19.83
CA PHE D 310 -13.04 31.99 20.66
C PHE D 310 -13.90 32.54 21.77
N PRO D 311 -13.38 32.72 22.97
CA PRO D 311 -12.08 32.50 23.59
C PRO D 311 -11.96 31.19 24.30
N HIS D 312 -12.76 30.18 23.96
CA HIS D 312 -12.80 28.95 24.73
C HIS D 312 -11.59 28.10 24.59
N GLN D 313 -10.71 28.39 23.63
CA GLN D 313 -9.41 27.72 23.55
C GLN D 313 -8.58 27.98 24.78
N ARG D 314 -8.94 29.04 25.50
CA ARG D 314 -8.16 29.34 26.73
C ARG D 314 -8.62 28.55 27.92
N LYS D 315 -9.57 27.66 27.73
CA LYS D 315 -9.92 26.76 28.81
C LYS D 315 -9.17 25.45 28.62
N HIS D 316 -8.06 25.32 29.33
CA HIS D 316 -7.27 24.11 29.39
C HIS D 316 -6.40 24.16 30.66
N ALA D 317 -7.08 24.17 31.77
CA ALA D 317 -6.51 24.42 33.06
C ALA D 317 -5.53 23.32 33.44
N LEU D 318 -4.34 23.71 33.81
CA LEU D 318 -3.40 22.77 34.42
C LEU D 318 -3.54 23.03 35.95
N ASP D 319 -4.52 22.36 36.52
CA ASP D 319 -4.97 22.74 37.85
C ASP D 319 -3.83 22.70 38.84
N ILE D 320 -2.92 21.75 38.71
CA ILE D 320 -1.89 21.59 39.74
C ILE D 320 -0.84 22.72 39.61
N GLY D 321 -0.34 22.94 38.39
CA GLY D 321 0.71 23.96 38.21
C GLY D 321 0.22 25.42 38.21
N GLU D 322 -1.07 25.64 37.99
CA GLU D 322 -1.67 26.97 37.93
C GLU D 322 -2.44 27.43 39.18
N TYR D 323 -2.94 26.47 39.99
CA TYR D 323 -3.79 26.78 41.18
C TYR D 323 -3.23 26.03 42.41
N GLY D 324 -2.86 24.76 42.26
CA GLY D 324 -2.16 24.00 43.32
C GLY D 324 -3.11 23.10 44.11
N ALA D 325 -2.87 21.80 44.05
CA ALA D 325 -3.70 20.84 44.76
C ALA D 325 -3.66 21.06 46.26
N GLY D 326 -2.58 21.66 46.73
CA GLY D 326 -2.41 22.05 48.15
C GLY D 326 -3.16 23.34 48.47
N TYR D 327 -2.87 24.39 47.72
CA TYR D 327 -3.55 25.63 47.92
C TYR D 327 -5.10 25.54 47.85
N MET D 328 -5.60 24.70 46.98
CA MET D 328 -7.01 24.56 46.73
CA MET D 328 -7.01 24.62 46.75
C MET D 328 -7.66 23.52 47.65
N THR D 329 -6.89 22.95 48.61
CA THR D 329 -7.40 21.83 49.37
C THR D 329 -8.45 22.18 50.45
N ASN D 330 -9.42 21.29 50.63
CA ASN D 330 -10.54 21.47 51.52
C ASN D 330 -10.14 21.07 52.95
N PRO D 331 -10.49 21.89 53.93
CA PRO D 331 -10.50 21.45 55.31
C PRO D 331 -11.48 20.34 55.44
N LEU D 332 -11.05 19.18 55.85
CA LEU D 332 -11.93 18.05 55.86
C LEU D 332 -12.83 17.79 57.09
N SER D 333 -12.70 18.45 58.21
CA SER D 333 -13.41 17.99 59.45
CA SER D 333 -13.40 17.95 59.43
C SER D 333 -14.94 17.90 59.31
N LEU D 334 -15.53 18.81 58.56
CA LEU D 334 -16.99 18.86 58.38
C LEU D 334 -17.42 18.19 57.09
N GLY D 335 -16.45 17.70 56.31
CA GLY D 335 -16.72 17.20 54.94
C GLY D 335 -17.26 15.76 54.87
N CYS D 336 -17.54 15.14 56.02
CA CYS D 336 -18.02 13.77 56.11
C CYS D 336 -17.33 12.84 55.16
N ASP D 337 -16.04 12.98 54.89
CA ASP D 337 -15.36 11.95 54.07
C ASP D 337 -14.13 11.38 54.71
N CYS D 338 -14.16 11.37 56.03
CA CYS D 338 -13.07 10.87 56.84
C CYS D 338 -13.86 10.32 58.03
N LYS D 339 -14.52 9.20 57.75
CA LYS D 339 -15.44 8.56 58.66
C LYS D 339 -14.63 7.54 59.44
N GLY D 340 -14.97 7.34 60.71
CA GLY D 340 -14.36 6.31 61.51
C GLY D 340 -13.35 6.83 62.52
N VAL D 341 -12.33 6.03 62.81
CA VAL D 341 -11.25 6.44 63.64
C VAL D 341 -10.10 6.77 62.69
N ILE D 342 -9.75 8.05 62.67
CA ILE D 342 -8.93 8.66 61.62
C ILE D 342 -7.74 9.43 62.18
N HIS D 343 -6.83 9.82 61.28
CA HIS D 343 -5.76 10.73 61.63
C HIS D 343 -5.78 11.84 60.62
N TYR D 344 -5.52 13.06 61.04
CA TYR D 344 -5.49 14.20 60.13
C TYR D 344 -4.11 14.85 60.16
N LEU D 345 -3.75 15.49 59.05
CA LEU D 345 -2.59 16.34 58.97
C LEU D 345 -3.06 17.71 58.46
N ASP D 346 -2.47 18.77 58.99
CA ASP D 346 -2.66 20.14 58.57
C ASP D 346 -1.65 20.47 57.47
N ALA D 347 -1.95 21.48 56.69
CA ALA D 347 -1.03 22.00 55.74
C ALA D 347 -0.75 23.45 56.06
N HIS D 348 0.51 23.83 55.84
CA HIS D 348 0.98 25.19 56.10
C HIS D 348 1.63 25.79 54.83
N PHE D 349 1.16 26.98 54.52
CA PHE D 349 1.66 27.77 53.41
C PHE D 349 1.94 29.20 53.88
N SER D 350 2.44 30.03 52.96
CA SER D 350 2.67 31.44 53.23
C SER D 350 1.60 32.25 52.53
N ASP D 351 1.20 33.37 53.12
CA ASP D 351 0.34 34.28 52.36
C ASP D 351 1.21 35.35 51.72
N ARG D 352 0.56 36.28 51.02
CA ARG D 352 1.25 37.36 50.29
C ARG D 352 2.15 38.20 51.16
N ALA D 353 1.71 38.42 52.40
CA ALA D 353 2.51 39.22 53.32
C ALA D 353 3.66 38.46 53.95
N GLY D 354 3.77 37.17 53.67
CA GLY D 354 4.85 36.35 54.25
C GLY D 354 4.50 35.75 55.61
N ASP D 355 3.22 35.78 55.97
CA ASP D 355 2.81 35.11 57.18
C ASP D 355 2.24 33.69 56.92
N PRO D 356 2.55 32.71 57.82
CA PRO D 356 2.02 31.32 57.70
C PRO D 356 0.51 31.30 57.72
N ILE D 357 -0.10 30.56 56.83
CA ILE D 357 -1.49 30.20 56.88
C ILE D 357 -1.57 28.69 57.00
N THR D 358 -2.69 28.23 57.55
CA THR D 358 -2.97 26.83 57.83
C THR D 358 -4.29 26.42 57.24
N VAL D 359 -4.31 25.26 56.60
CA VAL D 359 -5.56 24.54 56.32
C VAL D 359 -5.58 23.37 57.29
N LYS D 360 -6.56 23.41 58.18
CA LYS D 360 -6.72 22.38 59.22
C LYS D 360 -7.27 21.10 58.60
N ASN D 361 -6.68 19.97 58.93
CA ASN D 361 -7.22 18.69 58.51
C ASN D 361 -7.35 18.59 57.02
N ALA D 362 -6.25 18.87 56.35
CA ALA D 362 -6.21 18.86 54.89
C ALA D 362 -6.07 17.45 54.33
N VAL D 363 -5.49 16.57 55.15
CA VAL D 363 -5.22 15.17 54.81
C VAL D 363 -5.89 14.25 55.78
N CYS D 364 -6.70 13.35 55.22
CA CYS D 364 -7.40 12.30 55.93
C CYS D 364 -6.72 10.95 55.78
N ILE D 365 -6.44 10.28 56.90
CA ILE D 365 -5.86 8.93 56.90
C ILE D 365 -6.81 8.00 57.72
N HIS D 366 -7.27 6.92 57.09
CA HIS D 366 -8.18 6.00 57.74
C HIS D 366 -7.99 4.62 57.14
N GLU D 367 -8.51 3.60 57.83
CA GLU D 367 -8.56 2.26 57.27
C GLU D 367 -10.00 1.81 57.13
N GLU D 368 -10.27 0.99 56.12
CA GLU D 368 -11.60 0.56 55.76
C GLU D 368 -11.63 -0.90 55.34
N ASP D 369 -12.79 -1.52 55.52
N ASP D 369 -12.75 -1.58 55.57
CA ASP D 369 -13.06 -2.79 54.90
CA ASP D 369 -12.95 -2.93 54.99
C ASP D 369 -12.87 -2.65 53.42
C ASP D 369 -13.04 -2.81 53.49
N ASP D 370 -12.37 -3.69 52.78
CA ASP D 370 -12.29 -3.64 51.29
C ASP D 370 -12.73 -4.93 50.64
N GLY D 371 -13.75 -5.57 51.16
CA GLY D 371 -14.21 -6.82 50.62
C GLY D 371 -13.32 -8.01 51.01
N LEU D 372 -13.33 -9.05 50.16
CA LEU D 372 -12.53 -10.21 50.37
C LEU D 372 -11.11 -10.01 49.93
N LEU D 373 -10.15 -10.52 50.72
CA LEU D 373 -8.74 -10.55 50.31
C LEU D 373 -8.51 -11.85 49.54
N PHE D 374 -9.02 -12.97 50.06
CA PHE D 374 -8.97 -14.25 49.33
C PHE D 374 -9.87 -15.27 49.99
N LYS D 375 -10.28 -16.25 49.18
CA LYS D 375 -11.13 -17.33 49.66
C LYS D 375 -10.89 -18.59 48.80
N HIS D 376 -10.96 -19.75 49.47
CA HIS D 376 -11.08 -20.98 48.76
C HIS D 376 -11.76 -22.04 49.56
N SER D 377 -12.66 -22.78 48.90
CA SER D 377 -13.33 -23.92 49.55
C SER D 377 -13.22 -25.12 48.64
N ASP D 378 -13.30 -26.31 49.25
CA ASP D 378 -13.14 -27.62 48.59
C ASP D 378 -14.52 -28.22 48.33
N PHE D 379 -14.85 -28.44 47.07
CA PHE D 379 -16.15 -29.00 46.73
C PHE D 379 -16.33 -30.41 47.34
N ARG D 380 -15.23 -31.09 47.67
CA ARG D 380 -15.33 -32.51 47.98
C ARG D 380 -16.15 -32.75 49.23
N ASP D 381 -16.25 -31.79 50.15
CA ASP D 381 -17.07 -31.94 51.35
C ASP D 381 -18.06 -30.79 51.41
N ASN D 382 -18.56 -30.46 50.23
N ASN D 382 -18.59 -30.50 50.22
CA ASN D 382 -19.52 -29.43 50.13
CA ASN D 382 -19.54 -29.44 49.96
C ASN D 382 -19.01 -28.19 50.85
C ASN D 382 -19.11 -28.08 50.55
N PHE D 383 -17.80 -27.78 50.54
CA PHE D 383 -17.26 -26.53 51.00
C PHE D 383 -17.16 -26.38 52.51
N ALA D 384 -17.22 -27.48 53.27
CA ALA D 384 -16.96 -27.37 54.71
C ALA D 384 -15.54 -27.06 54.88
N THR D 385 -14.70 -27.60 53.98
CA THR D 385 -13.29 -27.21 53.97
C THR D 385 -13.23 -25.84 53.27
N SER D 386 -12.89 -24.81 54.05
CA SER D 386 -13.01 -23.42 53.64
C SER D 386 -12.09 -22.51 54.42
N LEU D 387 -11.59 -21.51 53.71
CA LEU D 387 -10.80 -20.43 54.33
C LEU D 387 -11.19 -19.13 53.65
N VAL D 388 -11.48 -18.12 54.46
CA VAL D 388 -11.92 -16.79 53.98
C VAL D 388 -11.25 -15.71 54.83
N THR D 389 -10.72 -14.70 54.17
CA THR D 389 -9.99 -13.63 54.84
C THR D 389 -10.43 -12.35 54.17
N ARG D 390 -10.89 -11.44 55.01
CA ARG D 390 -11.34 -10.13 54.61
C ARG D 390 -10.20 -9.14 54.49
N ALA D 391 -10.33 -8.25 53.54
CA ALA D 391 -9.30 -7.29 53.24
C ALA D 391 -9.54 -6.02 53.98
N THR D 392 -8.47 -5.33 54.39
CA THR D 392 -8.56 -3.97 54.95
C THR D 392 -7.65 -3.12 54.02
N LYS D 393 -8.04 -1.90 53.72
CA LYS D 393 -7.22 -0.95 52.88
C LYS D 393 -6.92 0.30 53.71
N LEU D 394 -5.75 0.88 53.49
CA LEU D 394 -5.35 2.12 54.15
C LEU D 394 -5.49 3.22 53.12
N VAL D 395 -6.21 4.27 53.49
CA VAL D 395 -6.54 5.31 52.60
C VAL D 395 -5.93 6.62 53.11
N VAL D 396 -5.17 7.27 52.25
CA VAL D 396 -4.65 8.63 52.55
C VAL D 396 -5.28 9.59 51.50
N SER D 397 -6.03 10.60 51.95
CA SER D 397 -6.90 11.34 51.04
CA SER D 397 -6.96 11.33 51.10
C SER D 397 -6.94 12.86 51.27
N GLN D 398 -7.27 13.58 50.22
CA GLN D 398 -7.55 15.03 50.24
C GLN D 398 -8.63 15.28 49.20
N ILE D 399 -9.26 16.45 49.29
CA ILE D 399 -10.25 16.93 48.31
C ILE D 399 -9.89 18.37 48.04
N PHE D 400 -9.65 18.69 46.78
CA PHE D 400 -9.40 20.05 46.41
C PHE D 400 -10.45 20.54 45.40
N THR D 401 -10.70 21.83 45.49
CA THR D 401 -11.74 22.53 44.76
C THR D 401 -11.03 23.58 43.94
N ALA D 402 -11.11 23.40 42.62
CA ALA D 402 -10.63 24.32 41.63
C ALA D 402 -11.84 25.07 40.99
N ALA D 403 -12.16 26.19 41.59
CA ALA D 403 -13.39 26.96 41.30
C ALA D 403 -14.62 26.06 41.26
N ASN D 404 -15.02 25.63 40.05
CA ASN D 404 -16.23 24.78 39.92
C ASN D 404 -16.01 23.26 40.29
N GLU D 406 -14.51 19.65 41.92
CA GLU D 406 -14.00 18.99 43.12
C GLU D 406 -13.30 17.71 42.70
N TYR D 407 -12.04 17.57 43.12
CA TYR D 407 -11.22 16.40 42.87
C TYR D 407 -10.95 15.70 44.20
N CYS D 408 -11.42 14.47 44.33
CA CYS D 408 -11.31 13.71 45.58
C CYS D 408 -10.25 12.67 45.31
N LEU D 409 -9.13 12.78 46.00
CA LEU D 409 -7.91 11.96 45.74
C LEU D 409 -7.66 11.00 46.89
N TYR D 410 -7.60 9.72 46.57
CA TYR D 410 -7.47 8.67 47.54
C TYR D 410 -6.29 7.79 47.17
N TRP D 411 -5.21 7.89 47.94
CA TRP D 411 -4.11 6.94 47.82
C TRP D 411 -4.40 5.72 48.68
N VAL D 412 -4.30 4.53 48.12
CA VAL D 412 -4.85 3.35 48.78
C VAL D 412 -3.80 2.27 48.81
N PHE D 413 -3.49 1.81 50.03
CA PHE D 413 -2.58 0.69 50.22
C PHE D 413 -3.37 -0.55 50.55
N MET D 414 -2.93 -1.70 50.01
CA MET D 414 -3.65 -2.95 50.08
C MET D 414 -2.80 -4.07 50.64
N GLN D 415 -3.47 -5.06 51.25
CA GLN D 415 -2.77 -6.13 52.01
C GLN D 415 -2.15 -7.21 51.12
N ASP D 416 -2.44 -7.13 49.82
CA ASP D 416 -1.69 -7.95 48.90
C ASP D 416 -0.40 -7.26 48.42
N GLY D 417 -0.08 -6.11 49.00
CA GLY D 417 1.11 -5.38 48.60
C GLY D 417 0.97 -4.37 47.46
N ALA D 418 -0.20 -4.35 46.87
CA ALA D 418 -0.49 -3.36 45.87
C ALA D 418 -0.84 -1.94 46.44
N ILE D 419 -0.71 -0.99 45.54
CA ILE D 419 -0.99 0.40 45.79
C ILE D 419 -1.84 0.92 44.62
N ARG D 420 -2.87 1.66 44.95
CA ARG D 420 -3.90 2.11 44.01
C ARG D 420 -4.11 3.62 44.20
N LEU D 421 -4.33 4.37 43.12
CA LEU D 421 -4.86 5.70 43.25
C LEU D 421 -6.30 5.71 42.74
N ASP D 422 -7.23 6.13 43.57
CA ASP D 422 -8.60 6.21 43.24
C ASP D 422 -8.92 7.69 43.28
N ILE D 423 -9.48 8.20 42.18
CA ILE D 423 -9.94 9.56 42.12
C ILE D 423 -11.44 9.59 41.89
N ARG D 424 -12.13 10.50 42.55
CA ARG D 424 -13.54 10.75 42.22
C ARG D 424 -13.71 12.20 41.84
N LEU D 425 -14.36 12.44 40.72
CA LEU D 425 -14.65 13.80 40.25
C LEU D 425 -16.09 14.17 40.58
N THR D 426 -16.29 15.34 41.17
CA THR D 426 -17.62 15.87 41.43
C THR D 426 -17.54 17.40 41.32
N GLY D 427 -18.42 18.13 41.98
CA GLY D 427 -18.48 19.59 41.84
C GLY D 427 -19.42 19.92 40.73
N ILE D 428 -19.15 21.04 40.02
CA ILE D 428 -20.08 21.59 39.07
C ILE D 428 -19.41 21.73 37.70
N LEU D 429 -20.12 21.37 36.67
CA LEU D 429 -19.70 21.61 35.29
C LEU D 429 -19.35 23.06 35.07
N ASN D 430 -18.29 23.28 34.31
CA ASN D 430 -18.03 24.56 33.69
C ASN D 430 -19.02 24.80 32.57
N THR D 431 -19.61 25.97 32.61
CA THR D 431 -20.68 26.30 31.70
C THR D 431 -20.45 27.66 31.09
N TYR D 432 -21.00 27.77 29.87
CA TYR D 432 -21.03 29.00 29.13
C TYR D 432 -22.45 29.18 28.61
N ILE D 433 -22.78 30.41 28.22
CA ILE D 433 -24.17 30.72 27.81
C ILE D 433 -24.53 30.11 26.44
N LEU D 434 -25.80 29.74 26.28
CA LEU D 434 -26.33 29.22 25.05
C LEU D 434 -27.57 29.99 24.70
N GLY D 435 -27.58 30.45 23.47
CA GLY D 435 -28.72 31.19 22.94
C GLY D 435 -29.97 30.33 22.88
N ASP D 436 -31.12 31.00 23.02
CA ASP D 436 -32.43 30.32 22.95
C ASP D 436 -32.46 29.42 21.71
N ASP D 437 -31.88 29.92 20.62
CA ASP D 437 -31.90 29.18 19.37
C ASP D 437 -30.63 28.40 19.08
N GLU D 438 -29.64 28.45 19.94
CA GLU D 438 -28.33 27.97 19.59
C GLU D 438 -28.22 26.46 19.89
N GLU D 439 -27.61 25.74 18.95
CA GLU D 439 -27.31 24.34 19.10
C GLU D 439 -25.95 24.19 19.89
N ALA D 440 -25.95 23.48 21.02
CA ALA D 440 -24.70 23.19 21.72
C ALA D 440 -23.75 22.21 20.96
N GLY D 441 -24.28 21.14 20.32
CA GLY D 441 -23.42 20.01 19.78
C GLY D 441 -22.73 20.62 18.54
N PRO D 442 -21.61 20.03 18.06
CA PRO D 442 -21.05 18.81 18.66
C PRO D 442 -20.04 18.99 19.81
N TRP D 443 -19.81 20.22 20.23
CA TRP D 443 -18.72 20.57 21.14
C TRP D 443 -19.17 20.65 22.59
N GLY D 444 -20.47 20.52 22.81
CA GLY D 444 -21.05 20.70 24.10
C GLY D 444 -22.46 20.12 24.22
N THR D 445 -22.96 20.21 25.44
CA THR D 445 -24.29 19.74 25.75
C THR D 445 -25.13 20.81 26.40
N ARG D 446 -26.38 20.86 25.95
CA ARG D 446 -27.38 21.67 26.59
C ARG D 446 -27.91 20.93 27.86
N VAL D 447 -27.37 21.28 29.04
CA VAL D 447 -27.71 20.55 30.25
C VAL D 447 -28.87 21.14 31.04
N TYR D 448 -29.30 22.32 30.62
CA TYR D 448 -30.35 23.12 31.23
C TYR D 448 -30.59 24.23 30.23
N PRO D 449 -31.79 24.87 30.25
CA PRO D 449 -31.94 25.90 29.24
C PRO D 449 -30.96 27.09 29.32
N ASN D 450 -30.50 27.50 28.12
CA ASN D 450 -29.47 28.51 27.97
C ASN D 450 -28.09 28.16 28.62
N VAL D 451 -27.85 26.86 28.86
CA VAL D 451 -26.61 26.44 29.48
C VAL D 451 -25.87 25.49 28.56
N ASN D 452 -24.63 25.82 28.21
CA ASN D 452 -23.81 24.96 27.40
C ASN D 452 -22.63 24.51 28.19
N ALA D 453 -22.60 23.20 28.43
CA ALA D 453 -21.51 22.51 29.09
C ALA D 453 -20.53 21.86 28.05
N HIS D 454 -19.39 22.52 27.83
CA HIS D 454 -18.47 22.13 26.75
C HIS D 454 -17.81 20.76 27.07
N ASN D 455 -17.59 20.00 26.03
CA ASN D 455 -16.77 18.78 26.11
C ASN D 455 -15.40 19.11 26.66
N HIS D 456 -14.81 18.19 27.43
CA HIS D 456 -13.45 18.34 27.90
C HIS D 456 -12.85 17.03 28.37
N GLN D 457 -11.52 16.99 28.47
CA GLN D 457 -10.82 15.85 29.12
C GLN D 457 -10.30 16.29 30.49
N HIS D 458 -10.16 15.34 31.42
CA HIS D 458 -9.35 15.56 32.62
C HIS D 458 -8.20 14.60 32.53
N LEU D 459 -7.00 15.12 32.46
CA LEU D 459 -5.77 14.33 32.31
C LEU D 459 -4.84 14.66 33.46
N PHE D 460 -4.18 13.63 33.98
CA PHE D 460 -3.35 13.72 35.19
C PHE D 460 -1.98 13.08 34.87
N SER D 461 -0.91 13.62 35.45
CA SER D 461 0.43 13.09 35.34
C SER D 461 0.91 12.57 36.67
N LEU D 462 0.83 11.23 36.81
CA LEU D 462 1.35 10.50 37.96
C LEU D 462 2.88 10.37 37.84
N ARG D 463 3.61 10.87 38.84
CA ARG D 463 5.04 10.85 38.80
C ARG D 463 5.50 9.79 39.77
N ILE D 464 6.11 8.75 39.25
CA ILE D 464 6.73 7.68 40.09
C ILE D 464 8.23 7.76 40.06
N ASP D 465 8.80 7.85 41.26
CA ASP D 465 10.26 7.67 41.45
C ASP D 465 10.53 6.33 42.14
N PRO D 466 10.86 5.30 41.36
CA PRO D 466 10.84 3.95 41.89
C PRO D 466 12.20 3.55 42.44
N ARG D 467 12.13 2.53 43.24
CA ARG D 467 13.29 1.94 43.87
C ARG D 467 12.91 0.50 44.18
N ILE D 468 12.55 -0.20 43.11
CA ILE D 468 11.99 -1.53 43.23
C ILE D 468 13.02 -2.54 43.77
N ASP D 469 12.81 -2.97 45.02
CA ASP D 469 13.76 -3.82 45.71
C ASP D 469 15.19 -3.21 45.67
N GLY D 470 15.30 -1.88 45.64
CA GLY D 470 16.58 -1.26 45.70
C GLY D 470 16.88 -0.54 44.42
N ASP D 471 18.16 -0.24 44.24
CA ASP D 471 18.57 0.65 43.20
C ASP D 471 18.96 0.00 41.93
N GLY D 472 18.76 0.75 40.87
CA GLY D 472 18.95 0.22 39.52
C GLY D 472 17.66 -0.35 38.99
N ASN D 473 16.87 0.45 38.31
CA ASN D 473 15.61 -0.02 37.78
C ASN D 473 15.53 0.18 36.27
N SER D 474 14.54 -0.46 35.67
CA SER D 474 14.14 -0.29 34.27
C SER D 474 12.63 -0.29 34.15
N ALA D 475 12.15 0.01 32.95
CA ALA D 475 10.76 -0.16 32.66
C ALA D 475 10.52 -0.88 31.34
N ALA D 476 9.27 -1.37 31.20
CA ALA D 476 8.86 -2.07 30.04
C ALA D 476 7.38 -2.03 29.78
N ALA D 477 7.04 -2.19 28.53
CA ALA D 477 5.64 -2.46 28.12
C ALA D 477 5.41 -3.96 28.05
N CYS D 478 4.24 -4.46 28.51
CA CYS D 478 3.87 -5.85 28.43
C CYS D 478 2.61 -5.93 27.58
N ASP D 479 2.69 -6.67 26.48
CA ASP D 479 1.56 -6.76 25.57
C ASP D 479 1.14 -8.23 25.40
N ALA D 480 -0.13 -8.51 25.62
CA ALA D 480 -0.62 -9.89 25.34
C ALA D 480 -0.72 -10.13 23.84
N LYS D 481 -0.16 -11.25 23.37
CA LYS D 481 -0.08 -11.61 21.97
C LYS D 481 -0.37 -13.10 21.77
N SER D 482 -1.13 -13.40 20.72
N SER D 482 -1.12 -13.43 20.73
CA SER D 482 -1.33 -14.78 20.27
CA SER D 482 -1.30 -14.81 20.36
C SER D 482 0.04 -15.25 19.78
C SER D 482 0.03 -15.26 19.79
N SER D 483 0.35 -16.54 19.91
CA SER D 483 1.54 -17.08 19.24
C SER D 483 1.61 -16.66 17.76
N PRO D 484 2.82 -16.41 17.24
CA PRO D 484 2.90 -16.12 15.79
C PRO D 484 2.63 -17.36 14.91
N TYR D 485 2.65 -18.55 15.50
CA TYR D 485 2.41 -19.78 14.76
C TYR D 485 0.92 -20.00 14.47
N PRO D 486 0.61 -20.42 13.24
CA PRO D 486 -0.75 -20.46 12.84
C PRO D 486 -1.43 -21.66 13.40
N LEU D 487 -2.76 -21.58 13.48
CA LEU D 487 -3.60 -22.73 13.73
C LEU D 487 -3.19 -23.97 12.95
N GLY D 488 -3.17 -25.13 13.60
CA GLY D 488 -2.88 -26.37 12.89
C GLY D 488 -1.41 -26.58 12.60
N SER D 489 -0.54 -25.70 13.08
CA SER D 489 0.91 -25.94 13.06
C SER D 489 1.25 -26.86 14.26
N PRO D 490 2.40 -27.55 14.22
CA PRO D 490 2.85 -28.35 15.37
C PRO D 490 3.03 -27.52 16.62
N GLU D 491 3.44 -26.28 16.43
CA GLU D 491 3.68 -25.32 17.54
C GLU D 491 2.40 -24.72 18.18
N ASN D 492 1.29 -24.80 17.43
CA ASN D 492 -0.02 -24.19 17.88
C ASN D 492 -1.20 -24.89 17.30
N MET D 493 -1.31 -26.17 17.57
CA MET D 493 -2.22 -27.02 16.81
C MET D 493 -3.67 -26.53 16.87
N TYR D 494 -4.15 -26.19 18.08
CA TYR D 494 -5.48 -25.80 18.32
C TYR D 494 -5.60 -24.27 18.40
N GLY D 495 -4.53 -23.60 18.08
CA GLY D 495 -4.54 -22.17 17.92
C GLY D 495 -4.80 -21.37 19.15
N ASN D 496 -4.51 -21.91 20.34
CA ASN D 496 -4.91 -21.26 21.58
C ASN D 496 -3.68 -20.60 22.23
N ALA D 497 -2.47 -20.82 21.72
CA ALA D 497 -1.25 -20.39 22.41
C ALA D 497 -1.16 -18.86 22.53
N PHE D 498 -0.81 -18.36 23.69
CA PHE D 498 -0.57 -16.94 23.81
C PHE D 498 0.37 -16.61 24.93
N TYR D 499 1.00 -15.43 24.82
CA TYR D 499 2.10 -15.04 25.71
C TYR D 499 2.11 -13.55 25.98
N SER D 500 3.01 -13.12 26.87
CA SER D 500 3.21 -11.73 27.17
C SER D 500 4.48 -11.29 26.57
N GLU D 501 4.39 -10.41 25.58
CA GLU D 501 5.57 -9.82 25.01
C GLU D 501 6.03 -8.62 25.81
N LYS D 502 7.23 -8.72 26.34
CA LYS D 502 7.82 -7.64 27.16
C LYS D 502 8.87 -6.86 26.37
N THR D 503 8.70 -5.55 26.30
CA THR D 503 9.58 -4.65 25.52
C THR D 503 10.20 -3.72 26.56
N THR D 504 11.45 -4.04 26.94
CA THR D 504 12.21 -3.27 27.88
C THR D 504 12.67 -2.01 27.20
N PHE D 505 12.48 -0.87 27.86
CA PHE D 505 12.88 0.39 27.25
C PHE D 505 14.36 0.60 27.55
N LYS D 506 15.13 0.90 26.51
CA LYS D 506 16.59 1.08 26.61
C LYS D 506 16.91 2.55 26.63
N THR D 507 16.29 3.31 25.73
CA THR D 507 16.36 4.78 25.80
C THR D 507 14.99 5.40 26.01
N VAL D 508 15.03 6.68 26.36
CA VAL D 508 13.84 7.47 26.61
C VAL D 508 12.87 7.30 25.46
N LYS D 509 13.33 7.51 24.23
CA LYS D 509 12.40 7.43 23.07
C LYS D 509 11.57 6.15 23.09
N ASP D 510 12.16 5.00 23.46
CA ASP D 510 11.46 3.69 23.53
C ASP D 510 10.25 3.73 24.49
N SER D 511 10.31 4.53 25.54
CA SER D 511 9.32 4.50 26.62
C SER D 511 8.01 5.22 26.27
N LEU D 512 8.09 6.08 25.26
CA LEU D 512 6.97 6.91 24.88
C LEU D 512 5.88 6.08 24.21
N THR D 513 4.96 5.63 25.01
CA THR D 513 4.05 4.55 24.64
C THR D 513 2.67 4.90 25.19
N ASN D 514 1.66 4.39 24.51
CA ASN D 514 0.28 4.52 24.89
C ASN D 514 -0.36 3.21 25.36
N TYR D 515 -1.38 3.34 26.17
CA TYR D 515 -2.23 2.22 26.48
C TYR D 515 -2.81 1.63 25.15
N GLU D 516 -2.78 0.30 25.01
CA GLU D 516 -3.35 -0.36 23.86
C GLU D 516 -4.32 -1.44 24.27
N SER D 517 -5.60 -1.28 23.91
CA SER D 517 -6.62 -2.25 24.27
C SER D 517 -6.37 -3.54 23.46
N ALA D 518 -5.83 -3.42 22.26
CA ALA D 518 -5.60 -4.61 21.43
C ALA D 518 -4.64 -5.63 22.05
N THR D 519 -3.82 -5.19 23.01
CA THR D 519 -2.87 -6.06 23.67
C THR D 519 -3.06 -6.07 25.19
N GLY D 520 -4.04 -5.33 25.72
CA GLY D 520 -4.28 -5.18 27.16
C GLY D 520 -3.00 -4.71 27.86
N ARG D 521 -2.34 -3.76 27.21
CA ARG D 521 -1.08 -3.30 27.68
C ARG D 521 -1.02 -2.97 29.18
N SER D 522 0.04 -3.46 29.78
CA SER D 522 0.42 -2.99 31.09
C SER D 522 1.90 -2.60 31.04
N TRP D 523 2.39 -1.94 32.10
CA TRP D 523 3.80 -1.55 32.14
C TRP D 523 4.45 -2.04 33.45
N ASP D 524 5.68 -2.55 33.32
CA ASP D 524 6.45 -3.03 34.46
C ASP D 524 7.52 -2.03 34.84
N ILE D 525 7.69 -1.85 36.14
CA ILE D 525 8.83 -1.18 36.71
C ILE D 525 9.56 -2.22 37.56
N PHE D 526 10.80 -2.52 37.18
CA PHE D 526 11.51 -3.70 37.67
C PHE D 526 12.99 -3.47 37.95
N ASN D 527 13.58 -4.39 38.69
CA ASN D 527 14.98 -4.32 39.06
C ASN D 527 15.72 -5.44 38.35
N PRO D 528 16.43 -5.14 37.24
CA PRO D 528 17.07 -6.17 36.49
C PRO D 528 18.30 -6.77 37.16
N ASN D 529 18.70 -6.24 38.32
CA ASN D 529 19.75 -6.79 39.13
C ASN D 529 19.37 -7.98 40.01
N LYS D 530 18.09 -8.31 40.09
CA LYS D 530 17.61 -9.34 40.96
C LYS D 530 16.70 -10.24 40.19
N VAL D 531 16.42 -11.40 40.79
CA VAL D 531 15.68 -12.47 40.16
CA VAL D 531 15.63 -12.40 40.17
C VAL D 531 14.77 -13.15 41.20
N ASN D 532 13.50 -13.38 40.83
CA ASN D 532 12.61 -14.15 41.68
C ASN D 532 13.08 -15.63 41.65
N PRO D 533 13.31 -16.23 42.84
CA PRO D 533 13.87 -17.59 42.91
C PRO D 533 12.91 -18.64 42.40
N TYR D 534 11.60 -18.36 42.36
CA TYR D 534 10.65 -19.33 41.78
C TYR D 534 10.43 -19.12 40.25
N SER D 535 10.00 -17.92 39.87
CA SER D 535 9.67 -17.66 38.46
C SER D 535 10.83 -17.32 37.56
N GLY D 536 11.93 -16.91 38.16
CA GLY D 536 13.09 -16.50 37.42
C GLY D 536 12.98 -15.13 36.76
N LYS D 537 11.98 -14.36 37.12
CA LYS D 537 11.83 -13.03 36.56
C LYS D 537 12.26 -11.99 37.58
N PRO D 538 12.50 -10.80 37.10
CA PRO D 538 12.88 -9.77 38.02
C PRO D 538 11.73 -9.28 38.85
N PRO D 539 12.01 -8.92 40.07
CA PRO D 539 10.95 -8.31 40.87
C PRO D 539 10.39 -7.00 40.29
N SER D 540 9.06 -6.85 40.32
CA SER D 540 8.45 -5.69 39.68
C SER D 540 7.23 -5.22 40.39
N TYR D 541 6.89 -3.94 40.14
CA TYR D 541 5.54 -3.48 40.30
C TYR D 541 5.04 -3.23 38.89
N LYS D 542 3.82 -3.70 38.63
CA LYS D 542 3.15 -3.59 37.34
C LYS D 542 2.05 -2.55 37.41
N LEU D 543 2.12 -1.63 36.47
CA LEU D 543 1.07 -0.62 36.33
C LEU D 543 -0.03 -1.15 35.48
N VAL D 544 -1.19 -1.27 36.12
CA VAL D 544 -2.45 -1.72 35.55
C VAL D 544 -3.39 -0.50 35.51
N SER D 545 -3.56 0.02 34.31
CA SER D 545 -4.23 1.27 34.10
C SER D 545 -4.85 1.30 32.73
N THR D 546 -6.17 1.42 32.71
CA THR D 546 -6.93 1.45 31.44
C THR D 546 -7.68 2.75 31.16
N GLN D 547 -7.81 3.64 32.16
CA GLN D 547 -8.40 4.93 31.88
C GLN D 547 -7.30 5.83 31.35
N CYS D 548 -6.97 5.64 30.08
CA CYS D 548 -5.87 6.31 29.47
C CYS D 548 -6.30 6.95 28.15
N PRO D 549 -6.92 8.13 28.22
CA PRO D 549 -7.46 8.72 26.99
C PRO D 549 -6.31 9.16 26.10
N PRO D 550 -6.44 9.02 24.79
CA PRO D 550 -5.54 9.84 23.96
C PRO D 550 -5.83 11.33 24.15
N LEU D 551 -4.80 12.12 23.94
CA LEU D 551 -4.93 13.57 23.95
C LEU D 551 -5.63 13.96 22.68
N LEU D 552 -6.81 14.55 22.78
CA LEU D 552 -7.58 14.77 21.55
C LEU D 552 -7.15 16.04 20.82
N ALA D 553 -6.61 17.02 21.53
CA ALA D 553 -6.10 18.16 20.85
C ALA D 553 -4.94 17.79 19.86
N LYS D 554 -4.90 18.44 18.72
CA LYS D 554 -3.86 18.11 17.71
C LYS D 554 -2.44 18.48 18.06
N GLU D 555 -1.49 17.83 17.39
CA GLU D 555 -0.10 18.23 17.46
C GLU D 555 0.04 19.65 17.03
N GLY D 556 0.87 20.39 17.75
CA GLY D 556 1.01 21.80 17.50
C GLY D 556 -0.01 22.65 18.17
N SER D 557 -1.03 22.06 18.77
CA SER D 557 -2.00 22.88 19.42
C SER D 557 -1.39 23.40 20.72
N LEU D 558 -2.07 24.39 21.24
CA LEU D 558 -1.72 25.04 22.48
C LEU D 558 -1.70 24.01 23.62
N VAL D 559 -2.75 23.17 23.65
CA VAL D 559 -2.88 22.12 24.66
C VAL D 559 -1.68 21.17 24.55
N ALA D 560 -1.37 20.70 23.35
CA ALA D 560 -0.27 19.75 23.22
C ALA D 560 1.07 20.38 23.51
N LYS D 561 1.23 21.67 23.20
CA LYS D 561 2.49 22.35 23.51
C LYS D 561 2.73 22.59 24.98
N ARG D 562 1.70 23.00 25.71
CA ARG D 562 1.84 23.32 27.13
C ARG D 562 1.88 22.09 28.00
N ALA D 563 1.40 20.95 27.47
CA ALA D 563 1.41 19.67 28.21
C ALA D 563 2.08 18.54 27.41
N PRO D 564 3.37 18.69 27.14
CA PRO D 564 4.11 17.69 26.31
C PRO D 564 4.02 16.24 26.87
N TRP D 565 3.86 16.11 28.18
CA TRP D 565 3.65 14.82 28.84
C TRP D 565 2.32 14.09 28.49
N ALA D 566 1.32 14.83 28.03
CA ALA D 566 -0.05 14.28 27.96
C ALA D 566 -0.27 13.51 26.67
N SER D 567 0.65 13.67 25.72
CA SER D 567 0.68 12.97 24.46
C SER D 567 0.93 11.48 24.50
N HIS D 568 1.42 10.97 25.62
CA HIS D 568 1.68 9.56 25.72
C HIS D 568 1.19 9.17 27.09
N SER D 569 0.77 7.91 27.23
CA SER D 569 0.43 7.34 28.52
C SER D 569 1.64 7.16 29.42
N VAL D 570 2.80 6.85 28.82
CA VAL D 570 3.99 6.64 29.58
C VAL D 570 5.16 7.42 29.02
N ASN D 571 5.84 8.11 29.90
CA ASN D 571 7.11 8.77 29.59
C ASN D 571 8.09 8.39 30.71
N VAL D 572 9.25 7.86 30.32
CA VAL D 572 10.29 7.47 31.27
C VAL D 572 11.58 8.20 30.94
N VAL D 573 12.07 8.94 31.93
CA VAL D 573 13.28 9.77 31.74
C VAL D 573 14.26 9.50 32.85
N PRO D 574 15.56 9.88 32.65
CA PRO D 574 16.49 9.75 33.75
C PRO D 574 16.18 10.58 34.96
N TYR D 575 16.53 10.07 36.13
CA TYR D 575 16.35 10.79 37.36
C TYR D 575 17.34 11.93 37.34
N LYS D 576 16.91 13.13 37.74
CA LYS D 576 17.78 14.21 38.20
C LYS D 576 17.06 14.87 39.36
N ASP D 577 17.78 15.53 40.26
CA ASP D 577 17.13 16.25 41.36
C ASP D 577 16.32 17.41 40.83
N ASN D 578 15.21 17.69 41.50
CA ASN D 578 14.25 18.72 41.05
C ASN D 578 13.63 18.51 39.65
N ARG D 579 13.50 17.29 39.18
CA ARG D 579 12.69 17.01 38.00
C ARG D 579 11.26 16.63 38.43
N LEU D 580 10.50 17.64 38.81
CA LEU D 580 9.20 17.43 39.39
C LEU D 580 8.06 17.71 38.47
N TYR D 581 8.09 18.87 37.79
CA TYR D 581 6.86 19.47 37.16
C TYR D 581 6.99 19.50 35.65
N PRO D 582 6.23 18.62 34.96
CA PRO D 582 6.45 18.32 33.55
C PRO D 582 5.95 19.33 32.55
N SER D 583 5.20 20.33 33.00
CA SER D 583 4.85 21.46 32.14
C SER D 583 5.71 22.69 32.57
N GLY D 584 6.74 22.44 33.34
CA GLY D 584 7.63 23.49 33.77
C GLY D 584 7.36 24.05 35.14
N ASP D 585 8.33 24.81 35.65
CA ASP D 585 8.22 25.31 37.04
C ASP D 585 7.17 26.41 37.23
N HIS D 586 7.05 27.27 36.21
CA HIS D 586 6.08 28.38 36.24
C HIS D 586 5.16 28.25 35.00
N VAL D 587 3.98 27.70 35.23
CA VAL D 587 3.06 27.26 34.19
C VAL D 587 2.17 28.36 33.61
N PRO D 588 1.51 29.21 34.44
CA PRO D 588 0.65 30.23 33.81
C PRO D 588 1.30 31.06 32.71
N GLN D 589 0.62 31.10 31.55
CA GLN D 589 0.94 31.97 30.46
C GLN D 589 2.18 31.58 29.63
N TRP D 590 2.75 30.39 29.87
CA TRP D 590 3.76 29.80 28.99
C TRP D 590 3.07 29.38 27.67
N SER D 591 3.65 29.81 26.55
CA SER D 591 3.07 29.48 25.26
C SER D 591 3.16 28.01 24.89
N GLY D 592 4.00 27.29 25.59
CA GLY D 592 4.34 25.96 25.18
C GLY D 592 5.57 25.85 24.28
N ASP D 593 6.17 26.98 23.91
CA ASP D 593 7.36 26.95 23.12
C ASP D 593 8.49 26.98 24.06
N GLY D 594 9.41 26.06 23.82
CA GLY D 594 10.63 26.02 24.61
C GLY D 594 10.95 24.66 25.22
N VAL D 595 12.23 24.48 25.51
CA VAL D 595 12.73 23.25 26.10
C VAL D 595 12.72 23.35 27.62
N ARG D 596 11.65 22.86 28.24
CA ARG D 596 11.57 22.87 29.69
C ARG D 596 10.64 21.76 30.04
N GLY D 597 10.62 21.40 31.30
CA GLY D 597 9.78 20.32 31.74
C GLY D 597 10.01 19.03 30.98
N MET D 598 8.94 18.31 30.72
CA MET D 598 9.08 17.02 30.09
C MET D 598 9.85 17.07 28.76
N ARG D 599 9.65 18.15 27.98
CA ARG D 599 10.32 18.33 26.72
C ARG D 599 11.84 18.35 26.91
N GLU D 600 12.30 19.06 27.93
CA GLU D 600 13.69 19.07 28.26
C GLU D 600 14.18 17.67 28.72
N TRP D 601 13.43 17.02 29.61
CA TRP D 601 13.88 15.77 30.13
C TRP D 601 13.99 14.70 29.06
N ILE D 602 13.06 14.72 28.12
CA ILE D 602 13.11 13.78 27.01
C ILE D 602 14.28 14.14 26.10
N GLY D 603 14.53 15.44 25.92
CA GLY D 603 15.68 15.87 25.05
C GLY D 603 15.54 15.25 23.68
N ASP D 604 16.62 14.57 23.22
CA ASP D 604 16.65 13.94 21.92
C ASP D 604 16.21 12.47 21.95
N GLY D 605 15.68 12.03 23.10
CA GLY D 605 15.20 10.69 23.28
C GLY D 605 16.28 9.62 23.40
N SER D 606 17.55 10.02 23.40
CA SER D 606 18.67 9.01 23.30
C SER D 606 19.22 8.54 24.67
N GLU D 607 18.92 9.20 25.77
CA GLU D 607 19.56 8.80 26.98
C GLU D 607 19.06 7.46 27.53
N ASN D 608 19.98 6.76 28.16
CA ASN D 608 19.73 5.51 28.79
C ASN D 608 18.74 5.56 29.94
N ILE D 609 17.82 4.62 29.94
CA ILE D 609 16.93 4.43 31.03
C ILE D 609 16.82 2.99 31.49
N ASP D 610 17.77 2.15 31.08
CA ASP D 610 17.80 0.73 31.46
C ASP D 610 18.80 0.57 32.59
N ASN D 611 18.32 0.06 33.71
CA ASN D 611 19.09 -0.25 34.90
C ASN D 611 19.81 0.97 35.44
N THR D 612 19.05 2.00 35.78
CA THR D 612 19.63 3.22 36.28
C THR D 612 18.56 3.87 37.20
N ASP D 613 18.78 5.10 37.63
CA ASP D 613 17.79 5.82 38.40
C ASP D 613 16.86 6.48 37.39
N ILE D 614 15.60 6.11 37.43
CA ILE D 614 14.68 6.61 36.43
C ILE D 614 13.46 7.35 37.05
N LEU D 615 12.72 8.05 36.21
CA LEU D 615 11.43 8.61 36.62
C LEU D 615 10.35 8.19 35.61
N PHE D 616 9.21 7.77 36.13
CA PHE D 616 8.14 7.20 35.36
C PHE D 616 6.92 8.12 35.46
N PHE D 617 6.60 8.81 34.37
CA PHE D 617 5.46 9.71 34.38
C PHE D 617 4.33 9.10 33.60
N HIS D 618 3.17 8.92 34.25
CA HIS D 618 2.01 8.26 33.62
C HIS D 618 0.81 9.19 33.43
N THR D 619 0.30 9.25 32.20
CA THR D 619 -0.84 10.08 31.83
C THR D 619 -2.13 9.21 31.82
N PHE D 620 -3.07 9.55 32.70
CA PHE D 620 -4.32 8.85 32.80
C PHE D 620 -5.46 9.87 32.99
N GLY D 621 -6.70 9.40 32.88
CA GLY D 621 -7.86 10.28 33.04
C GLY D 621 -9.08 9.85 32.28
N ILE D 622 -9.95 10.84 32.01
CA ILE D 622 -11.22 10.58 31.32
C ILE D 622 -11.50 11.64 30.25
N THR D 623 -12.41 11.29 29.35
CA THR D 623 -13.00 12.22 28.48
C THR D 623 -14.50 12.38 28.87
N HIS D 624 -14.92 13.61 29.08
CA HIS D 624 -16.21 13.95 29.63
C HIS D 624 -17.09 14.68 28.62
N PHE D 625 -18.13 13.98 28.18
CA PHE D 625 -19.19 14.47 27.37
C PHE D 625 -20.37 14.71 28.32
N PRO D 626 -20.60 15.97 28.69
CA PRO D 626 -21.61 16.22 29.70
C PRO D 626 -23.04 15.79 29.26
N ALA D 627 -23.78 15.43 30.27
CA ALA D 627 -25.16 15.01 30.10
C ALA D 627 -25.99 15.71 31.22
N PRO D 628 -27.32 15.69 31.10
CA PRO D 628 -28.10 16.41 32.12
C PRO D 628 -27.97 15.83 33.54
N GLU D 629 -27.70 14.53 33.65
CA GLU D 629 -27.43 13.89 34.97
C GLU D 629 -26.31 14.61 35.77
N ASP D 630 -25.39 15.25 35.04
CA ASP D 630 -24.24 15.99 35.64
C ASP D 630 -24.59 17.36 36.22
N PHE D 631 -25.83 17.79 36.06
CA PHE D 631 -26.22 19.16 36.41
C PHE D 631 -27.42 19.14 37.34
N PRO D 632 -27.53 20.13 38.26
CA PRO D 632 -26.64 21.25 38.50
C PRO D 632 -25.35 20.90 39.33
N LEU D 633 -25.29 19.71 39.90
CA LEU D 633 -24.24 19.25 40.76
C LEU D 633 -23.95 17.84 40.30
N MET D 634 -22.70 17.53 40.05
CA MET D 634 -22.42 16.24 39.45
C MET D 634 -22.12 15.01 40.37
N PRO D 635 -22.73 13.86 40.10
CA PRO D 635 -22.43 12.63 40.82
C PRO D 635 -20.99 12.22 40.56
N ALA D 636 -20.41 11.56 41.54
CA ALA D 636 -19.00 11.34 41.56
C ALA D 636 -18.72 10.38 40.44
N GLU D 637 -17.71 10.71 39.63
CA GLU D 637 -17.26 9.86 38.54
C GLU D 637 -15.84 9.24 38.87
N PRO D 638 -15.67 7.94 38.76
CA PRO D 638 -14.45 7.37 39.26
C PRO D 638 -13.32 7.19 38.24
N ILE D 639 -12.12 7.33 38.72
CA ILE D 639 -10.91 7.01 37.94
C ILE D 639 -10.02 6.22 38.85
N THR D 640 -9.41 5.19 38.27
CA THR D 640 -8.49 4.37 39.05
C THR D 640 -7.31 3.82 38.28
N LEU D 641 -6.22 3.60 39.01
CA LEU D 641 -5.07 2.87 38.49
C LEU D 641 -4.40 2.11 39.63
N MET D 642 -3.64 1.09 39.29
CA MET D 642 -3.11 0.26 40.32
C MET D 642 -1.68 -0.08 40.01
N LEU D 643 -0.89 -0.17 41.05
CA LEU D 643 0.47 -0.66 40.95
C LEU D 643 0.55 -1.94 41.73
N ARG D 644 0.74 -3.08 41.05
CA ARG D 644 0.75 -4.43 41.72
C ARG D 644 2.09 -5.10 41.78
N PRO D 645 2.42 -5.76 42.89
CA PRO D 645 3.63 -6.57 42.91
C PRO D 645 3.54 -7.83 42.04
N ARG D 646 4.45 -7.99 41.07
CA ARG D 646 4.54 -9.20 40.21
C ARG D 646 5.98 -9.65 40.20
N HIS D 647 6.17 -10.86 40.71
CA HIS D 647 7.48 -11.46 40.85
C HIS D 647 8.30 -10.76 41.95
N PHE D 648 7.64 -9.91 42.72
CA PHE D 648 8.29 -9.22 43.81
C PHE D 648 8.37 -10.15 45.01
N PHE D 649 7.25 -10.80 45.32
CA PHE D 649 7.22 -11.83 46.38
C PHE D 649 7.35 -13.23 45.80
N THR D 650 7.69 -14.23 46.64
CA THR D 650 7.67 -15.63 46.30
C THR D 650 6.26 -16.28 46.56
N GLU D 651 5.40 -15.63 47.31
CA GLU D 651 4.04 -16.13 47.54
C GLU D 651 3.18 -14.99 47.98
N ASN D 652 1.87 -15.21 47.95
CA ASN D 652 0.90 -14.28 48.42
C ASN D 652 1.30 -13.76 49.81
N PRO D 653 1.60 -12.46 49.89
CA PRO D 653 2.07 -11.90 51.13
C PRO D 653 1.05 -11.69 52.25
N GLY D 654 -0.25 -11.90 51.98
CA GLY D 654 -1.24 -11.68 52.97
C GLY D 654 -1.59 -12.91 53.76
N LEU D 655 -0.90 -14.02 53.50
CA LEU D 655 -1.32 -15.31 54.05
C LEU D 655 -1.19 -15.50 55.58
N ASP D 656 -0.44 -14.61 56.21
CA ASP D 656 -0.26 -14.63 57.66
C ASP D 656 -1.24 -13.70 58.36
N ILE D 657 -2.20 -13.14 57.63
CA ILE D 657 -3.30 -12.41 58.25
C ILE D 657 -4.31 -13.43 58.77
N GLN D 658 -4.84 -13.20 59.94
CA GLN D 658 -5.74 -14.19 60.52
C GLN D 658 -7.00 -14.29 59.73
N PRO D 659 -7.41 -15.49 59.40
CA PRO D 659 -8.62 -15.60 58.58
C PRO D 659 -9.85 -15.17 59.30
N SER D 660 -10.88 -14.77 58.56
CA SER D 660 -12.16 -14.48 59.15
C SER D 660 -12.92 -15.79 59.52
N TYR D 661 -12.71 -16.87 58.76
CA TYR D 661 -13.25 -18.19 59.00
C TYR D 661 -12.27 -19.16 58.34
N ALA D 662 -11.85 -20.20 59.07
CA ALA D 662 -11.04 -21.26 58.51
C ALA D 662 -11.43 -22.60 59.07
N MET D 663 -11.63 -23.59 58.21
CA MET D 663 -11.82 -24.98 58.60
C MET D 663 -11.11 -25.92 57.59
N THR D 664 -10.20 -26.71 58.14
CA THR D 664 -9.47 -27.69 57.38
C THR D 664 -10.39 -28.91 57.12
N THR D 665 -9.98 -29.76 56.20
CA THR D 665 -10.65 -30.99 55.88
C THR D 665 -10.76 -31.90 57.13
N SER D 666 -9.71 -31.98 57.92
CA SER D 666 -9.69 -32.82 59.07
C SER D 666 -10.61 -32.32 60.13
N GLU D 667 -10.59 -31.03 60.36
CA GLU D 667 -11.53 -30.45 61.31
C GLU D 667 -12.96 -30.69 60.81
N ALA D 668 -13.23 -30.56 59.51
CA ALA D 668 -14.62 -30.74 59.04
C ALA D 668 -15.14 -32.16 59.27
N LYS D 669 -14.25 -33.14 59.21
CA LYS D 669 -14.62 -34.53 59.43
C LYS D 669 -14.95 -34.70 60.89
N ARG D 670 -14.06 -34.19 61.74
CA ARG D 670 -14.19 -34.25 63.19
C ARG D 670 -15.52 -33.76 63.69
N ALA D 671 -16.05 -32.70 63.09
CA ALA D 671 -17.42 -32.27 63.39
C ALA D 671 -18.43 -33.22 62.71
N VAL D 672 -18.21 -34.54 62.90
CA VAL D 672 -19.01 -35.66 62.33
C VAL D 672 -19.67 -35.28 61.01
N ALA E 17 -10.83 73.02 1.57
CA ALA E 17 -10.99 71.62 1.04
C ALA E 17 -10.05 71.38 -0.15
N PRO E 18 -9.09 70.44 0.01
CA PRO E 18 -7.95 70.39 -0.94
C PRO E 18 -8.41 70.07 -2.38
N ALA E 19 -7.74 70.60 -3.41
CA ALA E 19 -8.15 70.34 -4.80
C ALA E 19 -8.19 68.82 -5.09
N ARG E 20 -9.13 68.39 -5.93
CA ARG E 20 -9.27 67.00 -6.39
C ARG E 20 -8.12 66.71 -7.37
N PRO E 21 -7.66 65.47 -7.43
CA PRO E 21 -6.65 65.12 -8.45
C PRO E 21 -7.19 65.03 -9.89
N ALA E 22 -6.27 64.83 -10.81
CA ALA E 22 -6.61 64.57 -12.19
C ALA E 22 -7.43 63.28 -12.40
N HIS E 23 -7.30 62.30 -11.51
CA HIS E 23 -7.70 60.91 -11.78
C HIS E 23 -7.95 60.27 -10.41
N PRO E 24 -9.05 59.52 -10.26
CA PRO E 24 -9.41 59.00 -8.93
C PRO E 24 -8.42 58.03 -8.32
N LEU E 25 -7.48 57.47 -9.09
CA LEU E 25 -6.49 56.56 -8.55
C LEU E 25 -5.17 57.26 -8.22
N ASP E 26 -5.07 58.56 -8.47
CA ASP E 26 -3.90 59.29 -8.08
C ASP E 26 -3.67 59.20 -6.58
N PRO E 27 -2.41 58.96 -6.18
CA PRO E 27 -2.03 59.02 -4.75
C PRO E 27 -2.44 60.34 -4.10
N LEU E 28 -2.53 60.37 -2.80
CA LEU E 28 -2.75 61.65 -2.10
C LEU E 28 -1.63 62.67 -2.35
N SER E 29 -2.01 63.90 -2.72
CA SER E 29 -1.07 65.04 -2.82
C SER E 29 -0.59 65.45 -1.44
N THR E 30 0.54 66.19 -1.39
CA THR E 30 1.03 66.68 -0.12
C THR E 30 -0.05 67.50 0.57
N ALA E 31 -0.85 68.22 -0.18
CA ALA E 31 -1.97 68.96 0.39
C ALA E 31 -3.12 68.11 0.89
N GLU E 32 -3.44 67.04 0.19
CA GLU E 32 -4.46 66.17 0.68
C GLU E 32 -3.99 65.53 2.00
N ILE E 33 -2.73 65.18 2.10
CA ILE E 33 -2.22 64.54 3.28
C ILE E 33 -2.36 65.48 4.47
N LYS E 34 -1.90 66.72 4.28
CA LYS E 34 -1.97 67.73 5.33
C LYS E 34 -3.41 67.97 5.73
N ALA E 35 -4.31 67.97 4.76
CA ALA E 35 -5.72 68.18 5.09
C ALA E 35 -6.25 67.04 5.97
N ALA E 36 -5.79 65.83 5.65
CA ALA E 36 -6.22 64.65 6.34
C ALA E 36 -5.76 64.73 7.76
N THR E 37 -4.48 65.03 7.94
CA THR E 37 -3.94 65.02 9.27
C THR E 37 -4.49 66.18 10.12
N ASN E 38 -4.86 67.30 9.50
CA ASN E 38 -5.53 68.37 10.24
C ASN E 38 -6.90 67.93 10.73
N THR E 39 -7.67 67.38 9.81
CA THR E 39 -8.98 66.86 10.10
C THR E 39 -8.91 65.89 11.25
N VAL E 40 -7.86 65.07 11.26
CA VAL E 40 -7.78 64.01 12.28
C VAL E 40 -7.41 64.64 13.61
N LYS E 41 -6.40 65.48 13.65
CA LYS E 41 -6.01 66.23 14.87
C LYS E 41 -7.18 66.95 15.51
N SER E 42 -8.04 67.58 14.70
CA SER E 42 -9.23 68.22 15.24
C SER E 42 -10.18 67.21 15.81
N TYR E 43 -10.36 66.09 15.13
CA TYR E 43 -11.33 65.11 15.63
C TYR E 43 -10.92 64.57 16.96
N PHE E 44 -9.63 64.34 17.20
CA PHE E 44 -9.10 63.93 18.49
C PHE E 44 -8.53 65.11 19.27
N ALA E 45 -9.27 66.21 19.27
CA ALA E 45 -8.88 67.49 19.92
C ALA E 45 -8.48 67.25 21.33
N GLY E 46 -7.34 67.82 21.70
CA GLY E 46 -6.80 67.70 23.04
C GLY E 46 -6.24 66.33 23.40
N LYS E 47 -5.99 65.48 22.39
CA LYS E 47 -5.35 64.17 22.59
C LYS E 47 -4.00 64.19 21.92
N LYS E 48 -3.03 63.55 22.54
CA LYS E 48 -1.70 63.56 22.02
C LYS E 48 -1.58 62.33 21.09
N ILE E 49 -1.60 62.61 19.77
CA ILE E 49 -1.56 61.54 18.77
C ILE E 49 -0.36 61.65 17.86
N SER E 50 0.00 60.54 17.22
CA SER E 50 1.01 60.57 16.18
C SER E 50 0.53 59.69 15.01
N PHE E 51 0.96 60.08 13.80
CA PHE E 51 0.57 59.47 12.54
C PHE E 51 1.53 58.40 12.12
N ASN E 52 0.95 57.27 11.78
CA ASN E 52 1.72 56.10 11.34
C ASN E 52 1.58 55.94 9.82
N THR E 53 0.35 56.10 9.34
CA THR E 53 -0.01 55.95 7.93
C THR E 53 -1.10 56.96 7.56
N VAL E 54 -0.90 57.67 6.49
CA VAL E 54 -1.96 58.42 5.83
C VAL E 54 -1.85 58.21 4.30
N THR E 55 -2.83 57.54 3.72
CA THR E 55 -2.77 57.05 2.36
C THR E 55 -4.10 57.05 1.64
N LEU E 56 -4.10 57.05 0.30
CA LEU E 56 -5.32 56.97 -0.45
C LEU E 56 -6.09 55.72 -0.04
N ARG E 57 -7.37 55.88 0.28
CA ARG E 57 -8.29 54.74 0.26
C ARG E 57 -8.91 54.71 -1.13
N GLU E 58 -8.56 53.71 -1.92
CA GLU E 58 -8.98 53.67 -3.31
C GLU E 58 -10.46 53.45 -3.43
N PRO E 59 -11.07 54.03 -4.47
CA PRO E 59 -12.48 53.83 -4.73
C PRO E 59 -12.84 52.38 -4.93
N ALA E 60 -14.09 52.07 -4.60
CA ALA E 60 -14.66 50.74 -4.86
C ALA E 60 -14.47 50.43 -6.34
N ARG E 61 -14.24 49.17 -6.62
CA ARG E 61 -13.99 48.73 -7.97
C ARG E 61 -15.11 49.08 -8.93
N LYS E 62 -16.34 48.83 -8.49
CA LYS E 62 -17.53 49.19 -9.31
C LYS E 62 -17.68 50.71 -9.54
N ALA E 63 -17.50 51.50 -8.51
CA ALA E 63 -17.59 52.93 -8.65
C ALA E 63 -16.58 53.48 -9.66
N TYR E 64 -15.36 52.92 -9.59
CA TYR E 64 -14.32 53.27 -10.54
C TYR E 64 -14.65 52.89 -11.99
N ILE E 65 -15.01 51.64 -12.20
CA ILE E 65 -15.26 51.15 -13.53
C ILE E 65 -16.48 51.91 -14.10
N GLN E 66 -17.47 52.19 -13.26
CA GLN E 66 -18.64 52.92 -13.77
C GLN E 66 -18.27 54.37 -14.15
N TRP E 67 -17.43 54.99 -13.35
CA TRP E 67 -16.88 56.33 -13.70
C TRP E 67 -16.13 56.26 -14.99
N LYS E 68 -15.32 55.24 -15.13
CA LYS E 68 -14.43 55.19 -16.29
C LYS E 68 -15.18 54.92 -17.57
N GLU E 69 -16.14 54.04 -17.53
CA GLU E 69 -16.69 53.47 -18.74
C GLU E 69 -18.15 53.75 -18.98
N GLN E 70 -18.89 54.23 -17.98
CA GLN E 70 -20.32 54.42 -18.16
C GLN E 70 -20.80 55.83 -17.75
N GLY E 71 -19.95 56.84 -17.74
CA GLY E 71 -20.34 58.15 -17.31
C GLY E 71 -20.79 58.30 -15.86
N GLY E 72 -20.36 57.41 -14.98
CA GLY E 72 -20.73 57.43 -13.56
C GLY E 72 -20.11 58.58 -12.81
N PRO E 73 -20.61 58.82 -11.62
CA PRO E 73 -20.15 59.95 -10.85
C PRO E 73 -18.69 59.72 -10.40
N LEU E 74 -17.98 60.80 -10.11
CA LEU E 74 -16.56 60.71 -9.66
C LEU E 74 -16.59 60.18 -8.26
N PRO E 75 -15.76 59.15 -7.99
CA PRO E 75 -15.87 58.68 -6.62
C PRO E 75 -15.31 59.70 -5.68
N PRO E 76 -15.73 59.61 -4.42
CA PRO E 76 -15.23 60.49 -3.41
C PRO E 76 -13.83 60.13 -3.00
N ARG E 77 -13.13 61.17 -2.64
CA ARG E 77 -11.75 61.14 -2.44
C ARG E 77 -11.48 60.96 -0.93
N LEU E 78 -10.95 59.79 -0.57
CA LEU E 78 -10.86 59.38 0.81
C LEU E 78 -9.42 59.06 1.19
N ALA E 79 -9.09 59.36 2.43
CA ALA E 79 -7.83 59.04 3.08
C ALA E 79 -8.01 58.06 4.20
N TYR E 80 -7.15 57.07 4.27
CA TYR E 80 -7.12 56.09 5.36
C TYR E 80 -5.94 56.47 6.25
N TYR E 81 -6.19 56.54 7.57
CA TYR E 81 -5.18 56.88 8.53
C TYR E 81 -5.04 55.81 9.60
N VAL E 82 -3.85 55.76 10.18
CA VAL E 82 -3.56 54.96 11.30
C VAL E 82 -2.75 55.85 12.22
N ILE E 83 -3.17 55.92 13.50
CA ILE E 83 -2.57 56.78 14.48
C ILE E 83 -2.31 56.01 15.80
N LEU E 84 -1.33 56.51 16.54
CA LEU E 84 -1.03 56.01 17.88
C LEU E 84 -1.40 57.16 18.86
N GLU E 85 -1.73 56.83 20.11
CA GLU E 85 -2.07 57.81 21.13
C GLU E 85 -1.30 57.45 22.34
N ALA E 86 -0.65 58.45 22.90
CA ALA E 86 0.24 58.29 24.05
C ALA E 86 -0.58 57.67 25.15
N GLY E 87 -0.04 56.65 25.79
CA GLY E 87 -0.78 55.98 26.87
C GLY E 87 -1.84 55.00 26.42
N LYS E 88 -2.16 54.91 25.12
CA LYS E 88 -3.11 53.91 24.65
C LYS E 88 -2.48 52.73 23.88
N PRO E 89 -2.86 51.47 24.21
CA PRO E 89 -2.39 50.29 23.51
C PRO E 89 -2.91 50.23 22.06
N GLY E 90 -2.11 49.59 21.21
CA GLY E 90 -2.39 49.44 19.77
C GLY E 90 -2.49 50.70 18.94
N VAL E 91 -3.54 50.81 18.15
CA VAL E 91 -3.68 51.90 17.19
C VAL E 91 -5.13 52.35 17.09
N LYS E 92 -5.32 53.46 16.40
CA LYS E 92 -6.66 53.81 15.91
C LYS E 92 -6.56 54.00 14.41
N GLU E 93 -7.59 53.59 13.71
CA GLU E 93 -7.56 53.77 12.25
C GLU E 93 -8.90 54.33 11.83
N GLY E 94 -8.96 54.82 10.60
CA GLY E 94 -10.23 55.30 10.07
C GLY E 94 -10.07 55.92 8.70
N LEU E 95 -11.12 56.63 8.30
CA LEU E 95 -11.25 57.27 7.00
C LEU E 95 -11.61 58.74 7.13
N VAL E 96 -10.99 59.59 6.32
CA VAL E 96 -11.36 61.01 6.19
C VAL E 96 -11.87 61.28 4.81
N ASP E 97 -13.05 61.88 4.76
CA ASP E 97 -13.64 62.38 3.51
C ASP E 97 -13.04 63.77 3.27
N LEU E 98 -12.25 63.88 2.22
CA LEU E 98 -11.47 65.09 2.02
C LEU E 98 -12.27 66.33 1.52
N ALA E 99 -13.31 66.12 0.75
CA ALA E 99 -14.11 67.24 0.22
C ALA E 99 -14.77 67.96 1.40
N SER E 100 -15.39 67.18 2.30
CA SER E 100 -16.01 67.73 3.47
C SER E 100 -15.06 67.90 4.68
N LEU E 101 -13.79 67.56 4.56
CA LEU E 101 -12.85 67.58 5.71
C LEU E 101 -13.41 66.97 7.03
N SER E 102 -13.92 65.76 6.94
CA SER E 102 -14.39 65.15 8.19
C SER E 102 -14.15 63.66 8.26
N VAL E 103 -14.11 63.19 9.49
CA VAL E 103 -13.81 61.79 9.79
C VAL E 103 -15.08 61.03 9.60
N ILE E 104 -15.11 59.99 8.78
CA ILE E 104 -16.38 59.35 8.48
C ILE E 104 -16.42 57.93 9.00
N GLU E 105 -15.31 57.43 9.49
CA GLU E 105 -15.23 56.05 9.95
C GLU E 105 -14.03 56.06 10.86
N THR E 106 -14.11 55.39 12.01
CA THR E 106 -13.09 55.47 13.00
C THR E 106 -13.21 54.22 13.87
N ARG E 107 -12.09 53.63 14.29
CA ARG E 107 -12.10 52.53 15.24
C ARG E 107 -10.78 52.28 15.95
N ALA E 108 -10.88 51.74 17.15
CA ALA E 108 -9.72 51.46 17.95
C ALA E 108 -9.41 49.97 17.90
N LEU E 109 -8.14 49.66 17.81
CA LEU E 109 -7.63 48.28 17.66
C LEU E 109 -6.53 48.18 18.70
N GLU E 110 -6.91 47.74 19.88
CA GLU E 110 -5.99 47.72 20.99
C GLU E 110 -4.98 46.62 20.91
N THR E 111 -5.20 45.62 20.07
CA THR E 111 -4.38 44.40 20.12
C THR E 111 -3.58 44.10 18.82
N VAL E 112 -3.30 45.14 18.04
CA VAL E 112 -2.45 45.04 16.87
C VAL E 112 -1.34 46.07 16.98
N GLN E 113 -0.28 45.87 16.19
CA GLN E 113 0.80 46.80 16.07
C GLN E 113 0.98 47.08 14.59
N PRO E 114 1.30 48.33 14.23
CA PRO E 114 1.35 48.70 12.83
C PRO E 114 2.70 48.72 12.20
N ILE E 115 2.68 49.01 10.90
CA ILE E 115 3.90 49.07 10.10
C ILE E 115 4.94 50.01 10.76
N LEU E 116 6.22 49.68 10.66
CA LEU E 116 7.30 50.54 11.17
C LEU E 116 7.82 51.49 10.10
N THR E 117 7.84 52.78 10.42
CA THR E 117 8.22 53.83 9.44
C THR E 117 9.70 54.09 9.49
N VAL E 118 10.21 54.91 8.60
CA VAL E 118 11.61 55.19 8.61
C VAL E 118 11.87 55.95 9.92
N GLU E 119 10.93 56.75 10.45
CA GLU E 119 11.12 57.38 11.76
C GLU E 119 11.15 56.35 12.94
N ASP E 120 10.98 55.06 12.64
CA ASP E 120 10.97 54.01 13.67
C ASP E 120 12.25 53.25 13.51
N LEU E 121 12.65 52.92 12.29
CA LEU E 121 13.98 52.37 12.11
C LEU E 121 15.13 53.29 12.74
N CYS E 122 15.18 54.60 12.43
CA CYS E 122 16.31 55.50 12.83
C CYS E 122 16.39 55.90 14.37
N SER E 123 15.33 55.81 15.15
CA SER E 123 15.36 56.08 16.59
C SER E 123 16.03 55.03 17.52
N THR E 124 16.07 53.79 17.11
CA THR E 124 16.43 52.71 18.04
C THR E 124 17.93 52.71 18.46
N GLU E 125 18.78 53.15 17.55
CA GLU E 125 20.20 53.13 17.78
C GLU E 125 20.57 53.96 18.97
N GLU E 126 20.03 55.15 19.05
CA GLU E 126 20.31 56.03 20.13
C GLU E 126 19.72 55.44 21.45
N VAL E 127 18.58 54.74 21.40
CA VAL E 127 18.06 54.07 22.58
C VAL E 127 19.05 53.05 23.07
N ILE E 128 19.55 52.17 22.20
CA ILE E 128 20.38 51.14 22.73
C ILE E 128 21.79 51.64 23.12
N ARG E 129 22.31 52.65 22.44
CA ARG E 129 23.59 53.22 22.76
C ARG E 129 23.66 53.81 24.15
N ASN E 130 22.51 54.25 24.67
CA ASN E 130 22.44 54.85 25.99
C ASN E 130 21.85 53.98 27.04
N ASP E 131 21.57 52.74 26.77
CA ASP E 131 20.98 51.89 27.76
C ASP E 131 22.03 51.16 28.60
N PRO E 132 22.00 51.31 29.94
CA PRO E 132 23.06 50.68 30.73
C PRO E 132 23.22 49.19 30.51
N ALA E 133 22.13 48.46 30.35
CA ALA E 133 22.27 47.00 30.25
C ALA E 133 22.89 46.65 28.90
N VAL E 134 22.56 47.41 27.86
CA VAL E 134 23.17 47.17 26.57
C VAL E 134 24.65 47.51 26.64
N ILE E 135 24.98 48.65 27.23
CA ILE E 135 26.41 49.02 27.37
C ILE E 135 27.19 47.91 28.08
N GLU E 136 26.63 47.35 29.13
CA GLU E 136 27.28 46.25 29.79
C GLU E 136 27.54 45.06 28.88
N GLN E 137 26.55 44.68 28.08
CA GLN E 137 26.76 43.59 27.12
C GLN E 137 27.79 43.91 26.05
N CYS E 138 27.85 45.18 25.63
CA CYS E 138 28.94 45.59 24.75
C CYS E 138 30.31 45.42 25.38
N VAL E 139 30.40 45.80 26.63
CA VAL E 139 31.65 45.67 27.38
C VAL E 139 32.06 44.21 27.48
N LEU E 140 31.13 43.31 27.82
CA LEU E 140 31.44 41.88 27.98
C LEU E 140 31.84 41.31 26.62
N SER E 141 31.30 41.90 25.55
CA SER E 141 31.59 41.47 24.19
C SER E 141 32.89 42.05 23.62
N GLY E 142 33.64 42.81 24.44
CA GLY E 142 34.94 43.35 24.02
C GLY E 142 34.91 44.73 23.39
N ILE E 143 33.86 45.48 23.59
CA ILE E 143 33.80 46.86 23.10
C ILE E 143 33.69 47.76 24.32
N PRO E 144 34.65 48.70 24.50
CA PRO E 144 34.60 49.51 25.73
C PRO E 144 33.41 50.48 25.75
N ALA E 145 32.99 50.83 26.96
CA ALA E 145 31.86 51.70 27.18
C ALA E 145 31.98 53.05 26.48
N ASN E 146 33.18 53.55 26.30
CA ASN E 146 33.36 54.84 25.64
C ASN E 146 33.49 54.67 24.15
N GLU E 147 33.18 53.50 23.59
CA GLU E 147 33.11 53.35 22.15
C GLU E 147 31.72 52.96 21.65
N MET E 148 30.67 53.27 22.43
CA MET E 148 29.32 52.97 22.03
C MET E 148 28.87 53.63 20.71
N HIS E 149 29.55 54.69 20.31
CA HIS E 149 29.26 55.32 19.07
C HIS E 149 29.64 54.45 17.85
N LYS E 150 30.40 53.40 18.11
CA LYS E 150 30.76 52.40 17.11
C LYS E 150 29.79 51.20 17.05
N VAL E 151 28.78 51.21 17.90
CA VAL E 151 27.78 50.13 17.91
C VAL E 151 26.60 50.64 17.13
N TYR E 152 26.09 49.78 16.26
CA TYR E 152 24.98 50.07 15.36
C TYR E 152 23.93 48.96 15.47
N CYS E 153 22.68 49.18 15.15
CA CYS E 153 21.76 48.07 15.00
C CYS E 153 20.84 48.27 13.83
N ASP E 154 20.45 47.16 13.21
CA ASP E 154 19.36 47.14 12.27
C ASP E 154 18.12 46.78 13.10
N PRO E 155 17.19 47.72 13.24
CA PRO E 155 16.11 47.44 14.19
C PRO E 155 14.87 46.86 13.54
N TRP E 156 14.74 45.57 13.51
CA TRP E 156 13.64 44.89 12.88
C TRP E 156 12.46 45.01 13.76
N THR E 157 11.24 44.92 13.20
CA THR E 157 10.17 44.45 14.11
C THR E 157 10.59 43.17 14.81
N ILE E 158 10.10 43.01 16.03
CA ILE E 158 10.32 41.77 16.76
C ILE E 158 9.74 40.61 16.01
N GLY E 159 8.78 40.87 15.14
CA GLY E 159 8.20 39.86 14.26
C GLY E 159 7.10 39.23 15.02
N TYR E 160 7.47 38.27 15.85
CA TYR E 160 6.58 37.75 16.85
C TYR E 160 7.35 37.13 17.96
N ASP E 161 7.05 37.50 19.19
CA ASP E 161 7.67 36.88 20.37
C ASP E 161 6.54 36.63 21.38
N GLU E 162 6.34 35.34 21.63
CA GLU E 162 5.27 34.83 22.51
C GLU E 162 5.41 35.28 23.98
N ARG E 163 6.54 35.86 24.37
CA ARG E 163 6.64 36.43 25.70
C ARG E 163 5.86 37.75 25.86
N TRP E 164 5.56 38.46 24.77
CA TRP E 164 4.87 39.77 24.82
C TRP E 164 3.67 39.94 23.89
N GLY E 165 3.55 39.12 22.86
CA GLY E 165 2.45 39.27 21.96
C GLY E 165 2.44 40.64 21.28
N THR E 166 1.24 41.26 21.27
CA THR E 166 1.03 42.65 20.85
C THR E 166 0.87 43.64 22.05
N GLY E 167 1.22 43.21 23.25
CA GLY E 167 1.00 44.02 24.44
C GLY E 167 1.79 45.26 24.51
N LYS E 168 2.90 45.31 23.75
CA LYS E 168 3.74 46.51 23.60
C LYS E 168 4.24 46.53 22.19
N ARG E 169 4.55 47.70 21.68
CA ARG E 169 5.14 47.78 20.36
C ARG E 169 6.64 47.60 20.46
N LEU E 170 7.18 46.56 19.81
CA LEU E 170 8.54 46.14 20.02
C LEU E 170 9.34 45.94 18.74
N GLN E 171 10.63 46.21 18.87
CA GLN E 171 11.66 45.91 17.92
C GLN E 171 12.74 45.08 18.56
N GLN E 172 13.42 44.33 17.73
CA GLN E 172 14.59 43.59 18.10
C GLN E 172 15.73 44.22 17.31
N ALA E 173 16.79 44.54 18.05
CA ALA E 173 17.87 45.34 17.50
C ALA E 173 18.97 44.36 17.20
N LEU E 174 19.15 44.09 15.93
CA LEU E 174 20.22 43.24 15.42
C LEU E 174 21.45 44.12 15.39
N VAL E 175 22.34 43.81 16.30
CA VAL E 175 23.45 44.68 16.67
CA VAL E 175 23.46 44.70 16.63
C VAL E 175 24.72 44.31 15.90
N TYR E 176 25.47 45.34 15.51
CA TYR E 176 26.73 45.23 14.76
C TYR E 176 27.72 46.27 15.24
N TYR E 177 29.02 46.12 14.91
CA TYR E 177 30.08 47.04 15.30
C TYR E 177 30.77 47.55 14.02
N ARG E 178 31.12 48.83 14.05
CA ARG E 178 31.93 49.46 12.97
C ARG E 178 33.22 49.99 13.57
N SER E 179 34.39 49.59 13.04
CA SER E 179 35.66 50.18 13.48
CA SER E 179 35.64 50.19 13.48
C SER E 179 35.81 51.62 12.97
N ASP E 180 35.21 51.90 11.83
CA ASP E 180 35.20 53.23 11.24
C ASP E 180 33.81 53.43 10.68
N GLU E 181 33.27 54.65 10.70
CA GLU E 181 31.91 54.86 10.17
C GLU E 181 31.65 54.47 8.70
N ASP E 182 32.71 54.37 7.90
CA ASP E 182 32.56 53.99 6.49
C ASP E 182 32.57 52.48 6.25
N ASP E 183 32.77 51.69 7.31
CA ASP E 183 32.75 50.25 7.23
C ASP E 183 31.37 49.76 6.88
N SER E 184 31.35 48.58 6.26
CA SER E 184 30.13 47.82 6.20
C SER E 184 30.12 46.96 7.45
N GLN E 185 29.09 47.13 8.24
CA GLN E 185 29.09 46.59 9.61
C GLN E 185 28.83 45.08 9.67
N TYR E 186 28.39 44.52 8.55
CA TYR E 186 27.87 43.19 8.57
C TYR E 186 28.91 42.07 8.77
N SER E 187 30.21 42.33 8.69
CA SER E 187 31.23 41.34 9.05
C SER E 187 31.38 41.18 10.58
N HIS E 188 30.72 42.10 11.31
CA HIS E 188 30.88 42.24 12.75
C HIS E 188 29.59 42.30 13.59
N PRO E 189 28.76 41.29 13.47
CA PRO E 189 27.64 41.15 14.36
C PRO E 189 28.08 40.83 15.76
N LEU E 190 27.28 41.29 16.69
CA LEU E 190 27.45 40.95 18.08
C LEU E 190 26.51 39.83 18.46
N ASP E 191 26.75 39.22 19.63
CA ASP E 191 26.06 37.95 19.91
C ASP E 191 24.68 38.05 20.55
N PHE E 192 24.31 39.24 21.00
CA PHE E 192 23.10 39.45 21.83
C PHE E 192 22.05 40.28 21.10
N CYS E 193 20.83 40.28 21.60
CA CYS E 193 19.74 40.95 20.91
C CYS E 193 18.83 41.76 21.85
N PRO E 194 19.05 43.08 21.93
CA PRO E 194 18.17 43.89 22.77
C PRO E 194 16.79 44.00 22.16
N ILE E 195 15.79 44.04 23.04
CA ILE E 195 14.41 44.19 22.68
C ILE E 195 13.95 45.55 23.19
N VAL E 196 13.40 46.34 22.28
CA VAL E 196 13.15 47.75 22.49
C VAL E 196 11.66 48.07 22.33
N ASP E 197 11.13 48.73 23.34
CA ASP E 197 9.79 49.31 23.26
C ASP E 197 9.81 50.58 22.42
N THR E 198 9.21 50.48 21.24
CA THR E 198 9.18 51.50 20.22
C THR E 198 8.62 52.83 20.69
N GLU E 199 7.56 52.77 21.50
CA GLU E 199 6.88 53.96 21.92
C GLU E 199 7.45 54.60 23.18
N GLU E 200 7.91 53.82 24.13
CA GLU E 200 8.54 54.34 25.34
C GLU E 200 10.01 54.59 25.17
N LYS E 201 10.60 54.09 24.11
CA LYS E 201 12.05 54.24 23.87
C LYS E 201 12.88 53.70 24.97
N LYS E 202 12.63 52.47 25.35
CA LYS E 202 13.50 51.82 26.25
C LYS E 202 13.71 50.34 25.95
N VAL E 203 14.83 49.82 26.44
CA VAL E 203 15.15 48.42 26.29
C VAL E 203 14.40 47.68 27.40
N ILE E 204 13.63 46.66 27.10
CA ILE E 204 12.89 45.95 28.15
C ILE E 204 13.45 44.58 28.41
N PHE E 205 14.38 44.11 27.56
CA PHE E 205 14.93 42.79 27.69
C PHE E 205 16.12 42.69 26.75
N ILE E 206 17.09 41.83 27.06
CA ILE E 206 18.14 41.45 26.11
C ILE E 206 18.28 39.92 26.02
N ASP E 207 18.12 39.39 24.82
CA ASP E 207 18.41 37.97 24.60
C ASP E 207 19.90 37.79 24.55
N ILE E 208 20.37 36.89 25.40
CA ILE E 208 21.77 36.64 25.54
C ILE E 208 22.01 35.17 25.37
N PRO E 209 22.90 34.78 24.48
CA PRO E 209 23.02 33.33 24.24
C PRO E 209 23.82 32.63 25.32
N ASN E 210 23.69 31.31 25.39
CA ASN E 210 24.36 30.51 26.43
C ASN E 210 25.86 30.47 26.21
N ARG E 211 26.27 30.36 24.96
CA ARG E 211 27.70 30.42 24.58
C ARG E 211 27.93 31.85 24.11
N ARG E 212 28.72 32.59 24.86
CA ARG E 212 29.08 34.01 24.52
C ARG E 212 30.08 34.02 23.38
N ARG E 213 29.94 34.97 22.45
CA ARG E 213 30.93 35.18 21.40
C ARG E 213 31.21 36.64 21.31
N LYS E 214 32.45 36.99 21.56
CA LYS E 214 32.89 38.37 21.58
C LYS E 214 33.14 38.86 20.14
N VAL E 215 33.27 40.16 19.99
CA VAL E 215 33.27 40.82 18.71
C VAL E 215 34.44 40.29 17.97
N SER E 216 34.25 40.07 16.67
CA SER E 216 35.34 39.61 15.81
C SER E 216 36.46 40.62 15.79
N LYS E 217 37.68 40.11 15.81
CA LYS E 217 38.89 40.94 15.67
C LYS E 217 39.40 41.04 14.24
N HIS E 218 38.76 40.41 13.27
CA HIS E 218 39.15 40.58 11.89
C HIS E 218 38.87 41.97 11.38
N LYS E 219 39.53 42.31 10.30
CA LYS E 219 39.22 43.50 9.54
C LYS E 219 37.79 43.41 9.04
N HIS E 220 37.16 44.56 8.89
CA HIS E 220 35.85 44.62 8.27
C HIS E 220 35.99 44.22 6.81
N ALA E 221 34.98 43.54 6.31
CA ALA E 221 34.90 43.10 4.94
C ALA E 221 34.22 44.24 4.18
N ASN E 222 35.03 45.07 3.55
CA ASN E 222 34.54 46.30 2.93
C ASN E 222 34.52 46.27 1.40
N PHE E 223 33.85 47.25 0.79
CA PHE E 223 33.59 47.24 -0.64
C PHE E 223 33.66 48.61 -1.42
N TYR E 224 33.91 49.75 -0.76
CA TYR E 224 34.20 50.96 -1.52
C TYR E 224 35.57 50.93 -2.18
N PRO E 225 35.78 51.77 -3.21
CA PRO E 225 37.07 51.81 -3.86
C PRO E 225 38.26 51.91 -2.90
N LYS E 226 38.20 52.81 -1.92
CA LYS E 226 39.36 52.93 -1.04
C LYS E 226 39.65 51.61 -0.30
N HIS E 227 38.61 50.86 0.03
CA HIS E 227 38.82 49.61 0.75
C HIS E 227 39.38 48.57 -0.22
N MET E 228 38.84 48.55 -1.42
CA MET E 228 39.29 47.54 -2.40
C MET E 228 40.72 47.73 -2.76
N ILE E 229 41.18 48.98 -2.79
CA ILE E 229 42.57 49.28 -3.08
C ILE E 229 43.46 48.68 -2.01
N GLU E 230 43.09 48.88 -0.72
CA GLU E 230 43.79 48.17 0.39
C GLU E 230 43.70 46.66 0.16
N LYS E 231 42.54 46.14 -0.29
CA LYS E 231 42.33 44.65 -0.31
C LYS E 231 43.08 43.93 -1.43
N VAL E 232 42.96 44.44 -2.64
CA VAL E 232 43.52 43.79 -3.82
C VAL E 232 44.57 44.61 -4.57
N GLY E 233 44.91 45.80 -4.11
CA GLY E 233 46.04 46.53 -4.67
C GLY E 233 45.60 47.71 -5.52
N ALA E 234 44.58 47.50 -6.33
CA ALA E 234 44.10 48.53 -7.24
C ALA E 234 42.68 48.20 -7.78
N MET E 235 41.94 49.24 -8.18
CA MET E 235 40.67 49.02 -8.88
C MET E 235 41.02 48.68 -10.31
N ARG E 236 40.08 48.07 -11.04
CA ARG E 236 40.24 47.94 -12.50
C ARG E 236 40.16 49.33 -13.15
N PRO E 237 40.90 49.52 -14.27
CA PRO E 237 40.73 50.75 -15.04
C PRO E 237 39.27 50.97 -15.38
N GLU E 238 38.80 52.21 -15.36
CA GLU E 238 37.44 52.53 -15.86
C GLU E 238 37.28 51.88 -17.30
N ALA E 239 36.23 51.12 -17.51
CA ALA E 239 35.99 50.48 -18.78
C ALA E 239 35.60 51.54 -19.84
N PRO E 240 35.92 51.29 -21.11
CA PRO E 240 35.45 52.22 -22.15
C PRO E 240 33.93 52.27 -22.14
N PRO E 241 33.34 53.44 -22.38
CA PRO E 241 31.89 53.52 -22.20
C PRO E 241 31.02 52.82 -23.27
N ILE E 242 29.84 52.40 -22.83
CA ILE E 242 28.81 51.91 -23.73
C ILE E 242 27.65 52.88 -23.61
N ASN E 243 27.48 53.71 -24.65
CA ASN E 243 26.48 54.80 -24.64
C ASN E 243 25.24 54.46 -25.44
N VAL E 244 24.14 54.44 -24.71
CA VAL E 244 22.82 54.13 -25.16
C VAL E 244 22.06 55.46 -25.17
N THR E 245 21.73 55.98 -26.36
CA THR E 245 21.05 57.25 -26.49
C THR E 245 19.69 57.11 -27.18
N GLN E 246 18.78 57.99 -26.81
CA GLN E 246 17.47 58.09 -27.43
C GLN E 246 17.31 59.53 -27.90
N PRO E 247 18.10 59.89 -28.93
CA PRO E 247 18.22 61.27 -29.40
C PRO E 247 16.93 61.89 -29.88
N GLU E 248 15.96 61.08 -30.28
CA GLU E 248 14.69 61.63 -30.75
C GLU E 248 13.60 61.27 -29.73
N GLY E 249 13.97 61.06 -28.48
CA GLY E 249 13.01 60.87 -27.42
C GLY E 249 12.52 59.42 -27.43
N VAL E 250 11.30 59.29 -26.90
CA VAL E 250 10.69 58.01 -26.55
C VAL E 250 9.35 57.92 -27.24
N SER E 251 8.79 56.70 -27.31
CA SER E 251 7.46 56.44 -27.89
C SER E 251 6.36 56.45 -26.84
N PHE E 252 6.69 56.37 -25.56
CA PHE E 252 5.62 56.45 -24.57
C PHE E 252 5.16 57.88 -24.28
N LYS E 253 3.90 58.00 -23.89
CA LYS E 253 3.31 59.27 -23.50
C LYS E 253 2.64 59.11 -22.10
N MET E 254 3.05 59.93 -21.14
CA MET E 254 2.38 60.10 -19.85
C MET E 254 1.46 61.32 -19.79
N THR E 255 0.27 61.13 -19.27
CA THR E 255 -0.64 62.20 -18.92
C THR E 255 -0.97 62.08 -17.36
N GLY E 256 -0.41 62.99 -16.55
CA GLY E 256 -0.31 62.83 -15.12
C GLY E 256 0.31 61.45 -14.85
N ASN E 257 -0.47 60.58 -14.24
CA ASN E 257 0.00 59.23 -13.92
C ASN E 257 -0.45 58.16 -14.94
N VAL E 258 -1.14 58.57 -15.99
CA VAL E 258 -1.62 57.63 -16.98
C VAL E 258 -0.58 57.46 -18.07
N MET E 259 -0.20 56.19 -18.33
CA MET E 259 0.75 55.80 -19.38
C MET E 259 0.04 55.25 -20.64
N GLU E 260 0.55 55.64 -21.82
CA GLU E 260 0.14 55.10 -23.10
C GLU E 260 1.38 54.70 -23.84
N TRP E 261 1.49 53.43 -24.18
CA TRP E 261 2.68 52.85 -24.84
C TRP E 261 2.34 51.55 -25.51
N SER E 262 2.64 51.44 -26.80
CA SER E 262 2.41 50.27 -27.63
C SER E 262 1.05 49.65 -27.41
N ASN E 263 0.02 50.51 -27.45
CA ASN E 263 -1.43 50.15 -27.33
C ASN E 263 -1.85 49.83 -25.89
N PHE E 264 -0.92 49.76 -24.96
CA PHE E 264 -1.24 49.70 -23.55
C PHE E 264 -1.58 51.07 -22.99
N LYS E 265 -2.55 51.09 -22.09
CA LYS E 265 -2.95 52.22 -21.34
C LYS E 265 -3.24 51.69 -19.92
N PHE E 266 -2.62 52.36 -18.95
CA PHE E 266 -2.78 52.06 -17.56
C PHE E 266 -2.39 53.23 -16.65
N HIS E 267 -2.77 53.11 -15.38
CA HIS E 267 -2.45 54.10 -14.36
C HIS E 267 -1.30 53.55 -13.47
N ILE E 268 -0.28 54.38 -13.31
CA ILE E 268 0.81 54.15 -12.39
C ILE E 268 0.55 54.89 -11.05
N GLY E 269 0.21 54.08 -10.05
CA GLY E 269 -0.02 54.58 -8.72
C GLY E 269 1.08 54.11 -7.82
N PHE E 270 1.01 54.48 -6.57
CA PHE E 270 2.08 54.25 -5.61
C PHE E 270 1.59 54.45 -4.21
N ASN E 271 1.91 53.50 -3.34
CA ASN E 271 1.65 53.72 -1.93
C ASN E 271 2.76 53.18 -0.99
N TYR E 272 2.63 53.59 0.29
CA TYR E 272 3.60 53.37 1.33
C TYR E 272 3.99 51.92 1.51
N ARG E 273 3.06 51.03 1.15
CA ARG E 273 3.13 49.61 1.45
C ARG E 273 3.53 48.74 0.31
N GLU E 274 2.70 48.73 -0.70
CA GLU E 274 2.98 47.96 -1.94
C GLU E 274 4.01 48.57 -2.85
N GLY E 275 4.26 49.87 -2.68
CA GLY E 275 5.06 50.58 -3.68
C GLY E 275 4.24 50.81 -4.94
N ILE E 276 4.72 50.35 -6.07
CA ILE E 276 4.04 50.57 -7.32
C ILE E 276 2.73 49.72 -7.41
N VAL E 277 1.68 50.40 -7.84
CA VAL E 277 0.40 49.82 -8.10
C VAL E 277 0.04 50.16 -9.54
N LEU E 278 -0.16 49.12 -10.35
CA LEU E 278 -0.64 49.34 -11.72
C LEU E 278 -2.12 49.02 -11.81
N SER E 279 -2.89 50.00 -12.30
CA SER E 279 -4.35 49.88 -12.39
C SER E 279 -4.92 50.10 -13.77
N ASP E 280 -6.11 49.52 -14.00
CA ASP E 280 -6.96 49.88 -15.15
C ASP E 280 -6.12 49.71 -16.44
N VAL E 281 -5.55 48.52 -16.60
CA VAL E 281 -4.70 48.13 -17.73
C VAL E 281 -5.58 47.59 -18.89
N SER E 282 -5.51 48.26 -20.03
CA SER E 282 -6.18 47.86 -21.25
C SER E 282 -5.21 47.84 -22.43
N TYR E 283 -5.55 47.12 -23.47
CA TYR E 283 -4.82 47.08 -24.71
C TYR E 283 -5.77 47.47 -25.87
N ASN E 284 -5.30 48.37 -26.72
CA ASN E 284 -6.10 48.89 -27.82
C ASN E 284 -5.85 48.00 -29.00
N ASP E 285 -6.75 47.07 -29.23
CA ASP E 285 -6.64 46.05 -30.30
C ASP E 285 -7.28 46.64 -31.55
N HIS E 286 -6.52 47.44 -32.28
CA HIS E 286 -6.96 48.07 -33.56
C HIS E 286 -8.26 48.74 -33.43
N GLY E 287 -8.43 49.46 -32.32
CA GLY E 287 -9.54 50.34 -32.08
C GLY E 287 -10.49 49.74 -31.08
N ASN E 288 -10.42 48.43 -30.83
CA ASN E 288 -11.23 47.86 -29.78
C ASN E 288 -10.38 47.83 -28.48
N VAL E 289 -10.75 48.69 -27.53
CA VAL E 289 -10.00 48.80 -26.29
C VAL E 289 -10.49 47.73 -25.33
N ARG E 290 -9.61 46.79 -25.01
CA ARG E 290 -9.99 45.61 -24.21
C ARG E 290 -9.32 45.64 -22.85
N PRO E 291 -10.12 45.56 -21.80
CA PRO E 291 -9.50 45.48 -20.48
C PRO E 291 -8.70 44.23 -20.34
N ILE E 292 -7.67 44.29 -19.50
CA ILE E 292 -6.88 43.14 -19.13
C ILE E 292 -6.89 42.96 -17.61
N PHE E 293 -6.33 43.94 -16.87
CA PHE E 293 -6.26 43.86 -15.41
C PHE E 293 -6.85 45.14 -14.80
N HIS E 294 -7.56 44.96 -13.71
CA HIS E 294 -8.03 46.14 -12.95
C HIS E 294 -6.93 46.58 -12.02
N ARG E 295 -6.16 45.63 -11.50
CA ARG E 295 -5.10 46.01 -10.53
C ARG E 295 -4.08 44.89 -10.40
N ILE E 296 -2.82 45.29 -10.29
CA ILE E 296 -1.72 44.39 -10.19
C ILE E 296 -0.61 45.06 -9.34
N SER E 297 -0.19 44.33 -8.34
CA SER E 297 0.91 44.79 -7.45
C SER E 297 1.49 43.65 -6.67
N LEU E 298 2.51 43.96 -5.90
CA LEU E 298 2.95 43.08 -4.83
C LEU E 298 2.23 43.45 -3.53
N SER E 299 1.65 42.50 -2.84
CA SER E 299 0.80 42.79 -1.68
C SER E 299 1.36 42.35 -0.34
N GLU E 300 2.35 41.47 -0.33
CA GLU E 300 3.01 41.00 0.92
C GLU E 300 4.25 40.23 0.50
N MET E 301 5.14 40.03 1.45
CA MET E 301 6.36 39.22 1.32
C MET E 301 6.60 38.48 2.61
N ILE E 302 7.40 37.41 2.55
CA ILE E 302 7.98 36.86 3.80
C ILE E 302 9.35 36.31 3.48
N VAL E 303 10.31 36.58 4.36
CA VAL E 303 11.68 36.10 4.16
C VAL E 303 12.07 35.25 5.38
N PRO E 304 11.72 33.96 5.34
CA PRO E 304 11.89 33.17 6.53
C PRO E 304 13.26 32.55 6.59
N TYR E 305 13.95 32.77 7.72
CA TYR E 305 15.26 32.21 7.97
C TYR E 305 15.17 30.76 8.44
N GLY E 306 16.24 30.01 8.16
CA GLY E 306 16.24 28.57 8.47
C GLY E 306 17.11 28.05 9.60
N SER E 307 17.54 28.90 10.53
CA SER E 307 18.22 28.39 11.66
C SER E 307 17.21 28.27 12.79
N PRO E 308 17.10 27.07 13.38
CA PRO E 308 16.19 26.82 14.45
C PRO E 308 16.62 27.42 15.82
N GLU E 309 17.84 27.91 15.93
CA GLU E 309 18.40 28.32 17.23
C GLU E 309 17.84 29.64 17.65
N PHE E 310 17.55 29.73 18.90
CA PHE E 310 16.93 30.92 19.48
C PHE E 310 17.86 32.12 19.46
N PRO E 311 17.36 33.32 19.18
CA PRO E 311 16.12 33.86 18.79
C PRO E 311 15.94 33.98 17.28
N HIS E 312 16.63 33.14 16.50
CA HIS E 312 16.59 33.36 15.05
C HIS E 312 15.27 33.01 14.38
N GLN E 313 14.37 32.36 15.09
CA GLN E 313 13.02 32.10 14.63
C GLN E 313 12.26 33.39 14.39
N ARG E 314 12.77 34.45 14.99
CA ARG E 314 12.15 35.77 14.83
C ARG E 314 12.63 36.49 13.59
N LYS E 315 13.47 35.86 12.80
CA LYS E 315 13.79 36.40 11.51
C LYS E 315 12.94 35.72 10.42
N HIS E 316 11.86 36.40 10.05
CA HIS E 316 10.93 36.03 9.01
C HIS E 316 10.14 37.28 8.60
N ALA E 317 10.89 38.26 8.05
CA ALA E 317 10.38 39.59 7.77
C ALA E 317 9.33 39.56 6.67
N LEU E 318 8.17 40.17 6.94
CA LEU E 318 7.19 40.46 5.92
C LEU E 318 7.44 41.90 5.49
N ASP E 319 8.46 42.03 4.67
CA ASP E 319 8.99 43.38 4.37
C ASP E 319 7.87 44.38 3.99
N ILE E 320 6.90 43.95 3.21
CA ILE E 320 5.89 44.88 2.70
C ILE E 320 4.97 45.31 3.84
N GLY E 321 4.47 44.36 4.61
CA GLY E 321 3.51 44.68 5.64
C GLY E 321 4.14 45.22 6.93
N GLU E 322 5.43 44.99 7.11
CA GLU E 322 6.10 45.41 8.34
C GLU E 322 6.96 46.68 8.22
N TYR E 323 7.43 47.03 7.00
CA TYR E 323 8.32 48.18 6.72
C TYR E 323 7.76 49.04 5.57
N GLY E 324 7.32 48.40 4.48
CA GLY E 324 6.62 49.11 3.39
C GLY E 324 7.52 49.37 2.20
N ALA E 325 7.19 48.79 1.05
CA ALA E 325 7.96 49.01 -0.18
C ALA E 325 7.96 50.44 -0.61
N GLY E 326 6.99 51.20 -0.15
CA GLY E 326 6.97 52.66 -0.38
C GLY E 326 7.85 53.44 0.58
N TYR E 327 7.57 53.26 1.87
CA TYR E 327 8.38 53.87 2.89
C TYR E 327 9.89 53.59 2.74
N MET E 328 10.24 52.39 2.30
N MET E 328 10.23 52.41 2.26
CA MET E 328 11.64 52.01 2.20
CA MET E 328 11.63 52.03 2.22
C MET E 328 12.28 52.45 0.88
C MET E 328 12.22 52.30 0.81
N THR E 329 11.49 53.04 -0.03
CA THR E 329 11.93 53.21 -1.40
C THR E 329 13.03 54.27 -1.56
N ASN E 330 13.97 53.99 -2.45
CA ASN E 330 15.16 54.81 -2.70
C ASN E 330 14.80 55.92 -3.67
N PRO E 331 15.29 57.13 -3.43
CA PRO E 331 15.27 58.16 -4.45
C PRO E 331 16.16 57.72 -5.56
N LEU E 332 15.67 57.67 -6.78
CA LEU E 332 16.46 57.13 -7.83
C LEU E 332 17.38 58.09 -8.59
N SER E 333 17.26 59.39 -8.40
CA SER E 333 18.03 60.31 -9.29
C SER E 333 19.54 59.98 -9.51
N LEU E 334 20.25 59.69 -8.43
CA LEU E 334 21.70 59.42 -8.42
C LEU E 334 21.98 57.93 -8.50
N GLY E 335 20.92 57.14 -8.65
CA GLY E 335 21.01 55.69 -8.48
C GLY E 335 21.56 54.92 -9.67
N CYS E 336 21.82 55.61 -10.81
CA CYS E 336 22.27 55.02 -12.08
C CYS E 336 21.41 53.88 -12.62
N ASP E 337 20.16 53.75 -12.19
CA ASP E 337 19.30 52.67 -12.78
C ASP E 337 18.05 53.16 -13.53
N CYS E 338 18.08 54.42 -13.93
CA CYS E 338 17.04 55.02 -14.75
C CYS E 338 17.83 55.75 -15.85
N LYS E 339 18.39 54.95 -16.74
CA LYS E 339 19.35 55.36 -17.76
C LYS E 339 18.51 55.83 -18.97
N GLY E 340 18.94 56.91 -19.64
CA GLY E 340 18.34 57.31 -20.91
C GLY E 340 17.35 58.47 -20.78
N VAL E 341 16.30 58.47 -21.58
CA VAL E 341 15.29 59.48 -21.47
C VAL E 341 14.12 58.83 -20.72
N ILE E 342 13.77 59.45 -19.61
CA ILE E 342 13.09 58.89 -18.44
C ILE E 342 11.88 59.72 -18.05
N HIS E 343 10.96 59.11 -17.30
CA HIS E 343 9.96 59.84 -16.56
C HIS E 343 10.03 59.37 -15.14
N TYR E 344 9.93 60.30 -14.20
CA TYR E 344 10.01 60.02 -12.77
C TYR E 344 8.68 60.37 -12.09
N LEU E 345 8.31 59.63 -11.05
CA LEU E 345 7.26 60.03 -10.16
C LEU E 345 7.78 60.15 -8.71
N ASP E 346 7.21 61.08 -7.96
CA ASP E 346 7.56 61.31 -6.56
C ASP E 346 6.57 60.58 -5.70
N ALA E 347 6.96 60.28 -4.48
CA ALA E 347 6.07 59.67 -3.57
C ALA E 347 5.89 60.59 -2.35
N HIS E 348 4.66 60.64 -1.84
CA HIS E 348 4.28 61.46 -0.68
C HIS E 348 3.58 60.62 0.39
N PHE E 349 4.09 60.81 1.60
CA PHE E 349 3.64 60.14 2.79
C PHE E 349 3.51 61.19 3.95
N SER E 350 3.12 60.72 5.13
CA SER E 350 3.02 61.55 6.31
C SER E 350 4.10 61.18 7.28
N ASP E 351 4.65 62.16 7.98
CA ASP E 351 5.54 61.77 9.05
C ASP E 351 4.73 61.64 10.35
N ARG E 352 5.40 61.31 11.44
CA ARG E 352 4.73 61.19 12.73
C ARG E 352 3.94 62.43 13.15
N ALA E 353 4.45 63.61 12.83
CA ALA E 353 3.77 64.85 13.25
C ALA E 353 2.58 65.23 12.38
N GLY E 354 2.33 64.46 11.34
CA GLY E 354 1.23 64.76 10.40
C GLY E 354 1.66 65.64 9.21
N ASP E 355 2.95 65.83 9.04
CA ASP E 355 3.35 66.66 7.90
C ASP E 355 3.79 65.81 6.67
N PRO E 356 3.48 66.28 5.45
CA PRO E 356 3.88 65.55 4.24
C PRO E 356 5.38 65.40 4.12
N ILE E 357 5.85 64.20 3.81
CA ILE E 357 7.19 63.99 3.35
C ILE E 357 7.17 63.43 1.92
N THR E 358 8.29 63.62 1.24
CA THR E 358 8.43 63.32 -0.17
C THR E 358 9.66 62.48 -0.37
N VAL E 359 9.51 61.42 -1.15
CA VAL E 359 10.67 60.78 -1.73
C VAL E 359 10.66 61.20 -3.19
N LYS E 360 11.66 61.97 -3.59
CA LYS E 360 11.81 62.43 -4.96
C LYS E 360 12.25 61.28 -5.88
N ASN E 361 11.61 61.15 -7.04
CA ASN E 361 12.03 60.22 -8.07
C ASN E 361 12.06 58.78 -7.56
N ALA E 362 10.92 58.37 -6.99
CA ALA E 362 10.78 57.06 -6.36
C ALA E 362 10.46 56.00 -7.37
N VAL E 363 9.87 56.42 -8.49
CA VAL E 363 9.52 55.57 -9.62
C VAL E 363 10.15 56.05 -10.91
N CYS E 364 10.85 55.13 -11.55
CA CYS E 364 11.50 55.33 -12.83
C CYS E 364 10.70 54.66 -13.93
N ILE E 365 10.37 55.40 -14.98
CA ILE E 365 9.71 54.87 -16.16
C ILE E 365 10.66 55.10 -17.36
N HIS E 366 10.97 54.05 -18.10
CA HIS E 366 11.79 54.21 -19.31
C HIS E 366 11.48 53.07 -20.28
N GLU E 367 12.02 53.19 -21.50
CA GLU E 367 11.89 52.16 -22.51
C GLU E 367 13.29 51.79 -22.99
N GLU E 368 13.49 50.51 -23.34
CA GLU E 368 14.75 49.89 -23.60
C GLU E 368 14.59 48.92 -24.76
N ASP E 369 15.69 48.68 -25.46
CA ASP E 369 15.76 47.60 -26.45
C ASP E 369 15.67 46.31 -25.69
N ASP E 370 14.89 45.39 -26.20
CA ASP E 370 14.71 44.08 -25.54
C ASP E 370 14.99 42.91 -26.50
N GLY E 371 15.93 43.05 -27.40
CA GLY E 371 16.29 41.90 -28.22
C GLY E 371 15.47 41.88 -29.49
N LEU E 372 15.30 40.67 -30.04
CA LEU E 372 14.36 40.41 -31.14
C LEU E 372 12.95 40.19 -30.67
N LEU E 373 12.03 40.85 -31.35
CA LEU E 373 10.58 40.58 -31.22
C LEU E 373 10.20 39.33 -32.04
N PHE E 374 10.68 39.28 -33.29
CA PHE E 374 10.49 38.15 -34.20
C PHE E 374 11.39 38.30 -35.44
N LYS E 375 11.62 37.16 -36.05
CA LYS E 375 12.40 37.02 -37.25
C LYS E 375 11.97 35.76 -38.01
N HIS E 376 12.01 35.83 -39.33
CA HIS E 376 11.98 34.61 -40.12
C HIS E 376 12.60 34.81 -41.49
N SER E 377 13.36 33.83 -41.94
CA SER E 377 13.97 33.92 -43.28
C SER E 377 13.75 32.61 -44.01
N ASP E 378 13.73 32.69 -45.35
CA ASP E 378 13.47 31.59 -46.25
C ASP E 378 14.77 31.00 -46.75
N PHE E 379 15.00 29.75 -46.42
CA PHE E 379 16.20 29.03 -46.88
C PHE E 379 16.30 29.01 -48.40
N ARG E 380 15.17 29.16 -49.08
CA ARG E 380 15.16 28.87 -50.51
C ARG E 380 16.05 29.82 -51.31
N ASP E 381 16.21 31.08 -50.87
CA ASP E 381 17.11 32.02 -51.55
C ASP E 381 18.18 32.42 -50.58
N ASN E 382 18.57 31.45 -49.77
CA ASN E 382 19.64 31.64 -48.90
C ASN E 382 19.39 32.81 -47.94
N PHE E 383 18.15 32.95 -47.45
CA PHE E 383 17.79 33.92 -46.43
C PHE E 383 17.79 35.36 -46.91
N ALA E 384 17.83 35.57 -48.23
CA ALA E 384 17.64 36.93 -48.78
C ALA E 384 16.19 37.34 -48.56
N THR E 385 15.27 36.37 -48.61
CA THR E 385 13.91 36.62 -48.15
C THR E 385 13.92 36.54 -46.60
N SER E 386 13.72 37.68 -45.95
CA SER E 386 13.94 37.82 -44.51
C SER E 386 13.18 39.02 -43.96
N LEU E 387 12.71 38.86 -42.74
CA LEU E 387 12.04 39.94 -41.97
C LEU E 387 12.47 39.84 -40.51
N VAL E 388 12.90 40.95 -39.96
CA VAL E 388 13.34 40.98 -38.59
C VAL E 388 12.89 42.31 -37.95
N THR E 389 12.33 42.17 -36.75
CA THR E 389 11.78 43.30 -36.02
C THR E 389 12.29 43.22 -34.59
N ARG E 390 12.94 44.28 -34.12
CA ARG E 390 13.47 44.37 -32.76
C ARG E 390 12.41 44.77 -31.77
N ALA E 391 12.51 44.27 -30.57
CA ALA E 391 11.54 44.58 -29.54
C ALA E 391 11.97 45.73 -28.72
N THR E 392 11.00 46.50 -28.30
CA THR E 392 11.16 47.49 -27.24
C THR E 392 10.30 47.08 -26.06
N LYS E 393 10.83 47.24 -24.86
CA LYS E 393 10.04 47.03 -23.61
C LYS E 393 9.92 48.32 -22.80
N LEU E 394 8.78 48.46 -22.12
CA LEU E 394 8.54 49.55 -21.19
C LEU E 394 8.73 49.05 -19.76
N VAL E 395 9.51 49.78 -19.00
CA VAL E 395 9.88 49.41 -17.67
C VAL E 395 9.40 50.47 -16.66
N VAL E 396 8.66 50.04 -15.65
CA VAL E 396 8.26 50.87 -14.51
C VAL E 396 8.90 50.24 -13.25
N SER E 397 9.82 50.96 -12.61
N SER E 397 9.79 50.98 -12.59
CA SER E 397 10.65 50.42 -11.52
CA SER E 397 10.67 50.41 -11.56
C SER E 397 10.72 51.27 -10.26
C SER E 397 10.90 51.28 -10.30
N GLN E 398 11.14 50.60 -9.20
CA GLN E 398 11.54 51.21 -7.96
C GLN E 398 12.62 50.28 -7.36
N ILE E 399 13.35 50.81 -6.40
CA ILE E 399 14.28 50.02 -5.59
C ILE E 399 14.05 50.39 -4.14
N PHE E 400 13.84 49.39 -3.30
CA PHE E 400 13.63 49.63 -1.90
C PHE E 400 14.67 48.85 -1.08
N THR E 401 15.06 49.48 0.01
CA THR E 401 16.10 49.00 0.85
C THR E 401 15.39 48.71 2.19
N ALA E 402 15.47 47.47 2.62
CA ALA E 402 15.00 47.04 3.91
C ALA E 402 16.21 46.60 4.78
N ALA E 403 16.69 47.55 5.57
CA ALA E 403 17.95 47.46 6.32
C ALA E 403 19.06 46.94 5.42
N ASN E 404 19.36 45.65 5.48
CA ASN E 404 20.48 45.11 4.67
C ASN E 404 20.12 44.84 3.17
N GLU E 406 18.37 44.95 -0.68
CA GLU E 406 17.89 45.85 -1.71
C GLU E 406 17.06 45.01 -2.66
N TYR E 407 15.79 45.43 -2.88
CA TYR E 407 14.91 44.77 -3.77
C TYR E 407 14.64 45.68 -4.95
N CYS E 408 15.02 45.22 -6.14
CA CYS E 408 14.95 46.08 -7.36
C CYS E 408 13.78 45.53 -8.17
N LEU E 409 12.71 46.32 -8.25
CA LEU E 409 11.44 45.83 -8.85
C LEU E 409 11.18 46.49 -10.21
N TYR E 410 11.00 45.65 -11.23
CA TYR E 410 10.82 46.07 -12.61
C TYR E 410 9.54 45.50 -13.18
N TRP E 411 8.53 46.34 -13.37
CA TRP E 411 7.34 45.93 -14.07
C TRP E 411 7.60 46.23 -15.56
N VAL E 412 7.39 45.22 -16.42
CA VAL E 412 7.83 45.29 -17.82
C VAL E 412 6.69 44.96 -18.73
N PHE E 413 6.42 45.88 -19.63
CA PHE E 413 5.40 45.66 -20.65
C PHE E 413 6.11 45.39 -21.94
N MET E 414 5.51 44.56 -22.76
CA MET E 414 6.16 44.04 -23.95
C MET E 414 5.26 44.14 -25.16
N GLN E 415 5.86 44.17 -26.37
CA GLN E 415 5.09 44.47 -27.59
C GLN E 415 4.34 43.30 -28.16
N ASP E 416 4.56 42.13 -27.60
CA ASP E 416 3.71 40.98 -27.91
C ASP E 416 2.47 40.95 -27.00
N GLY E 417 2.27 41.98 -26.21
CA GLY E 417 1.11 42.05 -25.34
C GLY E 417 1.30 41.41 -23.96
N ALA E 418 2.43 40.77 -23.75
CA ALA E 418 2.80 40.20 -22.43
C ALA E 418 3.28 41.23 -21.36
N ILE E 419 3.09 40.86 -20.12
CA ILE E 419 3.56 41.64 -18.97
C ILE E 419 4.39 40.74 -18.05
N ARG E 420 5.48 41.27 -17.57
CA ARG E 420 6.50 40.50 -16.84
C ARG E 420 6.83 41.33 -15.59
N LEU E 421 7.02 40.67 -14.45
CA LEU E 421 7.66 41.26 -13.30
C LEU E 421 9.08 40.63 -13.17
N ASP E 422 10.08 41.49 -13.16
CA ASP E 422 11.48 41.13 -13.08
C ASP E 422 11.97 41.70 -11.74
N ILE E 423 12.55 40.86 -10.88
CA ILE E 423 13.09 41.35 -9.65
C ILE E 423 14.57 41.00 -9.57
N ARG E 424 15.36 41.95 -9.11
CA ARG E 424 16.74 41.65 -8.78
C ARG E 424 17.02 41.88 -7.33
N LEU E 425 17.53 40.86 -6.67
CA LEU E 425 17.95 40.99 -5.26
C LEU E 425 19.40 41.32 -5.15
N THR E 426 19.72 42.35 -4.36
CA THR E 426 21.11 42.70 -4.06
C THR E 426 21.24 43.21 -2.61
N GLY E 427 22.17 44.09 -2.30
CA GLY E 427 22.42 44.45 -0.91
C GLY E 427 23.33 43.50 -0.19
N ILE E 428 23.11 43.41 1.12
CA ILE E 428 23.99 42.67 2.00
C ILE E 428 23.26 41.53 2.71
N LEU E 429 23.90 40.37 2.81
CA LEU E 429 23.38 39.25 3.59
C LEU E 429 23.15 39.70 5.02
N ASN E 430 22.02 39.28 5.58
CA ASN E 430 21.83 39.28 7.03
C ASN E 430 22.82 38.29 7.65
N THR E 431 23.56 38.76 8.64
CA THR E 431 24.56 37.94 9.28
C THR E 431 24.42 37.97 10.82
N TYR E 432 24.95 36.89 11.40
CA TYR E 432 25.01 36.70 12.86
C TYR E 432 26.41 36.17 13.15
N ILE E 433 26.84 36.28 14.41
CA ILE E 433 28.22 35.90 14.77
C ILE E 433 28.42 34.38 14.80
N LEU E 434 29.60 33.96 14.45
CA LEU E 434 30.05 32.57 14.44
C LEU E 434 31.37 32.48 15.19
N GLY E 435 31.39 31.61 16.20
CA GLY E 435 32.57 31.43 17.03
C GLY E 435 33.70 30.83 16.21
N ASP E 436 34.92 31.07 16.69
CA ASP E 436 36.15 30.55 16.02
C ASP E 436 36.00 29.05 15.72
N ASP E 437 35.40 28.29 16.61
CA ASP E 437 35.40 26.85 16.40
C ASP E 437 34.05 26.35 15.94
N GLU E 438 33.11 27.27 15.63
CA GLU E 438 31.73 26.90 15.44
C GLU E 438 31.47 26.58 13.95
N GLU E 439 30.73 25.50 13.72
CA GLU E 439 30.26 25.10 12.40
C GLU E 439 28.97 25.87 12.07
N ALA E 440 28.93 26.58 10.93
CA ALA E 440 27.69 27.22 10.50
C ALA E 440 26.59 26.25 9.97
N GLY E 441 27.02 25.15 9.30
CA GLY E 441 26.12 24.31 8.46
C GLY E 441 25.44 23.50 9.52
N PRO E 442 24.28 22.91 9.21
CA PRO E 442 23.66 22.98 7.91
C PRO E 442 22.69 24.18 7.72
N TRP E 443 22.55 25.04 8.71
CA TRP E 443 21.56 26.15 8.67
C TRP E 443 22.06 27.46 8.10
N GLY E 444 23.35 27.50 7.78
CA GLY E 444 23.99 28.70 7.35
C GLY E 444 25.36 28.47 6.74
N THR E 445 25.98 29.56 6.26
CA THR E 445 27.30 29.48 5.61
C THR E 445 28.28 30.44 6.26
N ARG E 446 29.52 29.95 6.44
CA ARG E 446 30.62 30.79 6.88
C ARG E 446 31.16 31.57 5.65
N VAL E 447 30.66 32.80 5.46
CA VAL E 447 31.03 33.62 4.28
C VAL E 447 32.23 34.52 4.45
N TYR E 448 32.70 34.58 5.71
CA TYR E 448 33.85 35.34 6.13
C TYR E 448 34.14 34.84 7.54
N PRO E 449 35.42 34.94 8.02
CA PRO E 449 35.64 34.48 9.39
C PRO E 449 34.75 35.14 10.46
N ASN E 450 34.20 34.29 11.34
CA ASN E 450 33.28 34.71 12.37
C ASN E 450 31.90 35.21 11.88
N VAL E 451 31.57 34.99 10.62
CA VAL E 451 30.32 35.46 10.04
C VAL E 451 29.47 34.28 9.55
N ASN E 452 28.26 34.14 10.09
CA ASN E 452 27.34 33.10 9.69
C ASN E 452 26.20 33.77 9.00
N ALA E 453 26.06 33.50 7.71
CA ALA E 453 24.91 33.93 6.88
C ALA E 453 23.88 32.81 6.83
N HIS E 454 22.77 32.99 7.54
CA HIS E 454 21.78 31.94 7.67
C HIS E 454 21.01 31.72 6.36
N ASN E 455 20.67 30.47 6.12
CA ASN E 455 19.73 30.08 5.08
C ASN E 455 18.39 30.85 5.23
N HIS E 456 17.84 31.24 4.11
CA HIS E 456 16.49 31.84 4.09
C HIS E 456 15.80 31.74 2.76
N GLN E 457 14.50 31.97 2.76
CA GLN E 457 13.75 32.12 1.50
C GLN E 457 13.32 33.58 1.36
N HIS E 458 13.19 34.03 0.10
CA HIS E 458 12.49 35.26 -0.24
C HIS E 458 11.25 34.90 -1.03
N LEU E 459 10.09 35.09 -0.41
CA LEU E 459 8.80 34.79 -1.00
C LEU E 459 7.95 36.07 -1.11
N PHE E 460 7.19 36.16 -2.20
CA PHE E 460 6.44 37.35 -2.62
C PHE E 460 5.00 36.90 -2.98
N SER E 461 4.00 37.73 -2.64
CA SER E 461 2.65 37.53 -3.04
C SER E 461 2.22 38.60 -4.05
N LEU E 462 2.22 38.19 -5.32
CA LEU E 462 1.66 38.97 -6.43
C LEU E 462 0.12 38.94 -6.39
N ARG E 463 -0.49 40.13 -6.39
CA ARG E 463 -1.92 40.26 -6.29
C ARG E 463 -2.48 40.76 -7.60
N ILE E 464 -3.22 39.90 -8.24
CA ILE E 464 -3.84 40.23 -9.57
C ILE E 464 -5.35 40.30 -9.38
N ASP E 465 -5.88 41.47 -9.76
CA ASP E 465 -7.31 41.67 -9.91
C ASP E 465 -7.61 41.74 -11.40
N PRO E 466 -8.08 40.65 -11.97
CA PRO E 466 -8.15 40.61 -13.40
C PRO E 466 -9.47 41.10 -13.94
N ARG E 467 -9.44 41.44 -15.22
CA ARG E 467 -10.62 41.85 -15.95
C ARG E 467 -10.40 41.45 -17.41
N ILE E 468 -10.17 40.13 -17.60
CA ILE E 468 -9.73 39.63 -18.90
C ILE E 468 -10.76 39.82 -20.03
N ASP E 469 -10.48 40.75 -20.92
CA ASP E 469 -11.44 41.12 -21.96
C ASP E 469 -12.81 41.48 -21.30
N GLY E 470 -12.80 42.05 -20.11
CA GLY E 470 -14.04 42.41 -19.47
C GLY E 470 -14.38 41.56 -18.26
N ASP E 471 -15.64 41.63 -17.85
CA ASP E 471 -16.05 41.14 -16.56
C ASP E 471 -16.54 39.72 -16.59
N GLY E 472 -16.34 39.04 -15.50
CA GLY E 472 -16.69 37.63 -15.41
C GLY E 472 -15.48 36.81 -15.83
N ASN E 473 -14.61 36.50 -14.85
CA ASN E 473 -13.45 35.71 -15.07
C ASN E 473 -13.44 34.38 -14.24
N SER E 474 -12.54 33.49 -14.63
CA SER E 474 -12.19 32.24 -13.99
C SER E 474 -10.69 32.01 -14.06
N ALA E 475 -10.24 31.03 -13.31
CA ALA E 475 -8.88 30.58 -13.35
C ALA E 475 -8.78 29.09 -13.42
N ALA E 476 -7.59 28.65 -13.88
CA ALA E 476 -7.30 27.27 -14.05
C ALA E 476 -5.84 26.94 -13.99
N ALA E 477 -5.57 25.69 -13.67
CA ALA E 477 -4.25 25.10 -13.84
C ALA E 477 -4.18 24.37 -15.16
N CYS E 478 -3.01 24.42 -15.82
CA CYS E 478 -2.78 23.80 -17.12
C CYS E 478 -1.59 22.88 -16.96
N ASP E 479 -1.79 21.59 -17.16
CA ASP E 479 -0.74 20.60 -16.89
C ASP E 479 -0.44 19.80 -18.18
N ALA E 480 0.80 19.79 -18.61
CA ALA E 480 1.20 18.89 -19.72
C ALA E 480 1.17 17.44 -19.31
N LYS E 481 0.48 16.62 -20.08
CA LYS E 481 0.30 15.20 -19.86
C LYS E 481 0.44 14.37 -21.15
N SER E 482 1.11 13.22 -21.05
CA SER E 482 1.14 12.23 -22.14
C SER E 482 -0.28 11.73 -22.24
N SER E 483 -0.69 11.32 -23.43
CA SER E 483 -1.91 10.55 -23.56
C SER E 483 -2.00 9.41 -22.55
N PRO E 484 -3.18 9.11 -22.04
CA PRO E 484 -3.29 7.95 -21.18
C PRO E 484 -3.20 6.61 -21.94
N TYR E 485 -3.36 6.64 -23.26
CA TYR E 485 -3.26 5.42 -24.06
C TYR E 485 -1.80 4.94 -24.24
N PRO E 486 -1.57 3.62 -24.18
CA PRO E 486 -0.22 3.18 -24.19
C PRO E 486 0.41 3.17 -25.55
N LEU E 487 1.73 3.16 -25.54
CA LEU E 487 2.52 2.84 -26.70
C LEU E 487 1.92 1.60 -27.40
N GLY E 488 1.67 1.73 -28.70
CA GLY E 488 1.28 0.64 -29.54
C GLY E 488 -0.23 0.44 -29.61
N SER E 489 -0.97 1.29 -28.96
CA SER E 489 -2.41 1.29 -29.07
C SER E 489 -2.75 1.97 -30.39
N PRO E 490 -3.91 1.67 -30.96
CA PRO E 490 -4.42 2.46 -32.11
C PRO E 490 -4.49 3.95 -31.83
N GLU E 491 -4.68 4.30 -30.59
CA GLU E 491 -4.76 5.72 -30.18
C GLU E 491 -3.46 6.49 -30.02
N ASN E 492 -2.35 5.73 -29.84
CA ASN E 492 -1.03 6.32 -29.54
C ASN E 492 0.09 5.36 -29.99
N MET E 493 0.11 5.10 -31.28
CA MET E 493 0.84 3.97 -31.78
C MET E 493 2.31 4.09 -31.45
N TYR E 494 2.87 5.29 -31.65
CA TYR E 494 4.27 5.55 -31.47
C TYR E 494 4.55 6.22 -30.14
N GLY E 495 3.51 6.36 -29.34
CA GLY E 495 3.70 6.74 -27.96
C GLY E 495 4.10 8.18 -27.77
N ASN E 496 3.85 9.03 -28.75
CA ASN E 496 4.28 10.43 -28.70
C ASN E 496 3.16 11.41 -28.35
N ALA E 497 1.93 10.95 -28.26
CA ALA E 497 0.84 11.89 -28.03
C ALA E 497 0.87 12.59 -26.67
N PHE E 498 0.58 13.88 -26.70
CA PHE E 498 0.47 14.59 -25.45
C PHE E 498 -0.44 15.83 -25.61
N TYR E 499 -0.97 16.28 -24.48
CA TYR E 499 -1.98 17.33 -24.44
C TYR E 499 -1.82 18.20 -23.20
N SER E 500 -2.59 19.29 -23.14
CA SER E 500 -2.65 20.13 -21.97
C SER E 500 -3.94 19.90 -21.25
N GLU E 501 -3.83 19.40 -20.04
CA GLU E 501 -4.98 19.21 -19.23
C GLU E 501 -5.29 20.47 -18.42
N LYS E 502 -6.47 21.00 -18.64
CA LYS E 502 -6.89 22.26 -17.98
C LYS E 502 -7.91 21.94 -16.87
N THR E 503 -7.60 22.36 -15.64
CA THR E 503 -8.47 22.12 -14.48
C THR E 503 -8.97 23.46 -14.09
N THR E 504 -10.18 23.82 -14.53
CA THR E 504 -10.82 25.05 -14.11
C THR E 504 -11.22 25.03 -12.63
N PHE E 505 -10.91 26.07 -11.88
CA PHE E 505 -11.29 26.12 -10.48
C PHE E 505 -12.72 26.58 -10.33
N LYS E 506 -13.51 25.82 -9.58
CA LYS E 506 -14.93 26.10 -9.37
C LYS E 506 -15.14 26.77 -8.01
N THR E 507 -14.55 26.19 -6.96
CA THR E 507 -14.51 26.84 -5.64
C THR E 507 -13.07 27.19 -5.25
N VAL E 508 -12.96 28.03 -4.22
CA VAL E 508 -11.66 28.46 -3.69
C VAL E 508 -10.74 27.31 -3.44
N LYS E 509 -11.25 26.30 -2.78
CA LYS E 509 -10.43 25.17 -2.41
C LYS E 509 -9.72 24.56 -3.60
N ASP E 510 -10.41 24.45 -4.73
CA ASP E 510 -9.81 23.93 -5.96
C ASP E 510 -8.57 24.72 -6.41
N SER E 511 -8.52 26.03 -6.14
CA SER E 511 -7.40 26.89 -6.62
C SER E 511 -6.06 26.73 -5.91
N LEU E 512 -6.08 26.08 -4.74
CA LEU E 512 -4.93 26.07 -3.86
C LEU E 512 -3.96 25.04 -4.39
N THR E 513 -3.07 25.51 -5.24
CA THR E 513 -2.25 24.66 -6.06
C THR E 513 -0.83 25.20 -6.06
N ASN E 514 0.10 24.30 -6.34
CA ASN E 514 1.52 24.57 -6.47
C ASN E 514 2.06 24.33 -7.88
N TYR E 515 3.10 25.08 -8.18
CA TYR E 515 3.89 24.78 -9.31
C TYR E 515 4.36 23.30 -9.26
N GLU E 516 4.23 22.62 -10.40
CA GLU E 516 4.74 21.29 -10.58
C GLU E 516 5.65 21.15 -11.80
N SER E 517 6.92 20.80 -11.55
CA SER E 517 7.83 20.54 -12.63
C SER E 517 7.36 19.35 -13.48
N ALA E 518 6.76 18.36 -12.86
CA ALA E 518 6.41 17.14 -13.57
C ALA E 518 5.37 17.38 -14.70
N THR E 519 4.68 18.50 -14.67
CA THR E 519 3.68 18.81 -15.70
C THR E 519 3.93 20.16 -16.34
N GLY E 520 5.02 20.83 -15.96
CA GLY E 520 5.34 22.18 -16.36
C GLY E 520 4.19 23.11 -16.15
N ARG E 521 3.58 23.03 -14.99
CA ARG E 521 2.33 23.69 -14.76
C ARG E 521 2.38 25.19 -15.05
N SER E 522 1.31 25.63 -15.67
CA SER E 522 1.06 27.05 -15.84
C SER E 522 -0.37 27.30 -15.36
N TRP E 523 -0.75 28.56 -15.16
CA TRP E 523 -2.11 28.89 -14.79
C TRP E 523 -2.77 29.88 -15.76
N ASP E 524 -4.06 29.70 -16.02
CA ASP E 524 -4.75 30.62 -16.94
C ASP E 524 -5.69 31.49 -16.13
N ILE E 525 -5.77 32.77 -16.52
CA ILE E 525 -6.81 33.63 -16.09
C ILE E 525 -7.58 34.03 -17.34
N PHE E 526 -8.88 33.70 -17.36
CA PHE E 526 -9.68 33.69 -18.61
C PHE E 526 -11.11 34.17 -18.46
N ASN E 527 -11.71 34.55 -19.58
CA ASN E 527 -13.08 35.04 -19.57
C ASN E 527 -13.96 33.96 -20.19
N PRO E 528 -14.70 33.17 -19.38
CA PRO E 528 -15.48 32.14 -20.01
C PRO E 528 -16.70 32.63 -20.81
N ASN E 529 -16.95 33.95 -20.86
CA ASN E 529 -18.00 34.53 -21.59
C ASN E 529 -17.70 34.78 -23.06
N LYS E 530 -16.46 34.50 -23.48
CA LYS E 530 -15.99 34.86 -24.77
C LYS E 530 -15.22 33.70 -25.33
N VAL E 531 -15.08 33.76 -26.65
CA VAL E 531 -14.42 32.70 -27.43
CA VAL E 531 -14.35 32.74 -27.37
C VAL E 531 -13.51 33.29 -28.52
N ASN E 532 -12.30 32.76 -28.67
CA ASN E 532 -11.43 33.15 -29.74
C ASN E 532 -12.01 32.55 -31.02
N PRO E 533 -12.24 33.41 -32.05
CA PRO E 533 -12.89 32.87 -33.23
C PRO E 533 -12.00 31.91 -33.99
N TYR E 534 -10.69 31.92 -33.82
CA TYR E 534 -9.88 30.91 -34.49
C TYR E 534 -9.79 29.63 -33.67
N SER E 535 -9.32 29.75 -32.43
CA SER E 535 -9.02 28.54 -31.65
C SER E 535 -10.20 27.95 -30.91
N GLY E 536 -11.27 28.74 -30.74
CA GLY E 536 -12.41 28.29 -29.99
C GLY E 536 -12.20 28.23 -28.46
N LYS E 537 -11.13 28.80 -27.96
CA LYS E 537 -10.85 28.84 -26.52
C LYS E 537 -11.14 30.21 -25.97
N PRO E 538 -11.26 30.30 -24.66
CA PRO E 538 -11.57 31.65 -24.14
C PRO E 538 -10.32 32.49 -24.14
N PRO E 539 -10.44 33.79 -24.32
CA PRO E 539 -9.28 34.63 -24.19
C PRO E 539 -8.70 34.58 -22.77
N SER E 540 -7.38 34.63 -22.69
CA SER E 540 -6.68 34.40 -21.42
C SER E 540 -5.37 35.12 -21.39
N TYR E 541 -4.94 35.44 -20.17
CA TYR E 541 -3.54 35.68 -19.88
C TYR E 541 -3.07 34.46 -19.07
N LYS E 542 -1.91 33.92 -19.44
CA LYS E 542 -1.38 32.75 -18.84
C LYS E 542 -0.19 33.13 -17.97
N LEU E 543 -0.23 32.70 -16.71
CA LEU E 543 0.91 32.90 -15.82
C LEU E 543 1.93 31.78 -16.03
N VAL E 544 3.13 32.17 -16.43
CA VAL E 544 4.27 31.33 -16.64
C VAL E 544 5.33 31.77 -15.60
N SER E 545 5.52 30.89 -14.63
CA SER E 545 6.24 31.18 -13.43
C SER E 545 6.77 29.88 -12.91
N THR E 546 8.10 29.77 -12.89
CA THR E 546 8.77 28.57 -12.38
C THR E 546 9.56 28.81 -11.08
N GLN E 547 9.82 30.05 -10.68
CA GLN E 547 10.59 30.25 -9.46
C GLN E 547 9.57 30.30 -8.33
N CYS E 548 9.12 29.09 -7.94
CA CYS E 548 8.00 28.93 -7.06
C CYS E 548 8.39 27.93 -5.94
N PRO E 549 9.17 28.39 -4.94
CA PRO E 549 9.64 27.46 -3.89
C PRO E 549 8.49 26.97 -3.04
N PRO E 550 8.53 25.71 -2.65
CA PRO E 550 7.66 25.33 -1.53
C PRO E 550 8.07 26.10 -0.27
N LEU E 551 7.12 26.36 0.59
CA LEU E 551 7.41 26.98 1.86
C LEU E 551 8.08 25.91 2.71
N LEU E 552 9.32 26.11 3.13
CA LEU E 552 10.07 25.03 3.83
C LEU E 552 9.66 24.94 5.28
N ALA E 553 9.22 26.04 5.89
CA ALA E 553 8.75 25.97 7.26
C ALA E 553 7.53 25.03 7.40
N LYS E 554 7.44 24.28 8.48
CA LYS E 554 6.35 23.31 8.63
C LYS E 554 4.97 23.91 8.95
N GLU E 555 3.96 23.11 8.72
CA GLU E 555 2.61 23.42 9.04
C GLU E 555 2.58 23.63 10.55
N GLY E 556 1.87 24.67 10.98
CA GLY E 556 1.82 25.06 12.40
C GLY E 556 2.97 25.95 12.81
N SER E 557 3.96 26.14 11.96
CA SER E 557 5.05 26.98 12.36
C SER E 557 4.55 28.40 12.32
N LEU E 558 5.33 29.21 12.95
CA LEU E 558 5.07 30.62 13.03
C LEU E 558 5.05 31.27 11.67
N VAL E 559 6.00 30.84 10.82
CA VAL E 559 6.08 31.31 9.44
C VAL E 559 4.83 30.93 8.69
N ALA E 560 4.41 29.67 8.80
CA ALA E 560 3.24 29.22 8.04
C ALA E 560 1.94 29.87 8.52
N LYS E 561 1.90 30.19 9.81
CA LYS E 561 0.72 30.85 10.37
C LYS E 561 0.54 32.33 10.01
N ARG E 562 1.64 33.04 10.07
CA ARG E 562 1.63 34.46 9.76
C ARG E 562 1.58 34.71 8.24
N ALA E 563 1.90 33.71 7.40
CA ALA E 563 1.81 33.89 5.95
C ALA E 563 1.04 32.73 5.31
N PRO E 564 -0.30 32.70 5.53
CA PRO E 564 -1.13 31.57 5.10
C PRO E 564 -1.12 31.51 3.55
N TRP E 565 -0.92 32.65 2.90
CA TRP E 565 -0.80 32.73 1.45
C TRP E 565 0.43 31.98 0.85
N ALA E 566 1.47 31.85 1.64
CA ALA E 566 2.77 31.38 1.15
C ALA E 566 2.85 29.88 0.96
N SER E 567 1.93 29.14 1.52
CA SER E 567 2.05 27.71 1.38
C SER E 567 1.43 27.11 0.12
N HIS E 568 0.89 27.95 -0.78
CA HIS E 568 0.50 27.50 -2.12
C HIS E 568 1.06 28.52 -3.09
N SER E 569 1.35 28.06 -4.31
CA SER E 569 1.78 28.96 -5.39
C SER E 569 0.63 29.84 -5.88
N VAL E 570 -0.60 29.34 -5.80
CA VAL E 570 -1.76 30.08 -6.26
C VAL E 570 -2.90 29.89 -5.26
N ASN E 571 -3.54 31.00 -5.01
CA ASN E 571 -4.73 31.10 -4.13
C ASN E 571 -5.66 32.01 -4.89
N VAL E 572 -6.86 31.54 -5.17
CA VAL E 572 -7.84 32.42 -5.88
C VAL E 572 -9.09 32.56 -5.04
N VAL E 573 -9.48 33.79 -4.75
CA VAL E 573 -10.63 33.98 -3.87
C VAL E 573 -11.59 35.01 -4.49
N PRO E 574 -12.85 35.07 -4.00
CA PRO E 574 -13.76 36.11 -4.57
C PRO E 574 -13.28 37.50 -4.33
N TYR E 575 -13.56 38.41 -5.27
CA TYR E 575 -13.26 39.78 -5.06
C TYR E 575 -14.17 40.36 -3.97
N LYS E 576 -13.60 41.19 -3.11
CA LYS E 576 -14.34 42.12 -2.25
C LYS E 576 -13.50 43.37 -2.16
N ASP E 577 -14.13 44.52 -1.97
CA ASP E 577 -13.37 45.76 -1.80
C ASP E 577 -12.47 45.70 -0.56
N ASN E 578 -11.30 46.33 -0.65
CA ASN E 578 -10.27 46.24 0.40
C ASN E 578 -9.77 44.85 0.79
N ARG E 579 -9.75 43.91 -0.15
CA ARG E 579 -9.05 42.64 0.05
C ARG E 579 -7.63 42.77 -0.55
N LEU E 580 -6.78 43.45 0.18
CA LEU E 580 -5.47 43.80 -0.31
C LEU E 580 -4.39 42.95 0.27
N TYR E 581 -4.38 42.79 1.61
CA TYR E 581 -3.15 42.36 2.29
C TYR E 581 -3.33 41.01 2.94
N PRO E 582 -2.70 39.95 2.37
CA PRO E 582 -2.94 38.55 2.73
C PRO E 582 -2.46 38.08 4.08
N SER E 583 -1.60 38.87 4.74
CA SER E 583 -1.18 38.54 6.14
C SER E 583 -1.91 39.51 7.14
N GLY E 584 -2.94 40.18 6.64
CA GLY E 584 -3.72 41.09 7.48
C GLY E 584 -3.33 42.54 7.32
N ASP E 585 -4.16 43.40 7.85
CA ASP E 585 -3.95 44.82 7.72
C ASP E 585 -2.82 45.37 8.60
N HIS E 586 -2.67 44.76 9.78
CA HIS E 586 -1.61 45.17 10.74
C HIS E 586 -0.76 43.93 11.13
N VAL E 587 0.38 43.82 10.48
CA VAL E 587 1.14 42.61 10.48
C VAL E 587 2.08 42.45 11.68
N PRO E 588 2.81 43.50 12.09
CA PRO E 588 3.76 43.22 13.18
C PRO E 588 3.12 42.66 14.45
N GLN E 589 3.73 41.58 14.93
CA GLN E 589 3.48 40.98 16.21
C GLN E 589 2.19 40.19 16.24
N TRP E 590 1.53 40.01 15.09
CA TRP E 590 0.47 39.03 14.96
C TRP E 590 1.06 37.64 15.12
N SER E 591 0.47 36.84 16.01
CA SER E 591 0.94 35.46 16.22
C SER E 591 0.64 34.54 15.04
N GLY E 592 -0.23 34.97 14.14
CA GLY E 592 -0.70 34.09 13.08
C GLY E 592 -1.98 33.32 13.43
N ASP E 593 -2.46 33.43 14.68
CA ASP E 593 -3.71 32.83 15.08
C ASP E 593 -4.81 33.82 14.76
N GLY E 594 -5.86 33.30 14.06
CA GLY E 594 -7.02 34.07 13.71
C GLY E 594 -7.44 34.09 12.25
N VAL E 595 -8.70 34.38 12.06
CA VAL E 595 -9.30 34.44 10.70
C VAL E 595 -9.14 35.84 10.13
N ARG E 596 -8.12 36.09 9.33
CA ARG E 596 -7.95 37.41 8.75
C ARG E 596 -7.05 37.19 7.55
N GLY E 597 -6.92 38.21 6.74
CA GLY E 597 -6.16 38.08 5.51
C GLY E 597 -6.60 36.91 4.68
N MET E 598 -5.64 36.23 4.07
CA MET E 598 -5.99 35.15 3.15
C MET E 598 -6.80 34.02 3.80
N ARG E 599 -6.57 33.77 5.10
CA ARG E 599 -7.26 32.76 5.84
C ARG E 599 -8.75 33.08 5.90
N GLU E 600 -9.05 34.34 6.18
CA GLU E 600 -10.42 34.83 6.07
C GLU E 600 -10.97 34.67 4.68
N TRP E 601 -10.22 35.08 3.67
CA TRP E 601 -10.76 35.10 2.33
C TRP E 601 -11.06 33.71 1.81
N ILE E 602 -10.19 32.76 2.15
CA ILE E 602 -10.39 31.37 1.79
C ILE E 602 -11.59 30.78 2.52
N GLY E 603 -11.75 31.18 3.79
CA GLY E 603 -12.90 30.67 4.62
C GLY E 603 -12.88 29.16 4.66
N ASP E 604 -14.02 28.56 4.34
CA ASP E 604 -14.15 27.10 4.28
C ASP E 604 -13.85 26.49 2.88
N GLY E 605 -13.39 27.32 1.97
CA GLY E 605 -12.97 26.91 0.65
C GLY E 605 -14.08 26.64 -0.34
N SER E 606 -15.31 26.92 0.06
CA SER E 606 -16.51 26.51 -0.71
C SER E 606 -17.04 27.61 -1.65
N GLU E 607 -16.64 28.85 -1.51
CA GLU E 607 -17.21 29.90 -2.36
C GLU E 607 -16.80 29.80 -3.84
N ASN E 608 -17.72 30.19 -4.70
CA ASN E 608 -17.54 30.15 -6.13
C ASN E 608 -16.50 31.12 -6.61
N ILE E 609 -15.61 30.64 -7.47
CA ILE E 609 -14.71 31.53 -8.19
C ILE E 609 -14.72 31.31 -9.72
N ASP E 610 -15.78 30.66 -10.21
CA ASP E 610 -15.96 30.43 -11.64
C ASP E 610 -16.91 31.47 -12.22
N ASN E 611 -16.41 32.20 -13.20
CA ASN E 611 -17.13 33.24 -13.90
C ASN E 611 -17.70 34.34 -12.97
N THR E 612 -16.86 35.01 -12.20
CA THR E 612 -17.32 36.04 -11.28
C THR E 612 -16.10 37.05 -11.12
N ASP E 613 -16.17 37.96 -10.17
CA ASP E 613 -15.05 38.85 -9.88
C ASP E 613 -14.13 38.10 -8.92
N ILE E 614 -12.91 37.83 -9.36
CA ILE E 614 -11.99 37.04 -8.54
C ILE E 614 -10.70 37.85 -8.20
N LEU E 615 -9.91 37.33 -7.26
CA LEU E 615 -8.57 37.88 -6.93
C LEU E 615 -7.61 36.69 -7.00
N PHE E 616 -6.52 36.87 -7.72
CA PHE E 616 -5.54 35.81 -7.96
C PHE E 616 -4.26 36.17 -7.27
N PHE E 617 -3.92 35.44 -6.21
CA PHE E 617 -2.68 35.71 -5.48
C PHE E 617 -1.64 34.64 -5.73
N HIS E 618 -0.48 35.03 -6.25
CA HIS E 618 0.55 34.11 -6.65
C HIS E 618 1.80 34.24 -5.79
N THR E 619 2.24 33.13 -5.22
CA THR E 619 3.42 33.08 -4.37
C THR E 619 4.64 32.59 -5.21
N PHE E 620 5.66 33.43 -5.27
CA PHE E 620 6.85 33.11 -5.99
C PHE E 620 8.09 33.62 -5.24
N GLY E 621 9.30 33.21 -5.70
CA GLY E 621 10.51 33.63 -5.06
C GLY E 621 11.68 32.65 -5.21
N ILE E 622 12.63 32.76 -4.28
CA ILE E 622 13.82 31.91 -4.23
C ILE E 622 14.14 31.38 -2.83
N THR E 623 14.91 30.32 -2.83
CA THR E 623 15.54 29.84 -1.64
C THR E 623 17.03 30.15 -1.77
N HIS E 624 17.56 30.88 -0.79
CA HIS E 624 18.95 31.36 -0.80
C HIS E 624 19.83 30.63 0.20
N PHE E 625 20.79 29.85 -0.28
CA PHE E 625 21.77 29.23 0.52
C PHE E 625 23.05 30.06 0.26
N PRO E 626 23.43 30.92 1.22
CA PRO E 626 24.50 31.86 0.96
C PRO E 626 25.85 31.19 0.70
N ALA E 627 26.63 31.91 -0.09
CA ALA E 627 27.97 31.47 -0.46
C ALA E 627 28.87 32.70 -0.40
N PRO E 628 30.18 32.48 -0.39
CA PRO E 628 31.08 33.62 -0.22
C PRO E 628 30.97 34.67 -1.36
N GLU E 629 30.58 34.23 -2.56
CA GLU E 629 30.36 35.15 -3.68
C GLU E 629 29.40 36.26 -3.28
N ASP E 630 28.49 35.98 -2.31
CA ASP E 630 27.41 36.90 -1.94
C ASP E 630 27.92 38.01 -1.00
N PHE E 631 29.16 37.89 -0.53
CA PHE E 631 29.68 38.75 0.54
C PHE E 631 30.93 39.47 0.08
N PRO E 632 31.23 40.67 0.62
CA PRO E 632 30.43 41.49 1.54
C PRO E 632 29.18 42.19 0.93
N LEU E 633 29.04 42.17 -0.39
CA LEU E 633 27.98 42.86 -1.08
C LEU E 633 27.56 41.88 -2.14
N MET E 634 26.28 41.64 -2.28
CA MET E 634 25.90 40.59 -3.18
C MET E 634 25.54 40.97 -4.65
N PRO E 635 26.00 40.18 -5.58
CA PRO E 635 25.60 40.31 -6.99
C PRO E 635 24.12 40.09 -7.12
N ALA E 636 23.55 40.81 -8.05
CA ALA E 636 22.12 40.82 -8.22
C ALA E 636 21.70 39.42 -8.59
N GLU E 637 20.71 38.89 -7.90
CA GLU E 637 20.16 37.59 -8.23
C GLU E 637 18.73 37.81 -8.85
N PRO E 638 18.45 37.19 -9.98
CA PRO E 638 17.18 37.46 -10.67
C PRO E 638 15.99 36.61 -10.30
N ILE E 639 14.80 37.19 -10.38
CA ILE E 639 13.56 36.47 -10.22
C ILE E 639 12.61 37.01 -11.30
N THR E 640 11.85 36.10 -11.92
CA THR E 640 10.97 36.56 -12.97
C THR E 640 9.71 35.73 -13.09
N LEU E 641 8.65 36.39 -13.56
CA LEU E 641 7.41 35.69 -13.93
C LEU E 641 6.76 36.48 -15.05
N MET E 642 5.90 35.81 -15.79
CA MET E 642 5.31 36.45 -16.94
C MET E 642 3.83 36.16 -17.00
N LEU E 643 3.08 37.14 -17.48
CA LEU E 643 1.68 36.97 -17.86
C LEU E 643 1.55 37.19 -19.35
N ARG E 644 1.22 36.10 -20.08
CA ARG E 644 1.22 36.09 -21.57
C ARG E 644 -0.16 35.97 -22.13
N PRO E 645 -0.48 36.73 -23.18
CA PRO E 645 -1.77 36.53 -23.77
C PRO E 645 -1.83 35.26 -24.57
N ARG E 646 -2.81 34.43 -24.28
CA ARG E 646 -3.02 33.16 -25.03
C ARG E 646 -4.50 33.08 -25.36
N HIS E 647 -4.79 33.05 -26.65
CA HIS E 647 -6.10 33.07 -27.22
C HIS E 647 -6.83 34.41 -26.98
N PHE E 648 -6.06 35.41 -26.55
CA PHE E 648 -6.59 36.74 -26.38
C PHE E 648 -6.71 37.43 -27.74
N PHE E 649 -5.64 37.35 -28.49
CA PHE E 649 -5.60 37.90 -29.86
C PHE E 649 -5.86 36.81 -30.88
N THR E 650 -6.20 37.18 -32.12
CA THR E 650 -6.40 36.26 -33.23
C THR E 650 -5.07 36.09 -34.01
N GLU E 651 -4.06 36.93 -33.75
CA GLU E 651 -2.72 36.82 -34.40
C GLU E 651 -1.74 37.62 -33.60
N ASN E 652 -0.45 37.37 -33.81
CA ASN E 652 0.62 38.14 -33.24
C ASN E 652 0.32 39.63 -33.33
N PRO E 653 0.20 40.31 -32.20
CA PRO E 653 -0.23 41.71 -32.18
C PRO E 653 0.84 42.75 -32.52
N GLY E 654 2.07 42.30 -32.72
CA GLY E 654 3.19 43.17 -33.03
C GLY E 654 3.47 43.35 -34.51
N LEU E 655 2.69 42.72 -35.38
CA LEU E 655 3.06 42.67 -36.78
C LEU E 655 2.96 43.96 -37.56
N ASP E 656 2.26 44.94 -37.01
CA ASP E 656 2.17 46.30 -37.59
C ASP E 656 3.26 47.25 -37.09
N ILE E 657 4.21 46.72 -36.32
CA ILE E 657 5.42 47.44 -35.99
C ILE E 657 6.40 47.43 -37.17
N GLN E 658 7.00 48.58 -37.51
CA GLN E 658 7.86 48.61 -38.67
C GLN E 658 9.02 47.69 -38.45
N PRO E 659 9.31 46.89 -39.46
CA PRO E 659 10.45 45.98 -39.24
C PRO E 659 11.75 46.71 -39.23
N SER E 660 12.78 46.13 -38.62
CA SER E 660 14.10 46.69 -38.71
C SER E 660 14.75 46.45 -40.09
N TYR E 661 14.39 45.32 -40.73
CA TYR E 661 14.82 44.94 -42.03
C TYR E 661 13.75 44.02 -42.57
N ALA E 662 13.38 44.26 -43.83
CA ALA E 662 12.40 43.41 -44.49
C ALA E 662 12.73 43.31 -45.97
N MET E 663 12.89 42.09 -46.47
CA MET E 663 12.96 41.83 -47.90
C MET E 663 12.06 40.64 -48.32
N THR E 664 11.12 40.89 -49.24
CA THR E 664 10.27 39.83 -49.81
C THR E 664 11.03 38.98 -50.84
N THR E 665 10.44 37.85 -51.19
CA THR E 665 10.97 36.99 -52.25
C THR E 665 11.11 37.73 -53.62
N SER E 666 10.10 38.51 -53.97
CA SER E 666 10.07 39.25 -55.19
C SER E 666 11.12 40.30 -55.17
N GLU E 667 11.25 41.05 -54.09
CA GLU E 667 12.29 42.06 -54.02
C GLU E 667 13.67 41.42 -54.13
N ALA E 668 13.85 40.29 -53.47
CA ALA E 668 15.15 39.62 -53.49
C ALA E 668 15.54 39.23 -54.95
N LYS E 669 14.58 38.72 -55.72
CA LYS E 669 14.79 38.40 -57.12
C LYS E 669 15.12 39.70 -57.85
N ARG E 670 14.28 40.69 -57.73
CA ARG E 670 14.53 41.99 -58.36
C ARG E 670 15.94 42.50 -58.18
N ALA E 671 16.54 42.35 -57.01
CA ALA E 671 17.92 42.78 -56.81
C ALA E 671 18.92 41.81 -57.46
N VAL E 672 18.53 41.25 -58.63
CA VAL E 672 19.33 40.32 -59.48
C VAL E 672 19.89 39.20 -58.60
N ALA F 17 50.36 22.04 -49.20
CA ALA F 17 50.41 21.78 -47.71
C ALA F 17 49.94 23.03 -46.91
N PRO F 18 48.67 23.03 -46.43
CA PRO F 18 48.07 24.30 -46.00
C PRO F 18 48.70 24.81 -44.70
N ALA F 19 48.69 26.12 -44.45
CA ALA F 19 49.30 26.68 -43.24
C ALA F 19 48.61 26.18 -41.96
N ARG F 20 49.38 26.06 -40.88
CA ARG F 20 48.82 25.77 -39.57
C ARG F 20 48.01 26.97 -39.05
N PRO F 21 46.95 26.71 -38.31
CA PRO F 21 46.20 27.80 -37.72
C PRO F 21 46.98 28.46 -36.62
N ALA F 22 46.57 29.65 -36.22
CA ALA F 22 47.12 30.30 -35.00
C ALA F 22 46.89 29.45 -33.74
N HIS F 23 45.80 28.68 -33.68
CA HIS F 23 45.43 27.95 -32.47
C HIS F 23 44.90 26.57 -32.83
N PRO F 24 45.31 25.50 -32.08
CA PRO F 24 44.87 24.13 -32.39
C PRO F 24 43.36 23.90 -32.44
N LEU F 25 42.57 24.79 -31.87
CA LEU F 25 41.10 24.62 -31.79
C LEU F 25 40.42 25.48 -32.83
N ASP F 26 41.20 26.24 -33.60
CA ASP F 26 40.59 27.02 -34.64
C ASP F 26 39.88 26.09 -35.68
N PRO F 27 38.70 26.46 -36.17
CA PRO F 27 38.07 25.74 -37.25
C PRO F 27 38.97 25.63 -38.47
N LEU F 28 38.70 24.65 -39.33
CA LEU F 28 39.42 24.54 -40.59
C LEU F 28 39.26 25.78 -41.44
N SER F 29 40.37 26.24 -42.01
CA SER F 29 40.33 27.35 -42.95
C SER F 29 39.78 26.87 -44.29
N THR F 30 39.49 27.81 -45.17
CA THR F 30 39.04 27.50 -46.51
C THR F 30 40.14 26.69 -47.24
N ALA F 31 41.38 27.00 -46.90
CA ALA F 31 42.52 26.29 -47.52
C ALA F 31 42.66 24.94 -46.99
N GLU F 32 42.33 24.77 -45.71
CA GLU F 32 42.46 23.46 -45.13
C GLU F 32 41.33 22.59 -45.64
N ILE F 33 40.14 23.15 -45.80
CA ILE F 33 39.03 22.39 -46.30
C ILE F 33 39.39 21.88 -47.72
N LYS F 34 39.90 22.78 -48.55
CA LYS F 34 40.34 22.42 -49.87
C LYS F 34 41.39 21.34 -49.92
N ALA F 35 42.42 21.49 -49.12
CA ALA F 35 43.43 20.47 -49.04
C ALA F 35 42.86 19.08 -48.64
N ALA F 36 41.94 19.09 -47.69
CA ALA F 36 41.38 17.85 -47.16
C ALA F 36 40.59 17.17 -48.25
N THR F 37 39.74 17.92 -48.95
CA THR F 37 38.96 17.33 -50.00
C THR F 37 39.83 16.89 -51.20
N ASN F 38 40.85 17.68 -51.55
CA ASN F 38 41.77 17.21 -52.57
C ASN F 38 42.37 15.93 -52.16
N THR F 39 42.67 15.80 -50.87
CA THR F 39 43.35 14.59 -50.45
C THR F 39 42.43 13.36 -50.61
N VAL F 40 41.14 13.53 -50.30
CA VAL F 40 40.19 12.44 -50.21
C VAL F 40 39.80 12.07 -51.65
N LYS F 41 39.51 13.08 -52.49
CA LYS F 41 39.36 12.87 -53.94
C LYS F 41 40.45 11.96 -54.52
N SER F 42 41.70 12.22 -54.13
CA SER F 42 42.85 11.39 -54.61
C SER F 42 42.87 9.99 -54.09
N TYR F 43 42.55 9.82 -52.81
CA TYR F 43 42.65 8.49 -52.23
C TYR F 43 41.58 7.60 -52.82
N PHE F 44 40.47 8.22 -53.25
CA PHE F 44 39.35 7.54 -53.87
C PHE F 44 39.45 7.79 -55.35
N ALA F 45 40.66 7.59 -55.86
CA ALA F 45 40.98 7.89 -57.26
C ALA F 45 40.03 7.15 -58.21
N GLY F 46 39.37 7.90 -59.07
CA GLY F 46 38.53 7.36 -60.09
C GLY F 46 37.13 7.04 -59.65
N LYS F 47 36.84 7.19 -58.35
CA LYS F 47 35.48 7.04 -57.89
C LYS F 47 34.76 8.37 -57.93
N LYS F 48 33.48 8.31 -58.16
CA LYS F 48 32.62 9.44 -58.10
C LYS F 48 32.05 9.60 -56.67
N ILE F 49 32.61 10.56 -55.93
CA ILE F 49 32.26 10.83 -54.53
C ILE F 49 31.74 12.23 -54.34
N SER F 50 30.87 12.44 -53.34
CA SER F 50 30.45 13.75 -52.92
C SER F 50 30.66 13.99 -51.39
N PHE F 51 30.83 15.26 -51.05
CA PHE F 51 31.29 15.63 -49.73
C PHE F 51 30.08 16.07 -48.95
N ASN F 52 29.90 15.44 -47.81
CA ASN F 52 28.80 15.82 -46.86
C ASN F 52 29.29 16.66 -45.66
N THR F 53 30.46 16.30 -45.15
CA THR F 53 31.05 16.98 -44.01
C THR F 53 32.57 17.01 -44.14
N VAL F 54 33.18 18.16 -43.89
CA VAL F 54 34.60 18.31 -43.74
C VAL F 54 34.82 19.37 -42.63
N THR F 55 35.29 18.92 -41.48
CA THR F 55 35.33 19.76 -40.29
C THR F 55 36.53 19.34 -39.45
N LEU F 56 36.94 20.21 -38.52
CA LEU F 56 38.02 19.94 -37.62
C LEU F 56 37.70 18.68 -36.83
N ARG F 57 38.64 17.74 -36.78
CA ARG F 57 38.65 16.72 -35.72
C ARG F 57 39.54 17.31 -34.62
N GLU F 58 38.91 17.69 -33.51
CA GLU F 58 39.59 18.40 -32.46
C GLU F 58 40.55 17.48 -31.75
N PRO F 59 41.67 18.03 -31.26
CA PRO F 59 42.66 17.25 -30.55
C PRO F 59 42.14 16.58 -29.29
N ALA F 60 42.79 15.50 -28.90
CA ALA F 60 42.51 14.80 -27.70
C ALA F 60 42.65 15.78 -26.56
N ARG F 61 41.84 15.61 -25.55
CA ARG F 61 41.74 16.57 -24.48
C ARG F 61 43.08 16.68 -23.71
N LYS F 62 43.67 15.52 -23.49
CA LYS F 62 44.92 15.41 -22.79
C LYS F 62 46.05 16.01 -23.58
N ALA F 63 46.18 15.60 -24.85
CA ALA F 63 47.15 16.24 -25.75
C ALA F 63 47.02 17.75 -25.74
N TYR F 64 45.80 18.25 -25.83
CA TYR F 64 45.63 19.71 -25.87
C TYR F 64 46.14 20.34 -24.56
N ILE F 65 45.79 19.74 -23.42
CA ILE F 65 46.17 20.29 -22.14
C ILE F 65 47.67 20.19 -21.95
N GLN F 66 48.29 19.13 -22.45
CA GLN F 66 49.75 18.98 -22.32
C GLN F 66 50.42 20.05 -23.10
N TRP F 67 49.88 20.33 -24.31
CA TRP F 67 50.34 21.41 -25.16
C TRP F 67 50.19 22.73 -24.50
N LYS F 68 49.00 23.06 -24.03
CA LYS F 68 48.75 24.36 -23.42
C LYS F 68 49.58 24.58 -22.18
N GLU F 69 49.79 23.55 -21.39
CA GLU F 69 50.22 23.79 -20.02
C GLU F 69 51.48 23.06 -19.60
N GLN F 70 51.97 22.11 -20.37
CA GLN F 70 53.11 21.29 -19.91
C GLN F 70 54.11 21.15 -21.05
N GLY F 71 54.18 22.15 -21.91
CA GLY F 71 55.11 22.12 -23.02
C GLY F 71 55.03 20.90 -23.92
N GLY F 72 53.87 20.27 -24.04
CA GLY F 72 53.73 19.18 -25.02
C GLY F 72 53.77 19.63 -26.46
N PRO F 73 53.92 18.69 -27.39
CA PRO F 73 53.91 19.03 -28.77
C PRO F 73 52.54 19.54 -29.25
N LEU F 74 52.56 20.31 -30.34
CA LEU F 74 51.37 20.74 -31.02
C LEU F 74 50.61 19.53 -31.50
N PRO F 75 49.30 19.42 -31.17
CA PRO F 75 48.60 18.25 -31.64
C PRO F 75 48.60 18.26 -33.15
N PRO F 76 48.63 17.09 -33.80
CA PRO F 76 48.42 17.14 -35.26
C PRO F 76 47.09 17.82 -35.68
N ARG F 77 47.11 18.54 -36.79
CA ARG F 77 45.97 19.18 -37.38
C ARG F 77 45.23 18.20 -38.28
N LEU F 78 43.99 17.85 -37.89
CA LEU F 78 43.22 16.80 -38.57
C LEU F 78 41.82 17.27 -39.09
N ALA F 79 41.44 16.76 -40.22
CA ALA F 79 40.13 17.03 -40.76
C ALA F 79 39.28 15.76 -40.79
N TYR F 80 38.06 15.83 -40.26
CA TYR F 80 37.09 14.70 -40.31
C TYR F 80 36.24 14.89 -41.54
N TYR F 81 36.08 13.81 -42.33
CA TYR F 81 35.22 13.87 -43.49
C TYR F 81 34.17 12.78 -43.51
N VAL F 82 33.04 13.13 -44.13
CA VAL F 82 32.03 12.21 -44.51
C VAL F 82 31.76 12.39 -46.01
N ILE F 83 31.74 11.27 -46.74
CA ILE F 83 31.41 11.32 -48.16
C ILE F 83 30.36 10.28 -48.52
N LEU F 84 29.61 10.56 -49.56
CA LEU F 84 28.86 9.55 -50.29
C LEU F 84 29.61 9.15 -51.60
N GLU F 85 29.35 7.92 -52.05
CA GLU F 85 29.76 7.44 -53.37
C GLU F 85 28.49 6.95 -54.13
N ALA F 86 28.28 7.45 -55.35
CA ALA F 86 27.19 7.00 -56.24
C ALA F 86 27.13 5.51 -56.29
N GLY F 87 25.93 5.00 -56.12
CA GLY F 87 25.70 3.56 -56.23
C GLY F 87 26.20 2.79 -55.03
N LYS F 88 26.77 3.46 -54.00
CA LYS F 88 27.14 2.81 -52.74
C LYS F 88 26.22 3.24 -51.58
N PRO F 89 25.78 2.27 -50.74
CA PRO F 89 24.93 2.62 -49.63
C PRO F 89 25.70 3.24 -48.47
N GLY F 90 25.01 4.09 -47.74
CA GLY F 90 25.54 4.69 -46.46
C GLY F 90 26.57 5.73 -46.84
N VAL F 91 27.64 5.77 -46.07
CA VAL F 91 28.65 6.78 -46.22
C VAL F 91 30.00 6.15 -46.03
N LYS F 92 31.02 6.95 -46.29
CA LYS F 92 32.36 6.64 -45.80
C LYS F 92 32.82 7.82 -45.00
N GLU F 93 33.53 7.58 -43.92
CA GLU F 93 34.10 8.67 -43.13
C GLU F 93 35.56 8.41 -42.85
N GLY F 94 36.30 9.41 -42.40
CA GLY F 94 37.70 9.18 -42.10
C GLY F 94 38.34 10.45 -41.60
N LEU F 95 39.66 10.40 -41.42
CA LEU F 95 40.47 11.58 -41.07
C LEU F 95 41.55 11.82 -42.11
N VAL F 96 41.80 13.09 -42.38
CA VAL F 96 42.95 13.51 -43.14
C VAL F 96 43.92 14.19 -42.20
N ASP F 97 45.17 13.71 -42.23
CA ASP F 97 46.28 14.45 -41.62
C ASP F 97 46.71 15.56 -42.61
N LEU F 98 46.46 16.81 -42.23
CA LEU F 98 46.60 17.93 -43.13
C LEU F 98 48.07 18.33 -43.42
N ALA F 99 48.97 17.98 -42.49
CA ALA F 99 50.42 18.23 -42.63
C ALA F 99 51.05 17.32 -43.68
N SER F 100 50.76 16.02 -43.59
CA SER F 100 51.24 15.03 -44.58
C SER F 100 50.32 14.86 -45.79
N LEU F 101 49.25 15.62 -45.86
CA LEU F 101 48.25 15.50 -46.94
C LEU F 101 47.82 14.04 -47.26
N SER F 102 47.60 13.26 -46.20
CA SER F 102 47.13 11.91 -46.35
C SER F 102 45.93 11.47 -45.47
N VAL F 103 45.18 10.55 -46.05
CA VAL F 103 44.16 9.86 -45.33
C VAL F 103 44.80 8.93 -44.30
N ILE F 104 44.51 9.16 -43.03
CA ILE F 104 45.07 8.33 -42.00
C ILE F 104 44.07 7.39 -41.41
N GLU F 105 42.82 7.46 -41.80
CA GLU F 105 41.83 6.55 -41.19
C GLU F 105 40.62 6.62 -42.06
N THR F 106 39.98 5.49 -42.26
CA THR F 106 38.91 5.44 -43.17
C THR F 106 37.99 4.24 -42.79
N ARG F 107 36.70 4.44 -42.96
CA ARG F 107 35.78 3.33 -42.90
C ARG F 107 34.46 3.58 -43.61
N ALA F 108 33.86 2.47 -44.03
CA ALA F 108 32.63 2.50 -44.77
C ALA F 108 31.53 2.09 -43.80
N LEU F 109 30.44 2.85 -43.80
CA LEU F 109 29.30 2.63 -42.87
C LEU F 109 28.09 2.57 -43.76
N GLU F 110 27.74 1.36 -44.18
CA GLU F 110 26.71 1.20 -45.18
C GLU F 110 25.30 1.32 -44.64
N THR F 111 25.13 1.34 -43.31
CA THR F 111 23.82 1.27 -42.70
C THR F 111 23.52 2.48 -41.84
N VAL F 112 24.13 3.63 -42.16
CA VAL F 112 23.75 4.88 -41.55
C VAL F 112 23.47 5.91 -42.62
N GLN F 113 22.82 7.02 -42.24
CA GLN F 113 22.60 8.15 -43.16
C GLN F 113 23.08 9.39 -42.45
N PRO F 114 23.64 10.32 -43.22
CA PRO F 114 24.27 11.48 -42.57
C PRO F 114 23.45 12.74 -42.52
N ILE F 115 23.96 13.74 -41.81
CA ILE F 115 23.30 15.08 -41.75
C ILE F 115 22.92 15.63 -43.16
N LEU F 116 21.81 16.34 -43.24
CA LEU F 116 21.36 16.96 -44.51
C LEU F 116 21.85 18.40 -44.60
N THR F 117 22.57 18.68 -45.66
CA THR F 117 23.19 20.01 -45.84
C THR F 117 22.26 20.83 -46.64
N VAL F 118 22.50 22.13 -46.73
CA VAL F 118 21.62 22.99 -47.53
C VAL F 118 21.55 22.53 -49.02
N GLU F 119 22.62 21.99 -49.60
CA GLU F 119 22.54 21.38 -50.93
C GLU F 119 21.77 20.03 -51.00
N ASP F 120 21.83 19.19 -49.95
CA ASP F 120 21.02 17.96 -49.88
C ASP F 120 19.54 18.31 -49.91
N LEU F 121 19.19 19.46 -49.31
CA LEU F 121 17.82 19.89 -49.14
C LEU F 121 17.17 20.64 -50.31
N CYS F 122 17.70 21.82 -50.70
CA CYS F 122 17.11 22.74 -51.74
C CYS F 122 16.73 22.00 -53.05
N SER F 123 17.15 20.76 -53.20
CA SER F 123 16.85 19.96 -54.41
C SER F 123 15.44 19.34 -54.36
N THR F 124 14.89 19.21 -53.20
CA THR F 124 13.67 18.38 -53.05
C THR F 124 12.39 18.92 -53.70
N GLU F 125 12.25 20.21 -53.65
CA GLU F 125 11.09 20.91 -54.11
C GLU F 125 10.86 20.70 -55.64
N GLU F 126 11.93 20.72 -56.43
CA GLU F 126 11.74 20.56 -57.88
C GLU F 126 11.50 19.05 -58.18
N VAL F 127 12.01 18.16 -57.38
CA VAL F 127 11.66 16.78 -57.52
C VAL F 127 10.14 16.59 -57.34
N ILE F 128 9.57 17.19 -56.29
CA ILE F 128 8.16 16.94 -56.05
C ILE F 128 7.25 17.71 -57.04
N ARG F 129 7.61 18.92 -57.44
CA ARG F 129 6.81 19.63 -58.45
C ARG F 129 6.73 18.86 -59.76
N ASN F 130 7.72 18.03 -60.09
CA ASN F 130 7.77 17.33 -61.36
C ASN F 130 7.38 15.89 -61.28
N ASP F 131 6.98 15.39 -60.13
CA ASP F 131 6.57 14.01 -60.03
C ASP F 131 5.10 13.81 -60.36
N PRO F 132 4.80 12.93 -61.33
CA PRO F 132 3.38 12.72 -61.70
C PRO F 132 2.45 12.32 -60.50
N ALA F 133 2.90 11.52 -59.59
CA ALA F 133 2.02 11.09 -58.48
C ALA F 133 1.76 12.28 -57.56
N VAL F 134 2.77 13.11 -57.36
CA VAL F 134 2.58 14.31 -56.53
C VAL F 134 1.57 15.25 -57.22
N ILE F 135 1.73 15.43 -58.52
CA ILE F 135 0.91 16.39 -59.26
C ILE F 135 -0.54 15.95 -59.17
N GLU F 136 -0.74 14.66 -59.38
CA GLU F 136 -2.04 14.14 -59.25
C GLU F 136 -2.66 14.42 -57.87
N GLN F 137 -1.87 14.36 -56.79
CA GLN F 137 -2.45 14.59 -55.47
C GLN F 137 -2.75 16.05 -55.27
N CYS F 138 -1.96 16.92 -55.89
CA CYS F 138 -2.27 18.34 -55.87
C CYS F 138 -3.59 18.60 -56.59
N VAL F 139 -3.73 17.98 -57.76
CA VAL F 139 -4.97 18.11 -58.54
C VAL F 139 -6.16 17.65 -57.72
N LEU F 140 -6.10 16.46 -57.13
CA LEU F 140 -7.15 16.01 -56.20
C LEU F 140 -7.37 17.00 -55.03
N SER F 141 -6.33 17.77 -54.67
CA SER F 141 -6.45 18.65 -53.51
C SER F 141 -6.95 20.01 -53.89
N GLY F 142 -7.20 20.24 -55.17
CA GLY F 142 -7.82 21.47 -55.64
C GLY F 142 -6.81 22.40 -56.24
N ILE F 143 -5.64 21.87 -56.58
CA ILE F 143 -4.64 22.70 -57.21
C ILE F 143 -4.33 22.13 -58.59
N PRO F 144 -4.67 22.87 -59.63
CA PRO F 144 -4.48 22.32 -60.96
C PRO F 144 -3.00 22.10 -61.32
N ALA F 145 -2.77 21.21 -62.27
CA ALA F 145 -1.44 20.84 -62.65
C ALA F 145 -0.65 21.99 -63.19
N ASN F 146 -1.30 22.96 -63.82
CA ASN F 146 -0.59 24.13 -64.30
C ASN F 146 -0.22 25.14 -63.22
N GLU F 147 -0.53 24.83 -61.96
CA GLU F 147 -0.16 25.69 -60.86
C GLU F 147 0.89 25.04 -59.97
N MET F 148 1.63 24.05 -60.48
CA MET F 148 2.61 23.36 -59.67
C MET F 148 3.74 24.26 -59.18
N HIS F 149 3.99 25.38 -59.90
CA HIS F 149 5.00 26.35 -59.46
C HIS F 149 4.63 27.12 -58.15
N LYS F 150 3.38 26.95 -57.74
CA LYS F 150 2.80 27.48 -56.52
C LYS F 150 2.80 26.53 -55.32
N VAL F 151 3.37 25.34 -55.52
CA VAL F 151 3.41 24.29 -54.58
C VAL F 151 4.85 24.34 -54.08
N TYR F 152 4.99 24.35 -52.74
CA TYR F 152 6.25 24.37 -52.06
C TYR F 152 6.33 23.21 -51.07
N CYS F 153 7.54 22.86 -50.65
CA CYS F 153 7.67 21.90 -49.55
C CYS F 153 8.85 22.25 -48.66
N ASP F 154 8.69 21.99 -47.37
CA ASP F 154 9.80 21.96 -46.44
C ASP F 154 10.31 20.51 -46.38
N PRO F 155 11.54 20.30 -46.84
CA PRO F 155 12.01 18.93 -46.93
C PRO F 155 12.78 18.54 -45.63
N TRP F 156 12.22 17.65 -44.86
CA TRP F 156 12.80 17.27 -43.59
C TRP F 156 13.42 15.93 -43.87
N THR F 157 14.39 15.55 -43.07
CA THR F 157 14.70 14.13 -43.06
C THR F 157 13.42 13.42 -42.77
N ILE F 158 13.32 12.22 -43.26
CA ILE F 158 12.20 11.36 -42.87
C ILE F 158 12.21 11.10 -41.36
N GLY F 159 13.33 11.37 -40.70
CA GLY F 159 13.47 11.09 -39.27
C GLY F 159 13.69 9.61 -38.99
N TYR F 160 12.59 8.90 -38.93
CA TYR F 160 12.60 7.44 -38.99
C TYR F 160 11.26 6.87 -39.47
N ASP F 161 11.35 5.97 -40.44
CA ASP F 161 10.23 5.24 -40.99
C ASP F 161 10.64 3.74 -41.15
N GLU F 162 9.99 2.92 -40.33
CA GLU F 162 10.28 1.54 -40.24
C GLU F 162 10.03 0.78 -41.57
N ARG F 163 9.40 1.42 -42.56
CA ARG F 163 9.27 0.82 -43.88
C ARG F 163 10.62 0.78 -44.65
N TRP F 164 11.57 1.67 -44.30
CA TRP F 164 12.83 1.76 -45.01
C TRP F 164 14.07 1.74 -44.18
N GLY F 165 14.01 1.96 -42.88
CA GLY F 165 15.23 2.03 -42.09
C GLY F 165 16.23 3.04 -42.63
N THR F 166 17.50 2.63 -42.70
CA THR F 166 18.59 3.40 -43.30
C THR F 166 18.91 2.91 -44.76
N GLY F 167 18.02 2.11 -45.34
CA GLY F 167 18.36 1.45 -46.60
C GLY F 167 18.40 2.34 -47.84
N LYS F 168 17.72 3.48 -47.76
CA LYS F 168 17.83 4.56 -48.72
C LYS F 168 17.95 5.84 -47.94
N ARG F 169 18.47 6.89 -48.58
CA ARG F 169 18.59 8.16 -47.91
C ARG F 169 17.34 8.94 -48.19
N LEU F 170 16.55 9.24 -47.17
CA LEU F 170 15.16 9.76 -47.45
C LEU F 170 14.80 11.06 -46.81
N GLN F 171 13.98 11.83 -47.52
CA GLN F 171 13.35 13.00 -46.97
C GLN F 171 11.84 12.87 -47.04
N GLN F 172 11.16 13.55 -46.16
CA GLN F 172 9.71 13.72 -46.19
C GLN F 172 9.39 15.16 -46.58
N ALA F 173 8.49 15.37 -47.55
CA ALA F 173 8.25 16.72 -48.02
C ALA F 173 6.96 17.19 -47.39
N LEU F 174 7.06 18.11 -46.48
CA LEU F 174 5.88 18.73 -45.91
C LEU F 174 5.41 19.83 -46.87
N VAL F 175 4.28 19.57 -47.54
CA VAL F 175 3.82 20.37 -48.67
C VAL F 175 2.86 21.51 -48.30
N TYR F 176 3.07 22.66 -48.98
CA TYR F 176 2.35 23.89 -48.76
C TYR F 176 2.04 24.53 -50.14
N TYR F 177 1.17 25.53 -50.13
CA TYR F 177 0.75 26.20 -51.31
C TYR F 177 0.91 27.69 -51.08
N ARG F 178 1.35 28.44 -52.10
CA ARG F 178 1.42 29.90 -52.06
C ARG F 178 0.65 30.45 -53.26
N SER F 179 -0.25 31.40 -53.01
N SER F 179 -0.27 31.38 -53.04
CA SER F 179 -1.02 32.07 -54.06
CA SER F 179 -0.99 32.05 -54.13
C SER F 179 -0.17 33.09 -54.78
C SER F 179 -0.03 32.97 -54.83
N ASP F 180 0.79 33.67 -54.05
CA ASP F 180 1.75 34.57 -54.57
C ASP F 180 3.09 34.21 -53.92
N GLU F 181 4.20 34.40 -54.62
CA GLU F 181 5.52 33.93 -54.12
C GLU F 181 5.91 34.66 -52.83
N ASP F 182 5.39 35.86 -52.59
CA ASP F 182 5.68 36.62 -51.37
C ASP F 182 4.83 36.20 -50.14
N ASP F 183 3.83 35.35 -50.36
CA ASP F 183 3.06 34.76 -49.29
C ASP F 183 3.91 33.98 -48.27
N SER F 184 3.41 33.87 -47.03
CA SER F 184 3.90 32.89 -46.08
C SER F 184 3.03 31.63 -46.25
N GLN F 185 3.67 30.56 -46.68
CA GLN F 185 2.96 29.42 -47.13
C GLN F 185 2.19 28.67 -46.00
N TYR F 186 2.48 28.98 -44.74
CA TYR F 186 2.14 28.08 -43.61
C TYR F 186 0.69 28.13 -43.21
N SER F 187 -0.05 29.07 -43.81
CA SER F 187 -1.50 29.03 -43.75
C SER F 187 -2.18 27.96 -44.68
N HIS F 188 -1.45 27.42 -45.66
CA HIS F 188 -2.00 26.50 -46.66
C HIS F 188 -1.15 25.21 -46.87
N PRO F 189 -1.03 24.42 -45.82
CA PRO F 189 -0.55 23.08 -45.97
C PRO F 189 -1.48 22.20 -46.78
N LEU F 190 -0.91 21.19 -47.42
CA LEU F 190 -1.68 20.20 -48.12
C LEU F 190 -1.77 18.94 -47.25
N ASP F 191 -2.59 17.97 -47.66
CA ASP F 191 -2.97 16.93 -46.73
C ASP F 191 -2.07 15.72 -46.81
N PHE F 192 -1.17 15.67 -47.80
CA PHE F 192 -0.38 14.45 -48.07
C PHE F 192 1.12 14.69 -47.92
N CYS F 193 1.93 13.61 -47.91
CA CYS F 193 3.36 13.69 -47.59
C CYS F 193 4.23 12.77 -48.49
N PRO F 194 4.87 13.36 -49.50
CA PRO F 194 5.71 12.61 -50.38
C PRO F 194 7.01 12.19 -49.67
N ILE F 195 7.51 11.02 -50.01
CA ILE F 195 8.79 10.52 -49.52
C ILE F 195 9.74 10.50 -50.73
N VAL F 196 10.88 11.12 -50.54
CA VAL F 196 11.81 11.31 -51.57
C VAL F 196 13.15 10.63 -51.25
N ASP F 197 13.67 9.87 -52.21
CA ASP F 197 15.05 9.38 -52.14
C ASP F 197 15.96 10.52 -52.58
N THR F 198 16.78 10.98 -51.63
CA THR F 198 17.65 12.14 -51.70
C THR F 198 18.70 12.00 -52.83
N GLU F 199 19.29 10.83 -52.96
CA GLU F 199 20.37 10.60 -53.90
C GLU F 199 19.85 10.19 -55.26
N GLU F 200 18.75 9.48 -55.34
CA GLU F 200 18.15 9.18 -56.64
C GLU F 200 17.30 10.33 -57.17
N LYS F 201 17.00 11.31 -56.35
CA LYS F 201 16.16 12.42 -56.78
C LYS F 201 14.82 11.92 -57.31
N LYS F 202 14.15 11.08 -56.55
CA LYS F 202 12.83 10.64 -56.95
C LYS F 202 11.90 10.35 -55.81
N VAL F 203 10.60 10.55 -56.08
CA VAL F 203 9.56 10.25 -55.15
C VAL F 203 9.32 8.76 -55.08
N ILE F 204 9.39 8.14 -53.90
CA ILE F 204 9.21 6.69 -53.88
C ILE F 204 7.90 6.24 -53.25
N PHE F 205 7.22 7.13 -52.55
CA PHE F 205 5.95 6.83 -51.91
C PHE F 205 5.22 8.13 -51.59
N ILE F 206 3.91 8.09 -51.45
CA ILE F 206 3.21 9.25 -50.87
C ILE F 206 2.25 8.79 -49.79
N ASP F 207 2.37 9.34 -48.58
CA ASP F 207 1.49 9.01 -47.49
C ASP F 207 0.24 9.85 -47.74
N ILE F 208 -0.90 9.21 -47.91
CA ILE F 208 -2.14 9.88 -48.22
C ILE F 208 -3.15 9.56 -47.12
N PRO F 209 -3.85 10.55 -46.57
CA PRO F 209 -4.70 10.24 -45.45
C PRO F 209 -6.05 9.65 -45.82
N ASN F 210 -6.64 8.99 -44.84
CA ASN F 210 -7.92 8.33 -45.04
C ASN F 210 -8.97 9.36 -45.27
N ARG F 211 -8.89 10.49 -44.55
CA ARG F 211 -9.80 11.61 -44.77
C ARG F 211 -9.04 12.70 -45.58
N ARG F 212 -9.46 12.89 -46.81
CA ARG F 212 -8.90 13.96 -47.62
C ARG F 212 -9.36 15.33 -47.18
N ARG F 213 -8.42 16.30 -47.16
CA ARG F 213 -8.75 17.72 -47.00
C ARG F 213 -8.13 18.48 -48.15
N LYS F 214 -8.95 19.16 -48.91
CA LYS F 214 -8.50 19.98 -50.04
C LYS F 214 -7.97 21.30 -49.53
N VAL F 215 -7.20 21.93 -50.38
CA VAL F 215 -6.50 23.15 -50.08
C VAL F 215 -7.48 24.25 -49.61
N SER F 216 -7.03 25.00 -48.61
CA SER F 216 -7.80 26.08 -47.99
C SER F 216 -8.12 27.11 -49.07
N LYS F 217 -9.31 27.70 -48.99
CA LYS F 217 -9.67 28.77 -49.93
C LYS F 217 -9.60 30.14 -49.28
N HIS F 218 -9.18 30.17 -48.02
CA HIS F 218 -8.97 31.45 -47.38
C HIS F 218 -7.70 32.15 -47.87
N LYS F 219 -7.67 33.45 -47.66
CA LYS F 219 -6.51 34.24 -47.85
C LYS F 219 -5.33 33.73 -47.03
N HIS F 220 -4.15 33.95 -47.55
CA HIS F 220 -2.90 33.62 -46.82
C HIS F 220 -2.76 34.57 -45.66
N ALA F 221 -2.16 34.06 -44.59
CA ALA F 221 -1.98 34.83 -43.35
C ALA F 221 -0.55 35.36 -43.47
N ASN F 222 -0.42 36.62 -43.90
CA ASN F 222 0.85 37.19 -44.21
C ASN F 222 1.33 38.22 -43.18
N PHE F 223 2.58 38.63 -43.28
CA PHE F 223 3.14 39.51 -42.27
C PHE F 223 4.10 40.61 -42.72
N TYR F 224 4.37 40.80 -44.01
CA TYR F 224 5.22 41.93 -44.40
C TYR F 224 4.37 43.19 -44.37
N PRO F 225 5.01 44.36 -44.30
CA PRO F 225 4.29 45.61 -44.20
C PRO F 225 3.20 45.75 -45.27
N LYS F 226 3.48 45.43 -46.55
CA LYS F 226 2.44 45.58 -47.58
C LYS F 226 1.26 44.68 -47.28
N HIS F 227 1.51 43.51 -46.73
CA HIS F 227 0.36 42.67 -46.28
C HIS F 227 -0.38 43.31 -45.11
N MET F 228 0.36 43.83 -44.15
CA MET F 228 -0.28 44.38 -42.98
C MET F 228 -1.12 45.65 -43.31
N ILE F 229 -0.67 46.46 -44.27
CA ILE F 229 -1.46 47.65 -44.66
C ILE F 229 -2.84 47.21 -45.16
N GLU F 230 -2.86 46.17 -45.98
CA GLU F 230 -4.12 45.59 -46.40
C GLU F 230 -4.96 45.03 -45.27
N LYS F 231 -4.33 44.36 -44.29
CA LYS F 231 -5.10 43.65 -43.28
C LYS F 231 -5.61 44.61 -42.22
N VAL F 232 -4.76 45.50 -41.74
CA VAL F 232 -5.22 46.34 -40.66
C VAL F 232 -5.23 47.84 -40.98
N GLY F 233 -4.93 48.24 -42.22
CA GLY F 233 -5.11 49.66 -42.61
C GLY F 233 -3.82 50.43 -42.75
N ALA F 234 -2.90 50.18 -41.82
CA ALA F 234 -1.67 50.91 -41.82
C ALA F 234 -0.67 50.27 -40.88
N MET F 235 0.61 50.54 -41.13
CA MET F 235 1.65 50.28 -40.13
C MET F 235 1.64 51.37 -39.08
N ARG F 236 2.17 51.05 -37.92
CA ARG F 236 2.43 52.07 -36.92
C ARG F 236 3.59 52.95 -37.43
N PRO F 237 3.69 54.19 -36.95
CA PRO F 237 4.82 55.06 -37.28
C PRO F 237 6.12 54.46 -36.77
N GLU F 238 7.19 54.71 -37.51
CA GLU F 238 8.52 54.28 -37.15
C GLU F 238 8.78 54.83 -35.78
N ALA F 239 9.22 54.04 -34.82
CA ALA F 239 9.43 54.57 -33.48
C ALA F 239 10.79 55.24 -33.44
N PRO F 240 11.02 56.11 -32.44
CA PRO F 240 12.31 56.81 -32.38
C PRO F 240 13.48 55.88 -32.09
N PRO F 241 14.66 56.19 -32.61
CA PRO F 241 15.77 55.23 -32.46
C PRO F 241 16.28 55.04 -31.01
N ILE F 242 16.93 53.89 -30.79
CA ILE F 242 17.79 53.65 -29.61
C ILE F 242 19.19 53.29 -30.12
N ASN F 243 20.13 54.19 -29.96
CA ASN F 243 21.43 54.07 -30.52
C ASN F 243 22.47 53.67 -29.48
N VAL F 244 23.38 52.78 -29.87
CA VAL F 244 24.43 52.23 -28.99
C VAL F 244 25.75 52.59 -29.58
N THR F 245 26.59 53.27 -28.79
CA THR F 245 27.90 53.69 -29.26
C THR F 245 28.96 53.33 -28.21
N GLN F 246 30.17 53.10 -28.70
CA GLN F 246 31.30 52.92 -27.86
C GLN F 246 32.43 53.73 -28.50
N PRO F 247 32.40 55.07 -28.28
CA PRO F 247 33.42 55.99 -28.83
C PRO F 247 34.86 55.65 -28.51
N GLU F 248 35.15 54.98 -27.38
CA GLU F 248 36.55 54.71 -26.99
C GLU F 248 36.91 53.26 -27.23
N GLY F 249 36.13 52.59 -28.06
CA GLY F 249 36.31 51.15 -28.31
C GLY F 249 35.58 50.25 -27.30
N VAL F 250 35.87 48.96 -27.39
CA VAL F 250 35.25 47.94 -26.55
C VAL F 250 36.22 47.52 -25.47
N SER F 251 35.75 46.90 -24.43
CA SER F 251 36.65 46.51 -23.36
C SER F 251 37.28 45.15 -23.63
N PHE F 252 36.72 44.35 -24.52
CA PHE F 252 37.27 42.99 -24.72
C PHE F 252 38.42 43.03 -25.74
N LYS F 253 39.22 41.95 -25.76
CA LYS F 253 40.30 41.80 -26.71
C LYS F 253 40.29 40.44 -27.39
N MET F 254 40.30 40.43 -28.71
N MET F 254 40.18 40.41 -28.71
CA MET F 254 40.35 39.17 -29.44
CA MET F 254 40.30 39.15 -29.46
C MET F 254 41.66 38.96 -30.18
C MET F 254 41.72 39.04 -30.00
N THR F 255 42.29 37.84 -29.90
CA THR F 255 43.54 37.45 -30.61
C THR F 255 43.18 36.23 -31.46
N GLY F 256 42.87 36.45 -32.76
CA GLY F 256 42.25 35.41 -33.56
C GLY F 256 40.92 35.05 -32.92
N ASN F 257 40.70 33.77 -32.63
CA ASN F 257 39.48 33.32 -31.98
C ASN F 257 39.50 33.35 -30.42
N VAL F 258 40.58 33.87 -29.82
CA VAL F 258 40.71 33.88 -28.35
C VAL F 258 40.19 35.21 -27.80
N MET F 259 39.26 35.10 -26.89
CA MET F 259 38.62 36.24 -26.25
C MET F 259 39.13 36.41 -24.80
N GLU F 260 39.38 37.65 -24.43
CA GLU F 260 39.72 38.11 -23.08
C GLU F 260 38.80 39.27 -22.77
N TRP F 261 37.98 39.06 -21.76
CA TRP F 261 37.04 40.05 -21.29
C TRP F 261 36.72 39.82 -19.80
N SER F 262 36.83 40.89 -19.01
CA SER F 262 36.52 40.87 -17.58
C SER F 262 37.02 39.63 -16.84
N ASN F 263 38.33 39.35 -17.06
CA ASN F 263 39.09 38.24 -16.46
C ASN F 263 38.82 36.87 -17.06
N PHE F 264 37.76 36.77 -17.86
CA PHE F 264 37.56 35.54 -18.61
C PHE F 264 38.52 35.44 -19.81
N LYS F 265 38.92 34.22 -20.13
CA LYS F 265 39.63 33.96 -21.35
C LYS F 265 39.15 32.63 -21.91
N PHE F 266 38.88 32.60 -23.20
CA PHE F 266 38.34 31.40 -23.86
C PHE F 266 38.48 31.45 -25.37
N HIS F 267 38.30 30.29 -25.99
CA HIS F 267 38.41 30.14 -27.45
C HIS F 267 36.96 30.01 -28.01
N ILE F 268 36.66 30.84 -29.00
CA ILE F 268 35.44 30.80 -29.71
C ILE F 268 35.63 30.01 -31.02
N GLY F 269 35.05 28.82 -31.00
CA GLY F 269 35.08 27.86 -32.06
C GLY F 269 33.74 27.83 -32.76
N PHE F 270 33.68 27.14 -33.89
CA PHE F 270 32.43 27.02 -34.63
C PHE F 270 32.47 25.82 -35.54
N ASN F 271 31.36 25.10 -35.65
CA ASN F 271 31.31 24.01 -36.59
C ASN F 271 29.89 23.80 -37.19
N TYR F 272 29.86 22.98 -38.22
CA TYR F 272 28.71 22.71 -39.05
C TYR F 272 27.52 22.27 -38.20
N ARG F 273 27.78 21.63 -37.05
CA ARG F 273 26.75 20.84 -36.32
C ARG F 273 26.27 21.55 -35.03
N GLU F 274 27.20 21.83 -34.13
CA GLU F 274 26.95 22.52 -32.89
C GLU F 274 26.80 24.04 -33.00
N GLY F 275 27.32 24.59 -34.09
CA GLY F 275 27.40 26.02 -34.19
C GLY F 275 28.55 26.47 -33.32
N ILE F 276 28.29 27.41 -32.43
CA ILE F 276 29.31 27.94 -31.53
C ILE F 276 29.80 26.89 -30.52
N VAL F 277 31.12 26.80 -30.37
CA VAL F 277 31.78 25.97 -29.39
C VAL F 277 32.75 26.83 -28.60
N LEU F 278 32.54 26.87 -27.29
CA LEU F 278 33.42 27.62 -26.39
C LEU F 278 34.40 26.67 -25.68
N SER F 279 35.69 26.93 -25.82
CA SER F 279 36.71 26.06 -25.27
C SER F 279 37.69 26.76 -24.35
N ASP F 280 38.24 25.97 -23.43
CA ASP F 280 39.41 26.37 -22.64
C ASP F 280 39.08 27.61 -21.87
N VAL F 281 38.01 27.54 -21.12
CA VAL F 281 37.48 28.70 -20.46
C VAL F 281 38.10 28.82 -19.08
N SER F 282 38.65 30.00 -18.79
CA SER F 282 39.29 30.24 -17.50
C SER F 282 38.94 31.63 -17.01
N TYR F 283 39.16 31.83 -15.70
CA TYR F 283 38.99 33.13 -15.08
C TYR F 283 40.26 33.53 -14.32
N ASN F 284 40.72 34.74 -14.61
CA ASN F 284 41.91 35.27 -13.97
C ASN F 284 41.53 35.96 -12.64
N ASP F 285 41.66 35.20 -11.56
CA ASP F 285 41.21 35.62 -10.24
C ASP F 285 42.46 36.27 -9.58
N HIS F 286 42.68 37.55 -9.88
CA HIS F 286 43.84 38.36 -9.37
C HIS F 286 45.17 37.62 -9.50
N GLY F 287 45.37 37.04 -10.66
CA GLY F 287 46.66 36.48 -11.01
C GLY F 287 46.61 34.98 -10.92
N ASN F 288 45.61 34.42 -10.23
CA ASN F 288 45.44 32.99 -10.19
CA ASN F 288 45.47 32.96 -10.25
C ASN F 288 44.57 32.66 -11.43
N VAL F 289 45.14 32.10 -12.51
CA VAL F 289 44.33 31.78 -13.69
C VAL F 289 43.70 30.41 -13.46
N ARG F 290 42.39 30.38 -13.22
CA ARG F 290 41.67 29.18 -12.82
C ARG F 290 40.77 28.66 -13.93
N PRO F 291 40.98 27.38 -14.31
CA PRO F 291 40.14 26.82 -15.32
C PRO F 291 38.73 26.70 -14.78
N ILE F 292 37.79 26.67 -15.72
CA ILE F 292 36.38 26.49 -15.40
C ILE F 292 35.81 25.35 -16.23
N PHE F 293 35.88 25.49 -17.57
CA PHE F 293 35.41 24.44 -18.52
C PHE F 293 36.40 24.24 -19.62
N HIS F 294 36.57 23.00 -20.01
CA HIS F 294 37.29 22.69 -21.21
C HIS F 294 36.51 22.95 -22.48
N ARG F 295 35.23 22.67 -22.44
CA ARG F 295 34.37 22.83 -23.61
C ARG F 295 32.93 22.92 -23.18
N ILE F 296 32.23 23.81 -23.85
CA ILE F 296 30.81 23.92 -23.66
C ILE F 296 30.11 24.26 -25.01
N SER F 297 28.98 23.61 -25.25
CA SER F 297 28.24 23.68 -26.55
C SER F 297 26.85 23.07 -26.38
N LEU F 298 26.00 23.35 -27.34
CA LEU F 298 24.82 22.50 -27.57
C LEU F 298 25.20 21.34 -28.46
N SER F 299 24.90 20.14 -28.02
CA SER F 299 25.37 18.92 -28.67
C SER F 299 24.30 18.14 -29.49
N GLU F 300 23.02 18.37 -29.21
CA GLU F 300 21.89 17.79 -29.91
C GLU F 300 20.62 18.54 -29.44
N MET F 301 19.55 18.32 -30.18
CA MET F 301 18.19 18.76 -29.91
C MET F 301 17.20 17.67 -30.27
N ILE F 302 15.96 17.76 -29.79
CA ILE F 302 14.86 16.99 -30.39
C ILE F 302 13.64 17.83 -30.19
N VAL F 303 12.83 17.95 -31.22
CA VAL F 303 11.59 18.71 -31.14
C VAL F 303 10.40 17.75 -31.42
N PRO F 304 9.93 17.02 -30.39
CA PRO F 304 8.94 15.96 -30.62
C PRO F 304 7.52 16.47 -30.66
N TYR F 305 6.81 16.15 -31.73
CA TYR F 305 5.40 16.54 -31.91
C TYR F 305 4.52 15.57 -31.19
N GLY F 306 3.36 16.07 -30.78
CA GLY F 306 2.45 15.35 -29.93
C GLY F 306 1.13 14.90 -30.55
N SER F 307 1.00 14.95 -31.88
CA SER F 307 -0.14 14.29 -32.53
C SER F 307 0.16 12.84 -32.83
N PRO F 308 -0.70 11.91 -32.39
CA PRO F 308 -0.44 10.51 -32.65
C PRO F 308 -0.78 9.98 -34.03
N GLU F 309 -1.49 10.78 -34.84
CA GLU F 309 -1.96 10.38 -36.17
C GLU F 309 -0.85 10.29 -37.20
N PHE F 310 -0.91 9.23 -38.01
CA PHE F 310 0.04 8.97 -39.07
C PHE F 310 -0.05 10.06 -40.13
N PRO F 311 1.08 10.56 -40.66
CA PRO F 311 2.46 10.22 -40.38
C PRO F 311 3.16 11.21 -39.43
N HIS F 312 2.42 11.85 -38.54
CA HIS F 312 2.97 12.91 -37.69
C HIS F 312 3.95 12.46 -36.61
N GLN F 313 4.02 11.14 -36.39
CA GLN F 313 5.07 10.60 -35.53
C GLN F 313 6.48 10.84 -36.08
N ARG F 314 6.58 11.05 -37.39
CA ARG F 314 7.86 11.38 -37.99
C ARG F 314 8.32 12.84 -37.80
N LYS F 315 7.58 13.64 -37.04
CA LYS F 315 7.96 15.00 -36.72
C LYS F 315 8.55 14.96 -35.31
N HIS F 316 9.87 14.77 -35.25
CA HIS F 316 10.66 14.84 -34.02
C HIS F 316 12.09 15.14 -34.40
N ALA F 317 12.23 16.28 -35.04
CA ALA F 317 13.50 16.72 -35.58
C ALA F 317 14.60 16.80 -34.53
N LEU F 318 15.72 16.18 -34.81
CA LEU F 318 16.94 16.41 -34.04
C LEU F 318 17.74 17.44 -34.81
N ASP F 319 17.48 18.73 -34.55
CA ASP F 319 17.92 19.77 -35.54
C ASP F 319 19.44 19.84 -35.66
N ILE F 320 20.10 19.66 -34.51
CA ILE F 320 21.55 19.71 -34.50
C ILE F 320 22.13 18.56 -35.30
N GLY F 321 21.73 17.37 -34.99
CA GLY F 321 22.30 16.19 -35.66
C GLY F 321 21.82 15.92 -37.07
N GLU F 322 20.62 16.41 -37.41
CA GLU F 322 20.04 16.14 -38.72
C GLU F 322 20.18 17.28 -39.77
N TYR F 323 20.41 18.52 -39.34
CA TYR F 323 20.57 19.65 -40.30
C TYR F 323 21.83 20.50 -40.00
N GLY F 324 22.08 20.75 -38.71
CA GLY F 324 23.32 21.38 -38.22
C GLY F 324 23.14 22.82 -37.88
N ALA F 325 23.37 23.20 -36.63
CA ALA F 325 23.29 24.63 -36.19
C ALA F 325 24.29 25.53 -36.94
N GLY F 326 25.37 24.94 -37.45
CA GLY F 326 26.30 25.68 -38.30
C GLY F 326 25.75 25.84 -39.71
N TYR F 327 25.53 24.70 -40.39
CA TYR F 327 25.02 24.68 -41.78
C TYR F 327 23.79 25.55 -41.93
N MET F 328 22.93 25.54 -40.91
CA MET F 328 21.67 26.31 -40.93
CA MET F 328 21.68 26.31 -40.99
C MET F 328 21.80 27.77 -40.50
N THR F 329 22.99 28.23 -40.15
CA THR F 329 23.10 29.55 -39.54
C THR F 329 22.90 30.76 -40.49
N ASN F 330 22.28 31.83 -39.99
CA ASN F 330 22.02 33.00 -40.79
C ASN F 330 23.21 33.93 -40.86
N PRO F 331 23.45 34.52 -42.04
CA PRO F 331 24.37 35.62 -42.04
C PRO F 331 23.68 36.75 -41.31
N LEU F 332 24.28 37.32 -40.28
CA LEU F 332 23.60 38.32 -39.42
C LEU F 332 23.79 39.76 -39.94
N SER F 333 22.75 40.60 -39.97
CA SER F 333 22.83 41.93 -40.74
C SER F 333 23.15 43.12 -39.86
N LEU F 334 23.74 44.20 -40.42
CA LEU F 334 24.04 45.49 -39.69
C LEU F 334 23.46 45.68 -38.25
N GLY F 335 22.42 46.48 -38.05
CA GLY F 335 21.75 46.53 -36.75
C GLY F 335 20.89 45.30 -36.80
N CYS F 336 19.58 45.46 -36.75
CA CYS F 336 18.75 44.34 -36.98
C CYS F 336 19.14 43.21 -36.02
N ASP F 337 19.96 42.24 -36.45
CA ASP F 337 20.18 41.05 -35.60
C ASP F 337 20.93 41.35 -34.32
N CYS F 338 21.99 42.14 -34.44
CA CYS F 338 22.90 42.40 -33.34
C CYS F 338 23.03 43.92 -33.26
N LYS F 339 22.64 44.49 -32.15
CA LYS F 339 22.70 45.92 -31.98
C LYS F 339 23.94 46.31 -31.18
N GLY F 340 24.66 47.31 -31.61
CA GLY F 340 25.84 47.77 -30.87
C GLY F 340 27.10 47.71 -31.69
N VAL F 341 28.27 47.72 -31.02
CA VAL F 341 29.54 47.68 -31.75
C VAL F 341 29.95 46.18 -31.76
N ILE F 342 29.97 45.57 -32.95
CA ILE F 342 30.00 44.13 -33.11
C ILE F 342 31.30 43.65 -33.73
N HIS F 343 31.87 42.60 -33.18
CA HIS F 343 32.92 41.85 -33.87
C HIS F 343 32.29 40.60 -34.45
N TYR F 344 32.42 40.41 -35.76
CA TYR F 344 31.83 39.24 -36.43
C TYR F 344 32.86 38.17 -36.72
N LEU F 345 32.41 36.91 -36.75
CA LEU F 345 33.15 35.82 -37.31
C LEU F 345 32.38 35.21 -38.49
N ASP F 346 33.13 34.71 -39.47
CA ASP F 346 32.60 33.94 -40.58
C ASP F 346 32.69 32.46 -40.28
N ALA F 347 31.88 31.66 -40.98
CA ALA F 347 31.99 30.21 -40.91
C ALA F 347 32.37 29.60 -42.26
N HIS F 348 33.13 28.52 -42.20
CA HIS F 348 33.56 27.83 -43.41
C HIS F 348 33.25 26.34 -43.35
N PHE F 349 32.58 25.89 -44.42
CA PHE F 349 32.18 24.53 -44.63
C PHE F 349 32.66 24.02 -46.01
N SER F 350 32.32 22.77 -46.35
CA SER F 350 32.50 22.22 -47.73
C SER F 350 31.18 22.04 -48.45
N ASP F 351 31.15 22.24 -49.77
CA ASP F 351 29.94 21.89 -50.52
C ASP F 351 30.16 20.47 -51.02
N ARG F 352 29.17 19.91 -51.73
CA ARG F 352 29.32 18.52 -52.29
C ARG F 352 30.55 18.31 -53.14
N ALA F 353 30.90 19.32 -53.95
CA ALA F 353 32.09 19.21 -54.82
C ALA F 353 33.37 19.21 -54.07
N GLY F 354 33.35 19.72 -52.83
CA GLY F 354 34.54 19.67 -52.01
C GLY F 354 35.26 21.02 -52.02
N ASP F 355 34.50 22.02 -52.44
CA ASP F 355 34.93 23.43 -52.37
C ASP F 355 34.39 24.12 -51.13
N PRO F 356 35.21 24.97 -50.52
CA PRO F 356 34.78 25.75 -49.37
C PRO F 356 33.65 26.64 -49.67
N ILE F 357 32.70 26.74 -48.77
CA ILE F 357 31.68 27.77 -48.83
C ILE F 357 31.82 28.58 -47.53
N THR F 358 31.32 29.80 -47.54
CA THR F 358 31.50 30.72 -46.43
C THR F 358 30.18 31.28 -46.02
N VAL F 359 29.89 31.33 -44.72
CA VAL F 359 28.73 32.11 -44.28
C VAL F 359 29.32 33.35 -43.60
N LYS F 360 29.09 34.53 -44.19
CA LYS F 360 29.60 35.77 -43.58
C LYS F 360 28.84 36.14 -42.33
N ASN F 361 29.57 36.64 -41.33
CA ASN F 361 28.92 37.14 -40.15
C ASN F 361 27.97 36.09 -39.52
N ALA F 362 28.45 34.90 -39.38
CA ALA F 362 27.72 33.79 -38.74
C ALA F 362 27.58 33.94 -37.23
N VAL F 363 28.61 34.49 -36.61
CA VAL F 363 28.68 34.72 -35.16
C VAL F 363 28.91 36.18 -34.89
N CYS F 364 28.18 36.72 -33.95
CA CYS F 364 28.40 38.07 -33.50
C CYS F 364 28.77 38.14 -32.06
N ILE F 365 29.73 39.02 -31.77
CA ILE F 365 30.35 39.14 -30.49
C ILE F 365 30.27 40.62 -30.09
N HIS F 366 29.66 40.92 -28.92
CA HIS F 366 29.67 42.26 -28.41
C HIS F 366 29.42 42.36 -26.93
N GLU F 367 29.68 43.52 -26.38
CA GLU F 367 29.42 43.75 -24.98
C GLU F 367 28.23 44.69 -24.85
N GLU F 368 27.57 44.62 -23.70
CA GLU F 368 26.27 45.21 -23.55
C GLU F 368 25.96 45.48 -22.08
N ASP F 369 25.23 46.57 -21.80
CA ASP F 369 24.73 46.85 -20.47
C ASP F 369 23.80 45.73 -20.07
N ASP F 370 23.85 45.35 -18.81
CA ASP F 370 23.01 44.29 -18.32
C ASP F 370 22.37 44.64 -17.01
N GLY F 371 22.03 45.90 -16.80
CA GLY F 371 21.32 46.31 -15.60
C GLY F 371 22.29 46.57 -14.47
N LEU F 372 21.79 46.42 -13.24
CA LEU F 372 22.62 46.59 -12.06
C LEU F 372 23.43 45.34 -11.80
N LEU F 373 24.67 45.54 -11.36
CA LEU F 373 25.47 44.41 -10.89
C LEU F 373 25.28 44.27 -9.37
N PHE F 374 25.36 45.37 -8.65
CA PHE F 374 25.08 45.37 -7.23
C PHE F 374 24.79 46.77 -6.72
N LYS F 375 24.07 46.84 -5.61
CA LYS F 375 23.79 48.12 -4.95
C LYS F 375 23.55 47.94 -3.47
N HIS F 376 24.03 48.90 -2.67
CA HIS F 376 23.60 49.06 -1.31
C HIS F 376 23.68 50.50 -0.78
N SER F 377 22.62 50.88 -0.07
CA SER F 377 22.49 52.16 0.61
C SER F 377 22.10 52.01 2.08
N ASP F 378 22.58 52.96 2.90
CA ASP F 378 22.30 53.04 4.34
C ASP F 378 21.05 53.88 4.63
N PHE F 379 20.06 53.30 5.25
CA PHE F 379 18.87 54.05 5.67
C PHE F 379 19.21 55.14 6.65
N ARG F 380 20.40 55.06 7.28
CA ARG F 380 20.70 55.92 8.41
C ARG F 380 20.86 57.36 8.03
N ASP F 381 21.39 57.64 6.83
CA ASP F 381 21.43 59.03 6.32
C ASP F 381 20.53 59.16 5.11
N ASN F 382 19.41 58.47 5.20
CA ASN F 382 18.48 58.55 4.11
C ASN F 382 19.00 58.10 2.74
N PHE F 383 19.82 57.07 2.74
CA PHE F 383 20.43 56.52 1.56
C PHE F 383 21.40 57.48 0.88
N ALA F 384 21.94 58.48 1.59
CA ALA F 384 23.07 59.24 1.00
C ALA F 384 24.37 58.43 0.95
N THR F 385 24.54 57.57 1.93
CA THR F 385 25.56 56.53 1.88
C THR F 385 25.08 55.46 0.93
N SER F 386 25.80 55.31 -0.17
CA SER F 386 25.33 54.47 -1.26
C SER F 386 26.44 54.08 -2.22
N LEU F 387 26.35 52.85 -2.73
CA LEU F 387 27.24 52.44 -3.82
C LEU F 387 26.44 51.63 -4.83
N VAL F 388 26.65 51.96 -6.10
CA VAL F 388 25.93 51.38 -7.22
CA VAL F 388 25.98 51.27 -7.15
C VAL F 388 26.92 51.09 -8.33
N THR F 389 26.86 49.89 -8.87
CA THR F 389 27.66 49.56 -10.01
C THR F 389 26.80 48.84 -11.05
N ARG F 390 26.84 49.33 -12.28
CA ARG F 390 26.13 48.73 -13.42
C ARG F 390 26.91 47.56 -13.96
N ALA F 391 26.17 46.59 -14.45
CA ALA F 391 26.74 45.38 -15.09
C ALA F 391 26.90 45.52 -16.58
N THR F 392 27.96 44.91 -17.09
CA THR F 392 28.18 44.71 -18.49
C THR F 392 28.25 43.19 -18.71
N LYS F 393 27.66 42.74 -19.82
CA LYS F 393 27.74 41.34 -20.24
C LYS F 393 28.37 41.27 -21.64
N LEU F 394 29.04 40.14 -21.88
CA LEU F 394 29.59 39.81 -23.13
C LEU F 394 28.77 38.71 -23.80
N VAL F 395 28.39 38.96 -25.04
CA VAL F 395 27.45 38.08 -25.77
C VAL F 395 28.15 37.54 -27.02
N VAL F 396 28.04 36.22 -27.17
CA VAL F 396 28.52 35.56 -28.30
C VAL F 396 27.31 34.80 -28.88
N SER F 397 26.91 35.18 -30.09
N SER F 397 26.91 35.18 -30.09
CA SER F 397 25.61 34.77 -30.61
CA SER F 397 25.59 34.81 -30.60
C SER F 397 25.57 34.30 -32.07
C SER F 397 25.53 34.35 -32.07
N GLN F 398 24.57 33.48 -32.37
CA GLN F 398 24.22 33.07 -33.72
C GLN F 398 22.67 32.91 -33.78
N ILE F 399 22.16 32.84 -35.00
CA ILE F 399 20.75 32.53 -35.28
C ILE F 399 20.69 31.57 -36.42
N PHE F 400 20.00 30.46 -36.21
CA PHE F 400 19.89 29.49 -37.29
C PHE F 400 18.46 29.22 -37.64
N THR F 401 18.26 28.88 -38.91
CA THR F 401 16.92 28.64 -39.42
C THR F 401 16.80 27.19 -39.86
N ALA F 402 15.89 26.46 -39.23
CA ALA F 402 15.62 25.07 -39.54
C ALA F 402 14.22 25.02 -40.22
N ALA F 403 14.20 25.26 -41.53
CA ALA F 403 13.02 25.47 -42.34
C ALA F 403 12.14 26.59 -41.78
N ASN F 404 11.15 26.20 -40.98
CA ASN F 404 10.15 27.13 -40.43
C ASN F 404 10.61 27.85 -39.12
N GLU F 406 13.21 29.55 -36.17
CA GLU F 406 14.43 30.32 -35.91
C GLU F 406 14.79 30.15 -34.45
N TYR F 407 16.05 29.76 -34.24
CA TYR F 407 16.63 29.61 -32.93
C TYR F 407 17.70 30.65 -32.76
N CYS F 408 17.48 31.56 -31.82
CA CYS F 408 18.45 32.60 -31.56
C CYS F 408 19.20 32.17 -30.31
N LEU F 409 20.52 32.00 -30.46
CA LEU F 409 21.40 31.45 -29.37
C LEU F 409 22.36 32.55 -28.91
N TYR F 410 22.40 32.74 -27.60
CA TYR F 410 23.16 33.80 -26.97
C TYR F 410 23.93 33.22 -25.79
N TRP F 411 25.24 33.06 -25.98
CA TRP F 411 26.16 32.71 -24.88
C TRP F 411 26.62 33.96 -24.18
N VAL F 412 26.41 34.05 -22.88
CA VAL F 412 26.53 35.30 -22.15
C VAL F 412 27.46 35.15 -20.96
N PHE F 413 28.51 35.98 -20.91
CA PHE F 413 29.43 35.94 -19.83
C PHE F 413 29.17 37.16 -18.97
N MET F 414 29.26 36.96 -17.65
CA MET F 414 28.84 38.03 -16.75
C MET F 414 29.93 38.39 -15.71
N GLN F 415 29.86 39.61 -15.20
CA GLN F 415 30.93 40.16 -14.35
C GLN F 415 30.91 39.65 -12.90
N ASP F 416 29.95 38.85 -12.53
CA ASP F 416 29.96 38.11 -11.25
C ASP F 416 30.54 36.73 -11.47
N GLY F 417 31.06 36.47 -12.67
CA GLY F 417 31.77 35.20 -12.98
C GLY F 417 30.84 34.10 -13.46
N ALA F 418 29.57 34.42 -13.57
CA ALA F 418 28.56 33.50 -14.09
C ALA F 418 28.53 33.50 -15.60
N ILE F 419 28.06 32.38 -16.14
CA ILE F 419 27.88 32.16 -17.54
C ILE F 419 26.41 31.65 -17.75
N ARG F 420 25.78 32.20 -18.76
CA ARG F 420 24.38 31.93 -19.05
C ARG F 420 24.19 31.60 -20.50
N LEU F 421 23.24 30.73 -20.78
CA LEU F 421 22.81 30.52 -22.14
C LEU F 421 21.38 31.02 -22.21
N ASP F 422 21.18 31.99 -23.09
CA ASP F 422 19.85 32.51 -23.45
C ASP F 422 19.49 32.03 -24.87
N ILE F 423 18.30 31.48 -25.04
CA ILE F 423 17.76 31.13 -26.36
C ILE F 423 16.46 31.87 -26.54
N ARG F 424 16.23 32.39 -27.73
CA ARG F 424 14.93 32.88 -28.10
C ARG F 424 14.43 32.11 -29.28
N LEU F 425 13.19 31.60 -29.20
CA LEU F 425 12.54 30.90 -30.30
C LEU F 425 11.63 31.80 -31.06
N THR F 426 11.79 31.84 -32.38
CA THR F 426 10.86 32.56 -33.19
C THR F 426 10.75 31.82 -34.51
N GLY F 427 10.34 32.54 -35.57
CA GLY F 427 9.96 31.89 -36.79
C GLY F 427 8.46 31.54 -36.87
N ILE F 428 8.16 30.45 -37.53
CA ILE F 428 6.79 30.14 -37.86
C ILE F 428 6.47 28.77 -37.33
N LEU F 429 5.26 28.64 -36.81
CA LEU F 429 4.75 27.30 -36.41
C LEU F 429 4.79 26.32 -37.54
N ASN F 430 5.07 25.06 -37.19
CA ASN F 430 4.79 23.99 -38.12
C ASN F 430 3.29 23.74 -38.14
N THR F 431 2.72 23.66 -39.35
CA THR F 431 1.28 23.58 -39.53
C THR F 431 0.92 22.39 -40.43
N TYR F 432 -0.29 21.88 -40.19
CA TYR F 432 -0.90 20.82 -40.95
C TYR F 432 -2.35 21.29 -41.23
N ILE F 433 -2.93 20.73 -42.28
CA ILE F 433 -4.28 21.15 -42.68
C ILE F 433 -5.34 20.64 -41.67
N LEU F 434 -6.35 21.47 -41.46
CA LEU F 434 -7.54 21.13 -40.65
C LEU F 434 -8.78 21.26 -41.51
N GLY F 435 -9.54 20.18 -41.60
CA GLY F 435 -10.83 20.28 -42.31
C GLY F 435 -11.79 21.30 -41.67
N ASP F 436 -12.76 21.77 -42.47
CA ASP F 436 -13.77 22.75 -42.01
C ASP F 436 -14.41 22.41 -40.67
N ASP F 437 -14.82 21.16 -40.54
CA ASP F 437 -15.50 20.74 -39.34
C ASP F 437 -14.59 19.90 -38.42
N GLU F 438 -13.28 19.86 -38.70
CA GLU F 438 -12.36 19.01 -37.92
C GLU F 438 -11.97 19.76 -36.64
N GLU F 439 -12.07 19.09 -35.52
CA GLU F 439 -11.52 19.60 -34.27
C GLU F 439 -9.97 19.41 -34.21
N ALA F 440 -9.20 20.43 -33.85
CA ALA F 440 -7.78 20.25 -33.67
C ALA F 440 -7.37 19.57 -32.36
N GLY F 441 -8.10 19.82 -31.28
CA GLY F 441 -7.59 19.49 -29.94
C GLY F 441 -7.81 18.01 -29.91
N PRO F 442 -7.22 17.29 -28.97
CA PRO F 442 -6.39 17.84 -27.94
C PRO F 442 -4.92 17.95 -28.36
N TRP F 443 -4.63 17.60 -29.60
CA TRP F 443 -3.24 17.45 -30.05
C TRP F 443 -2.68 18.71 -30.72
N GLY F 444 -3.53 19.71 -30.99
CA GLY F 444 -3.10 20.90 -31.65
C GLY F 444 -4.12 22.01 -31.49
N THR F 445 -3.87 23.12 -32.18
CA THR F 445 -4.71 24.31 -32.08
C THR F 445 -5.01 24.84 -33.48
N ARG F 446 -6.23 25.31 -33.64
CA ARG F 446 -6.64 25.99 -34.82
C ARG F 446 -6.25 27.46 -34.68
N VAL F 447 -5.14 27.84 -35.34
CA VAL F 447 -4.57 29.13 -35.13
C VAL F 447 -5.02 30.11 -36.19
N TYR F 448 -5.70 29.60 -37.20
CA TYR F 448 -6.19 30.32 -38.38
C TYR F 448 -7.15 29.32 -39.07
N PRO F 449 -8.13 29.77 -39.83
CA PRO F 449 -9.00 28.79 -40.44
C PRO F 449 -8.28 27.74 -41.31
N ASN F 450 -8.67 26.48 -41.12
CA ASN F 450 -8.09 25.31 -41.80
C ASN F 450 -6.61 25.09 -41.50
N VAL F 451 -6.14 25.63 -40.37
CA VAL F 451 -4.76 25.47 -39.94
C VAL F 451 -4.67 24.81 -38.56
N ASN F 452 -3.99 23.66 -38.50
CA ASN F 452 -3.77 22.95 -37.25
C ASN F 452 -2.25 23.02 -36.91
N ALA F 453 -1.90 23.75 -35.86
CA ALA F 453 -0.56 23.79 -35.34
C ALA F 453 -0.45 22.78 -34.18
N HIS F 454 0.26 21.70 -34.38
CA HIS F 454 0.29 20.57 -33.42
C HIS F 454 1.17 20.92 -32.19
N ASN F 455 0.79 20.35 -31.04
CA ASN F 455 1.64 20.36 -29.86
C ASN F 455 3.02 19.79 -30.11
N HIS F 456 4.03 20.37 -29.48
CA HIS F 456 5.40 19.82 -29.56
C HIS F 456 6.24 20.32 -28.37
N GLN F 457 7.36 19.64 -28.12
CA GLN F 457 8.38 20.19 -27.22
C GLN F 457 9.63 20.63 -27.99
N HIS F 458 10.39 21.60 -27.44
CA HIS F 458 11.72 21.87 -27.98
C HIS F 458 12.66 21.51 -26.87
N LEU F 459 13.48 20.51 -27.06
CA LEU F 459 14.49 20.05 -26.04
C LEU F 459 15.94 20.10 -26.59
N PHE F 460 16.89 20.44 -25.74
CA PHE F 460 18.22 20.77 -26.11
C PHE F 460 19.12 20.00 -25.16
N SER F 461 20.23 19.51 -25.68
CA SER F 461 21.27 18.86 -24.86
C SER F 461 22.52 19.71 -24.77
N LEU F 462 22.65 20.38 -23.63
CA LEU F 462 23.87 21.16 -23.30
C LEU F 462 24.96 20.18 -22.88
N ARG F 463 26.13 20.22 -23.53
CA ARG F 463 27.30 19.44 -23.18
C ARG F 463 28.38 20.31 -22.52
N ILE F 464 28.65 20.02 -21.22
CA ILE F 464 29.72 20.62 -20.47
C ILE F 464 30.80 19.58 -20.21
N ASP F 465 32.01 19.92 -20.62
CA ASP F 465 33.24 19.22 -20.22
C ASP F 465 33.88 20.16 -19.21
N PRO F 466 33.68 19.91 -17.93
CA PRO F 466 34.17 20.79 -16.90
C PRO F 466 35.63 20.62 -16.50
N ARG F 467 36.18 21.69 -15.92
CA ARG F 467 37.54 21.65 -15.41
C ARG F 467 37.59 22.64 -14.28
N ILE F 468 36.72 22.38 -13.30
CA ILE F 468 36.37 23.35 -12.29
C ILE F 468 37.60 23.52 -11.41
N ASP F 469 38.21 24.69 -11.50
CA ASP F 469 39.47 24.95 -10.76
C ASP F 469 40.53 23.89 -11.01
N GLY F 470 40.58 23.35 -12.22
CA GLY F 470 41.46 22.23 -12.51
C GLY F 470 40.83 20.86 -12.65
N ASP F 471 41.68 19.83 -12.58
CA ASP F 471 41.34 18.50 -12.96
C ASP F 471 40.86 17.68 -11.80
N GLY F 472 39.93 16.79 -12.10
CA GLY F 472 39.35 15.91 -11.14
C GLY F 472 38.11 16.56 -10.58
N ASN F 473 36.96 16.25 -11.17
CA ASN F 473 35.70 16.91 -10.84
C ASN F 473 34.68 15.85 -10.48
N SER F 474 33.56 16.33 -9.97
CA SER F 474 32.40 15.55 -9.55
C SER F 474 31.14 16.35 -9.76
N ALA F 475 29.99 15.68 -9.67
CA ALA F 475 28.75 16.38 -9.76
C ALA F 475 27.81 15.96 -8.69
N ALA F 476 26.79 16.78 -8.44
CA ALA F 476 25.80 16.48 -7.38
C ALA F 476 24.47 17.18 -7.65
N ALA F 477 23.42 16.65 -7.05
CA ALA F 477 22.14 17.32 -6.99
C ALA F 477 22.02 17.96 -5.64
N CYS F 478 21.39 19.14 -5.60
CA CYS F 478 21.23 19.90 -4.38
C CYS F 478 19.75 20.21 -4.20
N ASP F 479 19.18 19.65 -3.15
CA ASP F 479 17.77 19.71 -2.90
C ASP F 479 17.48 20.44 -1.59
N ALA F 480 16.73 21.52 -1.65
CA ALA F 480 16.20 22.13 -0.42
C ALA F 480 15.26 21.25 0.35
N LYS F 481 15.51 21.06 1.62
CA LYS F 481 14.64 20.25 2.50
C LYS F 481 14.43 20.90 3.89
N SER F 482 13.21 20.79 4.40
CA SER F 482 12.94 21.09 5.84
C SER F 482 13.79 20.17 6.69
N SER F 483 14.21 20.61 7.87
CA SER F 483 14.77 19.66 8.86
C SER F 483 13.87 18.44 9.00
N PRO F 484 14.44 17.24 9.16
CA PRO F 484 13.63 16.08 9.53
C PRO F 484 13.00 16.14 10.92
N TYR F 485 13.53 16.95 11.82
CA TYR F 485 12.93 17.11 13.15
C TYR F 485 11.59 17.88 13.14
N PRO F 486 10.64 17.47 13.98
CA PRO F 486 9.34 18.05 13.90
C PRO F 486 9.25 19.37 14.61
N LEU F 487 8.25 20.12 14.23
CA LEU F 487 7.81 21.27 15.01
C LEU F 487 7.69 20.92 16.46
N GLY F 488 8.28 21.75 17.33
CA GLY F 488 8.13 21.57 18.79
C GLY F 488 9.24 20.74 19.44
N SER F 489 10.09 20.12 18.61
CA SER F 489 11.21 19.37 19.07
C SER F 489 12.32 20.37 19.50
N PRO F 490 13.27 19.95 20.35
CA PRO F 490 14.33 20.85 20.75
C PRO F 490 15.15 21.28 19.57
N GLU F 491 15.22 20.44 18.56
CA GLU F 491 16.03 20.65 17.37
C GLU F 491 15.42 21.64 16.37
N ASN F 492 14.08 21.81 16.45
CA ASN F 492 13.33 22.53 15.46
C ASN F 492 12.07 23.11 16.08
N MET F 493 12.21 23.89 17.14
CA MET F 493 11.12 24.28 18.04
C MET F 493 10.03 24.99 17.33
N TYR F 494 10.41 25.94 16.46
CA TYR F 494 9.45 26.71 15.76
C TYR F 494 9.21 26.24 14.35
N GLY F 495 9.81 25.13 14.02
CA GLY F 495 9.54 24.51 12.75
C GLY F 495 10.06 25.18 11.49
N ASN F 496 11.00 26.10 11.64
CA ASN F 496 11.52 26.85 10.49
C ASN F 496 12.81 26.30 9.90
N ALA F 497 13.40 25.29 10.55
CA ALA F 497 14.73 24.87 10.12
C ALA F 497 14.71 24.24 8.70
N PHE F 498 15.68 24.64 7.87
CA PHE F 498 15.87 24.01 6.57
C PHE F 498 17.30 24.07 6.04
N TYR F 499 17.62 23.10 5.18
CA TYR F 499 18.98 22.94 4.66
C TYR F 499 19.01 22.51 3.22
N SER F 500 20.21 22.45 2.66
CA SER F 500 20.42 21.90 1.32
C SER F 500 21.05 20.51 1.39
N GLU F 501 20.33 19.49 0.98
CA GLU F 501 20.91 18.18 0.88
C GLU F 501 21.64 18.00 -0.44
N LYS F 502 22.88 17.59 -0.33
CA LYS F 502 23.77 17.43 -1.46
C LYS F 502 23.92 15.96 -1.67
N THR F 503 23.55 15.47 -2.85
CA THR F 503 23.78 14.07 -3.18
C THR F 503 24.87 14.01 -4.25
N THR F 504 26.06 13.57 -3.87
CA THR F 504 27.14 13.44 -4.81
C THR F 504 26.95 12.22 -5.66
N PHE F 505 27.09 12.36 -6.98
CA PHE F 505 26.98 11.22 -7.85
C PHE F 505 28.27 10.41 -7.80
N LYS F 506 28.17 9.13 -7.48
CA LYS F 506 29.39 8.26 -7.43
C LYS F 506 29.58 7.42 -8.72
N THR F 507 28.48 6.94 -9.27
CA THR F 507 28.49 6.20 -10.54
C THR F 507 27.46 6.83 -11.48
N VAL F 508 27.59 6.52 -12.77
CA VAL F 508 26.81 7.11 -13.79
C VAL F 508 25.32 7.06 -13.42
N LYS F 509 24.87 5.89 -12.95
CA LYS F 509 23.47 5.71 -12.66
C LYS F 509 22.93 6.72 -11.67
N ASP F 510 23.73 7.11 -10.68
CA ASP F 510 23.26 8.02 -9.64
C ASP F 510 22.96 9.40 -10.27
N SER F 511 23.62 9.74 -11.37
CA SER F 511 23.50 11.06 -11.95
C SER F 511 22.19 11.32 -12.69
N LEU F 512 21.44 10.26 -13.00
CA LEU F 512 20.36 10.36 -14.01
C LEU F 512 19.18 10.90 -13.22
N THR F 513 19.00 12.22 -13.29
CA THR F 513 18.15 12.92 -12.37
C THR F 513 17.33 13.99 -13.13
N ASN F 514 16.16 14.28 -12.60
CA ASN F 514 15.30 15.34 -13.12
C ASN F 514 15.21 16.59 -12.27
N TYR F 515 14.90 17.72 -12.90
CA TYR F 515 14.52 18.91 -12.18
C TYR F 515 13.34 18.59 -11.29
N GLU F 516 13.37 19.05 -10.04
CA GLU F 516 12.27 18.84 -9.14
C GLU F 516 11.81 20.13 -8.53
N SER F 517 10.61 20.56 -8.85
CA SER F 517 10.07 21.77 -8.20
C SER F 517 9.96 21.59 -6.67
N ALA F 518 9.65 20.39 -6.21
CA ALA F 518 9.43 20.16 -4.79
C ALA F 518 10.67 20.48 -3.88
N THR F 519 11.89 20.43 -4.40
CA THR F 519 13.13 20.76 -3.68
C THR F 519 13.85 21.91 -4.31
N GLY F 520 13.25 22.52 -5.31
CA GLY F 520 13.96 23.54 -6.08
C GLY F 520 15.35 23.08 -6.48
N ARG F 521 15.47 21.90 -7.05
CA ARG F 521 16.80 21.27 -7.32
C ARG F 521 17.72 22.08 -8.24
N SER F 522 18.99 22.09 -7.86
CA SER F 522 20.06 22.61 -8.71
C SER F 522 21.15 21.53 -8.73
N TRP F 523 22.14 21.67 -9.60
CA TRP F 523 23.21 20.72 -9.69
C TRP F 523 24.55 21.47 -9.56
N ASP F 524 25.47 20.86 -8.82
CA ASP F 524 26.82 21.39 -8.71
C ASP F 524 27.73 20.53 -9.55
N ILE F 525 28.70 21.17 -10.16
CA ILE F 525 29.92 20.58 -10.66
C ILE F 525 31.07 21.19 -9.88
N PHE F 526 31.81 20.35 -9.21
CA PHE F 526 32.75 20.81 -8.22
C PHE F 526 34.05 20.05 -8.25
N ASN F 527 35.02 20.64 -7.58
CA ASN F 527 36.36 20.04 -7.52
C ASN F 527 36.60 19.56 -6.08
N PRO F 528 36.41 18.24 -5.82
CA PRO F 528 36.53 17.73 -4.48
C PRO F 528 37.93 17.70 -3.92
N ASN F 529 38.94 18.07 -4.73
CA ASN F 529 40.31 18.14 -4.30
C ASN F 529 40.66 19.46 -3.68
N LYS F 530 39.73 20.39 -3.65
CA LYS F 530 39.95 21.75 -3.17
C LYS F 530 38.88 22.20 -2.21
N VAL F 531 39.17 23.26 -1.43
CA VAL F 531 38.29 23.73 -0.35
CA VAL F 531 38.22 23.73 -0.45
C VAL F 531 38.28 25.24 -0.34
N ASN F 532 37.12 25.88 -0.23
CA ASN F 532 36.98 27.31 -0.02
C ASN F 532 37.37 27.56 1.45
N PRO F 533 38.36 28.43 1.71
CA PRO F 533 38.85 28.63 3.08
C PRO F 533 37.90 29.38 3.97
N TYR F 534 36.89 30.04 3.39
CA TYR F 534 35.85 30.63 4.20
C TYR F 534 34.79 29.61 4.55
N SER F 535 34.18 29.03 3.52
CA SER F 535 32.89 28.24 3.72
C SER F 535 33.20 26.79 4.05
N GLY F 536 34.38 26.33 3.68
CA GLY F 536 34.69 24.88 3.86
C GLY F 536 34.14 23.91 2.81
N LYS F 537 33.53 24.42 1.77
CA LYS F 537 32.99 23.64 0.69
C LYS F 537 33.84 23.70 -0.55
N PRO F 538 33.66 22.75 -1.46
CA PRO F 538 34.56 22.75 -2.60
C PRO F 538 34.15 23.80 -3.59
N PRO F 539 35.09 24.30 -4.34
CA PRO F 539 34.72 25.26 -5.37
C PRO F 539 33.82 24.62 -6.43
N SER F 540 32.76 25.31 -6.84
CA SER F 540 31.81 24.80 -7.78
C SER F 540 31.28 25.85 -8.72
N TYR F 541 30.79 25.40 -9.87
CA TYR F 541 29.78 26.12 -10.67
C TYR F 541 28.46 25.43 -10.46
N LYS F 542 27.39 26.17 -10.11
CA LYS F 542 26.06 25.56 -9.86
C LYS F 542 25.19 25.82 -11.08
N LEU F 543 24.61 24.73 -11.61
CA LEU F 543 23.59 24.81 -12.68
C LEU F 543 22.22 25.17 -12.08
N VAL F 544 21.75 26.34 -12.48
CA VAL F 544 20.50 26.90 -12.05
C VAL F 544 19.62 26.94 -13.29
N SER F 545 18.72 25.96 -13.34
CA SER F 545 17.94 25.66 -14.57
C SER F 545 16.56 25.12 -14.18
N THR F 546 15.50 25.84 -14.54
CA THR F 546 14.13 25.36 -14.22
C THR F 546 13.23 25.05 -15.46
N GLN F 547 13.64 25.46 -16.63
CA GLN F 547 12.92 25.14 -17.86
C GLN F 547 13.40 23.76 -18.32
N CYS F 548 12.91 22.75 -17.60
CA CYS F 548 13.34 21.39 -17.72
C CYS F 548 12.09 20.49 -17.80
N PRO F 549 11.53 20.38 -19.00
CA PRO F 549 10.33 19.61 -19.17
C PRO F 549 10.63 18.12 -19.07
N PRO F 550 9.70 17.36 -18.49
CA PRO F 550 9.80 15.92 -18.76
C PRO F 550 9.68 15.59 -20.26
N LEU F 551 10.23 14.49 -20.67
CA LEU F 551 9.97 14.00 -22.02
C LEU F 551 8.59 13.40 -21.95
N LEU F 552 7.66 13.92 -22.74
CA LEU F 552 6.30 13.44 -22.74
C LEU F 552 6.07 12.12 -23.51
N ALA F 553 6.82 11.91 -24.58
CA ALA F 553 6.73 10.67 -25.35
C ALA F 553 7.04 9.54 -24.41
N LYS F 554 6.36 8.40 -24.55
CA LYS F 554 6.54 7.31 -23.59
C LYS F 554 7.84 6.54 -23.69
N GLU F 555 8.18 5.83 -22.64
CA GLU F 555 9.31 4.88 -22.68
C GLU F 555 9.10 3.92 -23.78
N GLY F 556 10.16 3.72 -24.52
CA GLY F 556 10.08 2.84 -25.67
C GLY F 556 9.53 3.44 -26.92
N SER F 557 9.20 4.73 -26.89
CA SER F 557 8.74 5.37 -28.10
C SER F 557 9.91 5.66 -28.98
N LEU F 558 9.60 5.99 -30.22
CA LEU F 558 10.62 6.35 -31.18
C LEU F 558 11.50 7.54 -30.73
N VAL F 559 10.80 8.55 -30.19
CA VAL F 559 11.39 9.77 -29.66
C VAL F 559 12.30 9.43 -28.48
N ALA F 560 11.85 8.64 -27.52
CA ALA F 560 12.71 8.30 -26.35
C ALA F 560 13.88 7.41 -26.74
N LYS F 561 13.66 6.53 -27.73
CA LYS F 561 14.76 5.67 -28.24
C LYS F 561 15.79 6.46 -29.02
N ARG F 562 15.33 7.38 -29.86
CA ARG F 562 16.31 8.13 -30.66
C ARG F 562 17.02 9.25 -29.85
N ALA F 563 16.45 9.69 -28.70
CA ALA F 563 17.07 10.74 -27.87
C ALA F 563 17.19 10.27 -26.45
N PRO F 564 18.10 9.31 -26.18
CA PRO F 564 18.20 8.68 -24.87
C PRO F 564 18.57 9.68 -23.82
N TRP F 565 19.30 10.72 -24.21
CA TRP F 565 19.67 11.78 -23.33
C TRP F 565 18.48 12.65 -22.80
N ALA F 566 17.41 12.69 -23.55
CA ALA F 566 16.27 13.54 -23.19
C ALA F 566 15.35 13.07 -22.12
N SER F 567 15.51 11.84 -21.68
CA SER F 567 14.68 11.32 -20.60
C SER F 567 15.08 11.81 -19.23
N HIS F 568 16.28 12.35 -19.07
CA HIS F 568 16.70 12.93 -17.77
C HIS F 568 17.23 14.37 -17.93
N SER F 569 17.03 15.24 -16.93
CA SER F 569 17.50 16.59 -17.01
C SER F 569 18.97 16.60 -16.94
N VAL F 570 19.53 15.64 -16.22
CA VAL F 570 20.99 15.51 -16.08
C VAL F 570 21.46 14.08 -16.36
N ASN F 571 22.48 13.99 -17.22
CA ASN F 571 23.28 12.81 -17.46
C ASN F 571 24.77 13.12 -17.28
N VAL F 572 25.44 12.34 -16.41
CA VAL F 572 26.88 12.49 -16.22
C VAL F 572 27.59 11.18 -16.53
N VAL F 573 28.56 11.28 -17.45
CA VAL F 573 29.33 10.10 -17.85
C VAL F 573 30.83 10.37 -17.80
N PRO F 574 31.67 9.32 -17.82
CA PRO F 574 33.14 9.51 -17.89
C PRO F 574 33.50 10.17 -19.21
N TYR F 575 34.49 11.05 -19.19
CA TYR F 575 35.02 11.62 -20.38
C TYR F 575 35.74 10.51 -21.18
N LYS F 576 35.55 10.46 -22.48
CA LYS F 576 36.47 9.86 -23.41
C LYS F 576 36.49 10.74 -24.57
N ASP F 577 37.56 10.65 -25.33
CA ASP F 577 37.61 11.42 -26.57
C ASP F 577 36.48 11.07 -27.57
N ASN F 578 36.11 12.07 -28.33
CA ASN F 578 35.06 12.02 -29.30
C ASN F 578 33.69 11.61 -28.76
N ARG F 579 33.35 11.94 -27.50
CA ARG F 579 32.00 11.76 -26.99
C ARG F 579 31.27 13.10 -27.09
N LEU F 580 30.94 13.48 -28.31
CA LEU F 580 30.31 14.75 -28.56
C LEU F 580 28.81 14.60 -28.69
N TYR F 581 28.35 13.60 -29.46
CA TYR F 581 26.94 13.67 -29.98
C TYR F 581 26.07 12.55 -29.35
N PRO F 582 25.15 12.94 -28.45
CA PRO F 582 24.46 11.95 -27.62
C PRO F 582 23.32 11.13 -28.28
N SER F 583 22.94 11.48 -29.50
CA SER F 583 22.13 10.54 -30.30
C SER F 583 22.96 9.84 -31.40
N GLY F 584 24.26 9.79 -31.23
CA GLY F 584 25.11 9.15 -32.20
C GLY F 584 25.70 10.05 -33.22
N ASP F 585 26.67 9.53 -33.96
CA ASP F 585 27.37 10.34 -34.96
C ASP F 585 26.60 10.62 -36.22
N HIS F 586 25.80 9.64 -36.65
CA HIS F 586 24.96 9.81 -37.85
C HIS F 586 23.52 9.56 -37.51
N VAL F 587 22.79 10.64 -37.38
CA VAL F 587 21.48 10.63 -36.69
C VAL F 587 20.29 10.32 -37.58
N PRO F 588 20.17 10.94 -38.79
CA PRO F 588 19.00 10.55 -39.62
C PRO F 588 18.76 9.03 -39.84
N GLN F 589 17.50 8.64 -39.64
CA GLN F 589 17.00 7.33 -40.00
C GLN F 589 17.48 6.24 -39.02
N TRP F 590 18.23 6.64 -37.97
CA TRP F 590 18.52 5.71 -36.92
C TRP F 590 17.27 5.35 -36.20
N SER F 591 17.02 4.08 -35.99
CA SER F 591 15.79 3.65 -35.30
C SER F 591 15.78 3.95 -33.79
N GLY F 592 16.95 4.17 -33.19
CA GLY F 592 17.01 4.29 -31.75
C GLY F 592 17.37 2.96 -31.05
N ASP F 593 17.48 1.87 -31.80
CA ASP F 593 17.95 0.60 -31.28
C ASP F 593 19.45 0.54 -31.43
N GLY F 594 20.15 0.22 -30.33
CA GLY F 594 21.57 0.09 -30.37
C GLY F 594 22.33 0.84 -29.31
N VAL F 595 23.49 0.28 -28.98
CA VAL F 595 24.37 0.88 -27.99
C VAL F 595 25.23 1.90 -28.66
N ARG F 596 24.75 3.15 -28.72
CA ARG F 596 25.52 4.26 -29.28
C ARG F 596 25.09 5.55 -28.59
N GLY F 597 25.88 6.59 -28.79
CA GLY F 597 25.66 7.88 -28.14
C GLY F 597 25.50 7.71 -26.61
N MET F 598 24.55 8.42 -26.02
CA MET F 598 24.42 8.47 -24.57
C MET F 598 24.15 7.08 -24.03
N ARG F 599 23.50 6.25 -24.84
CA ARG F 599 23.18 4.90 -24.33
C ARG F 599 24.48 4.08 -24.16
N GLU F 600 25.43 4.26 -25.07
CA GLU F 600 26.71 3.66 -24.92
C GLU F 600 27.48 4.25 -23.73
N TRP F 601 27.45 5.59 -23.59
CA TRP F 601 28.25 6.22 -22.53
C TRP F 601 27.70 5.90 -21.14
N ILE F 602 26.39 5.76 -20.98
CA ILE F 602 25.87 5.26 -19.72
C ILE F 602 26.22 3.80 -19.42
N GLY F 603 26.18 2.94 -20.45
CA GLY F 603 26.53 1.53 -20.31
C GLY F 603 25.64 0.91 -19.25
N ASP F 604 26.22 0.12 -18.37
CA ASP F 604 25.43 -0.57 -17.36
C ASP F 604 25.26 0.33 -16.12
N GLY F 605 25.68 1.60 -16.21
CA GLY F 605 25.45 2.55 -15.13
C GLY F 605 26.50 2.57 -14.01
N SER F 606 27.49 1.69 -14.07
CA SER F 606 28.32 1.38 -12.92
C SER F 606 29.60 2.18 -12.88
N GLU F 607 29.99 2.89 -13.93
CA GLU F 607 31.36 3.45 -13.94
C GLU F 607 31.42 4.67 -13.06
N ASN F 608 32.59 4.87 -12.48
CA ASN F 608 32.86 5.97 -11.60
C ASN F 608 32.80 7.33 -12.27
N ILE F 609 32.11 8.29 -11.64
CA ILE F 609 32.13 9.70 -12.07
C ILE F 609 32.45 10.66 -10.88
N ASP F 610 32.95 10.12 -9.78
CA ASP F 610 33.39 10.94 -8.64
C ASP F 610 34.89 11.21 -8.71
N ASN F 611 35.26 12.49 -8.82
CA ASN F 611 36.67 12.90 -8.83
C ASN F 611 37.46 12.35 -10.01
N THR F 612 37.01 12.70 -11.22
CA THR F 612 37.62 12.17 -12.40
C THR F 612 37.35 13.13 -13.54
N ASP F 613 37.67 12.73 -14.79
CA ASP F 613 37.28 13.47 -15.93
C ASP F 613 35.84 13.06 -16.31
N ILE F 614 34.93 14.04 -16.27
CA ILE F 614 33.53 13.80 -16.54
C ILE F 614 32.96 14.66 -17.66
N LEU F 615 31.83 14.23 -18.15
CA LEU F 615 31.01 14.97 -19.10
C LEU F 615 29.58 15.07 -18.58
N PHE F 616 29.03 16.29 -18.64
CA PHE F 616 27.77 16.66 -17.95
C PHE F 616 26.86 17.14 -19.04
N PHE F 617 25.87 16.30 -19.31
CA PHE F 617 24.85 16.63 -20.36
C PHE F 617 23.52 17.02 -19.74
N HIS F 618 23.05 18.23 -20.04
CA HIS F 618 21.86 18.78 -19.42
C HIS F 618 20.76 18.97 -20.49
N THR F 619 19.61 18.37 -20.23
CA THR F 619 18.41 18.47 -21.08
C THR F 619 17.49 19.62 -20.55
N PHE F 620 17.18 20.59 -21.39
CA PHE F 620 16.32 21.72 -20.96
C PHE F 620 15.46 22.17 -22.19
N GLY F 621 14.50 23.05 -22.00
CA GLY F 621 13.64 23.48 -23.05
C GLY F 621 12.23 23.78 -22.60
N ILE F 622 11.28 23.69 -23.56
CA ILE F 622 9.94 24.10 -23.34
C ILE F 622 9.00 23.13 -24.03
N THR F 623 7.76 23.20 -23.57
CA THR F 623 6.67 22.47 -24.12
C THR F 623 5.73 23.51 -24.75
N HIS F 624 5.48 23.40 -26.04
CA HIS F 624 4.74 24.43 -26.75
C HIS F 624 3.34 23.98 -27.12
N PHE F 625 2.33 24.64 -26.57
CA PHE F 625 0.96 24.48 -26.96
C PHE F 625 0.53 25.71 -27.74
N PRO F 626 0.42 25.58 -29.04
CA PRO F 626 0.33 26.78 -29.84
C PRO F 626 -0.96 27.55 -29.59
N ALA F 627 -0.87 28.86 -29.76
CA ALA F 627 -2.01 29.73 -29.72
C ALA F 627 -1.99 30.72 -30.90
N PRO F 628 -3.12 31.37 -31.16
CA PRO F 628 -3.18 32.31 -32.33
C PRO F 628 -2.17 33.45 -32.27
N GLU F 629 -1.78 33.88 -31.08
CA GLU F 629 -0.72 34.87 -30.94
C GLU F 629 0.53 34.45 -31.63
N ASP F 630 0.75 33.14 -31.71
CA ASP F 630 1.96 32.56 -32.37
C ASP F 630 1.94 32.60 -33.89
N PHE F 631 0.80 33.08 -34.47
CA PHE F 631 0.58 32.98 -35.94
C PHE F 631 0.28 34.34 -36.51
N PRO F 632 0.70 34.61 -37.76
CA PRO F 632 1.45 33.79 -38.70
C PRO F 632 2.94 33.77 -38.43
N LEU F 633 3.40 34.66 -37.57
CA LEU F 633 4.84 34.72 -37.25
C LEU F 633 4.95 34.80 -35.74
N MET F 634 5.85 34.05 -35.15
CA MET F 634 5.79 33.96 -33.69
C MET F 634 6.68 34.87 -32.88
N PRO F 635 6.10 35.52 -31.88
CA PRO F 635 6.89 36.30 -30.97
C PRO F 635 7.92 35.44 -30.28
N ALA F 636 9.08 36.02 -30.02
CA ALA F 636 10.16 35.32 -29.45
C ALA F 636 9.77 34.77 -28.09
N GLU F 637 10.15 33.53 -27.83
CA GLU F 637 9.89 32.86 -26.57
C GLU F 637 11.22 32.54 -25.90
N PRO F 638 11.39 32.95 -24.65
CA PRO F 638 12.72 32.88 -24.06
C PRO F 638 12.91 31.59 -23.33
N ILE F 639 14.15 31.10 -23.34
CA ILE F 639 14.62 29.96 -22.55
C ILE F 639 15.98 30.42 -22.02
N THR F 640 16.26 30.03 -20.79
CA THR F 640 17.54 30.40 -20.21
C THR F 640 17.97 29.36 -19.17
N LEU F 641 19.28 29.27 -18.99
CA LEU F 641 19.90 28.54 -17.87
C LEU F 641 21.17 29.25 -17.49
N MET F 642 21.59 29.02 -16.26
CA MET F 642 22.83 29.71 -15.74
C MET F 642 23.74 28.77 -14.99
N LEU F 643 25.03 29.00 -15.17
CA LEU F 643 26.08 28.37 -14.36
C LEU F 643 26.80 29.44 -13.53
N ARG F 644 26.61 29.37 -12.22
CA ARG F 644 27.02 30.41 -11.29
C ARG F 644 28.15 29.90 -10.39
N PRO F 645 29.17 30.74 -10.15
CA PRO F 645 30.17 30.28 -9.19
C PRO F 645 29.58 30.28 -7.79
N ARG F 646 29.79 29.19 -7.07
CA ARG F 646 29.41 29.09 -5.66
C ARG F 646 30.50 28.37 -4.90
N HIS F 647 31.08 29.10 -3.96
CA HIS F 647 32.28 28.65 -3.22
C HIS F 647 33.52 28.64 -4.11
N PHE F 648 33.42 29.20 -5.32
CA PHE F 648 34.50 29.26 -6.25
C PHE F 648 35.41 30.42 -5.81
N PHE F 649 34.82 31.60 -5.56
CA PHE F 649 35.54 32.74 -4.99
C PHE F 649 35.33 32.80 -3.45
N THR F 650 36.15 33.62 -2.79
CA THR F 650 35.94 33.90 -1.38
C THR F 650 35.18 35.21 -1.13
N GLU F 651 34.92 35.95 -2.18
CA GLU F 651 34.11 37.14 -2.09
C GLU F 651 33.61 37.45 -3.51
N ASN F 652 32.60 38.33 -3.60
CA ASN F 652 32.08 38.83 -4.86
C ASN F 652 33.20 39.34 -5.73
N PRO F 653 33.43 38.71 -6.88
CA PRO F 653 34.55 39.05 -7.75
C PRO F 653 34.46 40.31 -8.56
N GLY F 654 33.33 40.98 -8.50
CA GLY F 654 33.14 42.22 -9.25
C GLY F 654 33.44 43.48 -8.50
N LEU F 655 33.82 43.37 -7.22
CA LEU F 655 34.00 44.56 -6.35
C LEU F 655 35.08 45.54 -6.76
N ASP F 656 35.97 45.10 -7.61
CA ASP F 656 37.05 45.95 -8.11
C ASP F 656 36.70 46.67 -9.42
N ILE F 657 35.46 46.58 -9.80
CA ILE F 657 34.93 47.37 -10.94
C ILE F 657 34.57 48.75 -10.40
N GLN F 658 34.98 49.82 -11.11
CA GLN F 658 34.70 51.16 -10.65
C GLN F 658 33.18 51.32 -10.55
N PRO F 659 32.67 51.83 -9.43
CA PRO F 659 31.23 52.04 -9.27
C PRO F 659 30.67 53.04 -10.22
N SER F 660 29.40 52.90 -10.59
CA SER F 660 28.73 53.95 -11.31
C SER F 660 28.52 55.16 -10.41
N TYR F 661 28.38 54.94 -9.12
CA TYR F 661 28.18 56.02 -8.16
C TYR F 661 28.54 55.47 -6.80
N ALA F 662 29.26 56.26 -6.01
CA ALA F 662 29.66 55.86 -4.69
C ALA F 662 29.82 57.07 -3.78
N MET F 663 29.12 57.06 -2.65
CA MET F 663 29.39 58.00 -1.59
C MET F 663 29.37 57.30 -0.24
N THR F 664 30.43 57.51 0.54
CA THR F 664 30.59 56.93 1.87
C THR F 664 29.88 57.81 2.91
N THR F 665 29.75 57.28 4.11
CA THR F 665 29.07 57.97 5.19
C THR F 665 29.77 59.28 5.57
N SER F 666 31.10 59.21 5.62
CA SER F 666 31.92 60.37 5.90
C SER F 666 31.85 61.39 4.77
N GLU F 667 31.86 60.93 3.52
CA GLU F 667 31.64 61.88 2.38
C GLU F 667 30.28 62.55 2.49
N ALA F 668 29.26 61.83 2.90
CA ALA F 668 27.92 62.42 2.94
C ALA F 668 27.80 63.39 4.09
N LYS F 669 28.52 63.16 5.17
CA LYS F 669 28.55 64.09 6.30
C LYS F 669 29.23 65.37 5.85
N ARG F 670 30.36 65.24 5.18
CA ARG F 670 31.03 66.42 4.63
C ARG F 670 30.20 67.19 3.61
N ALA F 671 29.38 66.54 2.81
CA ALA F 671 28.52 67.29 1.90
C ALA F 671 27.52 68.12 2.69
N VAL F 672 27.59 68.01 4.02
CA VAL F 672 26.74 68.72 5.03
C VAL F 672 25.38 68.08 4.92
#